data_9B37
#
_entry.id   9B37
#
_cell.length_a   1.00
_cell.length_b   1.00
_cell.length_c   1.00
_cell.angle_alpha   90.00
_cell.angle_beta   90.00
_cell.angle_gamma   90.00
#
_symmetry.space_group_name_H-M   'P 1'
#
loop_
_entity.id
_entity.type
_entity.pdbx_description
1 polymer 'Glutamate receptor ionotropic, kainate 2'
2 polymer 'Concanavalin A'
3 branched 2-acetamido-2-deoxy-beta-D-glucopyranose-(1-4)-2-acetamido-2-deoxy-beta-D-glucopyranose
4 branched beta-D-mannopyranose-(1-4)-2-acetamido-2-deoxy-beta-D-glucopyranose-(1-4)-2-acetamido-2-deoxy-beta-D-glucopyranose
5 branched beta-D-galactopyranose-(1-4)-2-acetamido-2-deoxy-beta-D-glucopyranose-(1-2)-alpha-D-mannopyranose-(1-6)-[2-acetamido-2-deoxy-beta-D-glucopyranose-(1-2)-alpha-D-mannopyranose-(1-3)]beta-D-mannopyranose-(1-4)-2-acetamido-2-deoxy-beta-D-glucopyranose-(1-4)-2-acetamido-2-deoxy-beta-D-glucopyranose
6 branched beta-D-galactopyranose-(1-4)-2-acetamido-2-deoxy-beta-D-glucopyranose-(1-2)-alpha-D-mannopyranose-(1-6)-[alpha-D-mannopyranose-(1-3)]beta-D-mannopyranose-(1-4)-2-acetamido-2-deoxy-beta-D-glucopyranose-(1-4)-2-acetamido-2-deoxy-beta-D-glucopyranose
7 branched 'Cyclic 2-acetamido-2-deoxy-beta-D-glucopyranose-(1-2)-alpha-D-mannopyranose-(1-6)-beta-D-mannopyranose-(1-4)-2-acetamido-2-deoxy-beta-D-glucopyranose-(1-6)-[2-acetamido-2-deoxy-beta-D-glucopyranose-(1-2)]alpha-D-mannopyranose'
8 branched alpha-D-mannopyranose-(1-6)-beta-D-mannopyranose-(1-4)-2-acetamido-2-deoxy-beta-D-glucopyranose-(1-4)-2-acetamido-2-deoxy-beta-D-glucopyranose
9 branched beta-D-mannopyranose-(1-3)-beta-D-mannopyranose-(1-4)-2-acetamido-2-deoxy-beta-D-glucopyranose-(1-4)-2-acetamido-2-deoxy-beta-D-glucopyranose
10 branched 2-acetamido-2-deoxy-beta-D-glucopyranose-(1-2)-alpha-D-mannopyranose-(1-3)-[2-acetamido-2-deoxy-beta-D-glucopyranose-(1-2)-alpha-D-mannopyranose-(1-6)]beta-D-mannopyranose-(1-4)-2-acetamido-2-deoxy-beta-D-glucopyranose-(1-4)-2-acetamido-2-deoxy-beta-D-glucopyranose
11 non-polymer '4-cyclopropyl-7-fluoro-3,4-dihydro-2H-1,2,4-benzothiadiazine 1,1-dioxide'
12 non-polymer 'GLUTAMIC ACID'
13 non-polymer '(2S)-3-(hexadecanoyloxy)-2-[(9Z)-octadec-9-enoyloxy]propyl 2-(trimethylammonio)ethyl phosphate'
14 non-polymer CHOLESTEROL
15 non-polymer 2-acetamido-2-deoxy-beta-D-glucopyranose
16 non-polymer 'ZINC ION'
17 non-polymer 'CALCIUM ION'
#
loop_
_entity_poly.entity_id
_entity_poly.type
_entity_poly.pdbx_seq_one_letter_code
_entity_poly.pdbx_strand_id
1 'polypeptide(L)'
;MKIISPVLSNLVFSRSIKVLLCLLWIGYSQGTTHVLRFGGIFEYVESGPMGAEELAFRFAVNTINRNRTLLPNTTLTYDT
QKINLYDSFEASKKACDQLSLGVAAIFGPSHSSSANAVQSICNALGVPHIQTRWKHQVSDNKDSFYVSLYPDFSSLSRAI
LDLVQFFKWKTVTVVYDDSTGLIRLQELIKAPSRYNLRLKIRQLPADTKDAKPLLKEMKRGKEFHVIFDCSHEMAAGILK
QALAMGMMTEYYHYIFTTLDLFALDVEPYRYSGVNMTGFRILNTENTQVSSIIEKWSMERLQAPPKPDSGLLDGFMTTDA
ALMYDAVHVVSVAVQQFPQMTVSSLQCNRHKPWRFGTRFMSLIKEAHWEGLTGRITFNKTNGLRTDFDLDVISLKEEGLE
KIGTWDPASGLNMTESQKGKPANITDSLSNRSLIVTTILEEPYVLFKKSDKPLYGNDRFEGYCIDLLRELSTILGFTYEI
RLVEDGKYGAQDDVNGQWNGMVRELIDHKADLAVAPLAITYVREKVIDFSKPFMTLGISILYRKPNGTNPGVFSFLNPLS
PDIWMYVLLACLGVSCVLFVIARFSPYEWYNPHPCNPDSDVVENNFTLLNSFWFGVGALMQQGSELMPKALSTRIVGGIW
WFFTLIIISSYTANLAAFLTVERMESPIDSADDLAKQTKIEYGAVEDGATMTFFKKSKISTYDKMWAFMSSRRQSVLVKS
NEEGIQRVLTSDYAFLMESTTIEFVTQRNCNLTQIGGLIDSKGYGVGTPMGSPYRDKITIAILQLQEEGKLHMMKEKWWR
GNGCPEEESKEASALGVQNIGGIFIVLAAGLVLSVFVAVGEFLYKSKKNAQLEKRSFCSAMVEELRMSLKCQRRLKHKPQ
APVIVKTEEVINMHTFNDRRLPGKETMALVPR
;
A,B,C,D
2 'polypeptide(L)'
;ADTIVAVELDTYPNTDIGDPSYPHIGIDIKSVRSKKTAKWNMQNGKVGTAHIIYNSVDKRLSAVVSYPNADSATVSYDVD
LDNVLPEWVRVGLSASTGLYKETNTILSWSFTSKLKSNSTHETNALHFMFNQFSKDQKDLILQGDATTGTDGNLELTRVS
SNGSPQGSSVGRALFYAPVHIWESSAVVASFEATFTFLIKSPDSHPADGIAFFISNIDSSIPSGSTGRLLGLFPDAN
;
E,F
#
loop_
_chem_comp.id
_chem_comp.type
_chem_comp.name
_chem_comp.formula
2J9 non-polymer '4-cyclopropyl-7-fluoro-3,4-dihydro-2H-1,2,4-benzothiadiazine 1,1-dioxide' 'C10 H11 F N2 O2 S'
BMA D-saccharide, beta linking beta-D-mannopyranose 'C6 H12 O6'
CA non-polymer 'CALCIUM ION' 'Ca 2'
CLR non-polymer CHOLESTEROL 'C27 H46 O'
GAL D-saccharide, beta linking beta-D-galactopyranose 'C6 H12 O6'
MAN D-saccharide, alpha linking alpha-D-mannopyranose 'C6 H12 O6'
NAG D-saccharide, beta linking 2-acetamido-2-deoxy-beta-D-glucopyranose 'C8 H15 N O6'
POV non-polymer '(2S)-3-(hexadecanoyloxy)-2-[(9Z)-octadec-9-enoyloxy]propyl 2-(trimethylammonio)ethyl phosphate' 'C42 H82 N O8 P'
ZN non-polymer 'ZINC ION' 'Zn 2'
#
# COMPACT_ATOMS: atom_id res chain seq x y z
N THR A 33 -1.07 -99.54 13.05
CA THR A 33 -1.18 -99.84 14.48
C THR A 33 -2.23 -98.96 15.14
N HIS A 34 -1.91 -97.68 15.28
CA HIS A 34 -2.80 -96.71 15.90
C HIS A 34 -3.55 -95.95 14.83
N VAL A 35 -4.87 -95.84 15.01
CA VAL A 35 -5.68 -95.03 14.11
C VAL A 35 -5.97 -93.68 14.78
N LEU A 36 -5.81 -92.60 14.03
CA LEU A 36 -6.03 -91.28 14.57
C LEU A 36 -6.72 -90.40 13.54
N ARG A 37 -7.89 -89.86 13.91
CA ARG A 37 -8.73 -89.16 12.95
C ARG A 37 -8.67 -87.65 13.19
N PHE A 38 -8.59 -86.90 12.10
CA PHE A 38 -8.56 -85.45 12.16
C PHE A 38 -9.85 -84.87 11.58
N GLY A 39 -10.16 -83.63 11.95
CA GLY A 39 -11.32 -82.95 11.42
C GLY A 39 -11.07 -82.36 10.05
N GLY A 40 -12.13 -82.30 9.25
CA GLY A 40 -12.00 -81.92 7.86
C GLY A 40 -13.07 -80.98 7.34
N ILE A 41 -13.53 -80.03 8.16
CA ILE A 41 -14.55 -79.09 7.73
C ILE A 41 -13.95 -78.12 6.72
N PHE A 42 -14.55 -78.07 5.53
CA PHE A 42 -14.12 -77.16 4.47
C PHE A 42 -15.33 -76.65 3.71
N GLU A 43 -15.06 -75.78 2.74
CA GLU A 43 -16.09 -75.17 1.92
C GLU A 43 -16.64 -76.21 0.94
N TYR A 44 -17.93 -76.12 0.65
CA TYR A 44 -18.60 -77.04 -0.27
C TYR A 44 -18.60 -76.46 -1.68
N VAL A 45 -17.68 -76.95 -2.51
CA VAL A 45 -17.71 -76.65 -3.93
C VAL A 45 -18.57 -77.74 -4.58
N GLU A 46 -19.29 -77.39 -5.65
CA GLU A 46 -20.26 -78.31 -6.21
C GLU A 46 -19.98 -78.64 -7.67
N SER A 47 -19.17 -77.83 -8.34
CA SER A 47 -18.91 -78.03 -9.76
C SER A 47 -17.47 -78.43 -10.01
N GLY A 48 -16.52 -77.60 -9.59
CA GLY A 48 -15.13 -77.87 -9.77
C GLY A 48 -14.59 -78.80 -8.71
N PRO A 49 -13.28 -79.09 -8.75
CA PRO A 49 -12.68 -79.89 -7.69
C PRO A 49 -12.54 -79.10 -6.39
N MET A 50 -12.06 -79.78 -5.35
CA MET A 50 -12.06 -79.25 -3.99
C MET A 50 -11.13 -78.04 -3.83
N GLY A 51 -11.33 -77.29 -2.76
CA GLY A 51 -10.62 -76.04 -2.56
C GLY A 51 -9.14 -76.23 -2.24
N ALA A 52 -8.42 -75.11 -2.20
CA ALA A 52 -6.97 -75.16 -2.01
C ALA A 52 -6.61 -75.60 -0.59
N GLU A 53 -7.48 -75.29 0.37
CA GLU A 53 -7.21 -75.71 1.74
C GLU A 53 -7.44 -77.19 1.94
N GLU A 54 -8.47 -77.74 1.28
CA GLU A 54 -8.76 -79.16 1.42
C GLU A 54 -7.72 -80.00 0.68
N LEU A 55 -7.25 -79.53 -0.47
CA LEU A 55 -6.14 -80.18 -1.16
C LEU A 55 -4.86 -80.12 -0.33
N ALA A 56 -4.67 -79.02 0.40
CA ALA A 56 -3.51 -78.93 1.28
C ALA A 56 -3.64 -79.89 2.46
N PHE A 57 -4.87 -80.11 2.93
CA PHE A 57 -5.09 -81.00 4.04
C PHE A 57 -5.00 -82.46 3.61
N ARG A 58 -5.48 -82.77 2.40
CA ARG A 58 -5.33 -84.12 1.86
C ARG A 58 -3.87 -84.43 1.56
N PHE A 59 -3.11 -83.41 1.16
CA PHE A 59 -1.70 -83.60 0.87
C PHE A 59 -0.89 -83.81 2.15
N ALA A 60 -1.22 -83.05 3.20
CA ALA A 60 -0.40 -83.07 4.41
C ALA A 60 -0.60 -84.37 5.19
N VAL A 61 -1.80 -84.96 5.11
CA VAL A 61 -2.02 -86.27 5.69
C VAL A 61 -1.24 -87.32 4.90
N ASN A 62 -1.23 -87.19 3.58
CA ASN A 62 -0.56 -88.17 2.73
C ASN A 62 0.96 -88.01 2.80
N THR A 63 1.45 -86.78 3.00
CA THR A 63 2.89 -86.54 3.00
C THR A 63 3.55 -87.13 4.23
N ILE A 64 2.91 -86.96 5.40
CA ILE A 64 3.46 -87.47 6.65
C ILE A 64 3.38 -88.99 6.70
N ASN A 65 2.41 -89.58 5.97
CA ASN A 65 2.10 -91.00 6.10
C ASN A 65 3.23 -91.89 5.58
N ARG A 66 3.81 -91.57 4.42
CA ARG A 66 4.91 -92.39 3.92
C ARG A 66 6.23 -91.95 4.52
N ASN A 67 6.24 -90.76 5.13
CA ASN A 67 7.43 -90.19 5.76
C ASN A 67 7.48 -90.73 7.19
N ARG A 68 8.05 -91.92 7.35
CA ARG A 68 7.97 -92.66 8.61
C ARG A 68 9.12 -92.37 9.57
N THR A 69 9.42 -91.09 9.80
CA THR A 69 10.16 -90.70 11.00
C THR A 69 9.36 -89.65 11.75
N LEU A 70 8.89 -88.63 11.01
CA LEU A 70 7.92 -87.70 11.55
C LEU A 70 6.56 -88.39 11.55
N LEU A 71 6.04 -88.65 12.75
CA LEU A 71 4.88 -89.50 13.03
C LEU A 71 5.12 -90.88 12.39
N PRO A 72 5.92 -91.74 13.01
CA PRO A 72 6.30 -93.00 12.36
C PRO A 72 5.31 -94.15 12.51
N ASN A 73 4.45 -94.14 13.53
CA ASN A 73 3.81 -95.40 13.90
C ASN A 73 2.30 -95.27 14.03
N THR A 74 1.69 -94.33 13.31
CA THR A 74 0.27 -94.05 13.41
C THR A 74 -0.27 -93.83 12.00
N THR A 75 -1.57 -94.07 11.81
CA THR A 75 -2.19 -94.26 10.50
C THR A 75 -3.26 -93.20 10.31
N LEU A 76 -2.84 -91.93 10.41
CA LEU A 76 -3.68 -90.72 10.32
C LEU A 76 -4.72 -90.76 9.22
N THR A 77 -5.98 -90.64 9.61
CA THR A 77 -7.11 -90.76 8.69
C THR A 77 -7.85 -89.42 8.65
N TYR A 78 -7.90 -88.81 7.48
CA TYR A 78 -8.66 -87.58 7.33
C TYR A 78 -10.15 -87.87 7.25
N ASP A 79 -10.95 -86.97 7.82
CA ASP A 79 -12.39 -87.08 7.75
C ASP A 79 -12.96 -85.77 7.23
N THR A 80 -13.02 -85.59 5.93
CA THR A 80 -13.43 -84.31 5.36
C THR A 80 -14.94 -84.20 5.30
N GLN A 81 -15.45 -83.05 5.72
CA GLN A 81 -16.86 -82.71 5.56
C GLN A 81 -16.97 -81.36 4.86
N LYS A 82 -18.13 -81.06 4.31
CA LYS A 82 -18.28 -79.81 3.56
C LYS A 82 -19.48 -79.01 4.03
N ILE A 83 -19.27 -77.72 4.29
CA ILE A 83 -20.33 -76.82 4.70
C ILE A 83 -20.45 -75.72 3.66
N ASN A 84 -21.55 -74.97 3.75
CA ASN A 84 -21.79 -73.84 2.86
C ASN A 84 -21.02 -72.59 3.27
N LEU A 85 -20.23 -72.69 4.36
CA LEU A 85 -19.19 -71.75 4.79
C LEU A 85 -19.79 -70.47 5.38
N TYR A 86 -21.12 -70.33 5.32
CA TYR A 86 -21.81 -69.18 5.89
C TYR A 86 -22.96 -69.64 6.79
N ASP A 87 -22.94 -70.90 7.20
CA ASP A 87 -23.98 -71.46 8.05
C ASP A 87 -23.29 -72.05 9.29
N SER A 88 -23.50 -71.40 10.43
CA SER A 88 -22.99 -71.95 11.69
C SER A 88 -23.76 -73.20 12.10
N PHE A 89 -25.02 -73.29 11.68
CA PHE A 89 -25.83 -74.46 12.01
C PHE A 89 -25.36 -75.68 11.23
N GLU A 90 -24.99 -75.49 9.96
CA GLU A 90 -24.44 -76.60 9.18
C GLU A 90 -23.07 -76.99 9.70
N ALA A 91 -22.28 -76.01 10.14
CA ALA A 91 -20.97 -76.31 10.70
C ALA A 91 -21.07 -76.94 12.08
N SER A 92 -22.21 -76.75 12.74
CA SER A 92 -22.41 -77.35 14.06
C SER A 92 -22.60 -78.85 13.95
N LYS A 93 -23.40 -79.31 12.99
CA LYS A 93 -23.63 -80.74 12.82
C LYS A 93 -22.40 -81.45 12.30
N LYS A 94 -21.70 -80.84 11.34
CA LYS A 94 -20.49 -81.44 10.79
C LYS A 94 -19.37 -81.51 11.82
N ALA A 95 -19.39 -80.60 12.79
CA ALA A 95 -18.51 -80.76 13.95
C ALA A 95 -18.95 -81.94 14.81
N CYS A 96 -20.25 -82.02 15.12
CA CYS A 96 -20.74 -83.11 15.97
C CYS A 96 -20.66 -84.47 15.28
N ASP A 97 -20.82 -84.51 13.95
CA ASP A 97 -20.73 -85.77 13.23
C ASP A 97 -19.31 -86.30 13.23
N GLN A 98 -18.32 -85.41 13.29
CA GLN A 98 -16.93 -85.87 13.37
C GLN A 98 -16.58 -86.31 14.79
N LEU A 99 -17.12 -85.64 15.80
CA LEU A 99 -16.84 -86.08 17.17
C LEU A 99 -17.69 -87.27 17.59
N SER A 100 -18.85 -87.49 16.98
CA SER A 100 -19.60 -88.72 17.19
C SER A 100 -18.86 -89.91 16.61
N LEU A 101 -18.15 -89.69 15.51
CA LEU A 101 -17.26 -90.71 14.97
C LEU A 101 -15.95 -90.67 15.74
N GLY A 102 -15.62 -89.51 16.29
CA GLY A 102 -14.41 -89.36 17.07
C GLY A 102 -13.24 -88.87 16.27
N VAL A 103 -12.75 -87.67 16.57
CA VAL A 103 -11.57 -87.12 15.90
C VAL A 103 -10.57 -86.67 16.96
N ALA A 104 -9.47 -86.08 16.51
CA ALA A 104 -8.47 -85.55 17.44
C ALA A 104 -8.51 -84.03 17.45
N ALA A 105 -8.65 -83.42 16.27
CA ALA A 105 -8.66 -81.96 16.16
C ALA A 105 -9.33 -81.52 14.88
N ILE A 106 -10.37 -80.68 14.99
CA ILE A 106 -10.99 -80.12 13.80
C ILE A 106 -10.09 -79.04 13.23
N PHE A 107 -9.74 -79.18 11.95
CA PHE A 107 -8.89 -78.22 11.29
C PHE A 107 -9.67 -77.11 10.59
N GLY A 108 -10.65 -76.53 11.28
CA GLY A 108 -11.06 -75.17 11.01
C GLY A 108 -12.03 -75.00 9.87
N PRO A 109 -13.17 -74.37 10.14
CA PRO A 109 -13.90 -73.69 9.06
C PRO A 109 -13.14 -72.45 8.66
N SER A 110 -13.38 -71.95 7.45
CA SER A 110 -12.57 -70.85 6.95
C SER A 110 -13.35 -69.55 6.86
N HIS A 111 -14.22 -69.30 7.84
CA HIS A 111 -14.97 -68.06 7.88
C HIS A 111 -15.28 -67.68 9.32
N SER A 112 -15.36 -66.37 9.59
CA SER A 112 -15.48 -65.85 10.96
C SER A 112 -16.80 -66.23 11.62
N SER A 113 -17.87 -66.34 10.84
CA SER A 113 -19.16 -66.69 11.42
C SER A 113 -19.21 -68.17 11.79
N SER A 114 -18.63 -69.03 10.95
CA SER A 114 -18.77 -70.46 11.16
C SER A 114 -17.70 -70.99 12.11
N ALA A 115 -16.58 -70.29 12.23
CA ALA A 115 -15.51 -70.77 13.09
C ALA A 115 -15.84 -70.54 14.56
N ASN A 116 -16.56 -69.46 14.86
CA ASN A 116 -16.91 -69.14 16.24
C ASN A 116 -17.89 -70.14 16.82
N ALA A 117 -18.70 -70.77 15.96
CA ALA A 117 -19.59 -71.82 16.43
C ALA A 117 -18.80 -73.07 16.78
N VAL A 118 -17.86 -73.47 15.92
CA VAL A 118 -17.13 -74.71 16.12
C VAL A 118 -16.08 -74.52 17.21
N GLN A 119 -15.61 -73.28 17.41
CA GLN A 119 -14.71 -72.99 18.52
C GLN A 119 -15.40 -73.20 19.87
N SER A 120 -16.69 -72.87 19.94
CA SER A 120 -17.45 -73.12 21.16
C SER A 120 -17.71 -74.61 21.36
N ILE A 121 -17.78 -75.36 20.25
CA ILE A 121 -17.99 -76.80 20.35
C ILE A 121 -16.74 -77.48 20.86
N CYS A 122 -15.58 -77.13 20.29
CA CYS A 122 -14.34 -77.78 20.66
C CYS A 122 -13.88 -77.37 22.05
N ASN A 123 -14.26 -76.18 22.50
CA ASN A 123 -14.00 -75.78 23.88
C ASN A 123 -14.81 -76.61 24.86
N ALA A 124 -16.08 -76.86 24.56
CA ALA A 124 -16.96 -77.61 25.46
C ALA A 124 -16.56 -79.07 25.55
N LEU A 125 -16.47 -79.76 24.42
CA LEU A 125 -16.26 -81.20 24.45
C LEU A 125 -14.81 -81.56 24.63
N GLY A 126 -13.90 -80.62 24.40
CA GLY A 126 -12.53 -80.81 24.85
C GLY A 126 -11.46 -80.93 23.78
N VAL A 127 -11.85 -81.25 22.55
CA VAL A 127 -10.87 -81.46 21.49
C VAL A 127 -10.24 -80.14 21.08
N PRO A 128 -8.98 -80.12 20.63
CA PRO A 128 -8.39 -78.86 20.15
C PRO A 128 -9.00 -78.45 18.82
N HIS A 129 -8.95 -77.16 18.53
CA HIS A 129 -9.49 -76.62 17.30
C HIS A 129 -8.39 -75.85 16.59
N ILE A 130 -8.04 -76.28 15.38
CA ILE A 130 -6.88 -75.75 14.69
C ILE A 130 -7.36 -74.80 13.61
N GLN A 131 -6.91 -73.55 13.67
CA GLN A 131 -7.41 -72.50 12.80
C GLN A 131 -6.32 -72.03 11.85
N THR A 132 -6.69 -71.72 10.60
CA THR A 132 -5.68 -71.29 9.63
C THR A 132 -6.02 -69.92 9.05
N ARG A 133 -7.18 -69.37 9.39
CA ARG A 133 -7.49 -68.04 8.91
C ARG A 133 -7.87 -67.16 10.09
N TRP A 134 -7.75 -65.86 9.87
CA TRP A 134 -7.99 -64.89 10.93
C TRP A 134 -9.49 -64.77 11.21
N LYS A 135 -9.83 -64.40 12.44
CA LYS A 135 -11.20 -64.01 12.76
C LYS A 135 -11.13 -62.92 13.81
N HIS A 136 -12.26 -62.28 14.09
CA HIS A 136 -12.29 -61.35 15.20
C HIS A 136 -12.34 -62.13 16.50
N GLN A 137 -11.20 -62.27 17.17
CA GLN A 137 -11.17 -62.80 18.53
C GLN A 137 -11.82 -61.79 19.46
N VAL A 138 -12.97 -62.17 20.01
CA VAL A 138 -13.67 -61.31 20.96
C VAL A 138 -12.88 -61.30 22.26
N SER A 139 -12.60 -60.10 22.77
CA SER A 139 -11.77 -59.92 23.95
C SER A 139 -12.44 -60.44 25.22
N ASP A 140 -13.76 -60.56 25.22
CA ASP A 140 -14.47 -61.09 26.38
C ASP A 140 -14.90 -62.53 26.20
N ASN A 141 -14.42 -63.22 25.16
CA ASN A 141 -14.75 -64.61 24.94
C ASN A 141 -13.66 -65.49 25.54
N LYS A 142 -13.82 -65.83 26.82
CA LYS A 142 -12.83 -66.62 27.53
C LYS A 142 -12.85 -68.07 27.11
N ASP A 143 -12.11 -68.40 26.07
CA ASP A 143 -12.04 -69.77 25.55
C ASP A 143 -10.62 -70.28 25.58
N SER A 144 -10.52 -71.60 25.68
CA SER A 144 -9.26 -72.32 25.49
C SER A 144 -9.45 -73.25 24.31
N PHE A 145 -8.49 -74.16 24.11
CA PHE A 145 -8.55 -75.25 23.15
C PHE A 145 -8.65 -74.77 21.71
N TYR A 146 -7.94 -73.69 21.38
CA TYR A 146 -7.92 -73.22 20.00
C TYR A 146 -6.58 -72.52 19.75
N VAL A 147 -5.97 -72.81 18.61
CA VAL A 147 -4.83 -72.03 18.14
C VAL A 147 -5.10 -71.57 16.72
N SER A 148 -4.47 -70.46 16.34
CA SER A 148 -4.62 -69.88 15.02
C SER A 148 -3.24 -69.71 14.42
N LEU A 149 -2.96 -70.44 13.35
CA LEU A 149 -1.64 -70.43 12.72
C LEU A 149 -1.48 -69.27 11.75
N TYR A 150 -2.55 -68.50 11.53
CA TYR A 150 -2.46 -67.34 10.66
C TYR A 150 -1.77 -66.24 11.45
N PRO A 151 -0.88 -65.45 10.83
CA PRO A 151 -0.20 -64.39 11.58
C PRO A 151 -1.18 -63.31 11.98
N ASP A 152 -1.18 -62.97 13.27
CA ASP A 152 -2.18 -62.06 13.81
C ASP A 152 -2.01 -60.66 13.23
N PHE A 153 -3.13 -60.05 12.90
CA PHE A 153 -3.12 -58.67 12.42
C PHE A 153 -2.79 -57.66 13.51
N SER A 154 -2.75 -58.07 14.77
CA SER A 154 -2.13 -57.21 15.77
C SER A 154 -0.64 -57.09 15.50
N SER A 155 0.00 -58.20 15.16
CA SER A 155 1.45 -58.18 14.91
C SER A 155 1.75 -57.64 13.53
N LEU A 156 0.90 -57.93 12.55
CA LEU A 156 1.13 -57.46 11.19
C LEU A 156 1.01 -55.95 11.09
N SER A 157 0.04 -55.36 11.78
CA SER A 157 -0.18 -53.92 11.72
C SER A 157 0.95 -53.12 12.36
N ARG A 158 1.79 -53.73 13.20
CA ARG A 158 3.06 -53.11 13.53
C ARG A 158 3.96 -53.03 12.31
N ALA A 159 4.02 -54.09 11.51
CA ALA A 159 4.98 -54.17 10.42
C ALA A 159 4.63 -53.22 9.29
N ILE A 160 3.34 -52.99 9.04
CA ILE A 160 2.96 -51.90 8.14
C ILE A 160 3.30 -50.56 8.75
N LEU A 161 3.06 -50.39 10.05
CA LEU A 161 3.38 -49.13 10.73
C LEU A 161 4.88 -48.92 10.82
N ASP A 162 5.66 -50.00 10.89
CA ASP A 162 7.11 -49.86 10.75
C ASP A 162 7.48 -49.49 9.33
N LEU A 163 6.74 -49.99 8.35
CA LEU A 163 7.15 -49.84 6.95
C LEU A 163 6.83 -48.45 6.44
N VAL A 164 5.77 -47.82 6.96
CA VAL A 164 5.44 -46.47 6.52
C VAL A 164 6.38 -45.46 7.15
N GLN A 165 7.06 -45.84 8.23
CA GLN A 165 8.05 -44.97 8.82
C GLN A 165 9.38 -45.10 8.10
N PHE A 166 9.61 -46.26 7.49
CA PHE A 166 10.83 -46.48 6.71
C PHE A 166 10.78 -45.63 5.44
N PHE A 167 9.60 -45.50 4.85
CA PHE A 167 9.44 -44.68 3.66
C PHE A 167 9.02 -43.26 4.02
N LYS A 168 8.85 -43.00 5.33
CA LYS A 168 8.68 -41.66 5.91
C LYS A 168 7.46 -40.95 5.37
N TRP A 169 6.35 -41.67 5.26
CA TRP A 169 5.13 -41.12 4.70
C TRP A 169 4.44 -40.22 5.71
N LYS A 170 3.57 -39.34 5.20
CA LYS A 170 2.76 -38.46 6.03
C LYS A 170 1.33 -38.41 5.52
N THR A 171 1.09 -39.01 4.36
CA THR A 171 -0.21 -38.88 3.69
C THR A 171 -0.64 -40.27 3.24
N VAL A 172 -0.66 -41.22 4.17
CA VAL A 172 -1.04 -42.60 3.87
C VAL A 172 -2.53 -42.68 3.57
N THR A 173 -2.97 -43.78 2.96
CA THR A 173 -4.37 -43.98 2.65
C THR A 173 -4.73 -45.46 2.70
N VAL A 174 -5.53 -45.86 3.68
CA VAL A 174 -5.95 -47.25 3.80
C VAL A 174 -7.17 -47.47 2.92
N VAL A 175 -7.11 -48.50 2.08
CA VAL A 175 -8.26 -48.96 1.32
C VAL A 175 -8.54 -50.39 1.73
N TYR A 176 -9.72 -50.65 2.28
CA TYR A 176 -10.08 -51.99 2.69
C TYR A 176 -11.25 -52.49 1.85
N ASP A 177 -11.73 -53.70 2.13
CA ASP A 177 -12.85 -54.26 1.40
C ASP A 177 -14.03 -54.70 2.27
N ASP A 178 -13.77 -55.31 3.42
CA ASP A 178 -14.82 -55.73 4.33
C ASP A 178 -14.77 -54.87 5.57
N SER A 179 -15.92 -54.67 6.20
CA SER A 179 -16.00 -53.95 7.47
C SER A 179 -15.22 -54.62 8.58
N THR A 180 -14.96 -55.93 8.47
CA THR A 180 -13.98 -56.63 9.27
C THR A 180 -12.59 -56.01 9.16
N GLY A 181 -12.26 -55.41 8.01
CA GLY A 181 -10.90 -54.97 7.74
C GLY A 181 -10.40 -53.82 8.61
N LEU A 182 -11.30 -53.08 9.25
CA LEU A 182 -10.85 -52.05 10.18
C LEU A 182 -10.32 -52.65 11.47
N ILE A 183 -10.79 -53.84 11.82
CA ILE A 183 -10.22 -54.55 12.97
C ILE A 183 -8.82 -55.03 12.62
N ARG A 184 -8.61 -55.43 11.37
CA ARG A 184 -7.34 -56.01 10.95
C ARG A 184 -6.23 -54.98 10.81
N LEU A 185 -6.57 -53.70 10.88
CA LEU A 185 -5.56 -52.66 10.76
C LEU A 185 -5.64 -51.62 11.85
N GLN A 186 -6.22 -51.98 13.01
CA GLN A 186 -6.61 -50.97 13.99
C GLN A 186 -5.40 -50.31 14.64
N GLU A 187 -4.23 -50.96 14.60
CA GLU A 187 -3.03 -50.28 15.09
C GLU A 187 -2.54 -49.24 14.09
N LEU A 188 -3.00 -49.30 12.84
CA LEU A 188 -2.62 -48.28 11.87
C LEU A 188 -3.61 -47.12 11.90
N ILE A 189 -4.89 -47.41 12.13
CA ILE A 189 -5.88 -46.35 12.35
C ILE A 189 -5.58 -45.57 13.62
N LYS A 190 -5.06 -46.23 14.66
CA LYS A 190 -4.73 -45.54 15.91
C LYS A 190 -3.38 -44.84 15.88
N ALA A 191 -2.80 -44.57 14.72
CA ALA A 191 -1.53 -43.85 14.74
C ALA A 191 -1.41 -42.58 13.90
N PRO A 192 -2.38 -41.66 13.88
CA PRO A 192 -2.02 -40.24 13.80
C PRO A 192 -1.79 -39.60 15.16
N SER A 193 -2.15 -40.31 16.23
CA SER A 193 -1.97 -39.82 17.59
C SER A 193 -0.51 -39.79 18.00
N ARG A 194 0.17 -40.94 17.87
CA ARG A 194 1.56 -41.05 18.30
C ARG A 194 2.53 -40.49 17.27
N TYR A 195 2.32 -40.79 16.00
CA TYR A 195 3.21 -40.32 14.94
C TYR A 195 2.53 -39.26 14.09
N ASN A 196 3.18 -38.84 13.01
CA ASN A 196 2.69 -37.70 12.24
C ASN A 196 1.96 -38.12 10.95
N LEU A 197 1.32 -39.28 10.93
CA LEU A 197 0.58 -39.70 9.75
C LEU A 197 -0.72 -38.92 9.63
N ARG A 198 -1.34 -38.99 8.45
CA ARG A 198 -2.65 -38.40 8.25
C ARG A 198 -3.51 -39.38 7.45
N LEU A 199 -4.24 -40.22 8.17
CA LEU A 199 -5.01 -41.30 7.56
C LEU A 199 -6.23 -40.77 6.83
N LYS A 200 -6.53 -41.35 5.67
CA LYS A 200 -7.68 -40.97 4.86
C LYS A 200 -8.41 -42.21 4.35
N ILE A 201 -8.79 -43.08 5.28
CA ILE A 201 -9.43 -44.38 5.08
C ILE A 201 -10.57 -44.35 4.07
N ARG A 202 -10.52 -45.24 3.07
CA ARG A 202 -11.55 -45.38 2.06
C ARG A 202 -11.95 -46.85 1.97
N GLN A 203 -13.09 -47.11 1.34
CA GLN A 203 -13.61 -48.46 1.21
C GLN A 203 -13.89 -48.77 -0.25
N LEU A 204 -13.52 -49.97 -0.68
CA LEU A 204 -13.90 -50.49 -1.99
C LEU A 204 -15.41 -50.65 -2.07
N PRO A 205 -16.04 -50.42 -3.21
CA PRO A 205 -17.48 -50.65 -3.33
C PRO A 205 -17.84 -52.13 -3.26
N ALA A 206 -18.90 -52.45 -2.52
CA ALA A 206 -19.36 -53.81 -2.40
C ALA A 206 -20.16 -54.23 -3.64
N ASP A 207 -20.48 -55.52 -3.71
CA ASP A 207 -21.27 -56.17 -4.76
C ASP A 207 -20.68 -56.03 -6.16
N THR A 208 -19.39 -55.68 -6.26
CA THR A 208 -18.73 -55.46 -7.53
C THR A 208 -17.21 -55.46 -7.37
N LYS A 209 -16.49 -55.39 -8.48
CA LYS A 209 -15.06 -55.13 -8.49
C LYS A 209 -14.77 -53.85 -9.27
N ASP A 210 -15.83 -53.15 -9.67
CA ASP A 210 -15.73 -51.91 -10.42
C ASP A 210 -15.33 -50.78 -9.49
N ALA A 211 -14.04 -50.67 -9.21
CA ALA A 211 -13.53 -49.61 -8.36
C ALA A 211 -13.07 -48.42 -9.19
N LYS A 212 -13.72 -48.23 -10.34
CA LYS A 212 -13.45 -47.06 -11.18
C LYS A 212 -13.79 -45.73 -10.50
N PRO A 213 -14.93 -45.55 -9.79
CA PRO A 213 -15.14 -44.23 -9.15
C PRO A 213 -14.23 -43.97 -7.96
N LEU A 214 -13.68 -45.03 -7.36
CA LEU A 214 -12.79 -44.84 -6.22
C LEU A 214 -11.47 -44.22 -6.64
N LEU A 215 -10.80 -44.83 -7.61
CA LEU A 215 -9.44 -44.41 -7.96
C LEU A 215 -9.44 -43.08 -8.70
N LYS A 216 -10.56 -42.70 -9.32
CA LYS A 216 -10.69 -41.35 -9.86
C LYS A 216 -10.68 -40.33 -8.74
N GLU A 217 -11.38 -40.62 -7.64
CA GLU A 217 -11.39 -39.72 -6.50
C GLU A 217 -10.05 -39.74 -5.78
N MET A 218 -9.35 -40.88 -5.84
CA MET A 218 -8.04 -40.96 -5.21
C MET A 218 -6.97 -40.25 -6.05
N LYS A 219 -7.13 -40.25 -7.37
CA LYS A 219 -6.24 -39.46 -8.21
C LYS A 219 -6.49 -37.97 -8.02
N ARG A 220 -7.75 -37.60 -7.74
CA ARG A 220 -8.10 -36.20 -7.52
C ARG A 220 -7.51 -35.70 -6.21
N GLY A 221 -7.47 -36.55 -5.19
CA GLY A 221 -6.91 -36.19 -3.91
C GLY A 221 -5.41 -36.34 -3.81
N LYS A 222 -4.75 -36.69 -4.92
CA LYS A 222 -3.30 -36.92 -5.01
C LYS A 222 -2.85 -37.99 -4.02
N GLU A 223 -3.61 -39.08 -3.94
CA GLU A 223 -3.35 -40.16 -3.00
C GLU A 223 -2.20 -40.97 -3.57
N PHE A 224 -0.99 -40.72 -3.08
CA PHE A 224 0.19 -41.28 -3.71
C PHE A 224 0.80 -42.44 -2.94
N HIS A 225 0.28 -42.75 -1.76
CA HIS A 225 0.95 -43.69 -0.86
C HIS A 225 -0.04 -44.70 -0.31
N VAL A 226 -0.81 -45.32 -1.20
CA VAL A 226 -1.97 -46.14 -0.87
C VAL A 226 -1.57 -47.42 -0.16
N ILE A 227 -2.27 -47.77 0.92
CA ILE A 227 -2.11 -49.07 1.55
C ILE A 227 -3.37 -49.88 1.29
N PHE A 228 -3.27 -50.94 0.49
CA PHE A 228 -4.44 -51.78 0.27
C PHE A 228 -4.59 -52.85 1.34
N ASP A 229 -5.83 -53.25 1.61
CA ASP A 229 -6.10 -54.40 2.47
C ASP A 229 -7.12 -55.30 1.76
N CYS A 230 -6.62 -56.18 0.90
CA CYS A 230 -7.50 -57.00 0.08
C CYS A 230 -7.01 -58.45 0.14
N SER A 231 -7.82 -59.36 -0.37
CA SER A 231 -7.32 -60.68 -0.72
C SER A 231 -6.54 -60.56 -2.01
N HIS A 232 -5.76 -61.60 -2.33
CA HIS A 232 -4.90 -61.55 -3.50
C HIS A 232 -5.69 -61.65 -4.79
N GLU A 233 -6.92 -62.13 -4.72
CA GLU A 233 -7.82 -62.06 -5.87
C GLU A 233 -8.21 -60.60 -6.14
N MET A 234 -8.66 -59.89 -5.11
CA MET A 234 -9.01 -58.49 -5.31
C MET A 234 -7.78 -57.60 -5.38
N ALA A 235 -6.61 -58.10 -4.99
CA ALA A 235 -5.40 -57.32 -5.17
C ALA A 235 -4.95 -57.33 -6.62
N ALA A 236 -5.31 -58.37 -7.36
CA ALA A 236 -4.99 -58.41 -8.78
C ALA A 236 -5.94 -57.53 -9.57
N GLY A 237 -7.23 -57.60 -9.25
CA GLY A 237 -8.22 -56.86 -10.03
C GLY A 237 -8.20 -55.37 -9.75
N ILE A 238 -7.60 -54.98 -8.62
CA ILE A 238 -7.53 -53.55 -8.33
C ILE A 238 -6.38 -52.92 -9.12
N LEU A 239 -5.39 -53.71 -9.53
CA LEU A 239 -4.24 -53.13 -10.20
C LEU A 239 -4.49 -52.93 -11.69
N LYS A 240 -5.26 -53.81 -12.31
CA LYS A 240 -5.63 -53.61 -13.72
C LYS A 240 -6.49 -52.37 -13.87
N GLN A 241 -7.38 -52.12 -12.91
CA GLN A 241 -8.11 -50.87 -12.91
C GLN A 241 -7.23 -49.71 -12.53
N ALA A 242 -6.18 -49.95 -11.73
CA ALA A 242 -5.21 -48.89 -11.46
C ALA A 242 -4.33 -48.66 -12.68
N LEU A 243 -4.11 -49.69 -13.49
CA LEU A 243 -3.33 -49.55 -14.70
C LEU A 243 -4.13 -48.85 -15.78
N ALA A 244 -5.42 -49.20 -15.91
CA ALA A 244 -6.27 -48.64 -16.96
C ALA A 244 -6.60 -47.17 -16.72
N MET A 245 -6.43 -46.69 -15.49
CA MET A 245 -6.55 -45.26 -15.23
C MET A 245 -5.18 -44.62 -15.05
N GLY A 246 -4.14 -45.33 -15.48
CA GLY A 246 -2.78 -44.83 -15.54
C GLY A 246 -2.22 -44.40 -14.20
N MET A 247 -2.66 -45.07 -13.14
CA MET A 247 -2.38 -44.63 -11.79
C MET A 247 -1.19 -45.38 -11.21
N MET A 248 -0.53 -46.22 -12.00
CA MET A 248 0.68 -46.90 -11.54
C MET A 248 1.90 -46.29 -12.22
N THR A 249 2.36 -45.17 -11.66
CA THR A 249 3.47 -44.42 -12.22
C THR A 249 4.62 -44.39 -11.22
N GLU A 250 5.62 -43.55 -11.49
CA GLU A 250 6.80 -43.47 -10.64
C GLU A 250 6.52 -42.84 -9.28
N TYR A 251 5.37 -42.21 -9.07
CA TYR A 251 5.09 -41.49 -7.82
C TYR A 251 3.82 -42.04 -7.17
N TYR A 252 3.66 -43.35 -7.28
CA TYR A 252 2.65 -44.11 -6.55
C TYR A 252 3.29 -45.31 -5.88
N HIS A 253 3.04 -45.51 -4.60
CA HIS A 253 3.60 -46.65 -3.89
C HIS A 253 2.50 -47.37 -3.13
N TYR A 254 2.40 -48.68 -3.38
CA TYR A 254 1.30 -49.51 -2.90
C TYR A 254 1.83 -50.50 -1.88
N ILE A 255 1.30 -50.44 -0.66
CA ILE A 255 1.58 -51.49 0.31
C ILE A 255 0.37 -52.41 0.40
N PHE A 256 0.58 -53.69 0.16
CA PHE A 256 -0.53 -54.65 0.22
C PHE A 256 -0.48 -55.42 1.53
N THR A 257 -1.51 -55.20 2.35
CA THR A 257 -1.65 -55.96 3.59
C THR A 257 -2.19 -57.35 3.26
N THR A 258 -1.32 -58.21 2.76
CA THR A 258 -1.67 -59.56 2.38
C THR A 258 -0.39 -60.38 2.43
N LEU A 259 -0.52 -61.69 2.38
CA LEU A 259 0.65 -62.54 2.45
C LEU A 259 0.79 -63.33 1.16
N ASP A 260 0.04 -62.93 0.14
CA ASP A 260 0.12 -63.54 -1.17
C ASP A 260 0.35 -62.51 -2.26
N LEU A 261 1.22 -61.53 -2.02
CA LEU A 261 1.58 -60.61 -3.09
C LEU A 261 2.47 -61.30 -4.12
N PHE A 262 3.23 -62.29 -3.68
CA PHE A 262 4.18 -63.00 -4.53
C PHE A 262 3.49 -63.83 -5.60
N ALA A 263 2.21 -64.16 -5.39
CA ALA A 263 1.48 -64.97 -6.36
C ALA A 263 0.75 -64.11 -7.39
N LEU A 264 1.04 -62.82 -7.47
CA LEU A 264 0.47 -61.98 -8.51
C LEU A 264 1.31 -62.03 -9.78
N ASP A 265 0.65 -61.95 -10.93
CA ASP A 265 1.33 -61.75 -12.19
C ASP A 265 1.69 -60.27 -12.34
N VAL A 266 2.95 -59.97 -12.10
CA VAL A 266 3.41 -58.59 -11.99
C VAL A 266 4.06 -58.16 -13.31
N GLU A 267 4.05 -59.07 -14.29
CA GLU A 267 4.67 -58.86 -15.60
C GLU A 267 4.18 -57.64 -16.37
N PRO A 268 2.86 -57.25 -16.37
CA PRO A 268 2.52 -55.95 -16.98
C PRO A 268 3.00 -54.75 -16.17
N TYR A 269 3.40 -54.97 -14.92
CA TYR A 269 3.65 -53.85 -14.04
C TYR A 269 5.12 -53.66 -13.73
N ARG A 270 5.98 -54.57 -14.17
CA ARG A 270 7.37 -54.64 -13.75
C ARG A 270 8.18 -53.46 -14.27
N TYR A 271 7.77 -52.93 -15.42
CA TYR A 271 8.49 -51.82 -16.03
C TYR A 271 7.77 -50.50 -15.80
N SER A 272 6.66 -50.51 -15.07
CA SER A 272 5.74 -49.38 -15.02
C SER A 272 6.27 -48.19 -14.26
N GLY A 273 7.32 -48.35 -13.46
CA GLY A 273 7.79 -47.26 -12.64
C GLY A 273 7.21 -47.30 -11.25
N VAL A 274 6.19 -48.14 -11.06
CA VAL A 274 5.47 -48.19 -9.80
C VAL A 274 6.27 -48.93 -8.74
N ASN A 275 6.42 -48.30 -7.57
CA ASN A 275 6.95 -48.98 -6.40
C ASN A 275 5.75 -49.71 -5.80
N MET A 276 5.92 -50.97 -5.41
CA MET A 276 4.87 -51.68 -4.68
C MET A 276 5.52 -52.72 -3.77
N THR A 277 5.17 -52.63 -2.49
CA THR A 277 5.84 -53.38 -1.43
C THR A 277 4.82 -54.23 -0.70
N GLY A 278 5.20 -55.42 -0.26
CA GLY A 278 4.29 -56.23 0.51
C GLY A 278 5.00 -56.98 1.61
N PHE A 279 4.44 -58.12 1.96
CA PHE A 279 5.03 -59.01 2.94
C PHE A 279 4.86 -60.44 2.46
N ARG A 280 5.70 -61.33 2.98
CA ARG A 280 5.66 -62.73 2.62
C ARG A 280 6.21 -63.54 3.77
N ILE A 281 5.47 -64.56 4.19
CA ILE A 281 5.92 -65.41 5.28
C ILE A 281 6.38 -66.72 4.67
N LEU A 282 5.97 -66.98 3.43
CA LEU A 282 6.31 -68.21 2.74
C LEU A 282 7.75 -68.16 2.26
N ASN A 283 8.60 -69.05 2.77
CA ASN A 283 10.00 -69.09 2.41
C ASN A 283 10.22 -69.62 1.00
N THR A 284 10.58 -68.75 0.06
CA THR A 284 10.89 -69.19 -1.29
C THR A 284 12.37 -69.46 -1.48
N GLU A 285 13.11 -69.54 -0.36
CA GLU A 285 14.54 -69.76 -0.41
C GLU A 285 14.91 -71.19 -0.01
N ASN A 286 14.14 -71.76 0.92
CA ASN A 286 14.44 -73.10 1.41
C ASN A 286 14.16 -74.15 0.35
N THR A 287 15.16 -75.00 0.07
CA THR A 287 15.02 -76.01 -0.96
C THR A 287 14.05 -77.11 -0.54
N GLN A 288 13.89 -77.33 0.77
CA GLN A 288 12.87 -78.27 1.24
C GLN A 288 11.48 -77.73 0.97
N VAL A 289 11.28 -76.44 1.20
CA VAL A 289 9.99 -75.81 0.92
C VAL A 289 9.75 -75.73 -0.58
N SER A 290 10.80 -75.39 -1.33
CA SER A 290 10.68 -75.27 -2.79
C SER A 290 10.47 -76.63 -3.44
N SER A 291 10.89 -77.70 -2.78
CA SER A 291 10.56 -79.04 -3.28
C SER A 291 9.08 -79.35 -3.10
N ILE A 292 8.48 -78.84 -2.03
CA ILE A 292 7.05 -79.07 -1.79
C ILE A 292 6.21 -78.28 -2.78
N ILE A 293 6.59 -77.01 -3.02
CA ILE A 293 5.86 -76.13 -3.91
C ILE A 293 5.94 -76.64 -5.35
N GLU A 294 7.10 -77.16 -5.74
CA GLU A 294 7.24 -77.81 -7.04
C GLU A 294 6.40 -79.07 -7.12
N LYS A 295 6.30 -79.80 -6.00
CA LYS A 295 5.47 -81.00 -5.97
C LYS A 295 3.99 -80.62 -5.93
N TRP A 296 3.67 -79.50 -5.30
CA TRP A 296 2.30 -79.02 -5.16
C TRP A 296 1.60 -78.76 -6.49
N SER A 297 2.22 -77.93 -7.34
CA SER A 297 1.63 -77.49 -8.60
C SER A 297 1.40 -78.65 -9.56
N MET A 298 2.22 -79.69 -9.44
CA MET A 298 1.99 -80.92 -10.18
C MET A 298 0.77 -81.66 -9.65
N GLU A 299 0.62 -81.69 -8.32
CA GLU A 299 -0.39 -82.55 -7.71
C GLU A 299 -1.71 -81.82 -7.50
N ARG A 300 -1.83 -80.59 -7.97
CA ARG A 300 -3.10 -79.86 -7.89
C ARG A 300 -4.17 -80.51 -8.75
N LEU A 301 -3.95 -80.52 -10.07
CA LEU A 301 -4.92 -80.82 -11.11
C LEU A 301 -6.15 -79.95 -10.86
N GLN A 302 -5.96 -78.64 -11.03
CA GLN A 302 -6.98 -77.64 -10.74
C GLN A 302 -7.40 -76.94 -12.03
N ALA A 303 -8.60 -76.33 -12.09
CA ALA A 303 -9.11 -75.50 -13.16
C ALA A 303 -8.13 -74.38 -13.48
N PRO A 304 -7.83 -74.16 -14.77
CA PRO A 304 -6.74 -73.25 -15.14
C PRO A 304 -7.12 -71.80 -14.90
N PRO A 305 -6.14 -70.96 -14.52
CA PRO A 305 -6.44 -69.54 -14.28
C PRO A 305 -6.71 -68.77 -15.57
N LYS A 306 -7.80 -68.01 -15.55
CA LYS A 306 -8.13 -67.11 -16.63
C LYS A 306 -7.07 -66.01 -16.71
N PRO A 307 -6.68 -65.57 -17.90
CA PRO A 307 -5.71 -64.46 -17.97
C PRO A 307 -6.31 -63.10 -17.63
N ASP A 308 -7.64 -63.05 -17.48
CA ASP A 308 -8.28 -61.85 -16.97
C ASP A 308 -8.39 -61.87 -15.46
N SER A 309 -7.85 -62.91 -14.81
CA SER A 309 -7.78 -62.94 -13.36
C SER A 309 -6.60 -62.09 -12.89
N GLY A 310 -5.46 -62.25 -13.56
CA GLY A 310 -4.26 -61.53 -13.20
C GLY A 310 -3.36 -62.26 -12.22
N LEU A 311 -3.58 -63.56 -12.04
CA LEU A 311 -2.85 -64.34 -11.06
C LEU A 311 -1.90 -65.29 -11.79
N LEU A 312 -0.81 -65.65 -11.12
CA LEU A 312 0.11 -66.63 -11.66
C LEU A 312 -0.47 -68.04 -11.46
N ASP A 313 0.10 -69.03 -12.15
CA ASP A 313 -0.57 -70.32 -12.24
C ASP A 313 -0.25 -71.20 -11.04
N GLY A 314 1.00 -71.64 -10.90
CA GLY A 314 1.34 -72.60 -9.88
C GLY A 314 2.09 -72.01 -8.70
N PHE A 315 1.34 -71.72 -7.63
CA PHE A 315 1.88 -71.26 -6.36
C PHE A 315 0.93 -71.65 -5.24
N MET A 316 1.48 -71.92 -4.06
CA MET A 316 0.67 -72.13 -2.87
C MET A 316 0.31 -70.76 -2.32
N THR A 317 -0.99 -70.54 -2.11
CA THR A 317 -1.41 -69.36 -1.37
C THR A 317 -1.07 -69.53 0.10
N THR A 318 -1.14 -68.42 0.85
CA THR A 318 -0.85 -68.50 2.27
C THR A 318 -1.98 -69.16 3.03
N ASP A 319 -3.16 -69.32 2.42
CA ASP A 319 -4.23 -70.08 3.05
C ASP A 319 -3.90 -71.56 3.06
N ALA A 320 -3.47 -72.09 1.91
CA ALA A 320 -3.13 -73.50 1.84
C ALA A 320 -1.78 -73.80 2.45
N ALA A 321 -0.91 -72.79 2.55
CA ALA A 321 0.41 -73.00 3.15
C ALA A 321 0.29 -73.26 4.64
N LEU A 322 -0.64 -72.56 5.29
CA LEU A 322 -0.83 -72.76 6.72
C LEU A 322 -1.55 -74.06 7.01
N MET A 323 -2.45 -74.48 6.14
CA MET A 323 -3.16 -75.74 6.34
C MET A 323 -2.22 -76.92 6.18
N TYR A 324 -1.19 -76.78 5.36
CA TYR A 324 -0.12 -77.77 5.33
C TYR A 324 0.67 -77.73 6.64
N ASP A 325 0.88 -76.54 7.19
CA ASP A 325 1.57 -76.43 8.45
C ASP A 325 0.65 -76.70 9.62
N ALA A 326 -0.67 -76.76 9.38
CA ALA A 326 -1.61 -77.01 10.46
C ALA A 326 -1.48 -78.43 10.99
N VAL A 327 -1.25 -79.38 10.09
CA VAL A 327 -1.16 -80.78 10.49
C VAL A 327 0.20 -81.04 11.15
N HIS A 328 1.24 -80.38 10.64
CA HIS A 328 2.60 -80.66 11.11
C HIS A 328 2.84 -80.12 12.52
N VAL A 329 2.11 -79.08 12.91
CA VAL A 329 2.18 -78.62 14.30
C VAL A 329 1.49 -79.63 15.21
N VAL A 330 0.37 -80.18 14.76
CA VAL A 330 -0.31 -81.24 15.49
C VAL A 330 0.53 -82.52 15.47
N SER A 331 1.26 -82.74 14.38
CA SER A 331 2.04 -83.97 14.23
C SER A 331 3.24 -83.98 15.17
N VAL A 332 3.69 -82.82 15.62
CA VAL A 332 4.71 -82.78 16.67
C VAL A 332 4.12 -83.24 17.99
N ALA A 333 2.89 -82.84 18.27
CA ALA A 333 2.29 -83.09 19.58
C ALA A 333 1.89 -84.55 19.75
N VAL A 334 1.55 -85.24 18.66
CA VAL A 334 1.12 -86.63 18.77
C VAL A 334 2.31 -87.54 18.99
N GLN A 335 3.52 -87.07 18.67
CA GLN A 335 4.73 -87.82 18.98
C GLN A 335 4.98 -87.82 20.48
N GLN A 336 4.90 -86.64 21.09
CA GLN A 336 5.29 -86.46 22.48
C GLN A 336 4.21 -86.98 23.43
N PHE A 337 3.00 -87.23 22.90
CA PHE A 337 1.94 -87.86 23.68
C PHE A 337 1.38 -89.02 22.84
N PRO A 338 2.07 -90.16 22.80
CA PRO A 338 1.69 -91.23 21.86
C PRO A 338 0.50 -92.07 22.33
N GLN A 339 0.25 -92.06 23.64
CA GLN A 339 -0.75 -92.93 24.23
C GLN A 339 -2.19 -92.45 24.01
N MET A 340 -2.36 -91.34 23.28
CA MET A 340 -3.66 -90.80 22.94
C MET A 340 -4.45 -91.75 22.04
N THR A 341 -5.73 -91.94 22.35
CA THR A 341 -6.60 -92.77 21.53
C THR A 341 -7.82 -91.94 21.13
N VAL A 342 -8.56 -92.45 20.14
CA VAL A 342 -9.74 -91.77 19.62
C VAL A 342 -10.96 -92.15 20.46
N SER A 343 -11.70 -91.14 20.93
CA SER A 343 -12.91 -91.39 21.70
C SER A 343 -14.11 -90.77 20.97
N SER A 344 -15.24 -91.46 21.00
CA SER A 344 -16.47 -90.98 20.38
C SER A 344 -17.22 -90.07 21.34
N LEU A 345 -17.12 -88.76 21.12
CA LEU A 345 -17.74 -87.78 22.01
C LEU A 345 -19.15 -87.46 21.54
N GLN A 346 -20.02 -87.16 22.50
CA GLN A 346 -21.40 -86.81 22.21
C GLN A 346 -21.63 -85.35 22.53
N CYS A 347 -22.22 -84.61 21.58
CA CYS A 347 -22.52 -83.20 21.80
C CYS A 347 -23.63 -83.02 22.82
N ASN A 348 -24.71 -83.81 22.69
CA ASN A 348 -25.85 -83.74 23.59
C ASN A 348 -25.48 -84.15 25.01
N ARG A 349 -24.72 -85.23 25.13
CA ARG A 349 -24.16 -85.65 26.41
C ARG A 349 -22.72 -85.18 26.48
N HIS A 350 -22.54 -83.88 26.71
CA HIS A 350 -21.21 -83.27 26.63
C HIS A 350 -20.32 -83.70 27.80
N LYS A 351 -19.13 -84.19 27.48
CA LYS A 351 -18.13 -84.56 28.48
C LYS A 351 -16.79 -84.04 27.99
N PRO A 352 -15.98 -83.45 28.87
CA PRO A 352 -14.61 -83.05 28.47
C PRO A 352 -13.74 -84.27 28.19
N TRP A 353 -13.13 -84.29 27.00
CA TRP A 353 -12.30 -85.40 26.57
C TRP A 353 -10.99 -85.37 27.34
N ARG A 354 -10.65 -86.50 27.95
CA ARG A 354 -9.67 -86.54 29.03
C ARG A 354 -8.24 -86.36 28.53
N PHE A 355 -7.99 -86.66 27.25
CA PHE A 355 -6.63 -86.57 26.74
C PHE A 355 -6.32 -85.18 26.22
N GLY A 356 -7.35 -84.36 25.97
CA GLY A 356 -7.19 -83.08 25.31
C GLY A 356 -6.38 -82.04 26.06
N THR A 357 -6.57 -81.95 27.38
CA THR A 357 -5.92 -80.95 28.21
C THR A 357 -4.40 -81.14 28.22
N ARG A 358 -3.96 -82.39 28.32
CA ARG A 358 -2.54 -82.71 28.18
C ARG A 358 -2.07 -82.47 26.76
N PHE A 359 -2.93 -82.80 25.78
CA PHE A 359 -2.58 -82.69 24.37
C PHE A 359 -2.54 -81.24 23.91
N MET A 360 -3.33 -80.38 24.54
CA MET A 360 -3.39 -78.97 24.14
C MET A 360 -2.11 -78.24 24.51
N SER A 361 -1.49 -78.64 25.63
CA SER A 361 -0.28 -77.95 26.10
C SER A 361 0.90 -78.21 25.18
N LEU A 362 0.93 -79.38 24.55
CA LEU A 362 2.01 -79.68 23.61
C LEU A 362 1.82 -78.91 22.31
N ILE A 363 0.58 -78.56 21.98
CA ILE A 363 0.30 -77.77 20.79
C ILE A 363 0.79 -76.35 20.98
N LYS A 364 0.45 -75.74 22.11
CA LYS A 364 0.81 -74.35 22.39
C LYS A 364 2.31 -74.17 22.64
N GLU A 365 3.02 -75.25 22.93
CA GLU A 365 4.47 -75.20 23.18
C GLU A 365 5.25 -75.80 22.02
N ALA A 366 4.59 -76.00 20.87
CA ALA A 366 5.22 -76.67 19.75
C ALA A 366 6.12 -75.71 18.99
N HIS A 367 7.19 -76.25 18.43
CA HIS A 367 8.09 -75.49 17.56
C HIS A 367 8.34 -76.31 16.30
N TRP A 368 8.14 -75.66 15.16
CA TRP A 368 8.26 -76.35 13.88
C TRP A 368 8.65 -75.35 12.81
N GLU A 369 9.60 -75.74 11.97
CA GLU A 369 9.99 -74.94 10.82
C GLU A 369 9.24 -75.39 9.58
N GLY A 370 7.99 -74.96 9.45
CA GLY A 370 7.17 -75.34 8.33
C GLY A 370 7.41 -74.47 7.11
N LEU A 371 6.35 -74.28 6.32
CA LEU A 371 6.48 -73.48 5.12
C LEU A 371 6.62 -72.01 5.42
N THR A 372 6.08 -71.58 6.57
CA THR A 372 6.02 -70.17 6.90
C THR A 372 7.05 -69.78 7.95
N GLY A 373 8.25 -70.32 7.86
CA GLY A 373 9.25 -70.04 8.86
C GLY A 373 9.02 -70.88 10.09
N ARG A 374 9.41 -70.36 11.24
CA ARG A 374 9.15 -71.03 12.50
C ARG A 374 7.70 -70.78 12.90
N ILE A 375 7.10 -71.77 13.55
CA ILE A 375 5.75 -71.63 14.08
C ILE A 375 5.87 -71.76 15.59
N THR A 376 5.77 -70.63 16.28
CA THR A 376 5.71 -70.61 17.74
C THR A 376 4.44 -69.88 18.15
N PHE A 377 3.78 -70.41 19.17
CA PHE A 377 2.50 -69.87 19.59
C PHE A 377 2.67 -68.89 20.73
N ASN A 378 1.55 -68.56 21.37
CA ASN A 378 1.48 -67.48 22.35
C ASN A 378 1.07 -68.07 23.68
N LYS A 379 1.82 -67.79 24.76
CA LYS A 379 1.59 -68.43 26.06
C LYS A 379 0.26 -68.02 26.70
N THR A 380 -0.28 -66.89 26.25
CA THR A 380 -1.64 -66.43 26.52
C THR A 380 -2.54 -67.17 25.51
N ASN A 381 -3.68 -66.59 25.11
CA ASN A 381 -4.51 -67.06 24.01
C ASN A 381 -3.74 -67.53 22.78
N GLY A 382 -4.25 -68.57 22.11
CA GLY A 382 -3.46 -69.35 21.17
C GLY A 382 -3.12 -68.74 19.83
N LEU A 383 -3.09 -67.41 19.75
CA LEU A 383 -2.77 -66.70 18.52
C LEU A 383 -1.31 -66.90 18.11
N ARG A 384 -0.95 -66.44 16.92
CA ARG A 384 0.43 -66.52 16.45
C ARG A 384 0.95 -65.09 16.40
N THR A 385 1.98 -64.81 17.21
CA THR A 385 2.50 -63.47 17.39
C THR A 385 3.95 -63.34 16.94
N ASP A 386 4.80 -64.30 17.28
CA ASP A 386 6.21 -64.27 16.88
C ASP A 386 6.37 -65.11 15.62
N PHE A 387 6.70 -64.43 14.52
CA PHE A 387 6.90 -65.04 13.22
C PHE A 387 7.94 -64.25 12.42
N ASP A 388 8.10 -64.62 11.16
CA ASP A 388 9.16 -64.09 10.32
C ASP A 388 8.59 -63.65 8.98
N LEU A 389 8.53 -62.33 8.78
CA LEU A 389 8.12 -61.80 7.49
C LEU A 389 9.34 -61.52 6.63
N ASP A 390 9.16 -61.59 5.32
CA ASP A 390 10.19 -61.19 4.36
C ASP A 390 9.61 -60.07 3.50
N VAL A 391 10.00 -58.83 3.80
CA VAL A 391 9.44 -57.69 3.09
C VAL A 391 9.97 -57.63 1.66
N ILE A 392 9.07 -57.83 0.71
CA ILE A 392 9.43 -57.90 -0.70
C ILE A 392 8.90 -56.66 -1.42
N SER A 393 9.48 -56.34 -2.57
CA SER A 393 9.05 -55.18 -3.34
C SER A 393 9.25 -55.47 -4.81
N LEU A 394 8.83 -54.51 -5.63
CA LEU A 394 8.91 -54.65 -7.08
C LEU A 394 10.06 -53.82 -7.61
N LYS A 395 11.00 -54.48 -8.27
CA LYS A 395 12.01 -53.83 -9.09
C LYS A 395 11.92 -54.41 -10.49
N GLU A 396 12.80 -53.97 -11.40
CA GLU A 396 12.66 -54.36 -12.80
C GLU A 396 13.03 -55.82 -13.07
N GLU A 397 13.55 -56.52 -12.07
CA GLU A 397 13.72 -57.96 -12.16
C GLU A 397 12.44 -58.70 -11.81
N GLY A 398 11.56 -58.08 -11.02
CA GLY A 398 10.35 -58.72 -10.54
C GLY A 398 10.16 -58.48 -9.06
N LEU A 399 9.51 -59.42 -8.36
CA LEU A 399 9.46 -59.33 -6.90
C LEU A 399 10.81 -59.69 -6.32
N GLU A 400 11.16 -59.03 -5.22
CA GLU A 400 12.52 -59.12 -4.69
C GLU A 400 12.56 -58.78 -3.21
N LYS A 401 13.17 -59.65 -2.41
CA LYS A 401 13.37 -59.41 -0.98
C LYS A 401 14.28 -58.21 -0.73
N ILE A 402 13.80 -57.23 0.01
CA ILE A 402 14.62 -56.06 0.33
C ILE A 402 14.75 -55.91 1.83
N GLY A 403 14.53 -56.98 2.59
CA GLY A 403 14.73 -56.93 4.02
C GLY A 403 14.06 -58.07 4.75
N THR A 404 13.90 -57.90 6.06
CA THR A 404 13.28 -58.90 6.92
C THR A 404 12.68 -58.21 8.14
N TRP A 405 11.43 -58.52 8.48
CA TRP A 405 10.80 -57.98 9.67
C TRP A 405 10.70 -59.09 10.71
N ASP A 406 10.73 -58.69 11.99
CA ASP A 406 10.55 -59.60 13.10
C ASP A 406 9.89 -58.81 14.23
N PRO A 407 9.01 -59.42 15.04
CA PRO A 407 8.38 -58.66 16.13
C PRO A 407 9.35 -58.29 17.24
N ALA A 408 10.23 -59.22 17.60
CA ALA A 408 11.21 -58.97 18.65
C ALA A 408 12.23 -57.94 18.20
N SER A 409 12.59 -57.98 16.91
CA SER A 409 13.42 -56.95 16.31
C SER A 409 12.54 -55.83 15.78
N GLY A 410 13.11 -54.98 14.94
CA GLY A 410 12.33 -54.06 14.12
C GLY A 410 12.43 -54.48 12.68
N LEU A 411 12.36 -53.51 11.78
CA LEU A 411 12.73 -53.77 10.39
C LEU A 411 14.23 -53.97 10.31
N ASN A 412 14.64 -55.07 9.69
CA ASN A 412 16.05 -55.26 9.35
C ASN A 412 16.27 -54.89 7.88
N MET A 413 15.62 -53.82 7.45
CA MET A 413 15.83 -53.27 6.12
C MET A 413 17.11 -52.45 6.08
N THR A 414 17.26 -51.62 5.03
CA THR A 414 18.53 -51.12 4.50
C THR A 414 19.35 -52.39 4.21
N GLU A 415 18.74 -53.26 3.41
CA GLU A 415 19.35 -54.51 2.96
C GLU A 415 20.09 -54.25 1.66
N SER A 416 19.71 -53.12 1.01
CA SER A 416 20.33 -52.52 -0.19
C SER A 416 21.86 -52.55 -0.15
N GLN A 417 22.43 -53.32 -1.07
CA GLN A 417 23.56 -54.21 -0.78
C GLN A 417 24.86 -53.50 -0.45
N LYS A 418 25.28 -52.54 -1.26
CA LYS A 418 26.41 -51.69 -0.93
C LYS A 418 25.92 -50.27 -1.09
N GLY A 419 24.84 -50.12 -1.87
CA GLY A 419 24.19 -48.85 -2.12
C GLY A 419 25.02 -47.98 -3.03
N LYS A 420 26.12 -47.46 -2.49
CA LYS A 420 27.09 -46.66 -3.22
C LYS A 420 28.36 -46.61 -2.39
N PRO A 421 29.53 -46.58 -3.03
CA PRO A 421 30.76 -46.22 -2.32
C PRO A 421 30.87 -44.71 -2.19
N ALA A 422 32.03 -44.21 -1.75
CA ALA A 422 32.22 -42.76 -1.72
C ALA A 422 32.39 -42.18 -3.12
N ASN A 423 31.31 -42.19 -3.92
CA ASN A 423 31.33 -41.75 -5.31
C ASN A 423 30.87 -40.29 -5.34
N ILE A 424 31.49 -39.48 -4.50
CA ILE A 424 31.32 -38.04 -4.54
C ILE A 424 32.73 -37.45 -4.60
N THR A 425 33.20 -37.20 -5.81
CA THR A 425 34.51 -36.62 -6.00
C THR A 425 34.45 -35.10 -5.88
N ASP A 426 35.62 -34.50 -5.71
CA ASP A 426 35.77 -33.07 -5.50
C ASP A 426 36.69 -32.52 -6.58
N SER A 427 37.25 -31.33 -6.32
CA SER A 427 37.67 -30.28 -7.27
C SER A 427 38.25 -30.71 -8.62
N LEU A 428 38.87 -31.89 -8.68
CA LEU A 428 39.46 -32.50 -9.88
C LEU A 428 38.54 -32.46 -11.11
N SER A 429 37.39 -33.12 -11.06
CA SER A 429 36.43 -33.14 -12.17
C SER A 429 35.06 -33.54 -11.60
N ASN A 430 34.06 -32.66 -11.75
CA ASN A 430 32.85 -32.80 -10.93
C ASN A 430 31.52 -32.67 -11.63
N ARG A 431 30.45 -32.69 -10.83
CA ARG A 431 29.13 -32.25 -11.23
C ARG A 431 29.19 -30.74 -11.41
N SER A 432 28.38 -30.20 -12.31
CA SER A 432 28.98 -29.18 -13.15
C SER A 432 28.10 -27.96 -13.36
N LEU A 433 27.52 -27.44 -12.28
CA LEU A 433 27.05 -26.07 -12.08
C LEU A 433 26.23 -25.51 -13.24
N ILE A 434 24.99 -26.00 -13.38
CA ILE A 434 24.10 -25.65 -14.48
C ILE A 434 23.85 -24.15 -14.46
N VAL A 435 24.36 -23.45 -15.47
CA VAL A 435 24.27 -21.99 -15.56
C VAL A 435 23.10 -21.66 -16.47
N THR A 436 22.12 -20.93 -15.93
CA THR A 436 20.99 -20.48 -16.73
C THR A 436 21.23 -19.06 -17.23
N THR A 437 21.28 -18.93 -18.55
CA THR A 437 21.46 -17.63 -19.18
C THR A 437 20.42 -17.49 -20.28
N ILE A 438 20.50 -16.38 -21.01
CA ILE A 438 19.50 -16.02 -22.00
C ILE A 438 20.20 -15.33 -23.17
N LEU A 439 19.67 -15.51 -24.38
CA LEU A 439 20.34 -14.99 -25.56
C LEU A 439 20.01 -13.52 -25.77
N GLU A 440 21.02 -12.67 -25.63
CA GLU A 440 20.93 -11.23 -25.86
C GLU A 440 22.25 -10.72 -26.40
N GLU A 441 22.17 -9.87 -27.41
CA GLU A 441 23.36 -9.24 -27.95
C GLU A 441 23.78 -8.07 -27.08
N PRO A 442 25.08 -7.86 -26.85
CA PRO A 442 26.20 -8.72 -27.26
C PRO A 442 26.63 -9.63 -26.12
N TYR A 443 25.71 -9.88 -25.19
CA TYR A 443 26.06 -10.59 -23.97
C TYR A 443 26.21 -12.08 -24.21
N VAL A 444 25.12 -12.74 -24.61
CA VAL A 444 25.12 -14.15 -24.95
C VAL A 444 24.45 -14.32 -26.30
N LEU A 445 25.15 -14.93 -27.25
CA LEU A 445 24.61 -15.15 -28.58
C LEU A 445 25.27 -16.37 -29.19
N PHE A 446 24.58 -16.97 -30.16
CA PHE A 446 25.08 -18.19 -30.78
C PHE A 446 26.29 -17.90 -31.66
N LYS A 447 27.19 -18.87 -31.73
CA LYS A 447 28.43 -18.72 -32.47
C LYS A 447 28.21 -19.07 -33.93
N LYS A 448 28.71 -18.22 -34.83
CA LYS A 448 28.59 -18.45 -36.26
C LYS A 448 29.76 -19.31 -36.73
N SER A 449 29.44 -20.43 -37.37
CA SER A 449 30.45 -21.36 -37.84
C SER A 449 29.89 -22.10 -39.06
N ASP A 450 30.79 -22.60 -39.90
CA ASP A 450 30.40 -23.41 -41.04
C ASP A 450 29.83 -24.76 -40.60
N LYS A 451 30.44 -25.37 -39.59
CA LYS A 451 29.91 -26.59 -39.00
C LYS A 451 29.08 -26.25 -37.77
N PRO A 452 27.87 -26.79 -37.66
CA PRO A 452 27.05 -26.54 -36.47
C PRO A 452 27.63 -27.21 -35.23
N LEU A 453 27.82 -26.42 -34.18
CA LEU A 453 28.47 -26.88 -32.97
C LEU A 453 27.46 -27.45 -31.99
N TYR A 454 27.96 -28.15 -30.98
CA TYR A 454 27.11 -28.85 -30.02
C TYR A 454 27.72 -28.72 -28.63
N GLY A 455 26.94 -28.17 -27.69
CA GLY A 455 27.39 -28.05 -26.32
C GLY A 455 27.63 -26.60 -25.93
N ASN A 456 28.67 -26.38 -25.12
CA ASN A 456 29.01 -25.04 -24.66
C ASN A 456 29.67 -24.20 -25.73
N ASP A 457 30.21 -24.82 -26.78
CA ASP A 457 30.85 -24.08 -27.85
C ASP A 457 29.86 -23.36 -28.76
N ARG A 458 28.56 -23.66 -28.60
CA ARG A 458 27.51 -22.96 -29.32
C ARG A 458 27.45 -21.48 -28.95
N PHE A 459 27.78 -21.13 -27.71
CA PHE A 459 27.53 -19.81 -27.16
C PHE A 459 28.80 -18.97 -27.18
N GLU A 460 28.62 -17.69 -27.49
CA GLU A 460 29.72 -16.73 -27.43
C GLU A 460 29.12 -15.39 -26.99
N GLY A 461 29.99 -14.43 -26.75
CA GLY A 461 29.56 -13.12 -26.35
C GLY A 461 30.34 -12.64 -25.14
N TYR A 462 29.72 -11.74 -24.39
CA TYR A 462 30.37 -11.18 -23.20
C TYR A 462 30.31 -12.16 -22.03
N CYS A 463 29.10 -12.57 -21.66
CA CYS A 463 28.88 -13.21 -20.37
C CYS A 463 29.48 -14.60 -20.27
N ILE A 464 29.51 -15.35 -21.37
CA ILE A 464 30.21 -16.64 -21.31
C ILE A 464 31.72 -16.41 -21.35
N ASP A 465 32.19 -15.34 -21.99
CA ASP A 465 33.60 -15.02 -21.93
C ASP A 465 33.97 -14.48 -20.56
N LEU A 466 33.01 -13.89 -19.84
CA LEU A 466 33.17 -13.67 -18.41
C LEU A 466 33.23 -14.98 -17.65
N LEU A 467 32.33 -15.91 -17.98
CA LEU A 467 32.22 -17.15 -17.23
C LEU A 467 33.40 -18.08 -17.46
N ARG A 468 34.06 -17.99 -18.62
CA ARG A 468 35.32 -18.71 -18.79
C ARG A 468 36.42 -18.14 -17.90
N GLU A 469 36.35 -16.84 -17.60
CA GLU A 469 37.29 -16.28 -16.64
C GLU A 469 36.94 -16.64 -15.22
N LEU A 470 35.65 -16.74 -14.90
CA LEU A 470 35.26 -17.17 -13.57
C LEU A 470 35.59 -18.63 -13.35
N SER A 471 35.48 -19.44 -14.39
CA SER A 471 35.81 -20.86 -14.27
CA SER A 471 35.81 -20.86 -14.27
C SER A 471 37.32 -21.08 -14.16
N THR A 472 38.11 -20.16 -14.73
CA THR A 472 39.56 -20.28 -14.61
C THR A 472 40.03 -19.93 -13.20
N ILE A 473 39.41 -18.92 -12.59
CA ILE A 473 39.81 -18.48 -11.26
C ILE A 473 39.35 -19.47 -10.20
N LEU A 474 38.03 -19.72 -10.15
CA LEU A 474 37.49 -20.54 -9.08
C LEU A 474 37.71 -22.03 -9.32
N GLY A 475 37.98 -22.42 -10.56
CA GLY A 475 38.28 -23.81 -10.86
C GLY A 475 37.07 -24.72 -10.77
N PHE A 476 36.05 -24.45 -11.59
CA PHE A 476 34.88 -25.30 -11.65
C PHE A 476 34.54 -25.59 -13.11
N THR A 477 33.70 -26.59 -13.31
CA THR A 477 33.17 -26.91 -14.63
C THR A 477 31.72 -26.43 -14.70
N TYR A 478 31.34 -25.91 -15.87
CA TYR A 478 30.02 -25.33 -16.03
C TYR A 478 29.35 -25.93 -17.26
N GLU A 479 28.03 -26.05 -17.20
CA GLU A 479 27.24 -26.48 -18.36
C GLU A 479 26.22 -25.38 -18.64
N ILE A 480 26.34 -24.74 -19.80
CA ILE A 480 25.39 -23.69 -20.18
C ILE A 480 24.06 -24.33 -20.53
N ARG A 481 23.00 -23.84 -19.89
CA ARG A 481 21.65 -24.30 -20.17
C ARG A 481 20.74 -23.09 -20.27
N LEU A 482 20.40 -22.70 -21.49
CA LEU A 482 19.63 -21.49 -21.74
C LEU A 482 18.22 -21.63 -21.19
N VAL A 483 17.62 -20.49 -20.82
CA VAL A 483 16.39 -20.48 -20.04
C VAL A 483 15.23 -20.94 -20.91
N GLU A 484 14.30 -21.69 -20.30
CA GLU A 484 13.20 -22.28 -21.04
C GLU A 484 12.15 -21.23 -21.43
N ASP A 485 11.61 -20.52 -20.44
CA ASP A 485 10.50 -19.60 -20.67
C ASP A 485 10.92 -18.21 -21.14
N GLY A 486 12.18 -18.04 -21.55
CA GLY A 486 12.61 -16.90 -22.35
C GLY A 486 12.55 -15.53 -21.72
N LYS A 487 12.25 -15.43 -20.43
CA LYS A 487 12.17 -14.14 -19.76
C LYS A 487 13.35 -13.98 -18.81
N TYR A 488 13.39 -12.84 -18.11
CA TYR A 488 14.40 -12.70 -17.07
C TYR A 488 13.82 -13.06 -15.71
N GLY A 489 12.82 -12.31 -15.28
CA GLY A 489 12.15 -12.56 -14.03
C GLY A 489 11.19 -11.48 -13.63
N ALA A 490 9.98 -11.88 -13.22
CA ALA A 490 8.96 -10.96 -12.77
C ALA A 490 7.97 -11.73 -11.93
N GLN A 491 7.48 -11.08 -10.87
CA GLN A 491 6.53 -11.72 -9.97
C GLN A 491 5.12 -11.39 -10.40
N ASP A 492 4.41 -12.39 -10.91
CA ASP A 492 3.02 -12.19 -11.31
C ASP A 492 2.12 -12.08 -10.09
N ASP A 493 1.88 -10.84 -9.65
CA ASP A 493 1.37 -10.43 -8.34
C ASP A 493 0.18 -11.21 -7.77
N VAL A 494 -0.72 -11.67 -8.64
CA VAL A 494 -1.93 -12.35 -8.20
C VAL A 494 -1.59 -13.73 -7.65
N ASN A 495 -0.98 -14.57 -8.49
CA ASN A 495 -0.63 -15.93 -8.14
C ASN A 495 0.83 -16.09 -7.73
N GLY A 496 1.35 -15.13 -6.95
CA GLY A 496 2.74 -14.67 -7.00
C GLY A 496 3.83 -15.71 -7.05
N GLN A 497 4.46 -15.83 -8.22
CA GLN A 497 5.58 -16.71 -8.49
C GLN A 497 6.48 -16.01 -9.47
N TRP A 498 7.72 -16.48 -9.55
CA TRP A 498 8.68 -15.88 -10.47
C TRP A 498 8.72 -16.66 -11.76
N ASN A 499 9.32 -16.03 -12.77
CA ASN A 499 9.49 -16.65 -14.08
C ASN A 499 10.90 -16.35 -14.57
N GLY A 500 11.19 -16.79 -15.80
CA GLY A 500 12.46 -16.44 -16.41
C GLY A 500 13.63 -17.16 -15.76
N MET A 501 14.69 -16.39 -15.49
CA MET A 501 15.87 -16.96 -14.84
C MET A 501 15.76 -16.92 -13.32
N VAL A 502 14.92 -16.04 -12.78
CA VAL A 502 14.72 -15.96 -11.33
C VAL A 502 14.05 -17.23 -10.83
N ARG A 503 13.09 -17.77 -11.60
CA ARG A 503 12.46 -19.03 -11.24
C ARG A 503 13.43 -20.20 -11.39
N GLU A 504 14.39 -20.09 -12.31
CA GLU A 504 15.42 -21.12 -12.45
C GLU A 504 16.34 -21.17 -11.24
N LEU A 505 16.51 -20.05 -10.53
CA LEU A 505 17.39 -19.99 -9.37
C LEU A 505 16.68 -20.44 -8.10
N ILE A 506 15.42 -20.05 -7.93
CA ILE A 506 14.69 -20.38 -6.71
C ILE A 506 14.39 -21.88 -6.65
N ASP A 507 14.06 -22.47 -7.79
CA ASP A 507 13.77 -23.90 -7.85
C ASP A 507 15.03 -24.76 -7.91
N HIS A 508 16.21 -24.13 -7.85
CA HIS A 508 17.53 -24.78 -7.86
C HIS A 508 17.77 -25.61 -9.12
N LYS A 509 17.05 -25.31 -10.21
CA LYS A 509 17.38 -25.91 -11.49
C LYS A 509 18.69 -25.34 -12.01
N ALA A 510 18.94 -24.08 -11.74
CA ALA A 510 20.21 -23.42 -12.05
C ALA A 510 21.10 -23.45 -10.82
N ASP A 511 22.34 -23.02 -11.02
CA ASP A 511 23.24 -22.72 -9.91
C ASP A 511 23.77 -21.31 -10.06
N LEU A 512 23.89 -20.83 -11.28
CA LEU A 512 24.32 -19.47 -11.56
C LEU A 512 23.31 -18.81 -12.49
N ALA A 513 23.49 -17.51 -12.71
CA ALA A 513 22.64 -16.75 -13.60
C ALA A 513 23.48 -15.75 -14.39
N VAL A 514 24.59 -16.23 -14.98
CA VAL A 514 25.56 -15.36 -15.63
C VAL A 514 24.92 -14.84 -16.91
N ALA A 515 24.39 -13.63 -16.85
CA ALA A 515 23.44 -13.09 -17.81
C ALA A 515 23.17 -11.63 -17.48
N PRO A 516 22.54 -10.85 -18.37
CA PRO A 516 22.14 -9.49 -17.97
C PRO A 516 21.00 -9.46 -16.97
N LEU A 517 21.26 -9.88 -15.73
CA LEU A 517 20.24 -9.92 -14.70
C LEU A 517 20.48 -8.75 -13.75
N ALA A 518 19.70 -7.69 -13.91
CA ALA A 518 19.95 -6.45 -13.18
C ALA A 518 19.54 -6.59 -11.73
N ILE A 519 20.39 -6.07 -10.84
CA ILE A 519 20.17 -6.13 -9.40
C ILE A 519 19.12 -5.08 -9.05
N THR A 520 17.94 -5.53 -8.66
CA THR A 520 16.89 -4.64 -8.22
C THR A 520 16.47 -4.99 -6.79
N TYR A 521 15.51 -4.22 -6.28
CA TYR A 521 15.03 -4.40 -4.92
C TYR A 521 14.27 -5.70 -4.76
N VAL A 522 13.27 -5.93 -5.61
CA VAL A 522 12.38 -7.08 -5.43
C VAL A 522 13.02 -8.39 -5.83
N ARG A 523 14.12 -8.36 -6.58
CA ARG A 523 14.79 -9.61 -6.93
C ARG A 523 15.73 -10.07 -5.84
N GLU A 524 16.41 -9.16 -5.16
CA GLU A 524 17.48 -9.54 -4.25
C GLU A 524 16.92 -10.07 -2.93
N LYS A 525 15.61 -9.94 -2.71
CA LYS A 525 15.01 -10.60 -1.57
C LYS A 525 14.97 -12.12 -1.73
N VAL A 526 14.71 -12.62 -2.93
CA VAL A 526 14.43 -14.03 -3.13
C VAL A 526 15.63 -14.78 -3.69
N ILE A 527 16.55 -14.08 -4.36
CA ILE A 527 17.81 -14.68 -4.79
C ILE A 527 18.94 -13.82 -4.25
N ASP A 528 20.16 -14.33 -4.36
CA ASP A 528 21.33 -13.64 -3.85
C ASP A 528 22.23 -13.27 -5.02
N PHE A 529 22.26 -11.99 -5.35
CA PHE A 529 23.16 -11.53 -6.39
C PHE A 529 24.58 -11.47 -5.89
N SER A 530 25.51 -11.53 -6.83
CA SER A 530 26.90 -11.21 -6.53
C SER A 530 27.07 -9.69 -6.56
N LYS A 531 28.31 -9.24 -6.60
CA LYS A 531 28.57 -7.82 -6.57
C LYS A 531 28.94 -7.39 -7.97
N PRO A 532 28.36 -6.27 -8.47
CA PRO A 532 28.19 -6.09 -9.92
C PRO A 532 29.45 -6.07 -10.74
N PHE A 533 29.33 -6.59 -11.97
CA PHE A 533 30.43 -6.55 -12.93
C PHE A 533 30.21 -5.54 -14.04
N MET A 534 29.12 -4.79 -14.03
CA MET A 534 28.86 -3.76 -15.01
C MET A 534 27.82 -2.81 -14.45
N THR A 535 28.02 -1.52 -14.70
CA THR A 535 27.14 -0.48 -14.16
CA THR A 535 27.14 -0.48 -14.16
C THR A 535 26.11 -0.09 -15.22
N LEU A 536 24.88 0.09 -14.79
CA LEU A 536 23.75 0.28 -15.69
C LEU A 536 23.11 1.66 -15.52
N GLY A 537 21.99 1.83 -16.22
CA GLY A 537 21.09 2.93 -16.05
C GLY A 537 19.97 2.83 -17.07
N ILE A 538 18.74 3.10 -16.66
CA ILE A 538 17.63 3.13 -17.60
C ILE A 538 17.72 4.42 -18.41
N SER A 539 17.61 4.31 -19.73
CA SER A 539 17.68 5.47 -20.59
C SER A 539 16.76 5.28 -21.78
N ILE A 540 16.74 6.28 -22.65
CA ILE A 540 15.77 6.35 -23.74
C ILE A 540 16.50 6.16 -25.06
N LEU A 541 16.05 5.18 -25.85
CA LEU A 541 16.61 4.93 -27.17
C LEU A 541 15.67 5.53 -28.20
N TYR A 542 16.22 6.28 -29.15
CA TYR A 542 15.40 7.02 -30.11
C TYR A 542 16.25 7.36 -31.32
N ARG A 543 15.57 7.61 -32.45
CA ARG A 543 16.27 7.87 -33.71
C ARG A 543 16.96 9.22 -33.69
N LYS A 544 18.10 9.30 -34.36
CA LYS A 544 18.72 10.58 -34.61
C LYS A 544 17.90 11.32 -35.67
N PRO A 545 17.58 12.59 -35.45
CA PRO A 545 17.00 13.39 -36.53
C PRO A 545 18.03 13.68 -37.61
N ASN A 546 17.55 13.62 -38.85
CA ASN A 546 18.37 13.79 -40.03
C ASN A 546 18.87 15.21 -40.17
N GLY A 547 20.18 15.37 -40.24
CA GLY A 547 20.80 16.65 -40.50
C GLY A 547 20.87 16.98 -41.97
N THR A 548 19.75 17.44 -42.54
CA THR A 548 19.69 17.83 -43.95
C THR A 548 20.65 18.99 -44.23
N ASN A 549 21.48 18.81 -45.24
CA ASN A 549 22.60 19.73 -45.45
C ASN A 549 22.14 21.05 -46.07
N PRO A 550 22.81 22.15 -45.75
CA PRO A 550 22.60 23.38 -46.51
C PRO A 550 23.26 23.30 -47.88
N GLY A 551 22.53 22.73 -48.85
CA GLY A 551 23.00 22.55 -50.22
C GLY A 551 23.57 23.79 -50.89
N VAL A 552 24.41 23.59 -51.91
CA VAL A 552 25.39 24.56 -52.37
C VAL A 552 24.80 25.85 -52.92
N PHE A 553 23.49 25.88 -53.15
CA PHE A 553 22.83 27.17 -53.38
C PHE A 553 22.21 27.70 -52.09
N SER A 554 23.02 27.76 -51.04
CA SER A 554 22.52 28.14 -49.72
C SER A 554 22.42 29.63 -49.54
N PHE A 555 23.21 30.42 -50.27
CA PHE A 555 23.26 31.85 -50.07
C PHE A 555 22.08 32.59 -50.68
N LEU A 556 21.21 31.90 -51.43
CA LEU A 556 19.99 32.53 -51.93
C LEU A 556 18.89 32.55 -50.88
N ASN A 557 19.04 31.72 -49.84
CA ASN A 557 18.06 31.65 -48.75
C ASN A 557 17.77 32.94 -47.97
N PRO A 558 18.71 33.88 -47.71
CA PRO A 558 18.33 35.07 -46.92
C PRO A 558 17.32 36.02 -47.56
N LEU A 559 17.00 35.87 -48.85
CA LEU A 559 15.89 36.61 -49.42
C LEU A 559 14.91 35.63 -50.06
N SER A 560 13.65 36.03 -50.08
CA SER A 560 12.60 35.22 -50.68
C SER A 560 12.77 35.19 -52.20
N PRO A 561 12.37 34.09 -52.85
CA PRO A 561 12.62 33.93 -54.29
C PRO A 561 11.85 34.92 -55.17
N ASP A 562 10.84 35.60 -54.66
CA ASP A 562 10.25 36.69 -55.41
C ASP A 562 11.00 38.01 -55.24
N ILE A 563 11.72 38.18 -54.13
CA ILE A 563 12.47 39.41 -53.91
C ILE A 563 13.68 39.45 -54.83
N TRP A 564 14.31 38.29 -55.08
CA TRP A 564 15.38 38.21 -56.06
C TRP A 564 14.89 38.57 -57.45
N MET A 565 13.64 38.25 -57.77
CA MET A 565 13.04 38.76 -58.99
C MET A 565 12.79 40.26 -58.89
N TYR A 566 12.32 40.72 -57.74
CA TYR A 566 11.96 42.13 -57.57
C TYR A 566 13.19 43.02 -57.59
N VAL A 567 14.33 42.52 -57.13
CA VAL A 567 15.58 43.25 -57.30
C VAL A 567 16.00 43.21 -58.77
N LEU A 568 15.80 42.08 -59.43
CA LEU A 568 16.15 41.96 -60.85
C LEU A 568 15.25 42.83 -61.72
N LEU A 569 13.95 42.86 -61.44
CA LEU A 569 13.07 43.80 -62.13
C LEU A 569 13.31 45.24 -61.73
N ALA A 570 13.93 45.49 -60.57
CA ALA A 570 14.34 46.86 -60.25
C ALA A 570 15.52 47.29 -61.11
N CYS A 571 16.60 46.51 -61.11
CA CYS A 571 17.79 46.88 -61.87
C CYS A 571 17.61 46.73 -63.37
N LEU A 572 16.59 46.01 -63.83
CA LEU A 572 16.17 46.10 -65.22
C LEU A 572 15.21 47.25 -65.45
N GLY A 573 14.58 47.74 -64.39
CA GLY A 573 13.66 48.85 -64.52
C GLY A 573 14.33 50.20 -64.33
N VAL A 574 15.04 50.37 -63.22
CA VAL A 574 15.69 51.64 -62.88
C VAL A 574 16.76 51.99 -63.91
N SER A 575 17.44 50.97 -64.45
CA SER A 575 18.38 51.21 -65.54
C SER A 575 17.67 51.69 -66.80
N CYS A 576 16.45 51.21 -67.04
CA CYS A 576 15.70 51.71 -68.20
C CYS A 576 15.11 53.09 -67.93
N VAL A 577 14.75 53.38 -66.68
CA VAL A 577 14.26 54.71 -66.32
C VAL A 577 15.38 55.74 -66.47
N LEU A 578 16.60 55.36 -66.11
CA LEU A 578 17.73 56.27 -66.21
C LEU A 578 18.07 56.60 -67.66
N PHE A 579 17.88 55.66 -68.58
CA PHE A 579 18.11 55.96 -69.99
C PHE A 579 17.04 56.89 -70.55
N VAL A 580 15.81 56.78 -70.04
CA VAL A 580 14.75 57.70 -70.46
C VAL A 580 15.08 59.11 -70.03
N ILE A 581 15.52 59.27 -68.78
CA ILE A 581 15.73 60.60 -68.22
C ILE A 581 17.01 61.24 -68.78
N ALA A 582 18.04 60.43 -69.04
CA ALA A 582 19.32 60.96 -69.52
C ALA A 582 19.20 61.54 -70.92
N ARG A 583 18.44 60.91 -71.80
CA ARG A 583 18.17 61.49 -73.10
C ARG A 583 17.22 62.67 -73.01
N PHE A 584 16.33 62.66 -72.01
CA PHE A 584 15.33 63.71 -71.88
C PHE A 584 15.89 64.94 -71.19
N SER A 585 16.78 64.76 -70.22
CA SER A 585 17.35 65.90 -69.52
C SER A 585 18.37 66.60 -70.40
N PRO A 586 18.26 67.92 -70.58
CA PRO A 586 19.21 68.65 -71.43
C PRO A 586 20.53 69.02 -70.77
N TYR A 587 20.81 68.57 -69.53
CA TYR A 587 22.09 68.84 -68.90
C TYR A 587 23.05 67.66 -68.96
N GLU A 588 22.55 66.44 -69.12
CA GLU A 588 23.42 65.30 -69.35
C GLU A 588 24.10 65.34 -70.71
N TRP A 589 23.60 66.19 -71.60
CA TRP A 589 24.28 66.49 -72.85
C TRP A 589 25.48 67.39 -72.54
N TYR A 590 26.65 66.79 -72.42
CA TYR A 590 27.90 67.51 -72.26
C TYR A 590 28.87 67.09 -73.36
N ASN A 591 29.86 67.91 -73.63
CA ASN A 591 30.93 67.52 -74.52
C ASN A 591 32.12 67.01 -73.72
N PRO A 592 32.71 65.84 -74.08
CA PRO A 592 33.81 65.29 -73.26
C PRO A 592 35.08 66.14 -73.24
N HIS A 593 35.78 66.22 -74.37
CA HIS A 593 36.60 67.28 -74.96
C HIS A 593 37.19 68.29 -73.98
N PRO A 594 38.20 67.94 -73.18
CA PRO A 594 38.74 68.88 -72.18
C PRO A 594 39.44 70.12 -72.75
N CYS A 595 39.50 70.33 -74.06
CA CYS A 595 40.31 71.39 -74.68
C CYS A 595 39.58 72.07 -75.84
N ASN A 596 38.92 73.20 -75.53
CA ASN A 596 38.46 74.24 -76.46
C ASN A 596 37.59 73.68 -77.59
N PRO A 597 36.31 73.40 -77.34
CA PRO A 597 35.46 72.78 -78.37
C PRO A 597 35.26 73.60 -79.63
N ASP A 598 34.85 74.85 -79.47
CA ASP A 598 34.67 75.92 -80.44
C ASP A 598 33.49 75.74 -81.39
N SER A 599 32.93 74.54 -81.55
CA SER A 599 31.54 74.49 -81.95
C SER A 599 30.66 73.54 -81.14
N ASP A 600 30.82 72.23 -81.39
CA ASP A 600 29.83 71.20 -81.04
C ASP A 600 30.42 69.79 -81.07
N VAL A 601 30.71 69.19 -79.91
CA VAL A 601 31.02 67.77 -79.79
C VAL A 601 30.22 67.14 -78.66
N VAL A 602 29.01 67.65 -78.42
CA VAL A 602 28.24 67.36 -77.21
C VAL A 602 27.72 65.93 -77.24
N GLU A 603 27.97 65.17 -76.17
CA GLU A 603 27.61 63.76 -76.08
C GLU A 603 26.70 63.48 -74.89
N ASN A 604 26.16 62.26 -74.87
CA ASN A 604 25.20 61.83 -73.86
C ASN A 604 25.52 60.40 -73.42
N ASN A 605 26.72 60.20 -72.87
CA ASN A 605 27.37 58.91 -72.62
C ASN A 605 26.53 57.76 -72.08
N PHE A 606 25.42 58.05 -71.42
CA PHE A 606 24.47 57.02 -71.02
C PHE A 606 23.81 56.41 -72.26
N THR A 607 24.28 55.22 -72.64
CA THR A 607 23.58 54.40 -73.61
C THR A 607 22.64 53.47 -72.84
N LEU A 608 22.11 52.44 -73.52
CA LEU A 608 21.49 51.35 -72.77
C LEU A 608 22.54 50.59 -71.97
N LEU A 609 23.62 50.19 -72.65
CA LEU A 609 24.66 49.35 -72.07
C LEU A 609 25.39 50.04 -70.93
N ASN A 610 25.42 51.38 -70.92
CA ASN A 610 25.97 52.11 -69.79
C ASN A 610 24.96 52.26 -68.66
N SER A 611 23.67 52.29 -69.00
CA SER A 611 22.65 52.49 -67.98
C SER A 611 22.44 51.26 -67.11
N PHE A 612 22.53 50.06 -67.70
CA PHE A 612 22.51 48.85 -66.88
C PHE A 612 23.75 48.76 -66.02
N TRP A 613 24.88 49.25 -66.53
CA TRP A 613 26.14 49.11 -65.84
C TRP A 613 26.22 50.04 -64.64
N PHE A 614 25.53 51.17 -64.67
CA PHE A 614 25.38 51.97 -63.46
C PHE A 614 24.43 51.29 -62.48
N GLY A 615 23.44 50.58 -62.99
CA GLY A 615 22.52 49.88 -62.11
C GLY A 615 23.14 48.66 -61.47
N VAL A 616 23.81 47.83 -62.29
CA VAL A 616 24.50 46.66 -61.76
C VAL A 616 25.70 47.07 -60.93
N GLY A 617 26.41 48.11 -61.36
CA GLY A 617 27.60 48.55 -60.65
C GLY A 617 27.32 49.12 -59.27
N ALA A 618 26.13 49.67 -59.07
CA ALA A 618 25.71 50.11 -57.75
C ALA A 618 25.07 48.99 -56.95
N LEU A 619 24.52 47.98 -57.62
CA LEU A 619 23.91 46.87 -56.91
C LEU A 619 24.94 45.98 -56.24
N MET A 620 26.13 45.87 -56.85
CA MET A 620 27.17 45.00 -56.32
C MET A 620 28.15 45.76 -55.43
N GLN A 621 27.77 46.97 -55.00
CA GLN A 621 28.51 47.86 -54.10
C GLN A 621 29.84 48.35 -54.65
N GLN A 622 30.15 48.07 -55.90
CA GLN A 622 31.45 48.43 -56.45
C GLN A 622 31.47 49.85 -57.00
N GLY A 623 30.39 50.29 -57.64
CA GLY A 623 30.36 51.62 -58.20
C GLY A 623 31.02 51.67 -59.56
N SER A 624 30.33 52.26 -60.53
CA SER A 624 30.86 52.31 -61.88
C SER A 624 31.81 53.49 -62.04
N GLU A 625 32.36 53.63 -63.24
CA GLU A 625 33.10 54.82 -63.60
C GLU A 625 32.20 55.96 -64.04
N LEU A 626 30.93 55.67 -64.29
CA LEU A 626 30.00 56.62 -64.87
C LEU A 626 29.14 57.23 -63.77
N MET A 627 29.10 58.55 -63.72
CA MET A 627 28.39 59.23 -62.67
C MET A 627 27.38 60.20 -63.26
N PRO A 628 26.18 60.29 -62.68
CA PRO A 628 25.18 61.22 -63.18
C PRO A 628 25.60 62.67 -62.94
N LYS A 629 25.23 63.52 -63.89
CA LYS A 629 25.61 64.93 -63.83
C LYS A 629 24.43 65.86 -63.65
N ALA A 630 23.38 65.72 -64.45
CA ALA A 630 22.17 66.49 -64.24
C ALA A 630 21.46 66.03 -62.97
N LEU A 631 20.79 66.97 -62.30
CA LEU A 631 20.00 66.64 -61.12
C LEU A 631 18.87 65.69 -61.45
N SER A 632 18.37 65.73 -62.69
CA SER A 632 17.33 64.82 -63.15
C SER A 632 17.77 63.35 -63.06
N THR A 633 19.07 63.10 -63.19
CA THR A 633 19.62 61.78 -63.00
C THR A 633 20.25 61.55 -61.63
N ARG A 634 20.42 62.60 -60.81
CA ARG A 634 21.03 62.39 -59.50
C ARG A 634 20.07 61.69 -58.53
N ILE A 635 18.78 62.04 -58.59
CA ILE A 635 17.79 61.39 -57.73
C ILE A 635 17.65 59.92 -58.08
N VAL A 636 17.72 59.60 -59.38
CA VAL A 636 17.77 58.21 -59.80
C VAL A 636 19.03 57.54 -59.28
N GLY A 637 20.16 58.24 -59.33
CA GLY A 637 21.35 57.74 -58.68
C GLY A 637 21.24 57.75 -57.17
N GLY A 638 20.47 58.69 -56.61
CA GLY A 638 20.35 58.79 -55.17
C GLY A 638 19.48 57.73 -54.56
N ILE A 639 18.30 57.48 -55.17
CA ILE A 639 17.38 56.50 -54.62
C ILE A 639 17.90 55.09 -54.85
N TRP A 640 18.56 54.85 -55.98
CA TRP A 640 19.06 53.51 -56.28
C TRP A 640 20.22 53.14 -55.37
N TRP A 641 21.04 54.11 -54.97
CA TRP A 641 22.06 53.83 -53.96
C TRP A 641 21.44 53.50 -52.62
N PHE A 642 20.40 54.23 -52.23
CA PHE A 642 19.71 53.92 -50.99
C PHE A 642 18.95 52.60 -51.09
N PHE A 643 18.51 52.23 -52.28
CA PHE A 643 17.86 50.94 -52.46
C PHE A 643 18.85 49.80 -52.26
N THR A 644 20.01 49.89 -52.90
CA THR A 644 21.03 48.86 -52.75
C THR A 644 21.72 48.91 -51.40
N LEU A 645 21.62 50.02 -50.69
CA LEU A 645 22.15 50.05 -49.33
C LEU A 645 21.31 49.19 -48.39
N ILE A 646 20.00 49.11 -48.63
CA ILE A 646 19.13 48.34 -47.75
C ILE A 646 19.10 46.87 -48.14
N ILE A 647 19.15 46.58 -49.45
CA ILE A 647 19.18 45.21 -49.94
C ILE A 647 20.41 44.47 -49.42
N ILE A 648 21.58 45.05 -49.59
CA ILE A 648 22.81 44.38 -49.20
C ILE A 648 22.92 44.29 -47.68
N SER A 649 22.47 45.32 -46.96
CA SER A 649 22.51 45.27 -45.51
C SER A 649 21.52 44.26 -44.95
N SER A 650 20.33 44.14 -45.55
CA SER A 650 19.39 43.12 -45.11
C SER A 650 19.86 41.74 -45.53
N TYR A 651 20.66 41.65 -46.58
CA TYR A 651 21.22 40.38 -46.99
C TYR A 651 22.27 39.89 -46.00
N THR A 652 23.18 40.78 -45.57
CA THR A 652 24.23 40.39 -44.65
C THR A 652 23.69 40.09 -43.26
N ALA A 653 22.74 40.88 -42.77
CA ALA A 653 22.22 40.67 -41.42
C ALA A 653 21.40 39.39 -41.33
N ASN A 654 20.75 38.99 -42.42
CA ASN A 654 19.98 37.75 -42.39
C ASN A 654 20.88 36.53 -42.55
N LEU A 655 21.90 36.62 -43.39
CA LEU A 655 22.77 35.49 -43.69
C LEU A 655 23.63 35.07 -42.52
N ALA A 656 23.79 35.92 -41.50
CA ALA A 656 24.44 35.47 -40.27
C ALA A 656 23.61 34.41 -39.57
N ALA A 657 22.28 34.50 -39.68
CA ALA A 657 21.42 33.49 -39.06
C ALA A 657 21.43 32.18 -39.85
N PHE A 658 21.65 32.25 -41.16
CA PHE A 658 21.53 31.05 -41.98
C PHE A 658 22.83 30.28 -42.14
N LEU A 659 23.97 30.92 -41.90
CA LEU A 659 25.20 30.12 -41.85
C LEU A 659 25.37 29.49 -40.49
N THR A 660 25.00 30.20 -39.42
CA THR A 660 24.92 29.65 -38.08
C THR A 660 23.66 28.78 -38.01
N VAL A 661 23.78 27.58 -38.56
CA VAL A 661 22.66 26.64 -38.67
C VAL A 661 22.35 26.14 -37.27
N GLU A 662 21.16 26.44 -36.78
CA GLU A 662 20.70 25.88 -35.51
C GLU A 662 20.49 24.39 -35.69
N ARG A 663 21.09 23.60 -34.81
CA ARG A 663 21.26 22.17 -35.05
C ARG A 663 19.97 21.40 -34.88
N MET A 664 20.06 20.08 -35.07
CA MET A 664 18.91 19.22 -34.89
C MET A 664 18.50 19.17 -33.42
N GLU A 665 17.22 19.42 -33.17
CA GLU A 665 16.68 19.60 -31.83
C GLU A 665 15.37 18.84 -31.69
N SER A 666 15.39 17.54 -32.02
CA SER A 666 14.29 16.59 -31.84
C SER A 666 13.70 16.70 -30.44
N PRO A 667 12.40 16.99 -30.32
CA PRO A 667 11.88 17.58 -29.08
C PRO A 667 11.71 16.63 -27.91
N ILE A 668 12.68 15.76 -27.68
CA ILE A 668 12.79 14.95 -26.48
C ILE A 668 14.22 15.13 -25.97
N ASP A 669 14.35 15.56 -24.72
CA ASP A 669 15.68 15.76 -24.16
C ASP A 669 15.89 15.00 -22.85
N SER A 670 14.83 14.68 -22.13
CA SER A 670 14.94 14.00 -20.85
C SER A 670 13.64 13.25 -20.61
N ALA A 671 13.50 12.73 -19.39
CA ALA A 671 12.26 12.07 -19.01
C ALA A 671 11.10 13.05 -18.86
N ASP A 672 11.38 14.30 -18.53
CA ASP A 672 10.32 15.29 -18.37
C ASP A 672 9.68 15.65 -19.71
N ASP A 673 10.48 15.73 -20.77
CA ASP A 673 9.94 16.02 -22.09
C ASP A 673 9.20 14.81 -22.64
N LEU A 674 9.71 13.61 -22.38
CA LEU A 674 9.11 12.40 -22.93
C LEU A 674 7.84 12.00 -22.20
N ALA A 675 7.67 12.43 -20.96
CA ALA A 675 6.43 12.14 -20.25
C ALA A 675 5.33 13.11 -20.64
N LYS A 676 5.68 14.36 -20.95
CA LYS A 676 4.70 15.40 -21.23
C LYS A 676 4.38 15.50 -22.72
N GLN A 677 4.05 14.39 -23.36
CA GLN A 677 3.69 14.34 -24.77
C GLN A 677 2.97 13.03 -25.03
N THR A 678 2.13 13.02 -26.07
CA THR A 678 1.49 11.81 -26.54
C THR A 678 1.77 11.53 -28.01
N LYS A 679 2.66 12.31 -28.63
CA LYS A 679 2.98 12.10 -30.03
C LYS A 679 3.85 10.86 -30.23
N ILE A 680 4.84 10.67 -29.36
CA ILE A 680 5.77 9.56 -29.45
C ILE A 680 5.32 8.50 -28.44
N GLU A 681 4.99 7.31 -28.94
CA GLU A 681 4.71 6.19 -28.06
C GLU A 681 6.00 5.72 -27.42
N TYR A 682 5.90 5.21 -26.20
CA TYR A 682 7.07 4.75 -25.47
C TYR A 682 6.72 3.60 -24.53
N GLY A 683 7.62 2.64 -24.47
CA GLY A 683 7.49 1.51 -23.57
C GLY A 683 8.84 0.90 -23.26
N ALA A 684 8.81 -0.36 -22.85
CA ALA A 684 10.02 -1.07 -22.46
C ALA A 684 9.75 -2.57 -22.66
N VAL A 685 10.75 -3.38 -22.31
CA VAL A 685 10.60 -4.83 -22.37
C VAL A 685 9.69 -5.25 -21.23
N GLU A 686 8.63 -6.00 -21.54
CA GLU A 686 7.76 -6.50 -20.50
C GLU A 686 8.45 -7.63 -19.75
N ASP A 687 8.08 -7.78 -18.47
CA ASP A 687 8.73 -8.65 -17.49
C ASP A 687 10.23 -8.39 -17.42
N GLY A 688 10.55 -7.11 -17.25
CA GLY A 688 11.92 -6.69 -17.08
C GLY A 688 12.04 -5.72 -15.91
N ALA A 689 13.25 -5.24 -15.68
CA ALA A 689 13.46 -4.32 -14.57
C ALA A 689 12.89 -2.95 -14.84
N THR A 690 12.89 -2.49 -16.10
CA THR A 690 12.39 -1.15 -16.41
C THR A 690 10.88 -1.08 -16.25
N MET A 691 10.17 -2.12 -16.70
CA MET A 691 8.74 -2.23 -16.40
C MET A 691 8.50 -2.30 -14.90
N THR A 692 9.34 -3.04 -14.19
CA THR A 692 9.23 -3.14 -12.74
C THR A 692 9.61 -1.82 -12.07
N PHE A 693 10.49 -1.05 -12.69
CA PHE A 693 10.91 0.22 -12.12
C PHE A 693 9.77 1.23 -12.11
N PHE A 694 9.10 1.42 -13.24
CA PHE A 694 8.01 2.39 -13.29
C PHE A 694 6.76 1.90 -12.59
N LYS A 695 6.61 0.58 -12.46
CA LYS A 695 5.43 0.03 -11.77
C LYS A 695 5.46 0.37 -10.29
N LYS A 696 6.62 0.31 -9.67
CA LYS A 696 6.77 0.59 -8.25
C LYS A 696 7.44 1.92 -8.00
N SER A 697 7.39 2.83 -8.98
CA SER A 697 7.94 4.16 -8.80
C SER A 697 6.93 5.07 -8.12
N LYS A 698 7.44 6.02 -7.35
CA LYS A 698 6.62 7.04 -6.71
C LYS A 698 7.04 8.44 -7.11
N ILE A 699 7.97 8.57 -8.06
CA ILE A 699 8.29 9.86 -8.64
C ILE A 699 7.12 10.31 -9.52
N SER A 700 6.76 11.59 -9.40
CA SER A 700 5.58 12.12 -10.09
C SER A 700 5.75 12.10 -11.60
N THR A 701 6.96 12.33 -12.10
CA THR A 701 7.21 12.20 -13.52
C THR A 701 7.12 10.75 -13.97
N TYR A 702 7.70 9.84 -13.19
CA TYR A 702 7.82 8.45 -13.62
C TYR A 702 6.52 7.69 -13.42
N ASP A 703 5.66 8.17 -12.52
CA ASP A 703 4.34 7.57 -12.38
C ASP A 703 3.45 7.92 -13.56
N LYS A 704 3.68 9.08 -14.19
CA LYS A 704 2.95 9.44 -15.40
C LYS A 704 3.26 8.48 -16.54
N MET A 705 4.52 8.01 -16.63
CA MET A 705 4.88 7.06 -17.66
C MET A 705 4.21 5.72 -17.45
N TRP A 706 4.16 5.22 -16.22
CA TRP A 706 3.46 3.97 -15.98
C TRP A 706 1.95 4.14 -16.05
N ALA A 707 1.43 5.33 -15.76
CA ALA A 707 0.04 5.63 -16.07
C ALA A 707 -0.21 5.60 -17.57
N PHE A 708 0.78 6.00 -18.36
CA PHE A 708 0.68 5.87 -19.81
C PHE A 708 0.81 4.41 -20.23
N MET A 709 1.88 3.73 -19.79
CA MET A 709 2.21 2.40 -20.28
C MET A 709 1.20 1.34 -19.89
N SER A 710 0.51 1.51 -18.76
CA SER A 710 -0.42 0.46 -18.33
C SER A 710 -1.70 0.45 -19.15
N SER A 711 -2.04 1.57 -19.78
CA SER A 711 -3.27 1.65 -20.56
C SER A 711 -3.13 0.90 -21.87
N ARG A 712 -2.20 1.34 -22.71
CA ARG A 712 -1.93 0.65 -23.98
C ARG A 712 -0.78 -0.35 -23.83
N ARG A 713 -0.97 -1.24 -22.85
CA ARG A 713 0.07 -2.20 -22.44
C ARG A 713 0.36 -3.21 -23.55
N GLN A 714 -0.63 -3.59 -24.32
CA GLN A 714 -0.43 -4.50 -25.45
C GLN A 714 0.42 -3.90 -26.55
N SER A 715 0.37 -2.57 -26.73
CA SER A 715 1.03 -1.94 -27.87
C SER A 715 2.46 -1.51 -27.58
N VAL A 716 2.70 -0.84 -26.46
CA VAL A 716 3.99 -0.19 -26.27
C VAL A 716 5.00 -1.06 -25.52
N LEU A 717 4.55 -2.08 -24.81
CA LEU A 717 5.46 -2.97 -24.10
C LEU A 717 5.79 -4.15 -24.99
N VAL A 718 6.96 -4.11 -25.62
CA VAL A 718 7.42 -5.16 -26.51
C VAL A 718 7.94 -6.34 -25.70
N LYS A 719 8.22 -7.45 -26.36
CA LYS A 719 8.58 -8.68 -25.66
C LYS A 719 10.07 -8.84 -25.44
N SER A 720 10.90 -8.15 -26.20
CA SER A 720 12.35 -8.33 -26.11
C SER A 720 13.04 -7.02 -26.46
N ASN A 721 14.37 -7.01 -26.30
CA ASN A 721 15.15 -5.85 -26.71
C ASN A 721 15.14 -5.69 -28.22
N GLU A 722 15.22 -6.80 -28.96
CA GLU A 722 15.33 -6.74 -30.42
C GLU A 722 14.04 -6.23 -31.04
N GLU A 723 12.89 -6.57 -30.46
CA GLU A 723 11.63 -5.97 -30.89
C GLU A 723 11.52 -4.51 -30.48
N GLY A 724 12.19 -4.10 -29.42
CA GLY A 724 12.19 -2.71 -29.04
C GLY A 724 13.05 -1.85 -29.94
N ILE A 725 14.19 -2.38 -30.36
CA ILE A 725 15.08 -1.66 -31.26
C ILE A 725 14.44 -1.49 -32.63
N GLN A 726 13.77 -2.55 -33.11
CA GLN A 726 13.19 -2.55 -34.45
C GLN A 726 12.02 -1.59 -34.56
N ARG A 727 11.21 -1.46 -33.51
CA ARG A 727 10.09 -0.53 -33.56
C ARG A 727 10.51 0.92 -33.39
N VAL A 728 11.73 1.20 -32.96
CA VAL A 728 12.24 2.55 -33.05
C VAL A 728 12.59 2.88 -34.49
N LEU A 729 13.19 1.92 -35.20
CA LEU A 729 13.50 2.09 -36.61
C LEU A 729 12.25 2.20 -37.46
N THR A 730 11.30 1.30 -37.28
CA THR A 730 10.20 1.15 -38.22
C THR A 730 8.97 1.96 -37.82
N SER A 731 9.09 2.79 -36.79
CA SER A 731 7.97 3.63 -36.38
C SER A 731 8.45 4.86 -35.63
N ASP A 732 7.51 5.61 -35.07
CA ASP A 732 7.80 6.75 -34.20
C ASP A 732 7.67 6.31 -32.75
N TYR A 733 8.79 5.92 -32.17
CA TYR A 733 8.78 5.20 -30.90
C TYR A 733 10.10 5.43 -30.18
N ALA A 734 10.00 5.80 -28.89
CA ALA A 734 11.15 5.96 -28.01
C ALA A 734 11.14 4.78 -27.05
N PHE A 735 12.29 4.17 -26.83
CA PHE A 735 12.33 2.90 -26.11
C PHE A 735 13.14 3.03 -24.82
N LEU A 736 12.57 2.54 -23.73
CA LEU A 736 13.21 2.59 -22.41
C LEU A 736 13.97 1.30 -22.20
N MET A 737 15.27 1.41 -21.93
CA MET A 737 16.13 0.24 -21.85
C MET A 737 17.39 0.59 -21.07
N GLU A 738 18.28 -0.39 -20.95
CA GLU A 738 19.49 -0.27 -20.15
C GLU A 738 20.51 0.58 -20.89
N SER A 739 21.44 1.14 -20.13
CA SER A 739 22.45 2.02 -20.73
C SER A 739 23.49 1.24 -21.52
N THR A 740 23.90 0.09 -21.02
CA THR A 740 24.99 -0.64 -21.68
C THR A 740 24.57 -1.30 -22.97
N THR A 741 23.29 -1.65 -23.10
CA THR A 741 22.84 -2.23 -24.36
C THR A 741 22.65 -1.15 -25.42
N ILE A 742 22.35 0.08 -24.98
CA ILE A 742 22.40 1.24 -25.88
C ILE A 742 23.82 1.45 -26.40
N GLU A 743 24.83 1.23 -25.54
CA GLU A 743 26.23 1.40 -25.94
C GLU A 743 26.66 0.43 -27.02
N PHE A 744 25.98 -0.70 -27.17
CA PHE A 744 26.28 -1.60 -28.28
C PHE A 744 25.51 -1.21 -29.53
N VAL A 745 24.28 -0.70 -29.37
CA VAL A 745 23.45 -0.43 -30.53
C VAL A 745 23.89 0.86 -31.22
N THR A 746 24.16 1.90 -30.45
CA THR A 746 24.56 3.18 -31.04
C THR A 746 25.95 3.13 -31.65
N GLN A 747 26.78 2.16 -31.29
CA GLN A 747 28.02 1.95 -32.03
C GLN A 747 27.81 1.12 -33.28
N ARG A 748 26.59 0.62 -33.51
CA ARG A 748 26.29 -0.20 -34.67
C ARG A 748 25.38 0.53 -35.65
N ASN A 749 24.39 1.27 -35.15
CA ASN A 749 23.50 2.06 -35.97
C ASN A 749 23.71 3.53 -35.66
N CYS A 750 24.22 4.29 -36.63
CA CYS A 750 24.52 5.69 -36.43
C CYS A 750 23.37 6.60 -36.80
N ASN A 751 22.14 6.12 -36.77
CA ASN A 751 20.96 6.94 -37.04
C ASN A 751 20.04 7.00 -35.83
N LEU A 752 20.54 6.62 -34.68
CA LEU A 752 19.72 6.21 -33.55
C LEU A 752 20.57 6.27 -32.29
N THR A 753 20.19 7.16 -31.37
CA THR A 753 21.09 7.54 -30.29
C THR A 753 20.38 7.51 -28.95
N GLN A 754 21.18 7.68 -27.90
CA GLN A 754 20.69 7.79 -26.53
C GLN A 754 20.16 9.20 -26.31
N ILE A 755 18.98 9.29 -25.70
CA ILE A 755 18.37 10.58 -25.39
C ILE A 755 18.39 10.76 -23.88
N GLY A 756 19.07 11.80 -23.43
CA GLY A 756 19.08 12.17 -22.03
C GLY A 756 20.03 11.35 -21.20
N GLY A 757 20.12 11.73 -19.93
CA GLY A 757 21.00 11.07 -18.98
C GLY A 757 20.39 9.81 -18.42
N LEU A 758 21.12 9.21 -17.49
CA LEU A 758 20.69 7.98 -16.87
C LEU A 758 19.60 8.27 -15.85
N ILE A 759 18.50 7.53 -15.93
CA ILE A 759 17.40 7.70 -14.98
C ILE A 759 17.81 7.19 -13.60
N ASP A 760 18.26 5.95 -13.52
CA ASP A 760 18.70 5.36 -12.27
C ASP A 760 20.11 4.81 -12.45
N SER A 761 20.58 4.07 -11.45
CA SER A 761 21.82 3.34 -11.57
C SER A 761 21.59 1.94 -11.00
N LYS A 762 22.00 0.93 -11.77
CA LYS A 762 21.81 -0.46 -11.41
C LYS A 762 23.09 -1.20 -11.75
N GLY A 763 23.01 -2.52 -11.74
CA GLY A 763 24.17 -3.33 -12.04
C GLY A 763 23.79 -4.76 -12.40
N TYR A 764 24.49 -5.28 -13.39
CA TYR A 764 24.43 -6.69 -13.74
C TYR A 764 25.21 -7.48 -12.70
N GLY A 765 24.53 -8.37 -12.00
CA GLY A 765 25.18 -9.23 -11.02
C GLY A 765 24.92 -10.68 -11.34
N VAL A 766 25.92 -11.51 -11.09
CA VAL A 766 25.79 -12.95 -11.26
C VAL A 766 24.84 -13.48 -10.20
N GLY A 767 23.65 -13.91 -10.62
CA GLY A 767 22.67 -14.37 -9.67
C GLY A 767 23.01 -15.76 -9.14
N THR A 768 22.78 -15.95 -7.86
CA THR A 768 22.92 -17.22 -7.16
C THR A 768 21.64 -17.47 -6.41
N PRO A 769 21.33 -18.73 -6.07
CA PRO A 769 20.15 -19.01 -5.26
C PRO A 769 20.26 -18.45 -3.84
N MET A 770 19.15 -18.53 -3.10
CA MET A 770 19.05 -17.85 -1.82
C MET A 770 19.90 -18.55 -0.77
N GLY A 771 21.18 -18.21 -0.73
CA GLY A 771 22.11 -18.87 0.17
C GLY A 771 22.95 -19.89 -0.57
N SER A 772 24.17 -19.52 -0.93
CA SER A 772 25.03 -20.39 -1.71
C SER A 772 26.47 -20.19 -1.32
N PRO A 773 27.32 -21.21 -1.45
CA PRO A 773 28.76 -21.01 -1.23
C PRO A 773 29.45 -20.36 -2.42
N TYR A 774 28.75 -20.11 -3.50
CA TYR A 774 29.33 -19.52 -4.69
C TYR A 774 29.08 -18.02 -4.82
N ARG A 775 28.34 -17.41 -3.90
CA ARG A 775 28.17 -15.96 -3.98
C ARG A 775 29.45 -15.24 -3.60
N ASP A 776 30.06 -15.62 -2.48
CA ASP A 776 31.25 -14.93 -2.00
C ASP A 776 32.47 -15.27 -2.84
N LYS A 777 32.49 -16.45 -3.47
CA LYS A 777 33.63 -16.82 -4.30
C LYS A 777 33.64 -16.06 -5.61
N ILE A 778 32.47 -15.71 -6.14
CA ILE A 778 32.41 -14.91 -7.34
C ILE A 778 32.61 -13.43 -7.03
N THR A 779 32.17 -12.98 -5.85
CA THR A 779 32.39 -11.61 -5.42
C THR A 779 33.89 -11.30 -5.29
N ILE A 780 34.65 -12.26 -4.76
CA ILE A 780 36.11 -12.21 -4.87
C ILE A 780 36.54 -12.21 -6.33
N ALA A 781 35.96 -13.10 -7.14
CA ALA A 781 36.43 -13.31 -8.50
C ALA A 781 36.09 -12.16 -9.44
N ILE A 782 35.00 -11.42 -9.19
CA ILE A 782 34.71 -10.25 -10.01
C ILE A 782 35.65 -9.11 -9.68
N LEU A 783 35.94 -8.90 -8.39
CA LEU A 783 36.83 -7.83 -7.97
C LEU A 783 38.27 -8.08 -8.42
N GLN A 784 38.65 -9.34 -8.59
CA GLN A 784 39.98 -9.65 -9.12
C GLN A 784 40.09 -9.26 -10.58
N LEU A 785 39.00 -9.38 -11.33
CA LEU A 785 39.06 -9.11 -12.76
C LEU A 785 39.12 -7.62 -13.06
N GLN A 786 38.48 -6.78 -12.25
CA GLN A 786 38.43 -5.36 -12.59
C GLN A 786 39.70 -4.62 -12.18
N GLU A 787 40.44 -5.11 -11.18
CA GLU A 787 41.73 -4.50 -10.90
C GLU A 787 42.78 -4.96 -11.89
N GLU A 788 42.56 -6.10 -12.55
CA GLU A 788 43.40 -6.51 -13.65
C GLU A 788 42.94 -5.88 -14.96
N GLY A 789 41.84 -5.13 -14.92
CA GLY A 789 41.29 -4.49 -16.09
C GLY A 789 40.59 -5.41 -17.06
N LYS A 790 40.40 -6.68 -16.69
CA LYS A 790 39.86 -7.64 -17.65
C LYS A 790 38.38 -7.45 -17.88
N LEU A 791 37.66 -6.90 -16.92
CA LEU A 791 36.28 -6.49 -17.17
C LEU A 791 36.21 -5.33 -18.13
N HIS A 792 37.24 -4.48 -18.18
CA HIS A 792 37.30 -3.43 -19.18
C HIS A 792 37.79 -3.95 -20.51
N MET A 793 38.67 -4.96 -20.51
CA MET A 793 39.15 -5.51 -21.77
C MET A 793 38.07 -6.30 -22.49
N MET A 794 37.19 -6.95 -21.74
CA MET A 794 36.10 -7.70 -22.37
C MET A 794 35.01 -6.79 -22.89
N LYS A 795 34.78 -5.66 -22.23
CA LYS A 795 33.76 -4.73 -22.68
C LYS A 795 34.19 -4.03 -23.97
N GLU A 796 35.46 -3.68 -24.08
CA GLU A 796 35.96 -3.09 -25.33
C GLU A 796 35.99 -4.09 -26.46
N LYS A 797 36.04 -5.39 -26.15
CA LYS A 797 36.07 -6.40 -27.19
C LYS A 797 34.73 -6.52 -27.89
N TRP A 798 33.63 -6.29 -27.18
CA TRP A 798 32.31 -6.51 -27.75
C TRP A 798 31.58 -5.22 -28.10
N TRP A 799 31.57 -4.22 -27.21
CA TRP A 799 30.87 -2.97 -27.47
C TRP A 799 31.52 -2.09 -28.53
N ARG A 800 32.82 -2.25 -28.80
CA ARG A 800 33.43 -1.53 -29.90
C ARG A 800 33.08 -2.19 -31.22
N GLY A 801 32.34 -1.45 -32.05
CA GLY A 801 31.84 -1.98 -33.30
C GLY A 801 32.44 -1.30 -34.51
N ASN A 802 31.60 -0.57 -35.25
CA ASN A 802 32.03 0.04 -36.50
C ASN A 802 32.72 1.37 -36.23
N GLY A 803 32.71 1.80 -34.97
CA GLY A 803 33.26 3.10 -34.62
C GLY A 803 32.24 4.22 -34.65
N CYS A 804 31.21 4.10 -35.51
CA CYS A 804 30.05 4.98 -35.64
C CYS A 804 30.45 6.44 -35.83
N PRO A 805 30.66 6.91 -37.10
CA PRO A 805 30.82 8.36 -37.38
C PRO A 805 29.85 9.28 -36.61
N GLU A 806 30.42 10.16 -35.79
CA GLU A 806 29.86 10.39 -34.45
C GLU A 806 28.80 11.49 -34.41
N GLU A 807 29.15 12.72 -34.79
CA GLU A 807 28.41 13.91 -34.40
C GLU A 807 29.03 15.08 -35.16
N GLU A 808 28.22 16.13 -35.38
CA GLU A 808 28.74 17.36 -35.95
C GLU A 808 29.65 18.10 -34.96
N SER A 809 29.51 17.84 -33.66
CA SER A 809 30.28 18.48 -32.57
C SER A 809 30.09 20.00 -32.61
N LYS A 810 28.87 20.39 -32.20
CA LYS A 810 28.32 21.74 -32.23
C LYS A 810 29.28 22.79 -31.67
N GLU A 811 29.70 23.68 -32.56
CA GLU A 811 30.74 24.68 -32.35
C GLU A 811 30.61 25.60 -33.56
N ALA A 812 31.51 26.58 -33.67
CA ALA A 812 31.53 27.43 -34.86
C ALA A 812 31.87 26.62 -36.11
N SER A 813 31.25 27.00 -37.23
CA SER A 813 30.95 26.07 -38.33
C SER A 813 31.54 26.60 -39.63
N ALA A 814 32.86 26.81 -39.63
CA ALA A 814 33.70 27.28 -40.74
C ALA A 814 33.28 26.72 -42.09
N LEU A 815 33.10 27.62 -43.05
CA LEU A 815 32.43 27.30 -44.30
C LEU A 815 33.31 26.45 -45.20
N GLY A 816 32.88 25.22 -45.45
CA GLY A 816 33.52 24.39 -46.45
C GLY A 816 32.93 24.65 -47.81
N VAL A 817 33.25 23.75 -48.74
CA VAL A 817 32.69 23.84 -50.09
C VAL A 817 31.20 23.49 -50.08
N GLN A 818 30.76 22.65 -49.14
CA GLN A 818 29.41 22.11 -49.14
C GLN A 818 28.33 23.15 -48.86
N ASN A 819 28.69 24.31 -48.32
CA ASN A 819 27.69 25.33 -48.00
C ASN A 819 28.00 26.71 -48.56
N ILE A 820 29.01 26.86 -49.40
CA ILE A 820 29.09 28.06 -50.22
C ILE A 820 28.87 27.64 -51.66
N GLY A 821 29.81 26.89 -52.22
CA GLY A 821 29.54 25.97 -53.31
C GLY A 821 29.17 26.58 -54.64
N GLY A 822 27.95 27.11 -54.68
CA GLY A 822 27.33 27.55 -55.91
C GLY A 822 27.77 28.88 -56.42
N ILE A 823 28.50 29.65 -55.60
CA ILE A 823 29.03 30.91 -56.11
C ILE A 823 30.19 30.66 -57.04
N PHE A 824 30.87 29.51 -56.91
CA PHE A 824 31.83 29.09 -57.92
C PHE A 824 31.14 28.54 -59.15
N ILE A 825 29.92 28.01 -58.98
CA ILE A 825 29.18 27.47 -60.11
C ILE A 825 28.69 28.60 -61.01
N VAL A 826 28.16 29.67 -60.41
CA VAL A 826 27.73 30.80 -61.24
C VAL A 826 28.93 31.58 -61.75
N LEU A 827 30.06 31.52 -61.05
CA LEU A 827 31.28 32.15 -61.57
C LEU A 827 31.81 31.36 -62.77
N ALA A 828 31.75 30.03 -62.70
CA ALA A 828 32.13 29.22 -63.84
C ALA A 828 31.15 29.39 -64.99
N ALA A 829 29.85 29.41 -64.69
CA ALA A 829 28.86 29.56 -65.75
C ALA A 829 28.82 30.99 -66.28
N GLY A 830 29.23 31.96 -65.47
CA GLY A 830 29.30 33.32 -65.96
C GLY A 830 30.41 33.54 -66.97
N LEU A 831 31.55 32.89 -66.76
CA LEU A 831 32.65 32.99 -67.70
C LEU A 831 32.38 32.18 -68.97
N VAL A 832 31.61 31.10 -68.86
CA VAL A 832 31.15 30.38 -70.04
C VAL A 832 30.21 31.25 -70.86
N LEU A 833 29.26 31.92 -70.20
CA LEU A 833 28.33 32.80 -70.90
C LEU A 833 29.02 34.03 -71.45
N SER A 834 30.16 34.42 -70.89
CA SER A 834 30.84 35.63 -71.35
C SER A 834 31.51 35.41 -72.71
N VAL A 835 32.19 34.29 -72.89
CA VAL A 835 32.99 34.08 -74.09
C VAL A 835 32.12 33.88 -75.33
N PHE A 836 30.86 33.47 -75.17
CA PHE A 836 29.98 33.44 -76.32
C PHE A 836 29.46 34.83 -76.67
N VAL A 837 29.51 35.78 -75.73
CA VAL A 837 29.27 37.16 -76.09
C VAL A 837 30.51 37.73 -76.77
N ALA A 838 31.69 37.22 -76.40
CA ALA A 838 32.95 37.70 -77.00
C ALA A 838 33.07 37.29 -78.46
N VAL A 839 32.63 36.07 -78.80
CA VAL A 839 32.54 35.72 -80.20
C VAL A 839 31.33 36.40 -80.84
N GLY A 840 30.31 36.74 -80.06
CA GLY A 840 29.21 37.53 -80.58
C GLY A 840 29.61 38.97 -80.85
N GLU A 841 30.48 39.53 -80.01
CA GLU A 841 31.06 40.84 -80.31
C GLU A 841 32.03 40.77 -81.47
N PHE A 842 32.66 39.61 -81.66
CA PHE A 842 33.59 39.47 -82.78
C PHE A 842 32.86 39.39 -84.10
N LEU A 843 31.85 38.51 -84.17
CA LEU A 843 31.17 38.28 -85.45
C LEU A 843 30.30 39.45 -85.85
N TYR A 844 29.71 40.17 -84.89
CA TYR A 844 28.96 41.37 -85.24
C TYR A 844 29.89 42.48 -85.72
N LYS A 845 31.13 42.50 -85.23
CA LYS A 845 32.12 43.42 -85.78
C LYS A 845 32.64 42.93 -87.12
N SER A 846 32.86 41.61 -87.26
CA SER A 846 33.40 41.07 -88.49
C SER A 846 32.40 41.08 -89.63
N LYS A 847 31.10 41.07 -89.33
CA LYS A 847 30.10 41.28 -90.38
C LYS A 847 29.94 42.75 -90.73
N LYS A 848 30.27 43.66 -89.81
CA LYS A 848 30.02 45.07 -90.05
C LYS A 848 31.09 45.70 -90.92
N ASN A 849 32.36 45.47 -90.61
CA ASN A 849 33.44 46.05 -91.39
C ASN A 849 33.60 45.43 -92.77
N ALA A 850 33.14 44.20 -92.95
CA ALA A 850 33.29 43.51 -94.23
C ALA A 850 32.18 43.86 -95.22
N GLN A 851 31.33 44.84 -94.89
CA GLN A 851 30.37 45.33 -95.87
C GLN A 851 31.06 46.06 -97.01
N LEU A 852 32.19 46.71 -96.70
CA LEU A 852 32.91 47.53 -97.67
C LEU A 852 34.40 47.22 -97.75
N GLU A 853 35.02 46.74 -96.67
CA GLU A 853 36.47 46.61 -96.65
C GLU A 853 36.93 45.30 -97.29
N LYS A 854 36.57 44.16 -96.69
CA LYS A 854 37.06 42.86 -97.12
C LYS A 854 35.88 41.90 -97.18
N ARG A 855 36.17 40.62 -97.32
CA ARG A 855 35.14 39.61 -97.44
C ARG A 855 34.79 39.01 -96.09
N SER A 856 33.85 38.07 -96.11
CA SER A 856 33.17 37.65 -94.88
C SER A 856 34.08 36.80 -93.99
N PHE A 857 34.58 35.69 -94.52
CA PHE A 857 35.35 34.77 -93.70
C PHE A 857 36.78 35.25 -93.49
N CYS A 858 37.37 35.95 -94.47
CA CYS A 858 38.77 36.31 -94.39
C CYS A 858 39.03 37.44 -93.39
N SER A 859 38.15 38.45 -93.36
CA SER A 859 38.34 39.60 -92.48
C SER A 859 38.19 39.24 -91.01
N ALA A 860 37.54 38.11 -90.70
CA ALA A 860 37.62 37.57 -89.36
C ALA A 860 39.04 37.15 -89.03
N MET A 861 39.69 36.44 -89.96
CA MET A 861 41.06 36.01 -89.75
C MET A 861 42.05 37.18 -89.83
N VAL A 862 41.66 38.26 -90.51
CA VAL A 862 42.47 39.48 -90.51
C VAL A 862 42.53 40.08 -89.12
N GLU A 863 41.40 40.11 -88.43
CA GLU A 863 41.36 40.61 -87.06
C GLU A 863 41.97 39.61 -86.07
N GLU A 864 42.05 38.34 -86.46
CA GLU A 864 42.81 37.37 -85.67
C GLU A 864 44.30 37.72 -85.69
N LEU A 865 44.79 38.27 -86.80
CA LEU A 865 46.17 38.75 -86.85
C LEU A 865 46.36 39.98 -85.96
N ARG A 866 45.31 40.78 -85.81
CA ARG A 866 45.35 41.92 -84.89
C ARG A 866 45.44 41.47 -83.44
N MET A 867 44.56 40.55 -83.04
CA MET A 867 44.48 40.18 -81.63
C MET A 867 45.65 39.32 -81.20
N SER A 868 46.19 38.49 -82.09
CA SER A 868 47.34 37.66 -81.77
C SER A 868 48.65 38.44 -81.77
N LEU A 869 48.64 39.71 -82.18
CA LEU A 869 49.82 40.55 -82.02
C LEU A 869 50.11 40.78 -80.56
N LYS A 870 51.38 40.61 -80.17
CA LYS A 870 51.82 40.71 -78.79
C LYS A 870 52.14 42.15 -78.38
N CYS A 871 51.71 43.13 -79.16
CA CYS A 871 52.14 44.51 -79.00
C CYS A 871 50.94 45.44 -79.06
N GLN A 872 51.21 46.71 -78.75
CA GLN A 872 50.26 47.78 -79.05
C GLN A 872 50.41 48.20 -80.50
N ARG A 873 49.32 48.69 -81.08
CA ARG A 873 49.20 48.93 -82.51
C ARG A 873 48.24 50.12 -82.64
N ARG A 874 47.63 50.30 -83.82
CA ARG A 874 46.58 51.31 -84.03
C ARG A 874 45.45 51.06 -83.06
N THR B 33 -57.65 -69.98 24.95
CA THR B 33 -58.06 -70.38 23.61
C THR B 33 -56.87 -70.93 22.82
N HIS B 34 -55.85 -70.09 22.68
CA HIS B 34 -54.65 -70.40 21.93
C HIS B 34 -53.44 -70.23 22.81
N VAL B 35 -52.55 -71.22 22.81
CA VAL B 35 -51.29 -71.11 23.52
C VAL B 35 -50.19 -70.76 22.52
N LEU B 36 -49.35 -69.80 22.87
CA LEU B 36 -48.28 -69.38 21.98
C LEU B 36 -47.01 -69.10 22.78
N ARG B 37 -45.94 -69.80 22.44
CA ARG B 37 -44.73 -69.75 23.25
C ARG B 37 -43.65 -68.93 22.54
N PHE B 38 -42.95 -68.11 23.33
CA PHE B 38 -41.87 -67.27 22.82
C PHE B 38 -40.53 -67.75 23.38
N GLY B 39 -39.45 -67.40 22.69
CA GLY B 39 -38.12 -67.74 23.15
C GLY B 39 -37.62 -66.79 24.21
N GLY B 40 -36.79 -67.33 25.11
CA GLY B 40 -36.36 -66.59 26.28
C GLY B 40 -34.89 -66.71 26.63
N ILE B 41 -34.01 -66.78 25.64
CA ILE B 41 -32.59 -66.89 25.90
C ILE B 41 -32.07 -65.58 26.46
N PHE B 42 -31.47 -65.64 27.65
CA PHE B 42 -30.88 -64.47 28.30
C PHE B 42 -29.62 -64.87 29.04
N GLU B 43 -28.98 -63.87 29.64
CA GLU B 43 -27.74 -64.07 30.38
C GLU B 43 -28.04 -64.78 31.69
N TYR B 44 -27.11 -65.63 32.14
CA TYR B 44 -27.25 -66.39 33.38
C TYR B 44 -26.60 -65.62 34.52
N VAL B 45 -27.42 -64.94 35.31
CA VAL B 45 -26.96 -64.37 36.58
C VAL B 45 -27.15 -65.44 37.64
N GLU B 46 -26.28 -65.46 38.64
CA GLU B 46 -26.27 -66.57 39.60
C GLU B 46 -26.47 -66.09 41.04
N SER B 47 -26.27 -64.79 41.29
CA SER B 47 -26.37 -64.28 42.64
C SER B 47 -27.55 -63.33 42.79
N GLY B 48 -27.56 -62.26 42.01
CA GLY B 48 -28.63 -61.29 42.06
C GLY B 48 -29.83 -61.74 41.27
N PRO B 49 -30.86 -60.89 41.21
CA PRO B 49 -32.02 -61.21 40.37
C PRO B 49 -31.70 -61.04 38.89
N MET B 50 -32.68 -61.38 38.04
CA MET B 50 -32.47 -61.50 36.61
C MET B 50 -32.16 -60.16 35.95
N GLY B 51 -31.63 -60.20 34.72
CA GLY B 51 -31.15 -59.01 34.05
C GLY B 51 -32.27 -58.09 33.60
N ALA B 52 -31.87 -56.90 33.12
CA ALA B 52 -32.85 -55.90 32.73
C ALA B 52 -33.63 -56.30 31.49
N GLU B 53 -33.00 -57.09 30.61
CA GLU B 53 -33.70 -57.53 29.41
C GLU B 53 -34.72 -58.61 29.73
N GLU B 54 -34.39 -59.51 30.66
CA GLU B 54 -35.31 -60.57 31.01
C GLU B 54 -36.50 -60.03 31.80
N LEU B 55 -36.24 -59.05 32.68
CA LEU B 55 -37.34 -58.36 33.37
C LEU B 55 -38.22 -57.61 32.38
N ALA B 56 -37.62 -57.05 31.32
CA ALA B 56 -38.42 -56.39 30.29
C ALA B 56 -39.23 -57.39 29.50
N PHE B 57 -38.70 -58.60 29.31
CA PHE B 57 -39.42 -59.62 28.57
C PHE B 57 -40.52 -60.25 29.41
N ARG B 58 -40.27 -60.42 30.72
CA ARG B 58 -41.32 -60.91 31.62
C ARG B 58 -42.41 -59.88 31.77
N PHE B 59 -42.06 -58.59 31.73
CA PHE B 59 -43.04 -57.53 31.86
C PHE B 59 -43.90 -57.41 30.61
N ALA B 60 -43.29 -57.56 29.43
CA ALA B 60 -44.00 -57.32 28.17
C ALA B 60 -44.98 -58.45 27.88
N VAL B 61 -44.66 -59.67 28.31
CA VAL B 61 -45.63 -60.76 28.19
C VAL B 61 -46.79 -60.53 29.14
N ASN B 62 -46.49 -60.04 30.35
CA ASN B 62 -47.54 -59.82 31.34
C ASN B 62 -48.37 -58.59 31.01
N THR B 63 -47.78 -57.59 30.38
CA THR B 63 -48.50 -56.35 30.09
C THR B 63 -49.55 -56.55 29.01
N ILE B 64 -49.20 -57.31 27.97
CA ILE B 64 -50.13 -57.55 26.87
C ILE B 64 -51.25 -58.49 27.30
N ASN B 65 -50.97 -59.34 28.30
CA ASN B 65 -51.87 -60.42 28.68
C ASN B 65 -53.19 -59.91 29.26
N ARG B 66 -53.12 -58.92 30.17
CA ARG B 66 -54.37 -58.40 30.74
C ARG B 66 -54.96 -57.33 29.84
N ASN B 67 -54.15 -56.83 28.90
CA ASN B 67 -54.55 -55.79 27.96
C ASN B 67 -55.22 -56.49 26.77
N ARG B 68 -56.51 -56.78 26.91
CA ARG B 68 -57.22 -57.64 25.96
C ARG B 68 -57.85 -56.90 24.81
N THR B 69 -57.11 -56.01 24.15
CA THR B 69 -57.46 -55.59 22.79
C THR B 69 -56.26 -55.83 21.88
N LEU B 70 -55.09 -55.39 22.32
CA LEU B 70 -53.84 -55.76 21.68
C LEU B 70 -53.52 -57.19 22.08
N LEU B 71 -53.57 -58.12 21.11
CA LEU B 71 -53.55 -59.56 21.29
C LEU B 71 -54.64 -59.97 22.28
N PRO B 72 -55.90 -60.03 21.85
CA PRO B 72 -57.00 -60.26 22.79
C PRO B 72 -57.28 -61.72 23.14
N ASN B 73 -56.88 -62.69 22.31
CA ASN B 73 -57.51 -63.99 22.44
C ASN B 73 -56.48 -65.12 22.51
N THR B 74 -55.27 -64.82 22.98
CA THR B 74 -54.18 -65.79 23.00
C THR B 74 -53.45 -65.64 24.34
N THR B 75 -52.79 -66.71 24.78
CA THR B 75 -52.35 -66.89 26.15
C THR B 75 -50.84 -67.05 26.17
N LEU B 76 -50.14 -66.05 25.62
CA LEU B 76 -48.69 -65.97 25.46
C LEU B 76 -47.89 -66.46 26.67
N THR B 77 -47.07 -67.48 26.45
CA THR B 77 -46.30 -68.12 27.50
C THR B 77 -44.81 -67.92 27.23
N TYR B 78 -44.13 -67.25 28.15
CA TYR B 78 -42.71 -67.08 28.03
C TYR B 78 -41.98 -68.36 28.42
N ASP B 79 -40.87 -68.64 27.72
CA ASP B 79 -40.04 -69.79 28.04
C ASP B 79 -38.60 -69.32 28.19
N THR B 80 -38.24 -68.86 29.38
CA THR B 80 -36.92 -68.27 29.58
C THR B 80 -35.87 -69.35 29.82
N GLN B 81 -34.73 -69.21 29.15
CA GLN B 81 -33.56 -70.05 29.39
C GLN B 81 -32.36 -69.15 29.66
N LYS B 82 -31.31 -69.71 30.25
CA LYS B 82 -30.16 -68.88 30.59
C LYS B 82 -28.86 -69.50 30.08
N ILE B 83 -28.05 -68.67 29.41
CA ILE B 83 -26.76 -69.09 28.89
C ILE B 83 -25.68 -68.25 29.55
N ASN B 84 -24.43 -68.69 29.40
CA ASN B 84 -23.29 -67.95 29.92
C ASN B 84 -22.89 -66.79 29.05
N LEU B 85 -23.61 -66.57 27.94
CA LEU B 85 -23.62 -65.38 27.08
C LEU B 85 -22.36 -65.28 26.22
N TYR B 86 -21.40 -66.20 26.42
CA TYR B 86 -20.18 -66.25 25.64
C TYR B 86 -19.95 -67.66 25.10
N ASP B 87 -20.99 -68.50 25.10
CA ASP B 87 -20.89 -69.87 24.62
C ASP B 87 -21.95 -70.06 23.55
N SER B 88 -21.51 -70.19 22.30
CA SER B 88 -22.44 -70.49 21.22
C SER B 88 -22.97 -71.91 21.33
N PHE B 89 -22.19 -72.81 21.93
CA PHE B 89 -22.63 -74.19 22.11
C PHE B 89 -23.73 -74.29 23.14
N GLU B 90 -23.63 -73.51 24.23
CA GLU B 90 -24.70 -73.47 25.22
C GLU B 90 -25.93 -72.81 24.65
N ALA B 91 -25.75 -71.79 23.82
CA ALA B 91 -26.88 -71.12 23.20
C ALA B 91 -27.51 -71.98 22.11
N SER B 92 -26.75 -72.95 21.59
CA SER B 92 -27.29 -73.84 20.57
C SER B 92 -28.30 -74.81 21.16
N LYS B 93 -28.00 -75.38 22.32
CA LYS B 93 -28.92 -76.33 22.95
C LYS B 93 -30.17 -75.62 23.48
N LYS B 94 -29.98 -74.45 24.10
CA LYS B 94 -31.12 -73.70 24.62
C LYS B 94 -32.03 -73.20 23.51
N ALA B 95 -31.48 -72.99 22.31
CA ALA B 95 -32.32 -72.77 21.15
C ALA B 95 -33.08 -74.03 20.77
N CYS B 96 -32.38 -75.17 20.69
CA CYS B 96 -33.03 -76.42 20.30
C CYS B 96 -34.00 -76.91 21.36
N ASP B 97 -33.73 -76.65 22.65
CA ASP B 97 -34.65 -77.09 23.69
C ASP B 97 -35.96 -76.31 23.65
N GLN B 98 -35.90 -75.06 23.18
CA GLN B 98 -37.12 -74.27 23.03
C GLN B 98 -37.90 -74.70 21.79
N LEU B 99 -37.21 -75.05 20.71
CA LEU B 99 -37.93 -75.49 19.52
C LEU B 99 -38.37 -76.95 19.62
N SER B 100 -37.70 -77.77 20.43
CA SER B 100 -38.20 -79.12 20.71
C SER B 100 -39.50 -79.04 21.52
N LEU B 101 -39.60 -78.04 22.40
CA LEU B 101 -40.86 -77.78 23.08
C LEU B 101 -41.77 -76.99 22.15
N GLY B 102 -41.17 -76.23 21.23
CA GLY B 102 -41.94 -75.47 20.26
C GLY B 102 -42.19 -74.05 20.70
N VAL B 103 -41.61 -73.09 19.98
CA VAL B 103 -41.83 -71.67 20.26
C VAL B 103 -42.28 -70.97 18.98
N ALA B 104 -42.45 -69.65 19.06
CA ALA B 104 -42.82 -68.88 17.88
C ALA B 104 -41.64 -68.05 17.40
N ALA B 105 -40.90 -67.44 18.34
CA ALA B 105 -39.77 -66.59 18.00
C ALA B 105 -38.81 -66.46 19.17
N ILE B 106 -37.54 -66.82 18.96
CA ILE B 106 -36.53 -66.61 19.99
C ILE B 106 -36.19 -65.13 20.06
N PHE B 107 -36.31 -64.56 21.25
CA PHE B 107 -36.01 -63.16 21.46
C PHE B 107 -34.57 -62.91 21.89
N GLY B 108 -33.62 -63.54 21.20
CA GLY B 108 -32.29 -63.01 21.10
C GLY B 108 -31.37 -63.29 22.26
N PRO B 109 -30.21 -63.90 21.99
CA PRO B 109 -29.07 -63.73 22.89
C PRO B 109 -28.54 -62.32 22.76
N SER B 110 -27.82 -61.86 23.78
CA SER B 110 -27.42 -60.45 23.81
C SER B 110 -25.92 -60.29 23.59
N HIS B 111 -25.34 -61.12 22.73
CA HIS B 111 -23.92 -60.99 22.42
C HIS B 111 -23.65 -61.45 20.99
N SER B 112 -22.65 -60.86 20.34
CA SER B 112 -22.38 -61.07 18.92
C SER B 112 -21.95 -62.50 18.61
N SER B 113 -21.25 -63.14 19.53
CA SER B 113 -20.79 -64.51 19.29
C SER B 113 -21.94 -65.49 19.40
N SER B 114 -22.83 -65.28 20.37
CA SER B 114 -23.88 -66.26 20.63
C SER B 114 -25.09 -66.04 19.75
N ALA B 115 -25.28 -64.81 19.25
CA ALA B 115 -26.45 -64.54 18.43
C ALA B 115 -26.29 -65.10 17.03
N ASN B 116 -25.06 -65.13 16.52
CA ASN B 116 -24.81 -65.64 15.18
C ASN B 116 -25.05 -67.15 15.09
N ALA B 117 -24.87 -67.86 16.21
CA ALA B 117 -25.20 -69.28 16.22
C ALA B 117 -26.71 -69.49 16.16
N VAL B 118 -27.46 -68.73 16.96
CA VAL B 118 -28.90 -68.94 17.04
C VAL B 118 -29.59 -68.36 15.80
N GLN B 119 -28.97 -67.37 15.16
CA GLN B 119 -29.48 -66.85 13.90
C GLN B 119 -29.40 -67.90 12.80
N SER B 120 -28.35 -68.72 12.82
CA SER B 120 -28.25 -69.81 11.86
C SER B 120 -29.26 -70.92 12.17
N ILE B 121 -29.61 -71.07 13.45
CA ILE B 121 -30.60 -72.08 13.84
C ILE B 121 -31.99 -71.66 13.39
N CYS B 122 -32.36 -70.40 13.65
CA CYS B 122 -33.69 -69.93 13.31
C CYS B 122 -33.88 -69.78 11.81
N ASN B 123 -32.80 -69.53 11.07
CA ASN B 123 -32.87 -69.52 9.63
C ASN B 123 -33.14 -70.91 9.07
N ALA B 124 -32.49 -71.94 9.62
CA ALA B 124 -32.65 -73.30 9.13
C ALA B 124 -34.03 -73.86 9.44
N LEU B 125 -34.43 -73.83 10.71
CA LEU B 125 -35.67 -74.51 11.09
C LEU B 125 -36.90 -73.65 10.81
N GLY B 126 -36.70 -72.35 10.60
CA GLY B 126 -37.78 -71.56 10.05
C GLY B 126 -38.38 -70.48 10.92
N VAL B 127 -38.18 -70.58 12.24
CA VAL B 127 -38.82 -69.63 13.16
C VAL B 127 -38.13 -68.27 13.05
N PRO B 128 -38.84 -67.16 13.28
CA PRO B 128 -38.18 -65.85 13.25
C PRO B 128 -37.29 -65.67 14.46
N HIS B 129 -36.28 -64.81 14.33
CA HIS B 129 -35.33 -64.54 15.40
C HIS B 129 -35.33 -63.05 15.67
N ILE B 130 -35.70 -62.66 16.89
CA ILE B 130 -35.92 -61.26 17.20
C ILE B 130 -34.71 -60.76 17.99
N GLN B 131 -34.05 -59.72 17.49
CA GLN B 131 -32.81 -59.24 18.06
C GLN B 131 -32.99 -57.85 18.64
N THR B 132 -32.34 -57.58 19.77
CA THR B 132 -32.49 -56.27 20.40
C THR B 132 -31.14 -55.57 20.58
N ARG B 133 -30.05 -56.24 20.26
CA ARG B 133 -28.76 -55.57 20.35
C ARG B 133 -28.03 -55.73 19.03
N TRP B 134 -27.07 -54.84 18.80
CA TRP B 134 -26.35 -54.80 17.55
C TRP B 134 -25.38 -55.96 17.48
N LYS B 135 -25.06 -56.39 16.25
CA LYS B 135 -23.95 -57.29 16.03
C LYS B 135 -23.31 -56.95 14.70
N HIS B 136 -22.16 -57.52 14.41
CA HIS B 136 -21.60 -57.37 13.08
C HIS B 136 -22.36 -58.25 12.10
N GLN B 137 -23.29 -57.67 11.35
CA GLN B 137 -23.93 -58.35 10.24
C GLN B 137 -22.89 -58.57 9.14
N VAL B 138 -22.53 -59.83 8.91
CA VAL B 138 -21.58 -60.17 7.85
C VAL B 138 -22.27 -59.95 6.52
N SER B 139 -21.60 -59.21 5.63
CA SER B 139 -22.18 -58.84 4.34
C SER B 139 -22.35 -60.03 3.40
N ASP B 140 -21.61 -61.11 3.64
CA ASP B 140 -21.74 -62.30 2.80
C ASP B 140 -22.54 -63.39 3.49
N ASN B 141 -23.21 -63.10 4.60
CA ASN B 141 -24.03 -64.08 5.29
C ASN B 141 -25.49 -63.93 4.83
N LYS B 142 -25.83 -64.64 3.77
CA LYS B 142 -27.17 -64.54 3.19
C LYS B 142 -28.20 -65.26 4.04
N ASP B 143 -28.76 -64.55 5.01
CA ASP B 143 -29.76 -65.12 5.91
C ASP B 143 -31.06 -64.33 5.84
N SER B 144 -32.15 -65.04 6.13
CA SER B 144 -33.44 -64.42 6.35
C SER B 144 -33.86 -64.74 7.77
N PHE B 145 -35.13 -64.45 8.10
CA PHE B 145 -35.78 -64.83 9.35
C PHE B 145 -35.12 -64.19 10.56
N TYR B 146 -34.70 -62.93 10.43
CA TYR B 146 -34.14 -62.23 11.58
C TYR B 146 -34.40 -60.74 11.41
N VAL B 147 -34.83 -60.09 12.48
CA VAL B 147 -34.88 -58.63 12.52
C VAL B 147 -34.15 -58.14 13.74
N SER B 148 -33.64 -56.91 13.67
CA SER B 148 -32.90 -56.30 14.76
C SER B 148 -33.55 -54.96 15.06
N LEU B 149 -34.12 -54.84 16.25
CA LEU B 149 -34.84 -53.62 16.65
C LEU B 149 -33.90 -52.55 17.18
N TYR B 150 -32.62 -52.87 17.30
CA TYR B 150 -31.65 -51.88 17.74
C TYR B 150 -31.38 -50.96 16.57
N PRO B 151 -31.23 -49.65 16.78
CA PRO B 151 -30.96 -48.75 15.65
C PRO B 151 -29.58 -49.00 15.08
N ASP B 152 -29.51 -49.20 13.76
CA ASP B 152 -28.28 -49.61 13.12
C ASP B 152 -27.23 -48.52 13.21
N PHE B 153 -26.00 -48.93 13.51
CA PHE B 153 -24.88 -47.99 13.52
C PHE B 153 -24.49 -47.50 12.14
N SER B 154 -25.02 -48.09 11.07
CA SER B 154 -24.91 -47.43 9.77
C SER B 154 -25.70 -46.14 9.77
N SER B 155 -26.91 -46.17 10.34
CA SER B 155 -27.75 -44.98 10.36
C SER B 155 -27.34 -44.02 11.45
N LEU B 156 -26.86 -44.54 12.59
CA LEU B 156 -26.45 -43.68 13.69
C LEU B 156 -25.20 -42.88 13.33
N SER B 157 -24.25 -43.50 12.65
CA SER B 157 -23.00 -42.83 12.28
C SER B 157 -23.20 -41.70 11.28
N ARG B 158 -24.32 -41.69 10.55
CA ARG B 158 -24.70 -40.45 9.86
C ARG B 158 -25.01 -39.34 10.85
N ALA B 159 -25.74 -39.66 11.92
CA ALA B 159 -26.23 -38.63 12.83
C ALA B 159 -25.11 -38.01 13.64
N ILE B 160 -24.09 -38.79 14.00
CA ILE B 160 -22.89 -38.19 14.58
C ILE B 160 -22.17 -37.36 13.53
N LEU B 161 -22.09 -37.85 12.28
CA LEU B 161 -21.43 -37.10 11.23
C LEU B 161 -22.23 -35.85 10.86
N ASP B 162 -23.55 -35.89 11.00
CA ASP B 162 -24.33 -34.66 10.88
C ASP B 162 -24.07 -33.73 12.05
N LEU B 163 -23.84 -34.29 13.24
CA LEU B 163 -23.77 -33.46 14.43
C LEU B 163 -22.42 -32.75 14.53
N VAL B 164 -21.36 -33.37 14.01
CA VAL B 164 -20.05 -32.72 14.06
C VAL B 164 -19.96 -31.62 13.02
N GLN B 165 -20.85 -31.64 12.02
CA GLN B 165 -20.90 -30.57 11.04
C GLN B 165 -21.73 -29.41 11.56
N PHE B 166 -22.65 -29.70 12.47
CA PHE B 166 -23.46 -28.66 13.09
C PHE B 166 -22.60 -27.83 14.02
N PHE B 167 -21.68 -28.48 14.71
CA PHE B 167 -20.76 -27.78 15.60
C PHE B 167 -19.47 -27.39 14.88
N LYS B 168 -19.36 -27.78 13.60
CA LYS B 168 -18.32 -27.32 12.67
C LYS B 168 -16.92 -27.69 13.14
N TRP B 169 -16.77 -28.92 13.62
CA TRP B 169 -15.50 -29.36 14.15
C TRP B 169 -14.52 -29.70 13.03
N LYS B 170 -13.23 -29.70 13.36
CA LYS B 170 -12.18 -30.06 12.44
C LYS B 170 -11.17 -30.98 13.11
N THR B 171 -11.30 -31.15 14.43
CA THR B 171 -10.28 -31.87 15.19
C THR B 171 -11.01 -32.85 16.12
N VAL B 172 -11.85 -33.68 15.53
CA VAL B 172 -12.62 -34.67 16.29
C VAL B 172 -11.70 -35.76 16.82
N THR B 173 -12.17 -36.53 17.80
CA THR B 173 -11.40 -37.63 18.35
C THR B 173 -12.31 -38.75 18.82
N VAL B 174 -12.27 -39.89 18.14
CA VAL B 174 -13.08 -41.03 18.52
C VAL B 174 -12.35 -41.84 19.60
N VAL B 175 -13.04 -42.12 20.69
CA VAL B 175 -12.55 -43.02 21.72
C VAL B 175 -13.53 -44.18 21.81
N TYR B 176 -13.07 -45.39 21.54
CA TYR B 176 -13.93 -46.55 21.63
C TYR B 176 -13.45 -47.47 22.75
N ASP B 177 -14.12 -48.61 22.92
CA ASP B 177 -13.73 -49.56 23.95
C ASP B 177 -13.46 -50.97 23.43
N ASP B 178 -14.26 -51.48 22.50
CA ASP B 178 -14.07 -52.81 21.93
C ASP B 178 -13.63 -52.64 20.49
N SER B 179 -12.84 -53.61 20.00
CA SER B 179 -12.44 -53.65 18.61
C SER B 179 -13.62 -53.77 17.65
N THR B 180 -14.76 -54.28 18.12
CA THR B 180 -16.04 -54.18 17.44
C THR B 180 -16.42 -52.72 17.15
N GLY B 181 -15.99 -51.78 18.00
CA GLY B 181 -16.47 -50.41 17.92
C GLY B 181 -16.04 -49.64 16.67
N LEU B 182 -15.01 -50.11 15.97
CA LEU B 182 -14.64 -49.46 14.72
C LEU B 182 -15.63 -49.78 13.61
N ILE B 183 -16.30 -50.93 13.71
CA ILE B 183 -17.37 -51.24 12.77
C ILE B 183 -18.57 -50.34 13.04
N ARG B 184 -18.82 -50.02 14.30
CA ARG B 184 -19.98 -49.25 14.70
C ARG B 184 -19.88 -47.78 14.34
N LEU B 185 -18.70 -47.34 13.94
CA LEU B 185 -18.52 -45.93 13.59
C LEU B 185 -17.84 -45.75 12.25
N GLN B 186 -17.93 -46.75 11.36
CA GLN B 186 -17.07 -46.77 10.18
C GLN B 186 -17.42 -45.67 9.19
N GLU B 187 -18.64 -45.13 9.26
CA GLU B 187 -18.94 -43.98 8.43
C GLU B 187 -18.30 -42.71 8.96
N LEU B 188 -17.88 -42.71 10.21
CA LEU B 188 -17.19 -41.54 10.76
C LEU B 188 -15.68 -41.65 10.52
N ILE B 189 -15.14 -42.86 10.58
CA ILE B 189 -13.75 -43.09 10.19
C ILE B 189 -13.53 -42.80 8.72
N LYS B 190 -14.51 -43.09 7.87
CA LYS B 190 -14.39 -42.83 6.44
C LYS B 190 -14.70 -41.39 6.05
N ALA B 191 -14.68 -40.44 6.97
CA ALA B 191 -14.93 -39.07 6.54
C ALA B 191 -13.90 -38.00 6.92
N PRO B 192 -12.59 -38.22 6.80
CA PRO B 192 -11.73 -37.11 6.39
C PRO B 192 -11.59 -36.99 4.87
N SER B 193 -12.06 -37.99 4.13
CA SER B 193 -12.00 -37.98 2.68
C SER B 193 -12.97 -36.98 2.07
N ARG B 194 -14.25 -37.07 2.44
CA ARG B 194 -15.28 -36.21 1.88
C ARG B 194 -15.30 -34.83 2.53
N TYR B 195 -15.20 -34.78 3.86
CA TYR B 195 -15.24 -33.51 4.57
C TYR B 195 -13.87 -33.17 5.14
N ASN B 196 -13.80 -32.10 5.93
CA ASN B 196 -12.50 -31.60 6.38
C ASN B 196 -12.17 -31.99 7.81
N LEU B 197 -12.65 -33.14 8.29
CA LEU B 197 -12.32 -33.58 9.64
C LEU B 197 -10.89 -34.09 9.71
N ARG B 198 -10.38 -34.25 10.92
CA ARG B 198 -9.07 -34.86 11.12
C ARG B 198 -9.16 -35.82 12.30
N LEU B 199 -9.45 -37.08 11.99
CA LEU B 199 -9.70 -38.09 13.00
C LEU B 199 -8.41 -38.50 13.70
N LYS B 200 -8.49 -38.70 15.02
CA LYS B 200 -7.36 -39.11 15.84
C LYS B 200 -7.77 -40.22 16.80
N ILE B 201 -8.34 -41.29 16.25
CA ILE B 201 -8.90 -42.46 16.95
C ILE B 201 -8.02 -43.02 18.05
N ARG B 202 -8.57 -43.16 19.25
CA ARG B 202 -7.87 -43.74 20.40
C ARG B 202 -8.73 -44.85 20.98
N GLN B 203 -8.12 -45.66 21.83
CA GLN B 203 -8.81 -46.79 22.45
C GLN B 203 -8.64 -46.74 23.95
N LEU B 204 -9.72 -47.01 24.68
CA LEU B 204 -9.68 -47.19 26.12
C LEU B 204 -8.84 -48.42 26.46
N PRO B 205 -8.10 -48.41 27.56
CA PRO B 205 -7.34 -49.61 27.95
C PRO B 205 -8.26 -50.75 28.40
N ALA B 206 -7.95 -51.96 27.97
CA ALA B 206 -8.73 -53.13 28.33
C ALA B 206 -8.35 -53.60 29.74
N ASP B 207 -9.13 -54.55 30.25
CA ASP B 207 -8.96 -55.20 31.56
C ASP B 207 -9.01 -54.24 32.75
N THR B 208 -9.54 -53.03 32.54
CA THR B 208 -9.60 -52.00 33.58
C THR B 208 -10.57 -50.90 33.19
N LYS B 209 -10.80 -49.97 34.12
CA LYS B 209 -11.49 -48.73 33.83
C LYS B 209 -10.59 -47.54 34.13
N ASP B 210 -9.32 -47.84 34.44
CA ASP B 210 -8.33 -46.82 34.75
C ASP B 210 -7.85 -46.16 33.46
N ALA B 211 -8.63 -45.19 32.98
CA ALA B 211 -8.26 -44.46 31.78
C ALA B 211 -7.52 -43.18 32.13
N LYS B 212 -6.79 -43.22 33.25
CA LYS B 212 -5.94 -42.10 33.64
C LYS B 212 -4.82 -41.80 32.64
N PRO B 213 -4.06 -42.79 32.08
CA PRO B 213 -3.02 -42.40 31.10
C PRO B 213 -3.58 -41.93 29.76
N LEU B 214 -4.84 -42.29 29.45
CA LEU B 214 -5.41 -41.84 28.18
C LEU B 214 -5.71 -40.36 28.20
N LEU B 215 -6.45 -39.89 29.21
CA LEU B 215 -6.92 -38.50 29.20
C LEU B 215 -5.80 -37.51 29.49
N LYS B 216 -4.71 -37.98 30.12
CA LYS B 216 -3.52 -37.15 30.23
C LYS B 216 -2.91 -36.90 28.86
N GLU B 217 -2.86 -37.93 28.02
CA GLU B 217 -2.34 -37.78 26.67
C GLU B 217 -3.31 -36.98 25.81
N MET B 218 -4.61 -37.07 26.11
CA MET B 218 -5.59 -36.31 25.35
C MET B 218 -5.59 -34.84 25.77
N LYS B 219 -5.29 -34.55 27.03
CA LYS B 219 -5.11 -33.18 27.45
C LYS B 219 -3.86 -32.58 26.84
N ARG B 220 -2.83 -33.41 26.65
CA ARG B 220 -1.57 -32.96 26.07
C ARG B 220 -1.76 -32.62 24.60
N GLY B 221 -2.58 -33.39 23.90
CA GLY B 221 -2.85 -33.14 22.50
C GLY B 221 -3.93 -32.12 22.23
N LYS B 222 -4.44 -31.46 23.28
CA LYS B 222 -5.51 -30.47 23.22
C LYS B 222 -6.76 -31.03 22.56
N GLU B 223 -7.12 -32.26 22.93
CA GLU B 223 -8.25 -32.95 22.34
C GLU B 223 -9.52 -32.36 22.96
N PHE B 224 -10.15 -31.44 22.24
CA PHE B 224 -11.23 -30.66 22.84
C PHE B 224 -12.61 -31.09 22.37
N HIS B 225 -12.71 -32.03 21.44
CA HIS B 225 -13.97 -32.31 20.79
C HIS B 225 -14.21 -33.82 20.73
N VAL B 226 -14.07 -34.49 21.87
CA VAL B 226 -14.02 -35.94 21.98
C VAL B 226 -15.36 -36.57 21.66
N ILE B 227 -15.35 -37.63 20.85
CA ILE B 227 -16.53 -38.45 20.64
C ILE B 227 -16.32 -39.80 21.32
N PHE B 228 -17.08 -40.08 22.37
CA PHE B 228 -16.94 -41.38 23.01
C PHE B 228 -17.83 -42.42 22.35
N ASP B 229 -17.40 -43.68 22.40
CA ASP B 229 -18.24 -44.81 22.00
C ASP B 229 -18.18 -45.88 23.09
N CYS B 230 -19.04 -45.74 24.10
CA CYS B 230 -18.99 -46.62 25.24
C CYS B 230 -20.40 -47.09 25.56
N SER B 231 -20.51 -48.08 26.44
CA SER B 231 -21.78 -48.33 27.10
C SER B 231 -21.98 -47.28 28.18
N HIS B 232 -23.23 -47.17 28.67
CA HIS B 232 -23.54 -46.12 29.63
C HIS B 232 -22.92 -46.39 31.00
N GLU B 233 -22.53 -47.63 31.26
CA GLU B 233 -21.73 -47.92 32.45
C GLU B 233 -20.34 -47.32 32.32
N MET B 234 -19.67 -47.57 31.19
CA MET B 234 -18.35 -46.98 30.98
C MET B 234 -18.43 -45.50 30.61
N ALA B 235 -19.60 -45.02 30.22
CA ALA B 235 -19.75 -43.60 29.96
C ALA B 235 -19.81 -42.82 31.27
N ALA B 236 -20.27 -43.46 32.34
CA ALA B 236 -20.28 -42.80 33.64
C ALA B 236 -18.89 -42.79 34.25
N GLY B 237 -18.18 -43.92 34.16
CA GLY B 237 -16.88 -44.02 34.81
C GLY B 237 -15.80 -43.24 34.09
N ILE B 238 -16.04 -42.90 32.83
CA ILE B 238 -15.05 -42.11 32.09
C ILE B 238 -15.17 -40.64 32.46
N LEU B 239 -16.33 -40.21 32.95
CA LEU B 239 -16.51 -38.80 33.24
C LEU B 239 -15.96 -38.42 34.61
N LYS B 240 -16.07 -39.32 35.58
CA LYS B 240 -15.46 -39.06 36.89
C LYS B 240 -13.95 -38.97 36.78
N GLN B 241 -13.34 -39.80 35.93
CA GLN B 241 -11.93 -39.65 35.66
C GLN B 241 -11.65 -38.43 34.81
N ALA B 242 -12.61 -38.01 33.98
CA ALA B 242 -12.46 -36.75 33.27
C ALA B 242 -12.66 -35.56 34.20
N LEU B 243 -13.45 -35.75 35.25
CA LEU B 243 -13.66 -34.69 36.23
C LEU B 243 -12.45 -34.58 37.15
N ALA B 244 -11.89 -35.72 37.57
CA ALA B 244 -10.77 -35.73 38.51
C ALA B 244 -9.48 -35.23 37.88
N MET B 245 -9.40 -35.20 36.55
CA MET B 245 -8.28 -34.56 35.87
C MET B 245 -8.68 -33.20 35.31
N GLY B 246 -9.81 -32.68 35.79
CA GLY B 246 -10.27 -31.34 35.48
C GLY B 246 -10.50 -31.07 34.01
N MET B 247 -10.88 -32.11 33.28
CA MET B 247 -10.93 -32.06 31.84
C MET B 247 -12.35 -31.76 31.36
N MET B 248 -13.28 -31.49 32.25
CA MET B 248 -14.63 -31.09 31.85
C MET B 248 -14.83 -29.60 32.13
N THR B 249 -14.35 -28.79 31.19
CA THR B 249 -14.39 -27.34 31.32
C THR B 249 -15.23 -26.74 30.21
N GLU B 250 -15.19 -25.42 30.06
CA GLU B 250 -15.99 -24.74 29.05
C GLU B 250 -15.55 -25.01 27.62
N TYR B 251 -14.38 -25.59 27.40
CA TYR B 251 -13.84 -25.78 26.05
C TYR B 251 -13.57 -27.26 25.79
N TYR B 252 -14.45 -28.10 26.32
CA TYR B 252 -14.50 -29.52 26.01
C TYR B 252 -15.93 -29.91 25.67
N HIS B 253 -16.12 -30.62 24.55
CA HIS B 253 -17.44 -31.05 24.16
C HIS B 253 -17.43 -32.53 23.83
N TYR B 254 -18.32 -33.27 24.48
CA TYR B 254 -18.33 -34.73 24.46
C TYR B 254 -19.58 -35.21 23.72
N ILE B 255 -19.38 -35.95 22.63
CA ILE B 255 -20.51 -36.63 22.00
C ILE B 255 -20.46 -38.10 22.38
N PHE B 256 -21.54 -38.60 22.97
CA PHE B 256 -21.59 -40.00 23.37
C PHE B 256 -22.40 -40.80 22.36
N THR B 257 -21.73 -41.72 21.68
CA THR B 257 -22.40 -42.63 20.77
C THR B 257 -23.06 -43.74 21.59
N THR B 258 -24.19 -43.40 22.19
CA THR B 258 -24.95 -44.33 23.02
C THR B 258 -26.38 -43.82 23.04
N LEU B 259 -27.29 -44.66 23.51
CA LEU B 259 -28.70 -44.26 23.54
C LEU B 259 -29.19 -44.21 24.97
N ASP B 260 -28.24 -44.24 25.92
CA ASP B 260 -28.57 -44.12 27.33
C ASP B 260 -27.76 -43.04 28.01
N LEU B 261 -27.59 -41.89 27.34
CA LEU B 261 -26.95 -40.76 28.01
C LEU B 261 -27.88 -40.17 29.06
N PHE B 262 -29.18 -40.27 28.84
CA PHE B 262 -30.20 -39.69 29.71
C PHE B 262 -30.23 -40.37 31.08
N ALA B 263 -29.71 -41.59 31.18
CA ALA B 263 -29.72 -42.31 32.44
C ALA B 263 -28.46 -42.07 33.26
N LEU B 264 -27.63 -41.10 32.89
CA LEU B 264 -26.47 -40.74 33.70
C LEU B 264 -26.85 -39.73 34.77
N ASP B 265 -26.19 -39.84 35.92
CA ASP B 265 -26.26 -38.83 36.96
C ASP B 265 -25.35 -37.67 36.59
N VAL B 266 -25.95 -36.60 36.08
CA VAL B 266 -25.20 -35.50 35.49
C VAL B 266 -25.09 -34.35 36.51
N GLU B 267 -25.63 -34.58 37.70
CA GLU B 267 -25.66 -33.59 38.78
C GLU B 267 -24.29 -33.03 39.20
N PRO B 268 -23.16 -33.83 39.27
CA PRO B 268 -21.87 -33.16 39.49
C PRO B 268 -21.38 -32.35 38.30
N TYR B 269 -21.99 -32.56 37.13
CA TYR B 269 -21.42 -32.00 35.91
C TYR B 269 -22.25 -30.87 35.35
N ARG B 270 -23.42 -30.59 35.91
CA ARG B 270 -24.40 -29.70 35.34
C ARG B 270 -23.93 -28.25 35.34
N TYR B 271 -23.10 -27.91 36.33
CA TYR B 271 -22.60 -26.55 36.45
C TYR B 271 -21.19 -26.40 35.93
N SER B 272 -20.60 -27.49 35.42
CA SER B 272 -19.17 -27.56 35.15
C SER B 272 -18.71 -26.72 33.99
N GLY B 273 -19.61 -26.25 33.14
CA GLY B 273 -19.20 -25.51 31.97
C GLY B 273 -19.09 -26.41 30.75
N VAL B 274 -19.11 -27.72 30.98
CA VAL B 274 -18.89 -28.69 29.92
C VAL B 274 -20.12 -28.82 29.03
N ASN B 275 -19.91 -28.71 27.72
CA ASN B 275 -20.94 -29.04 26.75
C ASN B 275 -20.84 -30.56 26.59
N MET B 276 -21.97 -31.27 26.59
CA MET B 276 -21.96 -32.70 26.28
C MET B 276 -23.29 -33.06 25.64
N THR B 277 -23.20 -33.67 24.46
CA THR B 277 -24.36 -33.90 23.60
C THR B 277 -24.49 -35.40 23.32
N GLY B 278 -25.70 -35.91 23.22
CA GLY B 278 -25.86 -37.30 22.88
C GLY B 278 -27.04 -37.52 21.97
N PHE B 279 -27.63 -38.71 22.08
CA PHE B 279 -28.82 -39.06 21.35
C PHE B 279 -29.73 -39.85 22.26
N ARG B 280 -31.02 -39.87 21.91
CA ARG B 280 -32.01 -40.59 22.70
C ARG B 280 -33.14 -40.98 21.78
N ILE B 281 -33.51 -42.25 21.81
CA ILE B 281 -34.61 -42.73 20.98
C ILE B 281 -35.81 -42.93 21.90
N LEU B 282 -35.57 -43.00 23.20
CA LEU B 282 -36.62 -43.24 24.19
C LEU B 282 -37.40 -41.96 24.41
N ASN B 283 -38.69 -41.99 24.08
CA ASN B 283 -39.55 -40.82 24.22
C ASN B 283 -39.88 -40.52 25.68
N THR B 284 -39.30 -39.47 26.23
CA THR B 284 -39.61 -39.07 27.60
C THR B 284 -40.73 -38.03 27.64
N GLU B 285 -41.41 -37.86 26.51
CA GLU B 285 -42.48 -36.87 26.42
C GLU B 285 -43.86 -37.52 26.43
N ASN B 286 -43.97 -38.71 25.84
CA ASN B 286 -45.25 -39.40 25.75
C ASN B 286 -45.71 -39.89 27.12
N THR B 287 -46.94 -39.52 27.49
CA THR B 287 -47.47 -39.89 28.79
C THR B 287 -47.76 -41.38 28.88
N GLN B 288 -48.03 -42.02 27.73
CA GLN B 288 -48.18 -43.47 27.73
C GLN B 288 -46.85 -44.15 28.02
N VAL B 289 -45.78 -43.64 27.43
CA VAL B 289 -44.45 -44.18 27.70
C VAL B 289 -44.01 -43.87 29.12
N SER B 290 -44.30 -42.64 29.57
CA SER B 290 -43.91 -42.22 30.91
C SER B 290 -44.70 -42.96 31.98
N SER B 291 -45.89 -43.45 31.64
CA SER B 291 -46.63 -44.30 32.56
C SER B 291 -45.97 -45.66 32.70
N ILE B 292 -45.36 -46.16 31.63
CA ILE B 292 -44.68 -47.46 31.69
C ILE B 292 -43.39 -47.34 32.49
N ILE B 293 -42.64 -46.27 32.28
CA ILE B 293 -41.36 -46.06 32.95
C ILE B 293 -41.58 -45.84 34.44
N GLU B 294 -42.65 -45.13 34.80
CA GLU B 294 -43.04 -44.99 36.20
C GLU B 294 -43.46 -46.33 36.78
N LYS B 295 -44.12 -47.16 35.97
CA LYS B 295 -44.51 -48.49 36.43
C LYS B 295 -43.31 -49.42 36.50
N TRP B 296 -42.34 -49.21 35.60
CA TRP B 296 -41.13 -50.04 35.53
C TRP B 296 -40.30 -50.02 36.80
N SER B 297 -39.93 -48.82 37.25
CA SER B 297 -39.02 -48.63 38.39
C SER B 297 -39.62 -49.17 39.68
N MET B 298 -40.95 -49.17 39.77
CA MET B 298 -41.62 -49.81 40.88
C MET B 298 -41.52 -51.32 40.79
N GLU B 299 -41.64 -51.87 39.57
CA GLU B 299 -41.76 -53.31 39.41
C GLU B 299 -40.41 -53.98 39.18
N ARG B 300 -39.31 -53.22 39.25
CA ARG B 300 -37.98 -53.80 39.14
C ARG B 300 -37.66 -54.73 40.30
N LEU B 301 -37.62 -54.17 41.52
CA LEU B 301 -37.07 -54.77 42.74
C LEU B 301 -35.68 -55.27 42.41
N GLN B 302 -34.77 -54.33 42.14
CA GLN B 302 -33.41 -54.63 41.71
C GLN B 302 -32.42 -54.16 42.77
N ALA B 303 -31.19 -54.72 42.80
CA ALA B 303 -30.07 -54.31 43.63
C ALA B 303 -29.79 -52.83 43.44
N PRO B 304 -29.60 -52.09 44.54
CA PRO B 304 -29.54 -50.62 44.45
C PRO B 304 -28.24 -50.16 43.83
N PRO B 305 -28.26 -49.05 43.08
CA PRO B 305 -27.03 -48.55 42.45
C PRO B 305 -26.07 -47.93 43.47
N LYS B 306 -24.81 -48.34 43.37
CA LYS B 306 -23.75 -47.74 44.17
C LYS B 306 -23.56 -46.29 43.74
N PRO B 307 -23.29 -45.36 44.67
CA PRO B 307 -23.05 -43.97 44.25
C PRO B 307 -21.69 -43.77 43.61
N ASP B 308 -20.84 -44.80 43.63
CA ASP B 308 -19.59 -44.77 42.88
C ASP B 308 -19.77 -45.33 41.48
N SER B 309 -21.00 -45.70 41.13
CA SER B 309 -21.29 -46.11 39.75
C SER B 309 -21.45 -44.86 38.89
N GLY B 310 -22.19 -43.88 39.39
CA GLY B 310 -22.45 -42.66 38.65
C GLY B 310 -23.71 -42.69 37.83
N LEU B 311 -24.59 -43.66 38.09
CA LEU B 311 -25.81 -43.83 37.31
C LEU B 311 -27.01 -43.42 38.14
N LEU B 312 -28.07 -43.00 37.46
CA LEU B 312 -29.33 -42.69 38.14
C LEU B 312 -30.06 -43.99 38.47
N ASP B 313 -31.07 -43.90 39.33
CA ASP B 313 -31.62 -45.13 39.91
C ASP B 313 -32.68 -45.75 39.01
N GLY B 314 -33.81 -45.08 38.84
CA GLY B 314 -34.92 -45.68 38.12
C GLY B 314 -35.11 -45.14 36.72
N PHE B 315 -34.59 -45.87 35.74
CA PHE B 315 -34.77 -45.58 34.32
C PHE B 315 -34.65 -46.87 33.54
N MET B 316 -35.37 -46.96 32.42
CA MET B 316 -35.21 -48.06 31.49
C MET B 316 -34.02 -47.73 30.61
N THR B 317 -33.08 -48.66 30.53
CA THR B 317 -32.01 -48.54 29.53
C THR B 317 -32.58 -48.83 28.15
N THR B 318 -31.81 -48.48 27.12
CA THR B 318 -32.28 -48.74 25.77
C THR B 318 -32.18 -50.22 25.41
N ASP B 319 -31.46 -51.00 26.21
CA ASP B 319 -31.47 -52.45 26.01
C ASP B 319 -32.81 -53.05 26.41
N ALA B 320 -33.31 -52.66 27.59
CA ALA B 320 -34.59 -53.20 28.05
C ALA B 320 -35.76 -52.51 27.36
N ALA B 321 -35.55 -51.31 26.83
CA ALA B 321 -36.63 -50.61 26.14
C ALA B 321 -36.97 -51.29 24.83
N LEU B 322 -35.97 -51.80 24.14
CA LEU B 322 -36.21 -52.50 22.89
C LEU B 322 -36.80 -53.88 23.12
N MET B 323 -36.42 -54.54 24.21
CA MET B 323 -36.96 -55.86 24.51
C MET B 323 -38.44 -55.77 24.88
N TYR B 324 -38.85 -54.64 25.47
CA TYR B 324 -40.27 -54.37 25.63
C TYR B 324 -40.94 -54.16 24.29
N ASP B 325 -40.25 -53.48 23.37
CA ASP B 325 -40.79 -53.28 22.04
C ASP B 325 -40.59 -54.50 21.16
N ALA B 326 -39.77 -55.46 21.60
CA ALA B 326 -39.53 -56.65 20.79
C ALA B 326 -40.78 -57.52 20.73
N VAL B 327 -41.52 -57.61 21.83
CA VAL B 327 -42.71 -58.45 21.86
C VAL B 327 -43.86 -57.77 21.13
N HIS B 328 -43.94 -56.44 21.25
CA HIS B 328 -45.06 -55.70 20.69
C HIS B 328 -45.02 -55.64 19.18
N VAL B 329 -43.82 -55.73 18.59
CA VAL B 329 -43.73 -55.84 17.14
C VAL B 329 -44.22 -57.22 16.68
N VAL B 330 -43.86 -58.25 17.44
CA VAL B 330 -44.35 -59.60 17.18
C VAL B 330 -45.84 -59.68 17.48
N SER B 331 -46.32 -58.90 18.46
CA SER B 331 -47.72 -58.96 18.87
C SER B 331 -48.63 -58.34 17.82
N VAL B 332 -48.09 -57.47 16.96
CA VAL B 332 -48.87 -56.99 15.82
C VAL B 332 -49.04 -58.11 14.80
N ALA B 333 -48.00 -58.90 14.59
CA ALA B 333 -48.02 -59.91 13.53
C ALA B 333 -48.90 -61.09 13.88
N VAL B 334 -49.05 -61.40 15.17
CA VAL B 334 -49.86 -62.55 15.56
C VAL B 334 -51.34 -62.24 15.45
N GLN B 335 -51.69 -60.95 15.43
CA GLN B 335 -53.07 -60.53 15.19
C GLN B 335 -53.46 -60.80 13.75
N GLN B 336 -52.59 -60.38 12.82
CA GLN B 336 -52.91 -60.41 11.41
C GLN B 336 -52.78 -61.83 10.83
N PHE B 337 -52.13 -62.72 11.58
CA PHE B 337 -52.06 -64.13 11.20
C PHE B 337 -52.46 -64.97 12.42
N PRO B 338 -53.78 -65.07 12.72
CA PRO B 338 -54.20 -65.68 13.98
C PRO B 338 -54.17 -67.20 13.97
N GLN B 339 -54.21 -67.80 12.78
CA GLN B 339 -54.33 -69.24 12.64
C GLN B 339 -53.03 -70.00 12.91
N MET B 340 -51.97 -69.27 13.27
CA MET B 340 -50.68 -69.86 13.61
C MET B 340 -50.78 -70.71 14.87
N THR B 341 -50.16 -71.90 14.83
CA THR B 341 -50.12 -72.78 15.98
C THR B 341 -48.66 -73.13 16.28
N VAL B 342 -48.43 -73.69 17.47
CA VAL B 342 -47.10 -74.04 17.92
C VAL B 342 -46.74 -75.43 17.44
N SER B 343 -45.59 -75.59 16.79
CA SER B 343 -45.13 -76.89 16.32
C SER B 343 -43.80 -77.22 16.99
N SER B 344 -43.62 -78.50 17.34
CA SER B 344 -42.39 -78.97 17.96
C SER B 344 -41.36 -79.32 16.89
N LEU B 345 -40.40 -78.42 16.67
CA LEU B 345 -39.40 -78.62 15.63
C LEU B 345 -38.20 -79.37 16.18
N GLN B 346 -37.57 -80.16 15.32
CA GLN B 346 -36.39 -80.94 15.68
C GLN B 346 -35.17 -80.38 14.95
N CYS B 347 -34.10 -80.12 15.70
CA CYS B 347 -32.86 -79.61 15.11
C CYS B 347 -32.19 -80.67 14.26
N ASN B 348 -32.10 -81.90 14.78
CA ASN B 348 -31.45 -83.01 14.08
C ASN B 348 -32.23 -83.38 12.82
N ARG B 349 -33.55 -83.47 12.94
CA ARG B 349 -34.41 -83.67 11.77
C ARG B 349 -34.98 -82.31 11.36
N HIS B 350 -34.13 -81.51 10.71
CA HIS B 350 -34.49 -80.13 10.41
C HIS B 350 -35.54 -80.04 9.30
N LYS B 351 -36.61 -79.32 9.58
CA LYS B 351 -37.68 -79.06 8.61
C LYS B 351 -38.05 -77.60 8.71
N PRO B 352 -38.24 -76.91 7.58
CA PRO B 352 -38.74 -75.52 7.64
C PRO B 352 -40.16 -75.46 8.15
N TRP B 353 -40.38 -74.64 9.18
CA TRP B 353 -41.69 -74.50 9.81
C TRP B 353 -42.61 -73.72 8.88
N ARG B 354 -43.79 -74.29 8.61
CA ARG B 354 -44.59 -73.89 7.46
C ARG B 354 -45.28 -72.55 7.67
N PHE B 355 -45.47 -72.14 8.93
CA PHE B 355 -46.17 -70.89 9.17
C PHE B 355 -45.22 -69.70 9.20
N GLY B 356 -43.92 -69.95 9.33
CA GLY B 356 -42.93 -68.90 9.53
C GLY B 356 -42.76 -67.92 8.39
N THR B 357 -42.79 -68.40 7.15
CA THR B 357 -42.56 -67.60 5.96
C THR B 357 -43.65 -66.55 5.79
N ARG B 358 -44.91 -66.96 6.01
CA ARG B 358 -46.01 -66.01 6.03
C ARG B 358 -45.90 -65.08 7.24
N PHE B 359 -45.47 -65.62 8.38
CA PHE B 359 -45.39 -64.86 9.61
C PHE B 359 -44.23 -63.86 9.60
N MET B 360 -43.17 -64.17 8.84
CA MET B 360 -42.01 -63.30 8.81
C MET B 360 -42.30 -62.02 8.04
N SER B 361 -43.17 -62.11 7.03
CA SER B 361 -43.47 -60.95 6.19
C SER B 361 -44.28 -59.91 6.97
N LEU B 362 -45.09 -60.35 7.92
CA LEU B 362 -45.85 -59.41 8.73
C LEU B 362 -44.95 -58.72 9.75
N ILE B 363 -43.86 -59.38 10.14
CA ILE B 363 -42.89 -58.78 11.05
C ILE B 363 -42.15 -57.64 10.35
N LYS B 364 -41.64 -57.92 9.16
CA LYS B 364 -40.86 -56.93 8.41
C LYS B 364 -41.70 -55.77 7.90
N GLU B 365 -43.01 -55.92 7.86
CA GLU B 365 -43.91 -54.87 7.39
C GLU B 365 -44.68 -54.25 8.56
N ALA B 366 -44.25 -54.52 9.79
CA ALA B 366 -44.98 -54.07 10.96
C ALA B 366 -44.70 -52.61 11.25
N HIS B 367 -45.70 -51.91 11.77
CA HIS B 367 -45.55 -50.55 12.23
C HIS B 367 -46.14 -50.43 13.63
N TRP B 368 -45.35 -49.86 14.54
CA TRP B 368 -45.75 -49.77 15.93
C TRP B 368 -45.07 -48.58 16.59
N GLU B 369 -45.83 -47.82 17.35
CA GLU B 369 -45.31 -46.71 18.13
C GLU B 369 -44.98 -47.17 19.55
N GLY B 370 -43.84 -47.83 19.71
CA GLY B 370 -43.45 -48.35 21.00
C GLY B 370 -42.75 -47.29 21.83
N LEU B 371 -41.82 -47.74 22.68
CA LEU B 371 -41.10 -46.84 23.55
C LEU B 371 -40.12 -45.98 22.78
N THR B 372 -39.63 -46.49 21.66
CA THR B 372 -38.55 -45.85 20.92
C THR B 372 -39.06 -45.17 19.66
N GLY B 373 -40.22 -44.52 19.74
CA GLY B 373 -40.79 -43.90 18.57
C GLY B 373 -41.48 -44.93 17.70
N ARG B 374 -41.50 -44.69 16.40
CA ARG B 374 -42.04 -45.66 15.46
C ARG B 374 -41.01 -46.75 15.22
N ILE B 375 -41.48 -47.96 15.01
CA ILE B 375 -40.60 -49.08 14.66
C ILE B 375 -41.01 -49.51 13.26
N THR B 376 -40.19 -49.16 12.28
CA THR B 376 -40.36 -49.63 10.92
C THR B 376 -39.07 -50.32 10.48
N PHE B 377 -39.22 -51.45 9.79
CA PHE B 377 -38.06 -52.24 9.42
C PHE B 377 -37.60 -51.90 8.01
N ASN B 378 -36.74 -52.77 7.47
CA ASN B 378 -36.01 -52.51 6.25
C ASN B 378 -36.42 -53.57 5.22
N LYS B 379 -36.82 -53.16 4.01
CA LYS B 379 -37.37 -54.09 3.02
C LYS B 379 -36.33 -55.07 2.49
N THR B 380 -35.06 -54.71 2.64
CA THR B 380 -33.90 -55.57 2.46
C THR B 380 -33.75 -56.37 3.75
N ASN B 381 -32.53 -56.79 4.11
CA ASN B 381 -32.19 -57.36 5.43
C ASN B 381 -32.84 -56.65 6.62
N GLY B 382 -33.22 -57.43 7.63
CA GLY B 382 -34.16 -56.99 8.64
C GLY B 382 -33.70 -55.97 9.66
N LEU B 383 -32.70 -55.18 9.33
CA LEU B 383 -32.17 -54.14 10.21
C LEU B 383 -33.18 -53.02 10.44
N ARG B 384 -32.88 -52.12 11.37
CA ARG B 384 -33.73 -50.97 11.63
C ARG B 384 -32.95 -49.73 11.15
N THR B 385 -33.51 -49.04 10.17
CA THR B 385 -32.84 -47.94 9.50
C THR B 385 -33.58 -46.62 9.68
N ASP B 386 -34.90 -46.61 9.54
CA ASP B 386 -35.70 -45.40 9.69
C ASP B 386 -36.25 -45.36 11.12
N PHE B 387 -35.77 -44.40 11.89
CA PHE B 387 -36.17 -44.19 13.27
C PHE B 387 -36.10 -42.71 13.62
N ASP B 388 -36.28 -42.41 14.90
CA ASP B 388 -36.41 -41.04 15.37
C ASP B 388 -35.51 -40.81 16.57
N LEU B 389 -34.44 -40.05 16.38
CA LEU B 389 -33.57 -39.67 17.47
C LEU B 389 -34.00 -38.32 18.02
N ASP B 390 -33.74 -38.09 19.30
CA ASP B 390 -33.93 -36.80 19.92
C ASP B 390 -32.59 -36.33 20.48
N VAL B 391 -31.93 -35.42 19.75
CA VAL B 391 -30.60 -34.99 20.15
C VAL B 391 -30.67 -34.11 21.40
N ILE B 392 -30.11 -34.62 22.49
CA ILE B 392 -30.17 -33.95 23.78
C ILE B 392 -28.79 -33.44 24.15
N SER B 393 -28.74 -32.46 25.05
CA SER B 393 -27.47 -31.90 25.47
C SER B 393 -27.58 -31.45 26.92
N LEU B 394 -26.46 -30.98 27.46
CA LEU B 394 -26.39 -30.56 28.85
C LEU B 394 -26.40 -29.04 28.93
N LYS B 395 -27.40 -28.50 29.62
CA LYS B 395 -27.41 -27.11 30.03
C LYS B 395 -27.58 -27.08 31.54
N GLU B 396 -27.66 -25.88 32.13
CA GLU B 396 -27.66 -25.78 33.59
C GLU B 396 -28.95 -26.24 34.24
N GLU B 397 -29.97 -26.55 33.44
CA GLU B 397 -31.17 -27.21 33.94
C GLU B 397 -30.98 -28.72 34.03
N GLY B 398 -30.08 -29.28 33.23
CA GLY B 398 -29.88 -30.71 33.15
C GLY B 398 -29.80 -31.18 31.71
N LEU B 399 -30.22 -32.42 31.43
CA LEU B 399 -30.34 -32.86 30.06
C LEU B 399 -31.55 -32.19 29.41
N GLU B 400 -31.43 -31.89 28.13
CA GLU B 400 -32.44 -31.08 27.45
C GLU B 400 -32.43 -31.29 25.95
N LYS B 401 -33.60 -31.57 25.37
CA LYS B 401 -33.75 -31.72 23.93
C LYS B 401 -33.45 -30.43 23.20
N ILE B 402 -32.51 -30.45 22.27
CA ILE B 402 -32.19 -29.26 21.48
C ILE B 402 -32.38 -29.52 20.00
N GLY B 403 -33.18 -30.53 19.66
CA GLY B 403 -33.49 -30.79 18.27
C GLY B 403 -34.05 -32.18 18.03
N THR B 404 -34.00 -32.60 16.77
CA THR B 404 -34.51 -33.90 16.36
C THR B 404 -33.80 -34.35 15.09
N TRP B 405 -33.31 -35.58 15.06
CA TRP B 405 -32.68 -36.12 13.85
C TRP B 405 -33.63 -37.14 13.22
N ASP B 406 -33.54 -37.27 11.91
CA ASP B 406 -34.28 -38.27 11.16
C ASP B 406 -33.45 -38.68 9.96
N PRO B 407 -33.47 -39.94 9.52
CA PRO B 407 -32.67 -40.33 8.35
C PRO B 407 -33.16 -39.72 7.06
N ALA B 408 -34.48 -39.68 6.87
CA ALA B 408 -35.07 -39.11 5.66
C ALA B 408 -34.85 -37.60 5.62
N SER B 409 -34.91 -36.96 6.78
CA SER B 409 -34.55 -35.56 6.90
C SER B 409 -33.06 -35.42 7.20
N GLY B 410 -32.64 -34.25 7.64
CA GLY B 410 -31.33 -34.08 8.23
C GLY B 410 -31.50 -33.80 9.70
N LEU B 411 -30.57 -33.03 10.27
CA LEU B 411 -30.79 -32.47 11.60
C LEU B 411 -31.87 -31.41 11.52
N ASN B 412 -32.88 -31.53 12.38
CA ASN B 412 -33.86 -30.46 12.55
C ASN B 412 -33.49 -29.64 13.79
N MET B 413 -32.20 -29.38 13.95
CA MET B 413 -31.70 -28.51 15.00
C MET B 413 -31.87 -27.05 14.61
N THR B 414 -31.17 -26.15 15.31
CA THR B 414 -31.52 -24.73 15.46
C THR B 414 -32.94 -24.75 16.02
N GLU B 415 -33.10 -25.46 17.13
CA GLU B 415 -34.37 -25.57 17.84
C GLU B 415 -34.44 -24.45 18.87
N SER B 416 -33.32 -24.22 19.55
CA SER B 416 -33.21 -23.24 20.63
C SER B 416 -32.40 -22.05 20.15
N GLN B 417 -31.50 -22.29 19.20
CA GLN B 417 -30.86 -21.20 18.48
C GLN B 417 -31.92 -20.42 17.69
N LYS B 418 -31.85 -19.09 17.78
CA LYS B 418 -32.97 -18.27 17.29
C LYS B 418 -32.41 -16.96 16.72
N GLY B 419 -32.30 -16.91 15.39
CA GLY B 419 -32.20 -15.66 14.68
C GLY B 419 -30.85 -15.28 14.11
N LYS B 420 -29.79 -15.43 14.91
CA LYS B 420 -28.43 -15.00 14.61
C LYS B 420 -28.40 -13.52 14.18
N PRO B 421 -28.51 -12.58 15.14
CA PRO B 421 -28.49 -11.15 14.76
C PRO B 421 -27.09 -10.65 14.44
N ALA B 422 -27.00 -9.43 13.90
CA ALA B 422 -25.71 -8.83 13.56
C ALA B 422 -25.88 -7.31 13.51
N ASN B 423 -24.90 -6.61 14.11
CA ASN B 423 -24.94 -5.15 14.18
C ASN B 423 -23.52 -4.61 14.38
N ILE B 424 -22.92 -4.04 13.34
CA ILE B 424 -21.58 -3.45 13.49
C ILE B 424 -21.58 -1.96 13.12
N THR B 425 -22.30 -1.59 12.05
CA THR B 425 -22.44 -0.21 11.55
C THR B 425 -21.12 0.48 11.28
N ASP B 426 -20.40 0.05 10.24
CA ASP B 426 -19.12 0.64 9.82
C ASP B 426 -19.39 1.97 9.09
N SER B 427 -18.38 2.53 8.40
CA SER B 427 -18.41 3.87 7.83
C SER B 427 -18.66 4.89 8.94
N LEU B 428 -17.65 5.04 9.80
CA LEU B 428 -17.68 5.34 11.22
C LEU B 428 -18.69 6.36 11.75
N SER B 429 -18.79 7.55 11.15
CA SER B 429 -19.63 8.60 11.73
C SER B 429 -21.11 8.23 11.69
N ASN B 430 -21.75 8.32 10.53
CA ASN B 430 -22.54 7.23 9.93
C ASN B 430 -22.79 7.45 8.45
N ARG B 431 -21.73 7.29 7.62
CA ARG B 431 -21.77 7.19 6.15
C ARG B 431 -20.33 7.10 5.66
N SER B 432 -20.12 6.54 4.47
CA SER B 432 -18.93 6.83 3.67
C SER B 432 -19.07 8.05 2.78
N LEU B 433 -19.59 9.16 3.35
CA LEU B 433 -19.41 10.55 2.92
C LEU B 433 -19.57 10.78 1.42
N ILE B 434 -20.83 10.72 0.96
CA ILE B 434 -21.17 10.83 -0.46
C ILE B 434 -20.70 12.18 -0.98
N VAL B 435 -19.69 12.15 -1.85
CA VAL B 435 -19.09 13.36 -2.41
C VAL B 435 -19.72 13.63 -3.77
N THR B 436 -20.34 14.79 -3.90
CA THR B 436 -20.91 15.20 -5.18
C THR B 436 -19.94 16.09 -5.94
N THR B 437 -19.52 15.61 -7.10
CA THR B 437 -18.61 16.35 -7.96
C THR B 437 -19.17 16.34 -9.38
N ILE B 438 -18.43 16.93 -10.31
CA ILE B 438 -18.89 17.12 -11.67
C ILE B 438 -17.70 16.96 -12.61
N LEU B 439 -17.94 16.46 -13.82
CA LEU B 439 -16.86 16.15 -14.73
C LEU B 439 -16.41 17.41 -15.48
N GLU B 440 -15.18 17.85 -15.20
CA GLU B 440 -14.55 18.98 -15.86
C GLU B 440 -13.05 18.73 -15.97
N GLU B 441 -12.50 19.02 -17.13
CA GLU B 441 -11.05 18.90 -17.29
C GLU B 441 -10.36 20.14 -16.72
N PRO B 442 -9.21 19.97 -16.07
CA PRO B 442 -8.55 18.71 -15.72
C PRO B 442 -8.87 18.30 -14.30
N TYR B 443 -9.99 18.80 -13.78
CA TYR B 443 -10.31 18.63 -12.38
C TYR B 443 -10.81 17.23 -12.08
N VAL B 444 -11.95 16.87 -12.67
CA VAL B 444 -12.53 15.53 -12.54
C VAL B 444 -12.86 15.03 -13.94
N LEU B 445 -12.32 13.87 -14.30
CA LEU B 445 -12.57 13.29 -15.61
C LEU B 445 -12.44 11.78 -15.52
N PHE B 446 -13.07 11.09 -16.45
CA PHE B 446 -13.06 9.63 -16.44
C PHE B 446 -11.68 9.09 -16.80
N LYS B 447 -11.35 7.94 -16.22
CA LYS B 447 -10.04 7.33 -16.41
C LYS B 447 -10.05 6.47 -17.67
N LYS B 448 -9.02 6.63 -18.49
CA LYS B 448 -8.89 5.85 -19.72
C LYS B 448 -8.18 4.54 -19.41
N SER B 449 -8.83 3.43 -19.76
CA SER B 449 -8.28 2.11 -19.50
C SER B 449 -8.81 1.15 -20.55
N ASP B 450 -8.08 0.06 -20.77
CA ASP B 450 -8.52 -0.99 -21.69
C ASP B 450 -9.73 -1.73 -21.13
N LYS B 451 -9.73 -2.00 -19.83
CA LYS B 451 -10.88 -2.58 -19.17
C LYS B 451 -11.72 -1.49 -18.54
N PRO B 452 -13.03 -1.49 -18.76
CA PRO B 452 -13.90 -0.49 -18.13
C PRO B 452 -14.00 -0.71 -16.62
N LEU B 453 -13.72 0.36 -15.87
CA LEU B 453 -13.66 0.27 -14.42
C LEU B 453 -15.03 0.57 -13.80
N TYR B 454 -15.15 0.25 -12.52
CA TYR B 454 -16.43 0.37 -11.81
C TYR B 454 -16.17 0.88 -10.40
N GLY B 455 -16.79 2.01 -10.07
CA GLY B 455 -16.69 2.57 -8.73
C GLY B 455 -15.91 3.86 -8.73
N ASN B 456 -15.11 4.05 -7.67
CA ASN B 456 -14.31 5.26 -7.53
C ASN B 456 -13.09 5.28 -8.44
N ASP B 457 -12.69 4.11 -8.96
CA ASP B 457 -11.53 4.06 -9.85
C ASP B 457 -11.84 4.60 -11.25
N ARG B 458 -13.12 4.84 -11.54
CA ARG B 458 -13.53 5.47 -12.79
C ARG B 458 -12.98 6.88 -12.93
N PHE B 459 -12.82 7.61 -11.82
CA PHE B 459 -12.56 9.04 -11.84
C PHE B 459 -11.08 9.30 -11.60
N GLU B 460 -10.56 10.30 -12.32
CA GLU B 460 -9.21 10.77 -12.11
C GLU B 460 -9.19 12.27 -12.36
N GLY B 461 -8.07 12.89 -12.08
CA GLY B 461 -7.92 14.32 -12.30
C GLY B 461 -7.32 14.98 -11.08
N TYR B 462 -7.61 16.27 -10.95
CA TYR B 462 -7.07 17.03 -9.82
C TYR B 462 -7.85 16.76 -8.54
N CYS B 463 -9.16 16.97 -8.58
CA CYS B 463 -9.95 17.08 -7.35
C CYS B 463 -10.10 15.75 -6.62
N ILE B 464 -10.17 14.63 -7.33
CA ILE B 464 -10.17 13.35 -6.63
C ILE B 464 -8.77 13.01 -6.12
N ASP B 465 -7.74 13.49 -6.81
CA ASP B 465 -6.38 13.32 -6.29
C ASP B 465 -6.14 14.24 -5.11
N LEU B 466 -6.86 15.36 -5.04
CA LEU B 466 -6.95 16.12 -3.80
C LEU B 466 -7.69 15.33 -2.74
N LEU B 467 -8.80 14.71 -3.11
CA LEU B 467 -9.65 14.04 -2.13
C LEU B 467 -9.02 12.77 -1.59
N ARG B 468 -8.13 12.11 -2.35
CA ARG B 468 -7.35 11.02 -1.79
C ARG B 468 -6.36 11.53 -0.75
N GLU B 469 -5.89 12.76 -0.90
CA GLU B 469 -5.05 13.34 0.14
C GLU B 469 -5.86 13.77 1.35
N LEU B 470 -7.08 14.26 1.13
CA LEU B 470 -7.93 14.61 2.27
C LEU B 470 -8.37 13.38 3.02
N SER B 471 -8.61 12.27 2.32
CA SER B 471 -8.99 11.03 2.96
CA SER B 471 -8.99 11.04 2.97
C SER B 471 -7.83 10.39 3.71
N THR B 472 -6.59 10.65 3.27
CA THR B 472 -5.44 10.13 3.99
C THR B 472 -5.21 10.88 5.29
N ILE B 473 -5.41 12.19 5.28
CA ILE B 473 -5.17 13.00 6.48
C ILE B 473 -6.28 12.80 7.49
N LEU B 474 -7.53 13.04 7.10
CA LEU B 474 -8.62 13.01 8.06
C LEU B 474 -9.07 11.59 8.37
N GLY B 475 -8.72 10.62 7.52
CA GLY B 475 -9.05 9.24 7.78
C GLY B 475 -10.52 8.91 7.64
N PHE B 476 -11.06 9.12 6.45
CA PHE B 476 -12.45 8.78 6.17
C PHE B 476 -12.52 8.01 4.86
N THR B 477 -13.67 7.36 4.64
CA THR B 477 -13.97 6.70 3.39
C THR B 477 -14.96 7.55 2.61
N TYR B 478 -14.78 7.60 1.29
CA TYR B 478 -15.60 8.45 0.45
C TYR B 478 -16.15 7.63 -0.70
N GLU B 479 -17.35 8.00 -1.15
CA GLU B 479 -17.95 7.40 -2.34
C GLU B 479 -18.26 8.53 -3.32
N ILE B 480 -17.59 8.52 -4.47
CA ILE B 480 -17.82 9.54 -5.48
C ILE B 480 -19.18 9.31 -6.13
N ARG B 481 -20.00 10.35 -6.13
CA ARG B 481 -21.31 10.29 -6.79
C ARG B 481 -21.50 11.56 -7.58
N LEU B 482 -21.33 11.47 -8.89
CA LEU B 482 -21.36 12.62 -9.78
C LEU B 482 -22.77 13.22 -9.81
N VAL B 483 -22.83 14.53 -10.07
CA VAL B 483 -24.07 15.28 -9.89
C VAL B 483 -25.08 14.91 -10.98
N GLU B 484 -26.36 14.85 -10.59
CA GLU B 484 -27.40 14.40 -11.50
C GLU B 484 -27.71 15.46 -12.56
N ASP B 485 -28.08 16.67 -12.13
CA ASP B 485 -28.56 17.71 -13.03
C ASP B 485 -27.44 18.52 -13.69
N GLY B 486 -26.18 18.07 -13.59
CA GLY B 486 -25.10 18.52 -14.45
C GLY B 486 -24.67 19.97 -14.34
N LYS B 487 -25.17 20.72 -13.37
CA LYS B 487 -24.82 22.12 -13.20
C LYS B 487 -23.95 22.28 -11.95
N TYR B 488 -23.55 23.51 -11.66
CA TYR B 488 -22.86 23.74 -10.40
C TYR B 488 -23.85 24.24 -9.34
N GLY B 489 -24.46 25.38 -9.59
CA GLY B 489 -25.44 25.94 -8.68
C GLY B 489 -25.86 27.34 -9.05
N ALA B 490 -27.17 27.58 -9.05
CA ALA B 490 -27.72 28.89 -9.34
C ALA B 490 -29.13 28.95 -8.77
N GLN B 491 -29.50 30.11 -8.25
CA GLN B 491 -30.81 30.28 -7.64
C GLN B 491 -31.77 30.84 -8.69
N ASP B 492 -32.72 30.01 -9.12
CA ASP B 492 -33.72 30.47 -10.06
C ASP B 492 -34.72 31.40 -9.40
N ASP B 493 -34.46 32.71 -9.48
CA ASP B 493 -35.02 33.78 -8.65
C ASP B 493 -36.53 33.78 -8.41
N VAL B 494 -37.31 33.32 -9.40
CA VAL B 494 -38.76 33.33 -9.30
C VAL B 494 -39.23 32.31 -8.28
N ASN B 495 -38.89 31.05 -8.52
CA ASN B 495 -39.31 29.93 -7.67
C ASN B 495 -38.24 29.50 -6.68
N GLY B 496 -37.52 30.47 -6.08
CA GLY B 496 -36.13 30.37 -5.70
C GLY B 496 -35.65 29.12 -5.01
N GLN B 497 -34.90 28.31 -5.74
CA GLN B 497 -34.29 27.07 -5.27
C GLN B 497 -32.94 26.93 -5.96
N TRP B 498 -32.10 26.09 -5.42
CA TRP B 498 -30.79 25.88 -6.00
C TRP B 498 -30.80 24.64 -6.88
N ASN B 499 -29.77 24.52 -7.70
CA ASN B 499 -29.59 23.38 -8.58
C ASN B 499 -28.14 22.95 -8.54
N GLY B 500 -27.81 21.96 -9.36
CA GLY B 500 -26.42 21.56 -9.49
C GLY B 500 -25.90 20.85 -8.25
N MET B 501 -24.70 21.25 -7.81
CA MET B 501 -24.10 20.68 -6.62
C MET B 501 -24.54 21.41 -5.36
N VAL B 502 -24.99 22.66 -5.49
CA VAL B 502 -25.46 23.41 -4.33
C VAL B 502 -26.73 22.80 -3.78
N ARG B 503 -27.61 22.34 -4.67
CA ARG B 503 -28.82 21.65 -4.24
C ARG B 503 -28.50 20.28 -3.63
N GLU B 504 -27.41 19.64 -4.09
CA GLU B 504 -26.97 18.39 -3.49
C GLU B 504 -26.49 18.57 -2.06
N LEU B 505 -25.99 19.75 -1.71
CA LEU B 505 -25.50 20.02 -0.37
C LEU B 505 -26.60 20.43 0.59
N ILE B 506 -27.55 21.25 0.12
CA ILE B 506 -28.61 21.75 0.99
C ILE B 506 -29.57 20.63 1.36
N ASP B 507 -29.85 19.74 0.41
CA ASP B 507 -30.75 18.62 0.67
C ASP B 507 -30.06 17.46 1.37
N HIS B 508 -28.77 17.62 1.71
CA HIS B 508 -27.95 16.63 2.42
C HIS B 508 -27.82 15.30 1.66
N LYS B 509 -28.04 15.32 0.34
CA LYS B 509 -27.73 14.15 -0.47
C LYS B 509 -26.24 13.96 -0.56
N ALA B 510 -25.50 15.05 -0.60
CA ALA B 510 -24.04 15.04 -0.55
C ALA B 510 -23.57 15.26 0.87
N ASP B 511 -22.27 15.12 1.07
CA ASP B 511 -21.62 15.56 2.30
C ASP B 511 -20.48 16.51 1.97
N LEU B 512 -19.87 16.33 0.81
CA LEU B 512 -18.81 17.20 0.33
C LEU B 512 -19.15 17.68 -1.06
N ALA B 513 -18.35 18.61 -1.57
CA ALA B 513 -18.50 19.15 -2.91
C ALA B 513 -17.15 19.35 -3.56
N VAL B 514 -16.28 18.32 -3.48
CA VAL B 514 -14.90 18.45 -3.92
C VAL B 514 -14.89 18.53 -5.44
N ALA B 515 -14.81 19.76 -5.95
CA ALA B 515 -15.15 20.10 -7.32
C ALA B 515 -14.78 21.55 -7.58
N PRO B 516 -14.75 22.03 -8.82
CA PRO B 516 -14.56 23.47 -9.06
C PRO B 516 -15.75 24.32 -8.64
N LEU B 517 -16.01 24.41 -7.34
CA LEU B 517 -17.15 25.17 -6.83
C LEU B 517 -16.63 26.47 -6.26
N ALA B 518 -16.75 27.56 -7.03
CA ALA B 518 -16.14 28.82 -6.66
C ALA B 518 -16.90 29.48 -5.51
N ILE B 519 -16.14 30.03 -4.57
CA ILE B 519 -16.70 30.68 -3.39
C ILE B 519 -17.20 32.06 -3.80
N THR B 520 -18.51 32.24 -3.80
CA THR B 520 -19.10 33.54 -4.11
C THR B 520 -19.95 33.99 -2.93
N TYR B 521 -20.52 35.18 -3.09
CA TYR B 521 -21.34 35.78 -2.04
C TYR B 521 -22.64 35.01 -1.83
N VAL B 522 -23.40 34.78 -2.89
CA VAL B 522 -24.73 34.21 -2.75
C VAL B 522 -24.71 32.72 -2.45
N ARG B 523 -23.58 32.05 -2.67
CA ARG B 523 -23.49 30.63 -2.35
C ARG B 523 -23.16 30.40 -0.89
N GLU B 524 -22.32 31.25 -0.30
CA GLU B 524 -21.79 30.96 1.03
C GLU B 524 -22.82 31.28 2.11
N LYS B 525 -23.93 31.92 1.75
CA LYS B 525 -25.02 32.07 2.69
C LYS B 525 -25.72 30.75 2.99
N VAL B 526 -25.88 29.88 1.98
CA VAL B 526 -26.73 28.71 2.12
C VAL B 526 -25.91 27.44 2.33
N ILE B 527 -24.66 27.43 1.91
CA ILE B 527 -23.76 26.33 2.20
C ILE B 527 -22.51 26.90 2.88
N ASP B 528 -21.68 26.02 3.42
CA ASP B 528 -20.48 26.43 4.13
C ASP B 528 -19.27 25.92 3.36
N PHE B 529 -18.57 26.84 2.70
CA PHE B 529 -17.34 26.47 2.01
C PHE B 529 -16.22 26.27 3.01
N SER B 530 -15.23 25.51 2.58
CA SER B 530 -13.96 25.44 3.29
C SER B 530 -13.12 26.65 2.89
N LYS B 531 -11.85 26.59 3.20
CA LYS B 531 -10.96 27.71 2.94
C LYS B 531 -10.12 27.33 1.72
N PRO B 532 -9.98 28.24 0.73
CA PRO B 532 -9.71 27.81 -0.66
C PRO B 532 -8.42 27.05 -0.87
N PHE B 533 -8.47 26.12 -1.83
CA PHE B 533 -7.30 25.37 -2.23
C PHE B 533 -6.74 25.81 -3.58
N MET B 534 -7.35 26.80 -4.23
CA MET B 534 -6.85 27.32 -5.50
C MET B 534 -7.43 28.71 -5.70
N THR B 535 -6.61 29.60 -6.22
CA THR B 535 -6.97 31.00 -6.43
C THR B 535 -7.49 31.17 -7.86
N LEU B 536 -8.54 31.97 -8.03
CA LEU B 536 -9.20 32.10 -9.31
C LEU B 536 -9.15 33.53 -9.83
N GLY B 537 -9.87 33.74 -10.94
CA GLY B 537 -10.17 35.05 -11.47
C GLY B 537 -10.93 34.89 -12.77
N ILE B 538 -11.96 35.70 -12.98
CA ILE B 538 -12.66 35.68 -14.25
C ILE B 538 -11.81 36.37 -15.30
N SER B 539 -11.65 35.74 -16.45
CA SER B 539 -10.84 36.32 -17.51
C SER B 539 -11.44 35.94 -18.86
N ILE B 540 -10.80 36.40 -19.92
CA ILE B 540 -11.33 36.32 -21.28
C ILE B 540 -10.49 35.33 -22.08
N LEU B 541 -11.13 34.33 -22.65
CA LEU B 541 -10.46 33.35 -23.50
C LEU B 541 -10.75 33.71 -24.95
N TYR B 542 -9.71 33.75 -25.78
CA TYR B 542 -9.85 34.22 -27.15
C TYR B 542 -8.67 33.69 -27.97
N ARG B 543 -8.87 33.63 -29.28
CA ARG B 543 -7.86 33.07 -30.18
C ARG B 543 -6.65 33.98 -30.29
N LYS B 544 -5.48 33.36 -30.43
CA LYS B 544 -4.30 34.13 -30.80
C LYS B 544 -4.42 34.56 -32.26
N PRO B 545 -4.14 35.82 -32.58
CA PRO B 545 -4.22 36.25 -33.98
C PRO B 545 -3.14 35.60 -34.84
N ASN B 546 -3.54 35.08 -36.01
CA ASN B 546 -2.59 34.38 -36.87
C ASN B 546 -1.66 35.37 -37.55
N GLY B 547 -2.25 36.27 -38.34
CA GLY B 547 -1.46 37.08 -39.25
C GLY B 547 -0.67 38.16 -38.52
N THR B 548 0.18 38.81 -39.29
CA THR B 548 1.16 39.72 -38.75
C THR B 548 0.76 41.17 -39.02
N ASN B 549 1.16 42.04 -38.10
CA ASN B 549 1.37 43.44 -38.42
C ASN B 549 2.41 43.44 -39.54
N PRO B 550 2.09 43.96 -40.74
CA PRO B 550 3.06 43.87 -41.85
C PRO B 550 4.35 44.62 -41.60
N GLY B 551 4.25 45.90 -41.21
CA GLY B 551 5.44 46.73 -41.14
C GLY B 551 5.98 46.89 -42.54
N VAL B 552 5.26 47.65 -43.37
CA VAL B 552 5.56 47.70 -44.80
C VAL B 552 6.93 48.33 -45.04
N PHE B 553 7.37 49.24 -44.17
CA PHE B 553 8.76 49.67 -44.19
C PHE B 553 9.62 48.73 -43.34
N SER B 554 9.44 48.80 -42.02
CA SER B 554 10.14 47.98 -41.01
C SER B 554 11.67 48.00 -41.10
N PHE B 555 12.25 48.95 -41.83
CA PHE B 555 13.70 49.07 -41.93
C PHE B 555 14.21 50.38 -41.36
N LEU B 556 13.31 51.32 -41.06
CA LEU B 556 13.68 52.52 -40.34
C LEU B 556 13.88 52.23 -38.86
N ASN B 557 13.43 51.07 -38.41
CA ASN B 557 13.46 50.70 -37.00
C ASN B 557 14.84 50.63 -36.32
N PRO B 558 15.96 50.20 -36.93
CA PRO B 558 17.20 50.11 -36.15
C PRO B 558 17.82 51.44 -35.72
N LEU B 559 17.28 52.57 -36.13
CA LEU B 559 17.67 53.85 -35.58
C LEU B 559 16.43 54.58 -35.12
N SER B 560 16.54 55.32 -34.02
CA SER B 560 15.42 56.12 -33.56
C SER B 560 15.21 57.29 -34.53
N PRO B 561 13.97 57.80 -34.64
CA PRO B 561 13.72 58.93 -35.56
C PRO B 561 14.41 60.23 -35.16
N ASP B 562 14.95 60.32 -33.95
CA ASP B 562 15.91 61.39 -33.66
C ASP B 562 17.17 61.23 -34.50
N ILE B 563 17.68 60.00 -34.60
CA ILE B 563 18.90 59.74 -35.36
C ILE B 563 18.66 59.92 -36.85
N TRP B 564 17.46 59.55 -37.32
CA TRP B 564 17.18 59.63 -38.75
C TRP B 564 17.10 61.07 -39.26
N MET B 565 16.60 61.99 -38.45
CA MET B 565 16.61 63.37 -38.90
C MET B 565 17.97 64.02 -38.72
N TYR B 566 18.78 63.56 -37.77
CA TYR B 566 20.05 64.23 -37.51
C TYR B 566 21.09 63.92 -38.59
N VAL B 567 20.99 62.74 -39.22
CA VAL B 567 21.91 62.45 -40.31
C VAL B 567 21.58 63.25 -41.55
N LEU B 568 20.33 63.69 -41.70
CA LEU B 568 20.04 64.65 -42.76
C LEU B 568 20.56 66.03 -42.41
N LEU B 569 20.29 66.51 -41.19
CA LEU B 569 20.84 67.79 -40.75
C LEU B 569 22.36 67.78 -40.63
N ALA B 570 22.97 66.60 -40.55
CA ALA B 570 24.40 66.52 -40.84
C ALA B 570 24.66 66.62 -42.34
N CYS B 571 23.93 65.84 -43.16
CA CYS B 571 24.18 65.83 -44.60
C CYS B 571 23.74 67.12 -45.27
N LEU B 572 22.65 67.74 -44.80
CA LEU B 572 22.36 69.10 -45.21
C LEU B 572 23.41 70.08 -44.68
N GLY B 573 24.01 69.78 -43.52
CA GLY B 573 24.95 70.68 -42.90
C GLY B 573 26.37 70.59 -43.44
N VAL B 574 26.88 69.37 -43.58
CA VAL B 574 28.25 69.18 -44.05
C VAL B 574 28.39 69.60 -45.51
N SER B 575 27.34 69.38 -46.30
CA SER B 575 27.33 69.83 -47.68
C SER B 575 27.36 71.35 -47.82
N CYS B 576 26.87 72.08 -46.82
CA CYS B 576 27.04 73.53 -46.85
C CYS B 576 28.46 73.92 -46.51
N VAL B 577 29.01 73.37 -45.41
CA VAL B 577 30.33 73.81 -44.95
C VAL B 577 31.44 73.28 -45.85
N LEU B 578 31.19 72.23 -46.62
CA LEU B 578 32.16 71.84 -47.63
C LEU B 578 32.16 72.85 -48.78
N PHE B 579 30.99 73.37 -49.14
CA PHE B 579 30.90 74.37 -50.20
C PHE B 579 31.47 75.70 -49.75
N VAL B 580 31.35 76.04 -48.47
CA VAL B 580 31.91 77.29 -47.97
C VAL B 580 33.43 77.24 -48.01
N ILE B 581 34.02 76.11 -47.60
CA ILE B 581 35.47 75.99 -47.62
C ILE B 581 35.99 75.91 -49.05
N ALA B 582 35.30 75.15 -49.92
CA ALA B 582 35.76 74.99 -51.28
C ALA B 582 35.59 76.25 -52.12
N ARG B 583 34.77 77.20 -51.66
CA ARG B 583 34.77 78.54 -52.22
C ARG B 583 35.56 79.51 -51.36
N PHE B 584 36.45 79.01 -50.50
CA PHE B 584 37.30 79.89 -49.71
C PHE B 584 38.74 79.38 -49.73
N SER B 585 38.92 78.10 -50.00
CA SER B 585 40.26 77.50 -50.02
C SER B 585 41.01 77.94 -51.27
N PRO B 586 42.18 78.58 -51.13
CA PRO B 586 42.92 78.99 -52.32
C PRO B 586 43.85 77.90 -52.84
N TYR B 587 43.35 76.66 -52.86
CA TYR B 587 43.99 75.57 -53.59
C TYR B 587 43.00 74.72 -54.33
N GLU B 588 41.70 74.80 -54.01
CA GLU B 588 40.68 74.10 -54.77
C GLU B 588 40.50 74.65 -56.17
N TRP B 589 40.89 75.89 -56.40
CA TRP B 589 40.74 76.49 -57.71
C TRP B 589 41.78 75.89 -58.63
N TYR B 590 41.44 74.77 -59.27
CA TYR B 590 42.36 74.06 -60.16
C TYR B 590 41.93 74.27 -61.60
N ASN B 591 42.90 74.19 -62.51
CA ASN B 591 42.63 74.19 -63.94
C ASN B 591 42.44 72.77 -64.46
N PRO B 592 41.40 72.49 -65.25
CA PRO B 592 41.33 71.18 -65.91
C PRO B 592 42.47 70.97 -66.90
N HIS B 593 42.45 71.75 -67.99
CA HIS B 593 43.49 72.22 -68.91
C HIS B 593 44.72 71.32 -68.99
N PRO B 594 44.60 70.10 -69.53
CA PRO B 594 45.67 69.10 -69.34
C PRO B 594 46.94 69.33 -70.13
N CYS B 595 46.88 70.01 -71.28
CA CYS B 595 48.04 70.10 -72.18
C CYS B 595 49.24 70.86 -71.60
N ASN B 596 49.13 72.19 -71.46
CA ASN B 596 50.17 73.01 -70.84
C ASN B 596 49.62 74.32 -70.28
N PRO B 597 49.53 74.44 -68.95
CA PRO B 597 48.69 75.48 -68.32
C PRO B 597 49.24 76.88 -68.56
N ASP B 598 48.44 77.72 -69.21
CA ASP B 598 48.90 79.05 -69.58
C ASP B 598 48.50 80.10 -68.57
N SER B 599 47.19 80.36 -68.45
CA SER B 599 46.57 81.35 -67.59
C SER B 599 45.06 81.29 -67.75
N ASP B 600 44.35 81.82 -66.75
CA ASP B 600 42.94 82.21 -66.81
C ASP B 600 42.00 81.02 -67.07
N VAL B 601 42.11 80.00 -66.23
CA VAL B 601 41.34 78.77 -66.39
C VAL B 601 40.54 78.42 -65.14
N VAL B 602 41.18 78.51 -63.96
CA VAL B 602 40.87 77.62 -62.84
C VAL B 602 39.46 77.85 -62.28
N GLU B 603 38.86 76.77 -61.78
CA GLU B 603 37.45 76.80 -61.37
C GLU B 603 37.16 75.61 -60.47
N ASN B 604 36.33 75.84 -59.45
CA ASN B 604 35.97 74.77 -58.55
C ASN B 604 34.93 73.85 -59.18
N ASN B 605 35.12 72.56 -58.98
CA ASN B 605 34.07 71.61 -59.30
C ASN B 605 33.03 71.49 -58.20
N PHE B 606 33.30 72.08 -57.03
CA PHE B 606 32.33 72.11 -55.93
C PHE B 606 31.39 73.28 -56.16
N THR B 607 30.39 73.07 -56.99
CA THR B 607 29.21 73.90 -56.91
C THR B 607 28.38 73.45 -55.70
N LEU B 608 27.36 74.24 -55.37
CA LEU B 608 26.52 73.90 -54.22
C LEU B 608 25.66 72.68 -54.52
N LEU B 609 25.34 72.43 -55.79
CA LEU B 609 24.71 71.17 -56.17
C LEU B 609 25.66 69.99 -56.01
N ASN B 610 26.94 70.21 -56.26
CA ASN B 610 27.92 69.13 -56.18
C ASN B 610 28.22 68.72 -54.74
N SER B 611 28.13 69.64 -53.79
CA SER B 611 28.54 69.33 -52.43
C SER B 611 27.51 68.48 -51.71
N PHE B 612 26.23 68.54 -52.09
CA PHE B 612 25.29 67.54 -51.62
C PHE B 612 25.62 66.17 -52.19
N TRP B 613 26.11 66.14 -53.43
CA TRP B 613 26.39 64.89 -54.11
C TRP B 613 27.63 64.20 -53.55
N PHE B 614 28.55 64.95 -52.97
CA PHE B 614 29.59 64.32 -52.17
C PHE B 614 29.04 63.88 -50.82
N GLY B 615 28.11 64.65 -50.26
CA GLY B 615 27.55 64.30 -48.97
C GLY B 615 26.65 63.09 -49.04
N VAL B 616 25.78 63.03 -50.04
CA VAL B 616 24.93 61.86 -50.23
C VAL B 616 25.75 60.71 -50.78
N GLY B 617 26.71 60.99 -51.65
CA GLY B 617 27.49 59.94 -52.28
C GLY B 617 28.39 59.20 -51.31
N ALA B 618 28.93 59.92 -50.33
CA ALA B 618 29.71 59.25 -49.29
C ALA B 618 28.81 58.55 -48.29
N LEU B 619 27.62 59.10 -48.04
CA LEU B 619 26.71 58.48 -47.08
C LEU B 619 26.16 57.16 -47.59
N MET B 620 25.98 57.02 -48.88
CA MET B 620 25.41 55.82 -49.47
C MET B 620 26.47 54.78 -49.83
N GLN B 621 27.71 54.97 -49.37
CA GLN B 621 28.86 54.07 -49.51
C GLN B 621 29.31 53.85 -50.95
N GLN B 622 28.78 54.58 -51.91
CA GLN B 622 29.07 54.31 -53.32
C GLN B 622 30.19 55.16 -53.88
N GLY B 623 30.45 56.33 -53.29
CA GLY B 623 31.53 57.16 -53.78
C GLY B 623 31.16 57.96 -55.00
N SER B 624 31.69 59.18 -55.10
CA SER B 624 31.35 60.09 -56.17
C SER B 624 32.50 60.21 -57.16
N GLU B 625 32.21 60.84 -58.30
CA GLU B 625 33.27 61.32 -59.17
C GLU B 625 34.03 62.48 -58.54
N LEU B 626 33.41 63.17 -57.58
CA LEU B 626 34.07 64.23 -56.86
C LEU B 626 35.07 63.63 -55.89
N MET B 627 36.26 64.20 -55.87
CA MET B 627 37.21 63.87 -54.83
C MET B 627 37.91 65.17 -54.49
N PRO B 628 37.94 65.56 -53.22
CA PRO B 628 38.50 66.87 -52.88
C PRO B 628 40.01 66.90 -53.04
N LYS B 629 40.53 68.10 -53.15
CA LYS B 629 41.94 68.40 -53.12
C LYS B 629 42.12 69.23 -51.85
N ALA B 630 43.28 69.87 -51.66
CA ALA B 630 43.36 71.06 -50.82
C ALA B 630 42.99 70.87 -49.35
N LEU B 631 43.91 70.32 -48.54
CA LEU B 631 43.72 69.65 -47.24
C LEU B 631 42.55 70.05 -46.36
N SER B 632 42.16 71.33 -46.35
CA SER B 632 40.98 71.77 -45.62
C SER B 632 39.71 71.10 -46.09
N THR B 633 39.58 70.83 -47.39
CA THR B 633 38.44 70.05 -47.86
C THR B 633 38.65 68.56 -47.71
N ARG B 634 39.91 68.11 -47.60
CA ARG B 634 40.18 66.71 -47.33
C ARG B 634 39.72 66.32 -45.94
N ILE B 635 39.84 67.23 -44.97
CA ILE B 635 39.46 66.95 -43.60
C ILE B 635 37.95 66.84 -43.47
N VAL B 636 37.21 67.67 -44.22
CA VAL B 636 35.76 67.52 -44.28
C VAL B 636 35.39 66.19 -44.94
N GLY B 637 36.11 65.81 -45.99
CA GLY B 637 35.94 64.49 -46.55
C GLY B 637 36.46 63.39 -45.65
N GLY B 638 37.43 63.71 -44.79
CA GLY B 638 37.92 62.70 -43.88
C GLY B 638 36.96 62.42 -42.75
N ILE B 639 36.39 63.46 -42.15
CA ILE B 639 35.52 63.26 -41.00
C ILE B 639 34.12 62.82 -41.41
N TRP B 640 33.66 63.19 -42.61
CA TRP B 640 32.35 62.72 -43.05
C TRP B 640 32.38 61.24 -43.43
N TRP B 641 33.53 60.75 -43.90
CA TRP B 641 33.66 59.32 -44.16
C TRP B 641 33.65 58.51 -42.88
N PHE B 642 34.35 58.99 -41.84
CA PHE B 642 34.32 58.27 -40.57
C PHE B 642 32.97 58.43 -39.90
N PHE B 643 32.26 59.52 -40.18
CA PHE B 643 30.87 59.63 -39.74
C PHE B 643 30.01 58.56 -40.40
N THR B 644 30.03 58.49 -41.72
CA THR B 644 29.18 57.52 -42.40
C THR B 644 29.72 56.11 -42.34
N LEU B 645 30.95 55.91 -41.87
CA LEU B 645 31.39 54.54 -41.62
C LEU B 645 30.67 53.96 -40.42
N ILE B 646 30.50 54.74 -39.37
CA ILE B 646 29.91 54.25 -38.14
C ILE B 646 28.40 54.10 -38.26
N ILE B 647 27.75 55.05 -38.95
CA ILE B 647 26.29 55.02 -39.06
C ILE B 647 25.82 53.83 -39.89
N ILE B 648 26.53 53.52 -40.97
CA ILE B 648 26.19 52.34 -41.76
C ILE B 648 26.55 51.07 -41.00
N SER B 649 27.68 51.08 -40.28
CA SER B 649 28.06 49.91 -39.50
C SER B 649 27.13 49.69 -38.31
N SER B 650 26.62 50.78 -37.72
CA SER B 650 25.66 50.61 -36.63
C SER B 650 24.29 50.21 -37.15
N TYR B 651 23.94 50.63 -38.37
CA TYR B 651 22.65 50.28 -38.93
C TYR B 651 22.58 48.80 -39.29
N THR B 652 23.68 48.22 -39.76
CA THR B 652 23.69 46.81 -40.07
C THR B 652 23.76 45.93 -38.85
N ALA B 653 24.11 46.47 -37.69
CA ALA B 653 24.25 45.64 -36.51
C ALA B 653 22.89 45.26 -35.94
N ASN B 654 22.00 46.23 -35.74
CA ASN B 654 20.68 45.95 -35.20
C ASN B 654 19.69 45.43 -36.24
N LEU B 655 20.07 45.44 -37.52
CA LEU B 655 19.12 45.12 -38.57
C LEU B 655 18.73 43.65 -38.57
N ALA B 656 19.56 42.78 -37.97
CA ALA B 656 19.16 41.40 -37.78
C ALA B 656 18.04 41.26 -36.77
N ALA B 657 17.96 42.18 -35.81
CA ALA B 657 16.94 42.09 -34.77
C ALA B 657 15.58 42.56 -35.27
N PHE B 658 15.54 43.66 -36.01
CA PHE B 658 14.28 44.28 -36.38
C PHE B 658 13.64 43.69 -37.62
N LEU B 659 14.25 42.69 -38.25
CA LEU B 659 13.58 41.98 -39.34
C LEU B 659 12.88 40.72 -38.82
N THR B 660 12.06 40.89 -37.79
CA THR B 660 11.16 39.87 -37.31
C THR B 660 9.75 40.43 -37.34
N VAL B 661 8.81 39.66 -37.89
CA VAL B 661 7.43 40.10 -37.94
C VAL B 661 6.82 40.09 -36.55
N GLU B 662 5.85 40.96 -36.34
CA GLU B 662 5.03 40.97 -35.14
C GLU B 662 3.61 40.61 -35.56
N ARG B 663 3.04 39.62 -34.88
CA ARG B 663 1.66 39.24 -35.15
C ARG B 663 0.72 40.34 -34.66
N MET B 664 -0.50 40.32 -35.21
CA MET B 664 -1.45 41.39 -34.98
C MET B 664 -1.89 41.42 -33.52
N GLU B 665 -1.92 42.62 -32.95
CA GLU B 665 -2.46 42.81 -31.62
C GLU B 665 -3.95 42.53 -31.66
N SER B 666 -4.45 41.86 -30.64
CA SER B 666 -5.86 41.53 -30.58
C SER B 666 -6.69 42.80 -30.44
N PRO B 667 -7.86 42.87 -31.08
CA PRO B 667 -8.71 44.07 -30.97
C PRO B 667 -9.28 44.29 -29.58
N ILE B 668 -9.24 43.29 -28.71
CA ILE B 668 -9.55 43.45 -27.29
C ILE B 668 -8.26 43.30 -26.50
N ASP B 669 -8.17 44.02 -25.39
CA ASP B 669 -7.04 43.87 -24.50
C ASP B 669 -7.46 43.84 -23.03
N SER B 670 -8.66 44.30 -22.71
CA SER B 670 -9.19 44.25 -21.35
C SER B 670 -10.70 44.16 -21.44
N ALA B 671 -11.35 44.30 -20.29
CA ALA B 671 -12.81 44.32 -20.25
C ALA B 671 -13.38 45.59 -20.87
N ASP B 672 -12.63 46.69 -20.84
CA ASP B 672 -13.12 47.93 -21.42
C ASP B 672 -13.19 47.86 -22.93
N ASP B 673 -12.21 47.20 -23.56
CA ASP B 673 -12.24 47.04 -25.02
C ASP B 673 -13.30 46.04 -25.44
N LEU B 674 -13.48 44.98 -24.64
CA LEU B 674 -14.42 43.93 -25.00
C LEU B 674 -15.86 44.35 -24.77
N ALA B 675 -16.10 45.31 -23.87
CA ALA B 675 -17.46 45.79 -23.66
C ALA B 675 -17.87 46.78 -24.73
N LYS B 676 -16.92 47.58 -25.22
CA LYS B 676 -17.20 48.65 -26.18
C LYS B 676 -17.07 48.19 -27.62
N GLN B 677 -17.72 47.08 -27.98
CA GLN B 677 -17.73 46.55 -29.33
C GLN B 677 -18.88 45.58 -29.46
N THR B 678 -19.36 45.41 -30.69
CA THR B 678 -20.36 44.39 -31.00
C THR B 678 -19.90 43.43 -32.08
N LYS B 679 -18.64 43.52 -32.50
CA LYS B 679 -18.14 42.61 -33.53
C LYS B 679 -17.91 41.21 -32.97
N ILE B 680 -17.37 41.11 -31.77
CA ILE B 680 -17.06 39.83 -31.15
C ILE B 680 -18.17 39.52 -30.15
N GLU B 681 -18.88 38.42 -30.37
CA GLU B 681 -19.85 37.96 -29.38
C GLU B 681 -19.11 37.42 -28.16
N TYR B 682 -19.73 37.56 -27.00
CA TYR B 682 -19.11 37.10 -25.76
C TYR B 682 -20.15 36.68 -24.75
N GLY B 683 -19.84 35.59 -24.05
CA GLY B 683 -20.70 35.09 -23.00
C GLY B 683 -19.90 34.27 -22.01
N ALA B 684 -20.59 33.40 -21.28
CA ALA B 684 -19.98 32.57 -20.25
C ALA B 684 -20.84 31.33 -20.10
N VAL B 685 -20.46 30.47 -19.16
CA VAL B 685 -21.24 29.28 -18.84
C VAL B 685 -22.49 29.72 -18.07
N GLU B 686 -23.65 29.32 -18.55
CA GLU B 686 -24.88 29.65 -17.85
C GLU B 686 -24.99 28.80 -16.58
N ASP B 687 -25.67 29.36 -15.58
CA ASP B 687 -25.76 28.83 -14.21
C ASP B 687 -24.36 28.59 -13.63
N GLY B 688 -23.54 29.62 -13.73
CA GLY B 688 -22.20 29.60 -13.17
C GLY B 688 -21.94 30.86 -12.39
N ALA B 689 -20.73 30.98 -11.85
CA ALA B 689 -20.39 32.16 -11.07
C ALA B 689 -20.18 33.39 -11.94
N THR B 690 -19.67 33.21 -13.16
CA THR B 690 -19.41 34.35 -14.03
C THR B 690 -20.70 35.00 -14.52
N MET B 691 -21.69 34.17 -14.89
CA MET B 691 -23.02 34.68 -15.16
C MET B 691 -23.62 35.35 -13.93
N THR B 692 -23.41 34.76 -12.76
CA THR B 692 -23.89 35.35 -11.51
C THR B 692 -23.12 36.62 -11.17
N PHE B 693 -21.85 36.70 -11.58
CA PHE B 693 -21.05 37.88 -11.30
C PHE B 693 -21.55 39.10 -12.05
N PHE B 694 -21.78 38.98 -13.35
CA PHE B 694 -22.25 40.14 -14.11
C PHE B 694 -23.71 40.44 -13.86
N LYS B 695 -24.49 39.46 -13.42
CA LYS B 695 -25.90 39.68 -13.13
C LYS B 695 -26.07 40.61 -11.93
N LYS B 696 -25.25 40.44 -10.90
CA LYS B 696 -25.33 41.24 -9.70
C LYS B 696 -24.19 42.25 -9.61
N SER B 697 -23.59 42.59 -10.74
CA SER B 697 -22.54 43.60 -10.76
C SER B 697 -23.15 44.99 -10.85
N LYS B 698 -22.45 45.96 -10.25
CA LYS B 698 -22.84 47.36 -10.33
C LYS B 698 -21.73 48.21 -10.93
N ILE B 699 -20.66 47.60 -11.41
CA ILE B 699 -19.65 48.32 -12.17
C ILE B 699 -20.23 48.70 -13.53
N SER B 700 -19.98 49.94 -13.95
CA SER B 700 -20.58 50.48 -15.17
C SER B 700 -20.10 49.75 -16.42
N THR B 701 -18.84 49.31 -16.43
CA THR B 701 -18.34 48.50 -17.54
C THR B 701 -18.99 47.12 -17.52
N TYR B 702 -19.09 46.51 -16.35
CA TYR B 702 -19.54 45.13 -16.26
C TYR B 702 -21.04 45.01 -16.39
N ASP B 703 -21.77 46.09 -16.08
CA ASP B 703 -23.21 46.09 -16.31
C ASP B 703 -23.54 46.16 -17.79
N LYS B 704 -22.65 46.78 -18.59
CA LYS B 704 -22.82 46.79 -20.04
C LYS B 704 -22.73 45.38 -20.63
N MET B 705 -21.86 44.54 -20.07
CA MET B 705 -21.74 43.17 -20.54
C MET B 705 -22.99 42.36 -20.22
N TRP B 706 -23.54 42.50 -19.02
CA TRP B 706 -24.78 41.80 -18.73
C TRP B 706 -25.98 42.42 -19.44
N ALA B 707 -25.93 43.71 -19.75
CA ALA B 707 -26.92 44.28 -20.65
C ALA B 707 -26.80 43.68 -22.05
N PHE B 708 -25.57 43.35 -22.46
CA PHE B 708 -25.38 42.64 -23.72
C PHE B 708 -25.84 41.19 -23.60
N MET B 709 -25.35 40.46 -22.59
CA MET B 709 -25.56 39.02 -22.49
C MET B 709 -27.01 38.63 -22.25
N SER B 710 -27.79 39.49 -21.59
CA SER B 710 -29.16 39.13 -21.27
C SER B 710 -30.07 39.17 -22.50
N SER B 711 -29.69 39.97 -23.51
CA SER B 711 -30.54 40.10 -24.69
C SER B 711 -30.45 38.85 -25.56
N ARG B 712 -29.26 38.54 -26.05
CA ARG B 712 -29.04 37.32 -26.84
C ARG B 712 -28.56 36.16 -25.96
N ARG B 713 -29.35 35.92 -24.91
CA ARG B 713 -29.01 34.94 -23.87
C ARG B 713 -28.97 33.52 -24.40
N GLN B 714 -29.83 33.19 -25.37
CA GLN B 714 -29.80 31.88 -26.00
C GLN B 714 -28.53 31.62 -26.80
N SER B 715 -27.92 32.66 -27.36
CA SER B 715 -26.81 32.46 -28.27
C SER B 715 -25.45 32.47 -27.58
N VAL B 716 -25.18 33.45 -26.71
CA VAL B 716 -23.83 33.66 -26.23
C VAL B 716 -23.55 32.92 -24.93
N LEU B 717 -24.58 32.52 -24.18
CA LEU B 717 -24.36 31.79 -22.93
C LEU B 717 -24.43 30.30 -23.23
N VAL B 718 -23.26 29.67 -23.32
CA VAL B 718 -23.14 28.25 -23.60
C VAL B 718 -23.43 27.45 -22.33
N LYS B 719 -23.55 26.13 -22.48
CA LYS B 719 -23.98 25.30 -21.36
C LYS B 719 -22.83 24.76 -20.53
N SER B 720 -21.61 24.73 -21.06
CA SER B 720 -20.49 24.14 -20.35
C SER B 720 -19.20 24.85 -20.77
N ASN B 721 -18.10 24.49 -20.11
CA ASN B 721 -16.80 25.02 -20.49
C ASN B 721 -16.38 24.50 -21.85
N GLU B 722 -16.65 23.22 -22.14
CA GLU B 722 -16.19 22.61 -23.38
C GLU B 722 -16.92 23.18 -24.59
N GLU B 723 -18.19 23.53 -24.43
CA GLU B 723 -18.89 24.26 -25.49
C GLU B 723 -18.40 25.70 -25.61
N GLY B 724 -17.89 26.28 -24.53
CA GLY B 724 -17.34 27.62 -24.62
C GLY B 724 -15.99 27.65 -25.32
N ILE B 725 -15.16 26.64 -25.08
CA ILE B 725 -13.86 26.56 -25.71
C ILE B 725 -14.01 26.31 -27.21
N GLN B 726 -14.95 25.44 -27.58
CA GLN B 726 -15.14 25.05 -28.97
C GLN B 726 -15.67 26.19 -29.81
N ARG B 727 -16.54 27.03 -29.27
CA ARG B 727 -17.06 28.16 -30.03
C ARG B 727 -16.08 29.31 -30.14
N VAL B 728 -15.01 29.32 -29.36
CA VAL B 728 -13.92 30.25 -29.63
C VAL B 728 -13.13 29.78 -30.85
N LEU B 729 -12.90 28.46 -30.94
CA LEU B 729 -12.22 27.89 -32.10
C LEU B 729 -13.03 28.03 -33.37
N THR B 730 -14.31 27.65 -33.31
CA THR B 730 -15.11 27.49 -34.53
C THR B 730 -15.87 28.75 -34.91
N SER B 731 -15.63 29.86 -34.21
CA SER B 731 -16.29 31.11 -34.56
C SER B 731 -15.49 32.31 -34.07
N ASP B 732 -16.09 33.50 -34.18
CA ASP B 732 -15.51 34.73 -33.65
C ASP B 732 -16.16 35.04 -32.31
N TYR B 733 -15.52 34.59 -31.24
CA TYR B 733 -16.16 34.54 -29.93
C TYR B 733 -15.10 34.62 -28.84
N ALA B 734 -15.31 35.51 -27.89
CA ALA B 734 -14.46 35.66 -26.71
C ALA B 734 -15.24 35.09 -25.53
N PHE B 735 -14.58 34.30 -24.70
CA PHE B 735 -15.30 33.53 -23.68
C PHE B 735 -14.85 33.93 -22.29
N LEU B 736 -15.83 34.20 -21.41
CA LEU B 736 -15.57 34.61 -20.03
C LEU B 736 -15.57 33.36 -19.15
N MET B 737 -14.47 33.14 -18.44
CA MET B 737 -14.29 31.91 -17.68
C MET B 737 -13.23 32.12 -16.61
N GLU B 738 -12.96 31.06 -15.86
CA GLU B 738 -12.06 31.10 -14.72
C GLU B 738 -10.61 31.15 -15.20
N SER B 739 -9.73 31.65 -14.33
CA SER B 739 -8.32 31.78 -14.71
C SER B 739 -7.62 30.44 -14.77
N THR B 740 -7.90 29.55 -13.83
CA THR B 740 -7.16 28.31 -13.74
C THR B 740 -7.53 27.33 -14.85
N THR B 741 -8.75 27.40 -15.36
CA THR B 741 -9.10 26.52 -16.46
C THR B 741 -8.52 27.03 -17.77
N ILE B 742 -8.31 28.35 -17.89
CA ILE B 742 -7.52 28.90 -18.98
C ILE B 742 -6.09 28.37 -18.93
N GLU B 743 -5.52 28.23 -17.72
CA GLU B 743 -4.17 27.74 -17.56
C GLU B 743 -3.99 26.30 -18.04
N PHE B 744 -5.05 25.52 -18.09
CA PHE B 744 -4.95 24.19 -18.69
C PHE B 744 -5.14 24.23 -20.20
N VAL B 745 -5.99 25.13 -20.69
CA VAL B 745 -6.30 25.13 -22.11
C VAL B 745 -5.18 25.75 -22.92
N THR B 746 -4.63 26.87 -22.45
CA THR B 746 -3.57 27.55 -23.18
C THR B 746 -2.25 26.79 -23.14
N GLN B 747 -2.08 25.85 -22.22
CA GLN B 747 -0.95 24.94 -22.30
C GLN B 747 -1.21 23.77 -23.23
N ARG B 748 -2.43 23.66 -23.75
CA ARG B 748 -2.79 22.57 -24.64
C ARG B 748 -3.00 23.05 -26.07
N ASN B 749 -3.64 24.22 -26.25
CA ASN B 749 -3.84 24.82 -27.56
C ASN B 749 -3.05 26.11 -27.63
N CYS B 750 -2.03 26.15 -28.50
CA CYS B 750 -1.17 27.32 -28.62
C CYS B 750 -1.65 28.30 -29.67
N ASN B 751 -2.93 28.31 -29.99
CA ASN B 751 -3.49 29.27 -30.93
C ASN B 751 -4.55 30.16 -30.28
N LEU B 752 -4.56 30.19 -28.95
CA LEU B 752 -5.72 30.59 -28.17
C LEU B 752 -5.26 30.92 -26.76
N THR B 753 -5.39 32.19 -26.38
CA THR B 753 -4.69 32.68 -25.20
C THR B 753 -5.64 33.47 -24.30
N GLN B 754 -5.12 33.81 -23.12
CA GLN B 754 -5.80 34.66 -22.16
C GLN B 754 -5.67 36.11 -22.60
N ILE B 755 -6.77 36.85 -22.56
CA ILE B 755 -6.77 38.26 -22.92
C ILE B 755 -7.02 39.08 -21.65
N GLY B 756 -6.06 39.91 -21.29
CA GLY B 756 -6.22 40.83 -20.18
C GLY B 756 -5.97 40.18 -18.84
N GLY B 757 -6.01 41.02 -17.81
CA GLY B 757 -5.79 40.60 -16.46
C GLY B 757 -7.03 39.99 -15.83
N LEU B 758 -6.89 39.65 -14.56
CA LEU B 758 -7.99 39.03 -13.82
C LEU B 758 -9.02 40.09 -13.46
N ILE B 759 -10.29 39.79 -13.75
CA ILE B 759 -11.37 40.71 -13.41
C ILE B 759 -11.57 40.76 -11.90
N ASP B 760 -11.78 39.60 -11.28
CA ASP B 760 -11.96 39.52 -9.85
C ASP B 760 -10.98 38.51 -9.29
N SER B 761 -11.15 38.18 -8.02
CA SER B 761 -10.41 37.09 -7.40
C SER B 761 -11.38 36.24 -6.59
N LYS B 762 -11.31 34.94 -6.79
CA LYS B 762 -12.21 34.00 -6.14
C LYS B 762 -11.38 32.79 -5.71
N GLY B 763 -12.06 31.72 -5.35
CA GLY B 763 -11.37 30.53 -4.91
C GLY B 763 -12.26 29.31 -4.96
N TYR B 764 -11.68 28.21 -5.37
CA TYR B 764 -12.29 26.89 -5.29
C TYR B 764 -12.23 26.43 -3.84
N GLY B 765 -13.39 26.22 -3.24
CA GLY B 765 -13.47 25.71 -1.88
C GLY B 765 -14.29 24.44 -1.83
N VAL B 766 -13.87 23.53 -0.97
CA VAL B 766 -14.61 22.29 -0.75
C VAL B 766 -15.92 22.63 -0.05
N GLY B 767 -17.03 22.47 -0.75
CA GLY B 767 -18.31 22.83 -0.19
C GLY B 767 -18.78 21.79 0.81
N THR B 768 -19.37 22.27 1.89
CA THR B 768 -20.00 21.47 2.93
C THR B 768 -21.40 22.01 3.15
N PRO B 769 -22.32 21.21 3.70
CA PRO B 769 -23.65 21.73 4.01
C PRO B 769 -23.62 22.77 5.12
N MET B 770 -24.78 23.40 5.35
CA MET B 770 -24.86 24.56 6.22
C MET B 770 -24.70 24.14 7.68
N GLY B 771 -23.45 24.02 8.12
CA GLY B 771 -23.17 23.55 9.46
C GLY B 771 -22.75 22.10 9.46
N SER B 772 -21.46 21.85 9.53
CA SER B 772 -20.95 20.49 9.45
C SER B 772 -19.70 20.36 10.31
N PRO B 773 -19.43 19.15 10.83
CA PRO B 773 -18.15 18.94 11.53
C PRO B 773 -16.97 18.74 10.59
N TYR B 774 -17.22 18.71 9.28
CA TYR B 774 -16.16 18.49 8.31
C TYR B 774 -15.65 19.77 7.66
N ARG B 775 -16.22 20.94 7.99
CA ARG B 775 -15.68 22.16 7.41
C ARG B 775 -14.33 22.50 8.04
N ASP B 776 -14.25 22.48 9.37
CA ASP B 776 -13.03 22.86 10.05
C ASP B 776 -11.95 21.81 9.91
N LYS B 777 -12.33 20.54 9.72
CA LYS B 777 -11.33 19.50 9.56
C LYS B 777 -10.66 19.55 8.20
N ILE B 778 -11.38 20.01 7.18
CA ILE B 778 -10.78 20.17 5.86
C ILE B 778 -9.98 21.48 5.79
N THR B 779 -10.44 22.51 6.50
CA THR B 779 -9.71 23.78 6.56
C THR B 779 -8.33 23.58 7.17
N ILE B 780 -8.24 22.76 8.22
CA ILE B 780 -6.95 22.27 8.69
C ILE B 780 -6.23 21.49 7.60
N ALA B 781 -6.95 20.59 6.92
CA ALA B 781 -6.32 19.66 5.99
C ALA B 781 -5.87 20.33 4.70
N ILE B 782 -6.51 21.41 4.28
CA ILE B 782 -6.03 22.12 3.09
C ILE B 782 -4.77 22.92 3.42
N LEU B 783 -4.73 23.56 4.59
CA LEU B 783 -3.57 24.35 4.99
C LEU B 783 -2.36 23.46 5.26
N GLN B 784 -2.58 22.19 5.63
CA GLN B 784 -1.46 21.28 5.79
C GLN B 784 -0.83 20.94 4.45
N LEU B 785 -1.65 20.86 3.40
CA LEU B 785 -1.13 20.45 2.10
C LEU B 785 -0.33 21.54 1.42
N GLN B 786 -0.68 22.81 1.62
CA GLN B 786 0.02 23.86 0.89
C GLN B 786 1.35 24.23 1.53
N GLU B 787 1.51 24.01 2.84
CA GLU B 787 2.84 24.22 3.42
C GLU B 787 3.77 23.05 3.11
N GLU B 788 3.20 21.89 2.79
CA GLU B 788 4.00 20.79 2.28
C GLU B 788 4.19 20.89 0.78
N GLY B 789 3.59 21.90 0.15
CA GLY B 789 3.69 22.10 -1.27
C GLY B 789 2.90 21.15 -2.11
N LYS B 790 2.06 20.31 -1.50
CA LYS B 790 1.38 19.26 -2.26
C LYS B 790 0.26 19.82 -3.11
N LEU B 791 -0.35 20.94 -2.72
CA LEU B 791 -1.27 21.63 -3.61
C LEU B 791 -0.56 22.21 -4.83
N HIS B 792 0.71 22.56 -4.69
CA HIS B 792 1.49 22.98 -5.85
C HIS B 792 1.99 21.79 -6.66
N MET B 793 2.27 20.66 -6.02
CA MET B 793 2.72 19.48 -6.75
C MET B 793 1.61 18.86 -7.57
N MET B 794 0.36 18.94 -7.08
CA MET B 794 -0.76 18.40 -7.84
C MET B 794 -1.14 19.30 -9.00
N LYS B 795 -0.98 20.61 -8.84
CA LYS B 795 -1.31 21.54 -9.92
C LYS B 795 -0.32 21.41 -11.08
N GLU B 796 0.95 21.23 -10.78
CA GLU B 796 1.94 21.02 -11.83
C GLU B 796 1.76 19.68 -12.51
N LYS B 797 1.14 18.71 -11.83
CA LYS B 797 0.95 17.39 -12.43
C LYS B 797 -0.10 17.44 -13.53
N TRP B 798 -1.10 18.30 -13.41
CA TRP B 798 -2.18 18.32 -14.38
C TRP B 798 -2.14 19.49 -15.35
N TRP B 799 -1.89 20.71 -14.87
CA TRP B 799 -1.86 21.87 -15.76
C TRP B 799 -0.64 21.93 -16.66
N ARG B 800 0.46 21.25 -16.34
CA ARG B 800 1.58 21.18 -17.27
C ARG B 800 1.29 20.16 -18.36
N GLY B 801 1.18 20.65 -19.59
CA GLY B 801 0.81 19.83 -20.72
C GLY B 801 1.92 19.67 -21.73
N ASN B 802 1.71 20.24 -22.92
CA ASN B 802 2.65 20.06 -24.02
C ASN B 802 3.80 21.06 -23.90
N GLY B 803 3.69 21.98 -22.94
CA GLY B 803 4.67 23.03 -22.81
C GLY B 803 4.33 24.30 -23.56
N CYS B 804 3.60 24.16 -24.69
CA CYS B 804 3.05 25.23 -25.53
C CYS B 804 4.10 26.23 -25.96
N PRO B 805 4.88 25.88 -27.01
CA PRO B 805 6.10 26.62 -27.37
C PRO B 805 5.85 28.08 -27.70
N GLU B 806 6.91 28.88 -27.55
CA GLU B 806 6.76 30.32 -27.54
C GLU B 806 6.86 30.88 -28.95
N GLU B 807 6.63 32.19 -29.04
CA GLU B 807 6.72 32.90 -30.30
C GLU B 807 8.17 33.17 -30.67
N GLU B 808 9.09 33.00 -29.73
CA GLU B 808 10.53 33.10 -30.00
C GLU B 808 11.06 31.71 -30.39
N SER B 809 10.59 31.26 -31.55
CA SER B 809 11.01 30.00 -32.16
C SER B 809 11.19 30.20 -33.66
N LYS B 810 11.93 31.26 -34.01
CA LYS B 810 12.05 31.74 -35.37
C LYS B 810 12.70 30.73 -36.32
N GLU B 811 13.99 30.44 -36.07
CA GLU B 811 14.79 29.35 -36.64
C GLU B 811 15.14 29.54 -38.11
N ALA B 812 14.44 30.43 -38.81
CA ALA B 812 14.59 30.74 -40.22
C ALA B 812 13.71 31.93 -40.54
N SER B 813 14.24 32.88 -41.32
CA SER B 813 13.42 33.98 -41.82
C SER B 813 14.01 34.43 -43.16
N ALA B 814 13.46 33.89 -44.25
CA ALA B 814 13.78 34.41 -45.57
C ALA B 814 13.03 35.71 -45.77
N LEU B 815 13.76 36.79 -46.04
CA LEU B 815 13.13 38.11 -46.08
C LEU B 815 12.28 38.24 -47.34
N GLY B 816 11.03 38.63 -47.14
CA GLY B 816 10.09 38.71 -48.24
C GLY B 816 9.49 40.08 -48.42
N VAL B 817 8.38 40.13 -49.16
CA VAL B 817 7.75 41.39 -49.48
C VAL B 817 7.08 42.01 -48.25
N GLN B 818 6.72 41.19 -47.25
CA GLN B 818 6.21 41.75 -46.00
C GLN B 818 7.32 42.32 -45.15
N ASN B 819 8.53 41.79 -45.28
CA ASN B 819 9.62 42.18 -44.38
C ASN B 819 10.25 43.52 -44.79
N ILE B 820 10.81 43.59 -45.99
CA ILE B 820 11.47 44.83 -46.41
C ILE B 820 10.48 45.81 -47.04
N GLY B 821 9.86 45.45 -48.17
CA GLY B 821 8.63 46.09 -48.62
C GLY B 821 8.68 47.53 -49.05
N GLY B 822 9.03 48.42 -48.12
CA GLY B 822 8.94 49.85 -48.31
C GLY B 822 10.04 50.47 -49.12
N ILE B 823 11.17 49.78 -49.29
CA ILE B 823 12.19 50.28 -50.17
C ILE B 823 11.75 50.27 -51.63
N PHE B 824 10.86 49.35 -52.00
CA PHE B 824 10.28 49.41 -53.34
C PHE B 824 9.27 50.54 -53.45
N ILE B 825 8.66 50.93 -52.34
CA ILE B 825 7.75 52.07 -52.35
C ILE B 825 8.52 53.36 -52.57
N VAL B 826 9.64 53.53 -51.85
CA VAL B 826 10.43 54.73 -52.04
C VAL B 826 11.27 54.67 -53.31
N LEU B 827 11.51 53.48 -53.85
CA LEU B 827 12.04 53.41 -55.21
C LEU B 827 10.99 53.85 -56.20
N ALA B 828 9.73 53.53 -55.95
CA ALA B 828 8.66 54.05 -56.79
C ALA B 828 8.38 55.52 -56.50
N ALA B 829 8.79 56.02 -55.33
CA ALA B 829 8.55 57.43 -55.01
C ALA B 829 9.59 58.34 -55.67
N GLY B 830 10.87 57.99 -55.56
CA GLY B 830 11.92 58.87 -56.05
C GLY B 830 11.98 58.95 -57.56
N LEU B 831 11.68 57.84 -58.25
CA LEU B 831 11.73 57.85 -59.71
C LEU B 831 10.59 58.64 -60.31
N VAL B 832 9.39 58.54 -59.73
CA VAL B 832 8.29 59.41 -60.16
C VAL B 832 8.61 60.86 -59.81
N LEU B 833 9.27 61.09 -58.68
CA LEU B 833 9.80 62.41 -58.37
C LEU B 833 10.87 62.85 -59.37
N SER B 834 11.67 61.90 -59.87
CA SER B 834 12.73 62.27 -60.80
C SER B 834 12.19 62.59 -62.19
N VAL B 835 11.09 61.99 -62.60
CA VAL B 835 10.49 62.35 -63.88
C VAL B 835 9.89 63.75 -63.80
N PHE B 836 9.42 64.15 -62.61
CA PHE B 836 8.88 65.49 -62.41
C PHE B 836 9.96 66.56 -62.56
N VAL B 837 11.11 66.33 -61.93
CA VAL B 837 12.19 67.32 -62.01
C VAL B 837 12.89 67.24 -63.37
N ALA B 838 12.74 66.14 -64.10
CA ALA B 838 13.31 66.07 -65.45
C ALA B 838 12.53 66.96 -66.41
N VAL B 839 11.22 67.04 -66.24
CA VAL B 839 10.42 67.94 -67.05
C VAL B 839 10.68 69.39 -66.64
N GLY B 840 10.85 69.60 -65.33
CA GLY B 840 11.09 70.95 -64.83
C GLY B 840 12.40 71.56 -65.28
N GLU B 841 13.41 70.72 -65.49
CA GLU B 841 14.65 71.21 -66.10
C GLU B 841 14.52 71.34 -67.61
N PHE B 842 13.69 70.50 -68.23
CA PHE B 842 13.42 70.64 -69.66
C PHE B 842 12.68 71.94 -69.94
N LEU B 843 11.66 72.25 -69.14
CA LEU B 843 10.94 73.51 -69.28
C LEU B 843 11.77 74.70 -68.85
N TYR B 844 12.83 74.48 -68.06
CA TYR B 844 13.72 75.57 -67.69
C TYR B 844 14.65 75.93 -68.83
N LYS B 845 15.14 74.94 -69.57
CA LYS B 845 15.92 75.21 -70.77
C LYS B 845 15.05 75.57 -71.97
N SER B 846 13.74 75.38 -71.87
CA SER B 846 12.85 76.04 -72.81
C SER B 846 12.63 77.49 -72.40
N LYS B 847 12.90 77.82 -71.14
CA LYS B 847 12.65 79.16 -70.61
C LYS B 847 13.83 80.09 -70.83
N LYS B 848 15.06 79.60 -70.66
CA LYS B 848 16.21 80.44 -70.96
C LYS B 848 16.44 80.59 -72.46
N ASN B 849 15.97 79.64 -73.25
CA ASN B 849 15.95 79.83 -74.69
C ASN B 849 14.69 80.53 -75.16
N ALA B 850 13.78 80.88 -74.25
CA ALA B 850 12.58 81.60 -74.65
C ALA B 850 12.88 83.06 -74.94
N GLN B 851 13.90 83.62 -74.30
CA GLN B 851 14.33 84.97 -74.65
C GLN B 851 15.13 85.00 -75.95
N LEU B 852 15.42 83.82 -76.53
CA LEU B 852 16.07 83.79 -77.83
C LEU B 852 15.04 83.89 -78.96
N GLU B 853 14.14 82.90 -79.07
CA GLU B 853 13.34 82.76 -80.28
C GLU B 853 11.83 82.92 -80.07
N LYS B 854 11.19 82.08 -79.27
CA LYS B 854 9.73 82.04 -79.16
C LYS B 854 9.38 81.78 -77.70
N ARG B 855 8.14 81.41 -77.40
CA ARG B 855 7.79 81.22 -76.00
C ARG B 855 8.11 79.81 -75.51
N SER B 856 7.53 78.78 -76.13
CA SER B 856 7.87 77.41 -75.76
C SER B 856 8.30 76.59 -76.97
N PHE B 857 7.48 76.62 -78.04
CA PHE B 857 7.52 75.60 -79.08
C PHE B 857 8.78 75.64 -79.93
N CYS B 858 9.52 76.74 -79.91
CA CYS B 858 10.85 76.77 -80.51
C CYS B 858 11.78 75.83 -79.76
N SER B 859 12.05 76.14 -78.49
CA SER B 859 12.97 75.34 -77.70
C SER B 859 12.35 74.06 -77.18
N ALA B 860 11.02 73.92 -77.24
CA ALA B 860 10.41 72.63 -76.94
C ALA B 860 10.72 71.64 -78.05
N MET B 861 10.24 71.92 -79.27
CA MET B 861 10.26 70.96 -80.37
C MET B 861 11.68 70.62 -80.80
N VAL B 862 12.57 71.61 -80.86
CA VAL B 862 13.97 71.37 -81.22
C VAL B 862 14.64 70.49 -80.16
N GLU B 863 14.29 70.66 -78.90
CA GLU B 863 14.77 69.76 -77.86
C GLU B 863 13.85 68.56 -77.63
N GLU B 864 12.60 68.59 -78.13
CA GLU B 864 11.86 67.35 -78.26
C GLU B 864 12.39 66.49 -79.41
N LEU B 865 13.06 67.10 -80.39
CA LEU B 865 13.80 66.30 -81.36
C LEU B 865 14.95 65.57 -80.70
N ARG B 866 15.57 66.19 -79.69
CA ARG B 866 16.80 65.67 -79.08
C ARG B 866 16.61 64.30 -78.43
N MET B 867 15.43 64.06 -77.86
CA MET B 867 15.10 62.71 -77.41
C MET B 867 14.91 61.76 -78.58
N SER B 868 14.41 62.29 -79.72
CA SER B 868 14.13 61.44 -80.87
C SER B 868 15.32 61.29 -81.81
N LEU B 869 16.39 62.08 -81.65
CA LEU B 869 17.62 61.85 -82.40
C LEU B 869 18.25 60.50 -82.10
N LYS B 870 18.77 60.34 -80.86
CA LYS B 870 19.36 59.12 -80.29
C LYS B 870 20.66 58.66 -80.96
N CYS B 871 21.05 59.28 -82.06
CA CYS B 871 22.31 58.94 -82.74
C CYS B 871 23.13 60.17 -83.07
N GLN B 872 22.50 61.26 -83.50
CA GLN B 872 23.19 62.48 -83.84
C GLN B 872 23.46 63.27 -82.56
N ARG B 873 24.57 64.01 -82.56
CA ARG B 873 25.06 64.65 -81.35
C ARG B 873 24.54 66.08 -81.24
N ARG B 874 24.86 66.92 -82.23
CA ARG B 874 24.37 68.29 -82.29
C ARG B 874 24.43 68.81 -83.72
N THR C 33 -42.94 10.91 92.12
CA THR C 33 -43.86 9.89 91.65
C THR C 33 -43.12 8.57 91.43
N HIS C 34 -43.27 8.00 90.23
CA HIS C 34 -42.51 6.82 89.83
C HIS C 34 -41.04 7.19 89.71
N VAL C 35 -40.17 6.36 90.29
CA VAL C 35 -38.74 6.54 90.14
C VAL C 35 -38.23 5.56 89.09
N LEU C 36 -37.40 6.05 88.18
CA LEU C 36 -36.87 5.20 87.12
C LEU C 36 -35.41 5.54 86.86
N ARG C 37 -34.54 4.54 86.99
CA ARG C 37 -33.11 4.78 86.95
C ARG C 37 -32.53 4.29 85.62
N PHE C 38 -31.62 5.08 85.07
CA PHE C 38 -30.94 4.74 83.81
C PHE C 38 -29.46 4.47 84.08
N GLY C 39 -28.83 3.74 83.16
CA GLY C 39 -27.41 3.47 83.25
C GLY C 39 -26.57 4.62 82.77
N GLY C 40 -25.39 4.76 83.37
CA GLY C 40 -24.55 5.91 83.13
C GLY C 40 -23.07 5.62 82.96
N ILE C 41 -22.71 4.51 82.33
CA ILE C 41 -21.32 4.16 82.12
C ILE C 41 -20.70 5.11 81.10
N PHE C 42 -19.65 5.79 81.49
CA PHE C 42 -18.93 6.70 80.62
C PHE C 42 -17.43 6.64 80.91
N GLU C 43 -16.68 7.40 80.13
CA GLU C 43 -15.23 7.46 80.25
C GLU C 43 -14.85 8.21 81.52
N TYR C 44 -13.76 7.80 82.17
CA TYR C 44 -13.28 8.43 83.39
C TYR C 44 -12.24 9.51 83.05
N VAL C 45 -12.67 10.76 83.06
CA VAL C 45 -11.76 11.88 82.99
C VAL C 45 -11.36 12.22 84.42
N GLU C 46 -10.14 12.70 84.62
CA GLU C 46 -9.63 12.87 85.97
C GLU C 46 -9.21 14.31 86.25
N SER C 47 -9.00 15.10 85.20
CA SER C 47 -8.53 16.47 85.39
C SER C 47 -9.59 17.48 84.99
N GLY C 48 -10.03 17.42 83.74
CA GLY C 48 -11.03 18.34 83.25
C GLY C 48 -12.44 17.91 83.64
N PRO C 49 -13.45 18.65 83.19
CA PRO C 49 -14.83 18.23 83.42
C PRO C 49 -15.22 17.05 82.56
N MET C 50 -16.43 16.54 82.76
CA MET C 50 -16.89 15.29 82.17
C MET C 50 -17.01 15.37 80.65
N GLY C 51 -17.07 14.20 80.00
CA GLY C 51 -17.04 14.14 78.55
C GLY C 51 -18.31 14.64 77.90
N ALA C 52 -18.26 14.74 76.56
CA ALA C 52 -19.39 15.30 75.82
C ALA C 52 -20.60 14.38 75.85
N GLU C 53 -20.36 13.08 75.96
CA GLU C 53 -21.49 12.14 76.01
C GLU C 53 -22.17 12.17 77.37
N GLU C 54 -21.39 12.33 78.44
CA GLU C 54 -21.97 12.37 79.77
C GLU C 54 -22.72 13.68 80.00
N LEU C 55 -22.19 14.79 79.47
CA LEU C 55 -22.91 16.05 79.50
C LEU C 55 -24.19 15.99 78.69
N ALA C 56 -24.17 15.24 77.59
CA ALA C 56 -25.39 15.05 76.80
C ALA C 56 -26.40 14.19 77.55
N PHE C 57 -25.91 13.24 78.35
CA PHE C 57 -26.80 12.37 79.10
C PHE C 57 -27.36 13.08 80.32
N ARG C 58 -26.55 13.92 80.97
CA ARG C 58 -27.04 14.73 82.08
C ARG C 58 -28.04 15.78 81.59
N PHE C 59 -27.83 16.28 80.38
CA PHE C 59 -28.73 17.27 79.80
C PHE C 59 -30.07 16.65 79.42
N ALA C 60 -30.03 15.45 78.85
CA ALA C 60 -31.24 14.84 78.31
C ALA C 60 -32.16 14.35 79.42
N VAL C 61 -31.60 13.95 80.56
CA VAL C 61 -32.41 13.63 81.72
C VAL C 61 -33.05 14.90 82.27
N ASN C 62 -32.28 15.99 82.30
CA ASN C 62 -32.79 17.23 82.84
C ASN C 62 -33.79 17.90 81.90
N THR C 63 -33.61 17.72 80.59
CA THR C 63 -34.48 18.39 79.62
C THR C 63 -35.89 17.80 79.64
N ILE C 64 -35.98 16.47 79.72
CA ILE C 64 -37.28 15.80 79.72
C ILE C 64 -38.00 16.04 81.04
N ASN C 65 -37.25 16.29 82.11
CA ASN C 65 -37.80 16.33 83.46
C ASN C 65 -38.75 17.50 83.66
N ARG C 66 -38.38 18.71 83.21
CA ARG C 66 -39.27 19.84 83.37
C ARG C 66 -40.28 19.91 82.24
N ASN C 67 -40.01 19.15 81.17
CA ASN C 67 -40.87 19.10 79.99
C ASN C 67 -41.94 18.03 80.27
N ARG C 68 -43.00 18.44 80.96
CA ARG C 68 -43.99 17.49 81.48
C ARG C 68 -45.14 17.19 80.52
N THR C 69 -44.84 16.88 79.26
CA THR C 69 -45.78 16.15 78.42
C THR C 69 -45.10 14.91 77.89
N LEU C 70 -43.90 15.08 77.35
CA LEU C 70 -43.03 13.95 77.02
C LEU C 70 -42.46 13.41 78.32
N LEU C 71 -42.87 12.19 78.69
CA LEU C 71 -42.65 11.57 80.00
C LEU C 71 -43.15 12.51 81.10
N PRO C 72 -44.46 12.57 81.34
CA PRO C 72 -45.01 13.57 82.26
C PRO C 72 -44.98 13.18 83.73
N ASN C 73 -44.92 11.89 84.08
CA ASN C 73 -45.32 11.53 85.43
C ASN C 73 -44.29 10.65 86.11
N THR C 74 -43.02 10.75 85.71
CA THR C 74 -41.97 9.90 86.23
C THR C 74 -40.72 10.77 86.47
N THR C 75 -39.86 10.33 87.38
CA THR C 75 -38.84 11.16 88.01
C THR C 75 -37.47 10.57 87.71
N LEU C 76 -37.17 10.43 86.41
CA LEU C 76 -35.95 9.83 85.86
C LEU C 76 -34.68 10.25 86.56
N THR C 77 -33.95 9.26 87.09
CA THR C 77 -32.75 9.49 87.88
C THR C 77 -31.56 8.88 87.15
N TYR C 78 -30.59 9.72 86.78
CA TYR C 78 -29.38 9.21 86.17
C TYR C 78 -28.48 8.60 87.22
N ASP C 79 -27.77 7.54 86.82
CA ASP C 79 -26.80 6.89 87.69
C ASP C 79 -25.48 6.75 86.94
N THR C 80 -24.66 7.81 86.96
CA THR C 80 -23.44 7.81 86.17
C THR C 80 -22.31 7.08 86.89
N GLN C 81 -21.62 6.23 86.14
CA GLN C 81 -20.40 5.59 86.61
C GLN C 81 -19.28 5.85 85.62
N LYS C 82 -18.03 5.66 86.04
CA LYS C 82 -16.92 5.96 85.15
C LYS C 82 -15.94 4.80 85.06
N ILE C 83 -15.57 4.42 83.85
CA ILE C 83 -14.63 3.35 83.61
C ILE C 83 -13.43 3.93 82.85
N ASN C 84 -12.35 3.15 82.80
CA ASN C 84 -11.16 3.55 82.07
C ASN C 84 -11.28 3.33 80.57
N LEU C 85 -12.44 2.83 80.12
CA LEU C 85 -12.91 2.78 78.73
C LEU C 85 -12.17 1.72 77.91
N TYR C 86 -11.17 1.08 78.49
CA TYR C 86 -10.42 0.01 77.85
C TYR C 86 -10.34 -1.22 78.73
N ASP C 87 -11.20 -1.29 79.75
CA ASP C 87 -11.22 -2.42 80.68
C ASP C 87 -12.64 -2.98 80.68
N SER C 88 -12.78 -4.19 80.12
CA SER C 88 -14.07 -4.87 80.18
C SER C 88 -14.38 -5.34 81.59
N PHE C 89 -13.35 -5.60 82.39
CA PHE C 89 -13.54 -6.02 83.77
C PHE C 89 -14.07 -4.88 84.62
N GLU C 90 -13.55 -3.67 84.40
CA GLU C 90 -14.07 -2.51 85.12
C GLU C 90 -15.48 -2.18 84.67
N ALA C 91 -15.77 -2.37 83.39
CA ALA C 91 -17.11 -2.11 82.87
C ALA C 91 -18.08 -3.20 83.32
N SER C 92 -17.56 -4.37 83.69
CA SER C 92 -18.43 -5.44 84.16
C SER C 92 -18.98 -5.14 85.54
N LYS C 93 -18.15 -4.63 86.45
CA LYS C 93 -18.62 -4.31 87.80
C LYS C 93 -19.55 -3.10 87.79
N LYS C 94 -19.21 -2.07 87.01
CA LYS C 94 -20.04 -0.88 86.93
C LYS C 94 -21.39 -1.19 86.29
N ALA C 95 -21.44 -2.20 85.43
CA ALA C 95 -22.73 -2.70 84.98
C ALA C 95 -23.48 -3.39 86.11
N CYS C 96 -22.80 -4.29 86.84
CA CYS C 96 -23.46 -5.02 87.91
C CYS C 96 -23.82 -4.11 89.09
N ASP C 97 -23.03 -3.06 89.35
CA ASP C 97 -23.34 -2.15 90.44
C ASP C 97 -24.59 -1.32 90.13
N GLN C 98 -24.85 -1.08 88.85
CA GLN C 98 -26.07 -0.36 88.49
C GLN C 98 -27.28 -1.28 88.53
N LEU C 99 -27.12 -2.54 88.14
CA LEU C 99 -28.25 -3.46 88.23
C LEU C 99 -28.49 -3.99 89.63
N SER C 100 -27.47 -4.00 90.49
CA SER C 100 -27.68 -4.31 91.90
C SER C 100 -28.49 -3.20 92.57
N LEU C 101 -28.27 -1.96 92.13
CA LEU C 101 -29.10 -0.85 92.57
C LEU C 101 -30.39 -0.85 91.76
N GLY C 102 -30.33 -1.39 90.55
CA GLY C 102 -31.50 -1.49 89.70
C GLY C 102 -31.63 -0.33 88.75
N VAL C 103 -31.52 -0.58 87.44
CA VAL C 103 -31.71 0.45 86.43
C VAL C 103 -32.73 -0.03 85.41
N ALA C 104 -32.95 0.76 84.37
CA ALA C 104 -33.85 0.38 83.31
C ALA C 104 -33.08 0.02 82.05
N ALA C 105 -32.06 0.82 81.72
CA ALA C 105 -31.26 0.60 80.53
C ALA C 105 -29.90 1.26 80.64
N ILE C 106 -28.83 0.46 80.48
CA ILE C 106 -27.50 1.04 80.46
C ILE C 106 -27.27 1.74 79.12
N PHE C 107 -26.89 3.02 79.20
CA PHE C 107 -26.64 3.80 78.00
C PHE C 107 -25.19 3.76 77.57
N GLY C 108 -24.59 2.59 77.52
CA GLY C 108 -23.49 2.31 76.64
C GLY C 108 -22.13 2.76 77.12
N PRO C 109 -21.19 1.84 77.18
CA PRO C 109 -19.78 2.23 77.09
C PRO C 109 -19.47 2.69 75.68
N SER C 110 -18.41 3.47 75.52
CA SER C 110 -18.15 4.08 74.22
C SER C 110 -16.91 3.49 73.55
N HIS C 111 -16.72 2.18 73.71
CA HIS C 111 -15.60 1.51 73.04
C HIS C 111 -15.96 0.06 72.74
N SER C 112 -15.40 -0.48 71.66
CA SER C 112 -15.77 -1.80 71.14
C SER C 112 -15.43 -2.93 72.09
N SER C 113 -14.33 -2.79 72.83
CA SER C 113 -13.93 -3.84 73.76
C SER C 113 -14.83 -3.87 74.99
N SER C 114 -15.20 -2.70 75.49
CA SER C 114 -15.94 -2.64 76.75
C SER C 114 -17.44 -2.79 76.53
N ALA C 115 -17.92 -2.49 75.32
CA ALA C 115 -19.35 -2.58 75.07
C ALA C 115 -19.78 -4.02 74.89
N ASN C 116 -18.91 -4.86 74.34
CA ASN C 116 -19.24 -6.26 74.11
C ASN C 116 -19.38 -7.03 75.42
N ALA C 117 -18.68 -6.58 76.46
CA ALA C 117 -18.85 -7.19 77.77
C ALA C 117 -20.20 -6.84 78.36
N VAL C 118 -20.59 -5.56 78.29
CA VAL C 118 -21.82 -5.10 78.92
C VAL C 118 -23.02 -5.53 78.10
N GLN C 119 -22.83 -5.73 76.78
CA GLN C 119 -23.89 -6.28 75.94
C GLN C 119 -24.23 -7.72 76.34
N SER C 120 -23.21 -8.48 76.74
CA SER C 120 -23.47 -9.84 77.22
C SER C 120 -24.14 -9.81 78.59
N ILE C 121 -23.88 -8.77 79.38
CA ILE C 121 -24.51 -8.65 80.69
C ILE C 121 -25.98 -8.32 80.55
N CYS C 122 -26.29 -7.33 79.70
CA CYS C 122 -27.67 -6.89 79.54
C CYS C 122 -28.52 -7.92 78.80
N ASN C 123 -27.89 -8.74 77.96
CA ASN C 123 -28.61 -9.84 77.34
C ASN C 123 -28.98 -10.90 78.36
N ALA C 124 -28.08 -11.22 79.29
CA ALA C 124 -28.33 -12.27 80.28
C ALA C 124 -29.39 -11.84 81.29
N LEU C 125 -29.18 -10.69 81.94
CA LEU C 125 -30.06 -10.32 83.04
C LEU C 125 -31.34 -9.67 82.55
N GLY C 126 -31.37 -9.23 81.30
CA GLY C 126 -32.65 -8.87 80.70
C GLY C 126 -32.86 -7.42 80.34
N VAL C 127 -32.11 -6.51 80.93
CA VAL C 127 -32.33 -5.08 80.72
C VAL C 127 -31.87 -4.71 79.30
N PRO C 128 -32.49 -3.70 78.67
CA PRO C 128 -32.01 -3.27 77.35
C PRO C 128 -30.69 -2.54 77.46
N HIS C 129 -29.93 -2.55 76.38
CA HIS C 129 -28.62 -1.89 76.34
C HIS C 129 -28.62 -0.91 75.19
N ILE C 130 -28.44 0.37 75.50
CA ILE C 130 -28.60 1.42 74.50
C ILE C 130 -27.22 1.89 74.08
N GLN C 131 -26.93 1.80 72.78
CA GLN C 131 -25.60 2.07 72.26
C GLN C 131 -25.62 3.32 71.38
N THR C 132 -24.55 4.12 71.45
CA THR C 132 -24.51 5.34 70.65
C THR C 132 -23.28 5.38 69.75
N ARG C 133 -22.40 4.40 69.85
CA ARG C 133 -21.27 4.38 68.95
C ARG C 133 -21.18 3.01 68.30
N TRP C 134 -20.51 2.97 67.16
CA TRP C 134 -20.42 1.76 66.36
C TRP C 134 -19.49 0.76 67.03
N LYS C 135 -19.72 -0.52 66.77
CA LYS C 135 -18.75 -1.55 67.13
C LYS C 135 -18.81 -2.63 66.06
N HIS C 136 -17.86 -3.56 66.09
CA HIS C 136 -17.97 -4.72 65.22
C HIS C 136 -19.01 -5.68 65.76
N GLN C 137 -20.22 -5.63 65.21
CA GLN C 137 -21.23 -6.65 65.49
C GLN C 137 -20.77 -7.97 64.90
N VAL C 138 -20.46 -8.92 65.76
CA VAL C 138 -20.06 -10.26 65.31
C VAL C 138 -21.28 -10.95 64.74
N SER C 139 -21.14 -11.49 63.53
CA SER C 139 -22.26 -12.11 62.82
C SER C 139 -22.73 -13.40 63.48
N ASP C 140 -21.88 -14.04 64.28
CA ASP C 140 -22.28 -15.26 64.97
C ASP C 140 -22.60 -15.02 66.44
N ASN C 141 -22.73 -13.76 66.86
CA ASN C 141 -23.07 -13.46 68.25
C ASN C 141 -24.59 -13.23 68.34
N LYS C 142 -25.32 -14.32 68.59
CA LYS C 142 -26.77 -14.25 68.62
C LYS C 142 -27.25 -13.61 69.91
N ASP C 143 -27.38 -12.29 69.91
CA ASP C 143 -27.82 -11.53 71.07
C ASP C 143 -29.08 -10.74 70.75
N SER C 144 -29.87 -10.50 71.79
CA SER C 144 -30.98 -9.56 71.74
C SER C 144 -30.69 -8.47 72.76
N PHE C 145 -31.70 -7.63 73.03
CA PHE C 145 -31.70 -6.63 74.09
C PHE C 145 -30.62 -5.57 73.87
N TYR C 146 -30.39 -5.16 72.63
CA TYR C 146 -29.44 -4.09 72.37
C TYR C 146 -29.87 -3.36 71.10
N VAL C 147 -29.83 -2.03 71.13
CA VAL C 147 -29.98 -1.24 69.92
C VAL C 147 -28.80 -0.27 69.83
N SER C 148 -28.49 0.13 68.60
CA SER C 148 -27.39 1.05 68.33
C SER C 148 -27.93 2.21 67.52
N LEU C 149 -27.92 3.40 68.10
CA LEU C 149 -28.49 4.59 67.45
C LEU C 149 -27.50 5.23 66.49
N TYR C 150 -26.27 4.72 66.45
CA TYR C 150 -25.29 5.25 65.51
C TYR C 150 -25.64 4.71 64.14
N PRO C 151 -25.52 5.50 63.08
CA PRO C 151 -25.85 5.00 61.74
C PRO C 151 -24.86 3.94 61.30
N ASP C 152 -25.36 2.79 60.87
CA ASP C 152 -24.51 1.64 60.59
C ASP C 152 -23.62 1.93 59.38
N PHE C 153 -22.37 1.52 59.51
CA PHE C 153 -21.43 1.63 58.39
C PHE C 153 -21.74 0.68 57.25
N SER C 154 -22.64 -0.29 57.44
CA SER C 154 -23.17 -0.99 56.28
C SER C 154 -23.98 -0.05 55.42
N SER C 155 -24.80 0.80 56.04
CA SER C 155 -25.64 1.71 55.29
C SER C 155 -24.85 2.92 54.81
N LEU C 156 -23.89 3.37 55.62
CA LEU C 156 -23.09 4.54 55.24
C LEU C 156 -22.21 4.25 54.05
N SER C 157 -21.62 3.06 53.99
CA SER C 157 -20.71 2.69 52.90
C SER C 157 -21.42 2.56 51.56
N ARG C 158 -22.75 2.39 51.55
CA ARG C 158 -23.49 2.62 50.32
C ARG C 158 -23.42 4.08 49.89
N ALA C 159 -23.56 5.00 50.84
CA ALA C 159 -23.68 6.41 50.51
C ALA C 159 -22.36 6.98 50.01
N ILE C 160 -21.24 6.51 50.53
CA ILE C 160 -19.96 6.86 49.92
C ILE C 160 -19.84 6.23 48.54
N LEU C 161 -20.28 4.98 48.40
CA LEU C 161 -20.23 4.31 47.10
C LEU C 161 -21.20 4.94 46.11
N ASP C 162 -22.32 5.48 46.59
CA ASP C 162 -23.16 6.30 45.73
C ASP C 162 -22.48 7.61 45.37
N LEU C 163 -21.70 8.16 46.29
CA LEU C 163 -21.17 9.50 46.09
C LEU C 163 -19.98 9.49 45.14
N VAL C 164 -19.22 8.39 45.12
CA VAL C 164 -18.08 8.31 44.21
C VAL C 164 -18.55 8.04 42.79
N GLN C 165 -19.78 7.56 42.64
CA GLN C 165 -20.34 7.36 41.31
C GLN C 165 -20.94 8.66 40.80
N PHE C 166 -21.35 9.54 41.71
CA PHE C 166 -21.88 10.84 41.33
C PHE C 166 -20.76 11.70 40.77
N PHE C 167 -19.57 11.59 41.37
CA PHE C 167 -18.41 12.33 40.89
C PHE C 167 -17.61 11.52 39.87
N LYS C 168 -18.06 10.29 39.60
CA LYS C 168 -17.58 9.44 38.51
C LYS C 168 -16.09 9.14 38.61
N TRP C 169 -15.65 8.82 39.82
CA TRP C 169 -14.24 8.56 40.07
C TRP C 169 -13.84 7.18 39.57
N LYS C 170 -12.55 7.00 39.34
CA LYS C 170 -12.00 5.71 38.94
C LYS C 170 -10.71 5.42 39.72
N THR C 171 -10.23 6.40 40.48
CA THR C 171 -8.93 6.29 41.12
C THR C 171 -9.08 6.75 42.57
N VAL C 172 -10.03 6.15 43.29
CA VAL C 172 -10.30 6.50 44.68
C VAL C 172 -9.17 6.02 45.56
N THR C 173 -9.09 6.56 46.79
CA THR C 173 -8.07 6.15 47.74
C THR C 173 -8.58 6.24 49.17
N VAL C 174 -8.76 5.11 49.82
CA VAL C 174 -9.22 5.09 51.20
C VAL C 174 -8.04 5.26 52.13
N VAL C 175 -8.14 6.21 53.05
CA VAL C 175 -7.18 6.38 54.13
C VAL C 175 -7.92 6.18 55.43
N TYR C 176 -7.53 5.20 56.21
CA TYR C 176 -8.18 4.95 57.49
C TYR C 176 -7.17 5.18 58.63
N ASP C 177 -7.61 4.95 59.87
CA ASP C 177 -6.72 5.14 61.02
C ASP C 177 -6.60 3.90 61.91
N ASP C 178 -7.69 3.19 62.17
CA ASP C 178 -7.67 1.99 62.99
C ASP C 178 -7.93 0.79 62.10
N SER C 179 -7.38 -0.36 62.47
CA SER C 179 -7.63 -1.61 61.78
C SER C 179 -9.10 -2.01 61.82
N THR C 180 -9.86 -1.52 62.79
CA THR C 180 -11.31 -1.55 62.77
C THR C 180 -11.90 -0.90 61.52
N GLY C 181 -11.21 0.10 60.96
CA GLY C 181 -11.78 0.91 59.90
C GLY C 181 -12.01 0.20 58.58
N LEU C 182 -11.37 -0.95 58.38
CA LEU C 182 -11.64 -1.72 57.16
C LEU C 182 -12.99 -2.41 57.25
N ILE C 183 -13.46 -2.69 58.47
CA ILE C 183 -14.80 -3.23 58.64
C ILE C 183 -15.83 -2.14 58.34
N ARG C 184 -15.51 -0.89 58.68
CA ARG C 184 -16.44 0.22 58.55
C ARG C 184 -16.61 0.66 57.10
N LEU C 185 -15.78 0.17 56.20
CA LEU C 185 -15.89 0.56 54.80
C LEU C 185 -15.89 -0.63 53.86
N GLN C 186 -16.28 -1.81 54.35
CA GLN C 186 -16.04 -3.04 53.60
C GLN C 186 -16.88 -3.12 52.33
N GLU C 187 -17.98 -2.36 52.26
CA GLU C 187 -18.72 -2.32 51.01
C GLU C 187 -18.01 -1.46 49.97
N LEU C 188 -17.07 -0.63 50.40
CA LEU C 188 -16.30 0.17 49.45
C LEU C 188 -15.06 -0.58 48.99
N ILE C 189 -14.45 -1.36 49.89
CA ILE C 189 -13.36 -2.26 49.51
C ILE C 189 -13.85 -3.34 48.55
N LYS C 190 -15.08 -3.81 48.72
CA LYS C 190 -15.63 -4.84 47.83
C LYS C 190 -16.19 -4.29 46.53
N ALA C 191 -15.83 -3.09 46.12
CA ALA C 191 -16.36 -2.63 44.84
C ALA C 191 -15.35 -2.12 43.80
N PRO C 192 -14.23 -2.79 43.54
CA PRO C 192 -13.72 -2.83 42.17
C PRO C 192 -14.28 -4.00 41.37
N SER C 193 -14.96 -4.93 42.04
CA SER C 193 -15.55 -6.08 41.38
C SER C 193 -16.77 -5.71 40.55
N ARG C 194 -17.73 -5.03 41.15
CA ARG C 194 -18.97 -4.67 40.47
C ARG C 194 -18.80 -3.44 39.60
N TYR C 195 -18.13 -2.40 40.10
CA TYR C 195 -17.95 -1.17 39.34
C TYR C 195 -16.50 -1.01 38.90
N ASN C 196 -16.17 0.13 38.30
CA ASN C 196 -14.85 0.29 37.71
C ASN C 196 -13.88 1.10 38.56
N LEU C 197 -14.01 1.04 39.88
CA LEU C 197 -13.08 1.75 40.76
C LEU C 197 -11.74 1.05 40.80
N ARG C 198 -10.73 1.74 41.31
CA ARG C 198 -9.43 1.13 41.54
C ARG C 198 -8.91 1.59 42.90
N LEU C 199 -9.20 0.79 43.92
CA LEU C 199 -8.90 1.14 45.30
C LEU C 199 -7.40 1.04 45.58
N LYS C 200 -6.87 1.98 46.34
CA LYS C 200 -5.46 2.02 46.72
C LYS C 200 -5.31 2.34 48.20
N ILE C 201 -5.99 1.55 49.05
CA ILE C 201 -6.09 1.68 50.50
C ILE C 201 -4.75 1.95 51.20
N ARG C 202 -4.71 3.01 52.01
CA ARG C 202 -3.53 3.36 52.79
C ARG C 202 -3.95 3.54 54.24
N GLN C 203 -2.96 3.57 55.13
CA GLN C 203 -3.22 3.70 56.56
C GLN C 203 -2.40 4.85 57.13
N LEU C 204 -3.02 5.65 57.99
CA LEU C 204 -2.32 6.67 58.76
C LEU C 204 -1.34 6.02 59.71
N PRO C 205 -0.18 6.62 59.96
CA PRO C 205 0.75 6.04 60.94
C PRO C 205 0.23 6.11 62.36
N ALA C 206 0.41 5.04 63.11
CA ALA C 206 -0.03 4.99 64.50
C ALA C 206 0.97 5.72 65.39
N ASP C 207 0.57 5.90 66.67
CA ASP C 207 1.35 6.52 67.74
C ASP C 207 1.77 7.96 67.45
N THR C 208 1.10 8.61 66.49
CA THR C 208 1.44 9.98 66.08
C THR C 208 0.31 10.58 65.26
N LYS C 209 0.44 11.87 64.94
CA LYS C 209 -0.40 12.52 63.96
C LYS C 209 0.45 13.06 62.81
N ASP C 210 1.74 12.72 62.84
CA ASP C 210 2.68 13.15 61.81
C ASP C 210 2.49 12.32 60.55
N ALA C 211 1.50 12.71 59.74
CA ALA C 211 1.24 12.03 58.49
C ALA C 211 1.96 12.71 57.34
N LYS C 212 3.11 13.31 57.64
CA LYS C 212 3.95 13.91 56.61
C LYS C 212 4.48 12.89 55.60
N PRO C 213 4.99 11.68 55.97
CA PRO C 213 5.44 10.76 54.90
C PRO C 213 4.32 10.16 54.09
N LEU C 214 3.09 10.15 54.62
CA LEU C 214 1.98 9.60 53.87
C LEU C 214 1.60 10.48 52.68
N LEU C 215 1.34 11.76 52.94
CA LEU C 215 0.82 12.64 51.90
C LEU C 215 1.87 13.00 50.87
N LYS C 216 3.16 12.87 51.21
CA LYS C 216 4.21 12.98 50.20
C LYS C 216 4.12 11.83 49.21
N GLU C 217 3.86 10.61 49.72
CA GLU C 217 3.73 9.46 48.85
C GLU C 217 2.41 9.53 48.07
N MET C 218 1.40 10.16 48.67
CA MET C 218 0.13 10.31 47.97
C MET C 218 0.20 11.40 46.90
N LYS C 219 1.00 12.43 47.12
CA LYS C 219 1.24 13.41 46.08
C LYS C 219 2.04 12.81 44.94
N ARG C 220 2.94 11.88 45.27
CA ARG C 220 3.77 11.23 44.25
C ARG C 220 2.92 10.32 43.37
N GLY C 221 1.94 9.66 43.96
CA GLY C 221 1.04 8.78 43.23
C GLY C 221 -0.11 9.47 42.56
N LYS C 222 -0.16 10.81 42.60
CA LYS C 222 -1.21 11.66 42.04
C LYS C 222 -2.58 11.28 42.59
N GLU C 223 -2.64 11.05 43.90
CA GLU C 223 -3.86 10.61 44.58
C GLU C 223 -4.75 11.84 44.70
N PHE C 224 -5.72 11.97 43.80
CA PHE C 224 -6.47 13.21 43.71
C PHE C 224 -7.88 13.10 44.28
N HIS C 225 -8.31 11.92 44.69
CA HIS C 225 -9.70 11.70 45.03
C HIS C 225 -9.82 10.95 46.35
N VAL C 226 -9.13 11.45 47.37
CA VAL C 226 -8.92 10.77 48.64
C VAL C 226 -10.22 10.65 49.43
N ILE C 227 -10.48 9.46 49.98
CA ILE C 227 -11.57 9.29 50.93
C ILE C 227 -10.97 9.04 52.31
N PHE C 228 -11.15 9.97 53.23
CA PHE C 228 -10.65 9.75 54.58
C PHE C 228 -11.65 9.00 55.43
N ASP C 229 -11.15 8.24 56.41
CA ASP C 229 -11.99 7.63 57.43
C ASP C 229 -11.36 7.91 58.80
N CYS C 230 -11.69 9.06 59.37
CA CYS C 230 -11.07 9.49 60.61
C CYS C 230 -12.15 9.97 61.56
N SER C 231 -11.78 10.19 62.82
CA SER C 231 -12.59 11.01 63.69
C SER C 231 -12.39 12.47 63.33
N HIS C 232 -13.29 13.33 63.81
CA HIS C 232 -13.23 14.74 63.43
C HIS C 232 -12.04 15.46 64.07
N GLU C 233 -11.47 14.89 65.13
CA GLU C 233 -10.21 15.39 65.65
C GLU C 233 -9.07 15.12 64.69
N MET C 234 -8.96 13.88 64.21
CA MET C 234 -7.91 13.58 63.23
C MET C 234 -8.26 14.07 61.85
N ALA C 235 -9.53 14.42 61.60
CA ALA C 235 -9.88 15.02 60.31
C ALA C 235 -9.42 16.46 60.25
N ALA C 236 -9.30 17.12 61.40
CA ALA C 236 -8.78 18.49 61.41
C ALA C 236 -7.28 18.49 61.25
N GLY C 237 -6.60 17.59 61.96
CA GLY C 237 -5.14 17.59 61.96
C GLY C 237 -4.55 17.06 60.65
N ILE C 238 -5.36 16.33 59.88
CA ILE C 238 -4.86 15.82 58.61
C ILE C 238 -4.92 16.93 57.55
N LEU C 239 -5.77 17.92 57.74
CA LEU C 239 -5.91 18.95 56.71
C LEU C 239 -4.85 20.03 56.84
N LYS C 240 -4.43 20.36 58.06
CA LYS C 240 -3.34 21.31 58.23
C LYS C 240 -2.04 20.76 57.66
N GLN C 241 -1.82 19.45 57.82
CA GLN C 241 -0.69 18.82 57.16
C GLN C 241 -0.92 18.70 55.67
N ALA C 242 -2.17 18.59 55.23
CA ALA C 242 -2.46 18.64 53.80
C ALA C 242 -2.30 20.05 53.26
N LEU C 243 -2.54 21.05 54.10
CA LEU C 243 -2.36 22.44 53.69
C LEU C 243 -0.88 22.80 53.64
N ALA C 244 -0.12 22.35 54.64
CA ALA C 244 1.30 22.68 54.73
C ALA C 244 2.13 22.01 53.65
N MET C 245 1.62 20.96 53.02
CA MET C 245 2.27 20.38 51.85
C MET C 245 1.55 20.78 50.57
N GLY C 246 0.71 21.81 50.67
CA GLY C 246 0.06 22.43 49.52
C GLY C 246 -0.81 21.49 48.72
N MET C 247 -1.40 20.52 49.40
CA MET C 247 -2.10 19.43 48.75
C MET C 247 -3.59 19.69 48.68
N MET C 248 -4.04 20.87 49.13
CA MET C 248 -5.46 21.23 49.00
C MET C 248 -5.63 22.27 47.91
N THR C 249 -5.69 21.79 46.67
CA THR C 249 -5.78 22.68 45.51
C THR C 249 -7.08 22.40 44.76
N GLU C 250 -7.20 22.95 43.56
CA GLU C 250 -8.41 22.80 42.77
C GLU C 250 -8.64 21.38 42.25
N TYR C 251 -7.64 20.50 42.31
CA TYR C 251 -7.75 19.16 41.72
C TYR C 251 -7.50 18.09 42.79
N TYR C 252 -7.99 18.38 44.00
CA TYR C 252 -8.07 17.42 45.08
C TYR C 252 -9.46 17.43 45.68
N HIS C 253 -10.07 16.27 45.86
CA HIS C 253 -11.39 16.19 46.44
C HIS C 253 -11.41 15.15 47.55
N TYR C 254 -11.86 15.59 48.72
CA TYR C 254 -11.76 14.81 49.97
C TYR C 254 -13.17 14.42 50.40
N ILE C 255 -13.42 13.11 50.50
CA ILE C 255 -14.65 12.66 51.14
C ILE C 255 -14.33 12.17 52.54
N PHE C 256 -14.98 12.75 53.54
CA PHE C 256 -14.74 12.36 54.92
C PHE C 256 -15.84 11.43 55.39
N THR C 257 -15.48 10.18 55.68
CA THR C 257 -16.41 9.23 56.26
C THR C 257 -16.55 9.52 57.74
N THR C 258 -17.32 10.56 58.06
CA THR C 258 -17.56 10.99 59.43
C THR C 258 -18.86 11.76 59.44
N LEU C 259 -19.40 12.01 60.61
CA LEU C 259 -20.67 12.71 60.70
C LEU C 259 -20.47 14.04 61.42
N ASP C 260 -19.21 14.44 61.58
CA ASP C 260 -18.88 15.71 62.20
C ASP C 260 -17.95 16.52 61.33
N LEU C 261 -18.19 16.55 60.02
CA LEU C 261 -17.40 17.43 59.16
C LEU C 261 -17.80 18.88 59.38
N PHE C 262 -19.06 19.10 59.76
CA PHE C 262 -19.62 20.44 59.94
C PHE C 262 -18.98 21.17 61.12
N ALA C 263 -18.40 20.42 62.05
CA ALA C 263 -17.78 21.04 63.22
C ALA C 263 -16.31 21.38 63.01
N LEU C 264 -15.81 21.32 61.78
CA LEU C 264 -14.45 21.73 61.48
C LEU C 264 -14.38 23.22 61.21
N ASP C 265 -13.28 23.84 61.60
CA ASP C 265 -12.96 25.20 61.22
C ASP C 265 -12.40 25.19 59.80
N VAL C 266 -13.24 25.55 58.84
CA VAL C 266 -12.92 25.42 57.44
C VAL C 266 -12.46 26.76 56.87
N GLU C 267 -12.39 27.76 57.74
CA GLU C 267 -12.02 29.14 57.37
C GLU C 267 -10.65 29.28 56.68
N PRO C 268 -9.56 28.54 57.05
CA PRO C 268 -8.36 28.61 56.21
C PRO C 268 -8.52 27.93 54.87
N TYR C 269 -9.56 27.12 54.70
CA TYR C 269 -9.65 26.25 53.53
C TYR C 269 -10.71 26.69 52.56
N ARG C 270 -11.53 27.68 52.92
CA ARG C 270 -12.74 28.03 52.20
C ARG C 270 -12.43 28.62 50.83
N TYR C 271 -11.28 29.29 50.72
CA TYR C 271 -10.88 29.92 49.47
C TYR C 271 -9.86 29.09 48.71
N SER C 272 -9.49 27.94 49.23
CA SER C 272 -8.32 27.20 48.77
C SER C 272 -8.49 26.57 47.40
N GLY C 273 -9.71 26.45 46.91
CA GLY C 273 -9.92 25.77 45.65
C GLY C 273 -10.29 24.32 45.84
N VAL C 274 -10.11 23.82 47.06
CA VAL C 274 -10.31 22.41 47.36
C VAL C 274 -11.79 22.08 47.43
N ASN C 275 -12.19 21.03 46.72
CA ASN C 275 -13.51 20.46 46.88
C ASN C 275 -13.38 19.52 48.07
N MET C 276 -14.33 19.53 49.00
CA MET C 276 -14.35 18.54 50.09
C MET C 276 -15.80 18.31 50.50
N THR C 277 -16.20 17.04 50.48
CA THR C 277 -17.59 16.66 50.64
C THR C 277 -17.71 15.70 51.83
N GLY C 278 -18.80 15.78 52.57
CA GLY C 278 -18.98 14.84 53.66
C GLY C 278 -20.43 14.42 53.79
N PHE C 279 -20.80 14.09 55.02
CA PHE C 279 -22.17 13.74 55.35
C PHE C 279 -22.51 14.36 56.69
N ARG C 280 -23.80 14.53 56.93
CA ARG C 280 -24.29 15.10 58.17
C ARG C 280 -25.68 14.58 58.44
N ILE C 281 -25.90 14.07 59.64
CA ILE C 281 -27.21 13.56 60.01
C ILE C 281 -27.86 14.58 60.93
N LEU C 282 -27.05 15.47 61.49
CA LEU C 282 -27.54 16.48 62.43
C LEU C 282 -28.23 17.60 61.66
N ASN C 283 -29.53 17.77 61.91
CA ASN C 283 -30.32 18.78 61.23
C ASN C 283 -29.99 20.18 61.71
N THR C 284 -29.31 20.97 60.88
CA THR C 284 -29.02 22.36 61.25
C THR C 284 -30.08 23.31 60.70
N GLU C 285 -31.20 22.75 60.26
CA GLU C 285 -32.27 23.56 59.69
C GLU C 285 -33.44 23.70 60.65
N ASN C 286 -33.70 22.66 61.44
CA ASN C 286 -34.84 22.67 62.37
C ASN C 286 -34.61 23.65 63.50
N THR C 287 -35.57 24.55 63.71
CA THR C 287 -35.43 25.56 64.76
C THR C 287 -35.54 24.95 66.15
N GLN C 288 -36.23 23.83 66.27
CA GLN C 288 -36.26 23.11 67.55
C GLN C 288 -34.89 22.53 67.87
N VAL C 289 -34.23 21.96 66.86
CA VAL C 289 -32.88 21.43 67.04
C VAL C 289 -31.89 22.56 67.27
N SER C 290 -32.03 23.64 66.51
CA SER C 290 -31.12 24.78 66.62
C SER C 290 -31.30 25.51 67.94
N SER C 291 -32.48 25.39 68.56
CA SER C 291 -32.66 25.93 69.90
C SER C 291 -31.89 25.11 70.94
N ILE C 292 -31.79 23.79 70.72
CA ILE C 292 -31.06 22.93 71.64
C ILE C 292 -29.56 23.18 71.53
N ILE C 293 -29.07 23.31 70.29
CA ILE C 293 -27.65 23.51 70.03
C ILE C 293 -27.20 24.87 70.56
N GLU C 294 -28.05 25.88 70.43
CA GLU C 294 -27.78 27.18 71.03
C GLU C 294 -27.79 27.09 72.55
N LYS C 295 -28.68 26.25 73.09
CA LYS C 295 -28.72 26.05 74.54
C LYS C 295 -27.54 25.21 75.01
N TRP C 296 -27.09 24.28 74.16
CA TRP C 296 -25.98 23.38 74.47
C TRP C 296 -24.68 24.10 74.77
N SER C 297 -24.23 24.95 73.83
CA SER C 297 -22.95 25.63 73.91
C SER C 297 -22.86 26.56 75.11
N MET C 298 -24.00 27.09 75.53
CA MET C 298 -24.06 27.86 76.77
C MET C 298 -23.89 26.95 77.98
N GLU C 299 -24.51 25.77 77.95
CA GLU C 299 -24.56 24.93 79.14
C GLU C 299 -23.40 23.94 79.21
N ARG C 300 -22.46 24.02 78.27
CA ARG C 300 -21.27 23.17 78.34
C ARG C 300 -20.40 23.48 79.54
N LEU C 301 -19.86 24.72 79.57
CA LEU C 301 -18.79 25.16 80.46
C LEU C 301 -17.64 24.16 80.33
N GLN C 302 -17.03 24.13 79.16
CA GLN C 302 -15.99 23.17 78.84
C GLN C 302 -14.67 23.90 78.60
N ALA C 303 -13.51 23.22 78.73
CA ALA C 303 -12.18 23.69 78.42
C ALA C 303 -12.12 24.22 76.99
N PRO C 304 -11.53 25.39 76.78
CA PRO C 304 -11.63 26.07 75.48
C PRO C 304 -10.78 25.37 74.43
N PRO C 305 -11.22 25.36 73.17
CA PRO C 305 -10.45 24.71 72.11
C PRO C 305 -9.19 25.50 71.74
N LYS C 306 -8.08 24.79 71.68
CA LYS C 306 -6.82 25.34 71.21
C LYS C 306 -6.95 25.70 69.74
N PRO C 307 -6.37 26.82 69.27
CA PRO C 307 -6.44 27.12 67.83
C PRO C 307 -5.54 26.25 66.99
N ASP C 308 -4.68 25.45 67.63
CA ASP C 308 -3.90 24.45 66.91
C ASP C 308 -4.65 23.12 66.82
N SER C 309 -5.88 23.08 67.35
CA SER C 309 -6.71 21.90 67.17
C SER C 309 -7.34 21.91 65.78
N GLY C 310 -7.85 23.07 65.39
CA GLY C 310 -8.50 23.21 64.10
C GLY C 310 -10.00 23.00 64.14
N LEU C 311 -10.59 23.00 65.33
CA LEU C 311 -12.01 22.72 65.49
C LEU C 311 -12.75 24.00 65.85
N LEU C 312 -14.03 24.05 65.51
CA LEU C 312 -14.87 25.17 65.91
C LEU C 312 -15.27 25.01 67.38
N ASP C 313 -15.80 26.07 67.98
CA ASP C 313 -15.93 26.08 69.43
C ASP C 313 -17.23 25.42 69.88
N GLY C 314 -18.36 26.02 69.56
CA GLY C 314 -19.63 25.53 70.08
C GLY C 314 -20.47 24.79 69.06
N PHE C 315 -20.39 23.46 69.10
CA PHE C 315 -21.20 22.56 68.29
C PHE C 315 -21.33 21.23 69.01
N MET C 316 -22.47 20.57 68.82
CA MET C 316 -22.65 19.21 69.30
C MET C 316 -22.01 18.27 68.29
N THR C 317 -21.12 17.40 68.76
CA THR C 317 -20.64 16.33 67.92
C THR C 317 -21.72 15.29 67.73
N THR C 318 -21.53 14.41 66.75
CA THR C 318 -22.53 13.36 66.52
C THR C 318 -22.47 12.29 67.59
N ASP C 319 -21.42 12.26 68.41
CA ASP C 319 -21.41 11.35 69.55
C ASP C 319 -22.38 11.82 70.63
N ALA C 320 -22.34 13.11 70.96
CA ALA C 320 -23.23 13.63 71.99
C ALA C 320 -24.63 13.86 71.45
N ALA C 321 -24.77 13.99 70.13
CA ALA C 321 -26.09 14.19 69.55
C ALA C 321 -26.94 12.93 69.67
N LEU C 322 -26.31 11.77 69.50
CA LEU C 322 -27.02 10.52 69.62
C LEU C 322 -27.34 10.18 71.07
N MET C 323 -26.46 10.57 71.99
CA MET C 323 -26.71 10.30 73.40
C MET C 323 -27.87 11.15 73.91
N TYR C 324 -28.06 12.33 73.34
CA TYR C 324 -29.27 13.10 73.60
C TYR C 324 -30.48 12.38 73.02
N ASP C 325 -30.33 11.78 71.84
CA ASP C 325 -31.43 11.03 71.25
C ASP C 325 -31.54 9.64 71.84
N ALA C 326 -30.54 9.20 72.61
CA ALA C 326 -30.59 7.87 73.21
C ALA C 326 -31.68 7.79 74.28
N VAL C 327 -31.83 8.87 75.06
CA VAL C 327 -32.81 8.86 76.14
C VAL C 327 -34.21 9.04 75.56
N HIS C 328 -34.33 9.86 74.52
CA HIS C 328 -35.65 10.19 73.98
C HIS C 328 -36.29 9.01 73.25
N VAL C 329 -35.47 8.10 72.72
CA VAL C 329 -36.04 6.87 72.15
C VAL C 329 -36.55 5.97 73.27
N VAL C 330 -35.81 5.91 74.38
CA VAL C 330 -36.26 5.18 75.55
C VAL C 330 -37.47 5.88 76.18
N SER C 331 -37.51 7.21 76.09
CA SER C 331 -38.57 7.98 76.73
C SER C 331 -39.90 7.79 76.00
N VAL C 332 -39.87 7.40 74.73
CA VAL C 332 -41.11 7.02 74.06
C VAL C 332 -41.63 5.71 74.62
N ALA C 333 -40.72 4.76 74.90
CA ALA C 333 -41.14 3.42 75.28
C ALA C 333 -41.69 3.38 76.71
N VAL C 334 -41.22 4.28 77.59
CA VAL C 334 -41.68 4.26 78.97
C VAL C 334 -43.07 4.85 79.08
N GLN C 335 -43.49 5.63 78.08
CA GLN C 335 -44.86 6.14 78.03
C GLN C 335 -45.83 5.00 77.74
N GLN C 336 -45.51 4.20 76.73
CA GLN C 336 -46.41 3.17 76.23
C GLN C 336 -46.43 1.96 77.15
N PHE C 337 -45.45 1.85 78.03
CA PHE C 337 -45.45 0.80 79.05
C PHE C 337 -45.21 1.45 80.41
N PRO C 338 -46.23 2.08 81.01
CA PRO C 338 -46.00 2.91 82.21
C PRO C 338 -45.86 2.10 83.48
N GLN C 339 -46.37 0.87 83.49
CA GLN C 339 -46.43 0.05 84.69
C GLN C 339 -45.09 -0.58 85.06
N MET C 340 -44.04 -0.28 84.30
CA MET C 340 -42.70 -0.76 84.58
C MET C 340 -42.16 -0.19 85.88
N THR C 341 -41.54 -1.05 86.69
CA THR C 341 -40.91 -0.62 87.94
C THR C 341 -39.45 -1.07 87.94
N VAL C 342 -38.67 -0.51 88.86
CA VAL C 342 -37.25 -0.80 88.96
C VAL C 342 -37.05 -2.03 89.84
N SER C 343 -36.28 -3.00 89.35
CA SER C 343 -35.99 -4.21 90.12
C SER C 343 -34.48 -4.32 90.30
N SER C 344 -34.07 -4.76 91.49
CA SER C 344 -32.65 -4.95 91.79
C SER C 344 -32.19 -6.32 91.33
N LEU C 345 -31.49 -6.36 90.20
CA LEU C 345 -31.05 -7.61 89.61
C LEU C 345 -29.68 -8.00 90.14
N GLN C 346 -29.43 -9.29 90.26
CA GLN C 346 -28.15 -9.82 90.73
C GLN C 346 -27.44 -10.52 89.58
N CYS C 347 -26.17 -10.17 89.37
CA CYS C 347 -25.37 -10.79 88.32
C CYS C 347 -25.06 -12.25 88.66
N ASN C 348 -24.66 -12.51 89.91
CA ASN C 348 -24.30 -13.84 90.36
C ASN C 348 -25.52 -14.76 90.35
N ARG C 349 -26.65 -14.26 90.86
CA ARG C 349 -27.92 -14.97 90.77
C ARG C 349 -28.71 -14.41 89.60
N HIS C 350 -28.31 -14.79 88.38
CA HIS C 350 -28.87 -14.19 87.18
C HIS C 350 -30.31 -14.64 86.94
N LYS C 351 -31.21 -13.68 86.76
CA LYS C 351 -32.61 -13.94 86.43
C LYS C 351 -33.01 -12.96 85.33
N PRO C 352 -33.73 -13.42 84.31
CA PRO C 352 -34.25 -12.49 83.31
C PRO C 352 -35.30 -11.56 83.88
N TRP C 353 -35.11 -10.26 83.70
CA TRP C 353 -36.00 -9.25 84.24
C TRP C 353 -37.29 -9.25 83.44
N ARG C 354 -38.42 -9.35 84.15
CA ARG C 354 -39.68 -9.77 83.54
C ARG C 354 -40.31 -8.67 82.68
N PHE C 355 -39.95 -7.41 82.95
CA PHE C 355 -40.56 -6.32 82.19
C PHE C 355 -39.80 -6.02 80.91
N GLY C 356 -38.56 -6.50 80.81
CA GLY C 356 -37.68 -6.13 79.71
C GLY C 356 -38.11 -6.57 78.33
N THR C 357 -38.64 -7.79 78.21
CA THR C 357 -39.03 -8.38 76.94
C THR C 357 -40.16 -7.59 76.30
N ARG C 358 -41.15 -7.19 77.11
CA ARG C 358 -42.20 -6.30 76.62
C ARG C 358 -41.64 -4.92 76.32
N PHE C 359 -40.71 -4.46 77.16
CA PHE C 359 -40.15 -3.12 77.03
C PHE C 359 -39.20 -3.01 75.84
N MET C 360 -38.57 -4.13 75.47
CA MET C 360 -37.61 -4.10 74.37
C MET C 360 -38.32 -3.94 73.03
N SER C 361 -39.54 -4.47 72.91
CA SER C 361 -40.26 -4.42 71.65
C SER C 361 -40.71 -3.01 71.33
N LEU C 362 -40.98 -2.21 72.36
CA LEU C 362 -41.37 -0.82 72.14
C LEU C 362 -40.18 0.02 71.74
N ILE C 363 -38.98 -0.39 72.15
CA ILE C 363 -37.76 0.30 71.75
C ILE C 363 -37.49 0.08 70.26
N LYS C 364 -37.55 -1.17 69.82
CA LYS C 364 -37.26 -1.51 68.43
C LYS C 364 -38.32 -1.02 67.46
N GLU C 365 -39.51 -0.67 67.95
CA GLU C 365 -40.59 -0.18 67.12
C GLU C 365 -40.81 1.32 67.33
N ALA C 366 -39.86 1.99 67.98
CA ALA C 366 -40.03 3.40 68.32
C ALA C 366 -39.76 4.28 67.11
N HIS C 367 -40.47 5.40 67.05
CA HIS C 367 -40.25 6.42 66.03
C HIS C 367 -40.16 7.77 66.72
N TRP C 368 -39.09 8.49 66.40
CA TRP C 368 -38.84 9.78 67.05
C TRP C 368 -38.04 10.67 66.12
N GLU C 369 -38.44 11.93 66.03
CA GLU C 369 -37.71 12.94 65.28
C GLU C 369 -36.75 13.69 66.18
N GLY C 370 -35.61 13.08 66.50
CA GLY C 370 -34.64 13.70 67.38
C GLY C 370 -33.73 14.65 66.64
N LEU C 371 -32.50 14.75 67.12
CA LEU C 371 -31.54 15.67 66.52
C LEU C 371 -31.07 15.17 65.17
N THR C 372 -31.09 13.85 64.98
CA THR C 372 -30.51 13.24 63.78
C THR C 372 -31.59 12.79 62.80
N GLY C 373 -32.63 13.58 62.62
CA GLY C 373 -33.71 13.18 61.74
C GLY C 373 -34.62 12.20 62.45
N ARG C 374 -35.24 11.32 61.68
CA ARG C 374 -36.07 10.27 62.26
C ARG C 374 -35.16 9.16 62.78
N ILE C 375 -35.59 8.52 63.86
CA ILE C 375 -34.87 7.37 64.41
C ILE C 375 -35.82 6.19 64.28
N THR C 376 -35.56 5.32 63.31
CA THR C 376 -36.27 4.07 63.17
C THR C 376 -35.26 2.93 63.19
N PHE C 377 -35.62 1.85 63.89
CA PHE C 377 -34.68 0.76 64.06
C PHE C 377 -34.92 -0.33 63.03
N ASN C 378 -34.32 -1.49 63.28
CA ASN C 378 -34.25 -2.57 62.30
C ASN C 378 -34.98 -3.79 62.88
N LYS C 379 -35.91 -4.38 62.14
CA LYS C 379 -36.77 -5.45 62.65
C LYS C 379 -36.01 -6.73 62.95
N THR C 380 -34.83 -6.86 62.34
CA THR C 380 -33.81 -7.86 62.65
C THR C 380 -33.02 -7.31 63.85
N ASN C 381 -31.75 -7.66 64.00
CA ASN C 381 -30.82 -7.06 64.96
C ASN C 381 -30.92 -5.53 65.08
N GLY C 382 -30.75 -5.01 66.28
CA GLY C 382 -31.19 -3.67 66.63
C GLY C 382 -30.40 -2.49 66.08
N LEU C 383 -29.71 -2.69 64.96
CA LEU C 383 -28.93 -1.64 64.30
C LEU C 383 -29.81 -0.53 63.75
N ARG C 384 -29.20 0.56 63.30
CA ARG C 384 -29.94 1.65 62.67
C ARG C 384 -29.55 1.66 61.20
N THR C 385 -30.54 1.44 60.34
CA THR C 385 -30.32 1.26 58.91
C THR C 385 -31.01 2.34 58.09
N ASP C 386 -32.25 2.68 58.39
CA ASP C 386 -33.00 3.70 57.67
C ASP C 386 -32.86 5.03 58.41
N PHE C 387 -32.15 5.97 57.80
CA PHE C 387 -31.91 7.29 58.34
C PHE C 387 -31.81 8.31 57.21
N ASP C 388 -31.43 9.54 57.57
CA ASP C 388 -31.45 10.66 56.65
C ASP C 388 -30.12 11.41 56.72
N LEU C 389 -29.31 11.27 55.67
CA LEU C 389 -28.09 12.04 55.57
C LEU C 389 -28.34 13.32 54.78
N ASP C 390 -27.55 14.34 55.08
CA ASP C 390 -27.54 15.56 54.30
C ASP C 390 -26.14 15.78 53.75
N VAL C 391 -25.94 15.46 52.47
CA VAL C 391 -24.61 15.54 51.87
C VAL C 391 -24.18 17.00 51.70
N ILE C 392 -23.16 17.39 52.45
CA ILE C 392 -22.70 18.77 52.46
C ILE C 392 -21.34 18.85 51.78
N SER C 393 -20.97 20.03 51.32
CA SER C 393 -19.68 20.23 50.66
C SER C 393 -19.18 21.63 50.95
N LEU C 394 -17.98 21.91 50.45
CA LEU C 394 -17.33 23.20 50.68
C LEU C 394 -17.42 24.05 49.42
N LYS C 395 -18.05 25.21 49.56
CA LYS C 395 -17.99 26.26 48.55
C LYS C 395 -17.47 27.52 49.24
N GLU C 396 -17.37 28.62 48.51
CA GLU C 396 -16.72 29.81 49.04
C GLU C 396 -17.56 30.53 50.10
N GLU C 397 -18.80 30.09 50.31
CA GLU C 397 -19.59 30.55 51.44
C GLU C 397 -19.26 29.77 52.71
N GLY C 398 -18.78 28.55 52.58
CA GLY C 398 -18.53 27.68 53.71
C GLY C 398 -19.05 26.29 53.45
N LEU C 399 -19.45 25.57 54.51
CA LEU C 399 -20.13 24.30 54.31
C LEU C 399 -21.55 24.56 53.82
N GLU C 400 -22.05 23.66 52.96
CA GLU C 400 -23.31 23.92 52.27
C GLU C 400 -23.95 22.62 51.80
N LYS C 401 -25.23 22.44 52.12
CA LYS C 401 -26.00 21.28 51.67
C LYS C 401 -26.16 21.28 50.15
N ILE C 402 -25.73 20.20 49.50
CA ILE C 402 -25.88 20.10 48.06
C ILE C 402 -26.70 18.87 47.69
N GLY C 403 -27.47 18.36 48.63
CA GLY C 403 -28.35 17.24 48.33
C GLY C 403 -28.84 16.53 49.57
N THR C 404 -29.34 15.30 49.37
CA THR C 404 -29.88 14.48 50.45
C THR C 404 -29.78 13.01 50.06
N TRP C 405 -29.24 12.17 50.95
CA TRP C 405 -29.17 10.74 50.71
C TRP C 405 -30.22 10.04 51.58
N ASP C 406 -30.71 8.92 51.09
CA ASP C 406 -31.63 8.07 51.84
C ASP C 406 -31.39 6.63 51.40
N PRO C 407 -31.50 5.63 52.30
CA PRO C 407 -31.28 4.25 51.88
C PRO C 407 -32.35 3.72 50.94
N ALA C 408 -33.61 4.04 51.21
CA ALA C 408 -34.72 3.61 50.38
C ALA C 408 -34.66 4.28 49.01
N SER C 409 -34.25 5.54 48.98
CA SER C 409 -33.98 6.24 47.75
C SER C 409 -32.53 6.03 47.33
N GLY C 410 -32.05 6.84 46.39
CA GLY C 410 -30.63 6.94 46.13
C GLY C 410 -30.14 8.30 46.58
N LEU C 411 -29.13 8.82 45.89
CA LEU C 411 -28.77 10.22 46.06
C LEU C 411 -29.87 11.08 45.44
N ASN C 412 -30.36 12.03 46.22
CA ASN C 412 -31.25 13.06 45.66
C ASN C 412 -30.43 14.33 45.40
N MET C 413 -29.22 14.15 44.87
CA MET C 413 -28.39 15.26 44.45
C MET C 413 -28.84 15.76 43.08
N THR C 414 -27.97 16.54 42.42
CA THR C 414 -28.32 17.51 41.38
C THR C 414 -29.33 18.42 42.05
N GLU C 415 -28.93 18.98 43.19
CA GLU C 415 -29.74 19.93 43.96
C GLU C 415 -29.43 21.34 43.49
N SER C 416 -28.12 21.64 43.33
CA SER C 416 -27.43 22.09 42.10
C SER C 416 -28.07 23.09 41.14
N GLN C 417 -28.04 24.38 41.46
CA GLN C 417 -28.27 25.44 40.47
C GLN C 417 -27.11 25.51 39.45
N LYS C 418 -27.24 26.36 38.41
CA LYS C 418 -26.17 26.79 37.49
C LYS C 418 -25.62 25.67 36.61
N GLY C 419 -26.36 25.33 35.55
CA GLY C 419 -25.78 24.49 34.50
C GLY C 419 -25.53 25.17 33.16
N LYS C 420 -25.14 26.44 33.17
CA LYS C 420 -24.95 27.23 31.95
C LYS C 420 -24.16 28.49 32.31
N PRO C 421 -23.61 29.22 31.30
CA PRO C 421 -22.99 30.53 31.60
C PRO C 421 -23.99 31.63 31.92
N ALA C 422 -23.48 32.88 31.99
CA ALA C 422 -24.19 34.04 32.55
C ALA C 422 -25.59 34.26 31.97
N ASN C 423 -25.68 34.39 30.64
CA ASN C 423 -26.92 34.48 29.86
C ASN C 423 -27.76 35.66 30.32
N ILE C 424 -27.24 36.87 30.10
CA ILE C 424 -27.88 38.12 30.54
C ILE C 424 -28.05 38.97 29.30
N THR C 425 -28.45 40.25 29.50
CA THR C 425 -28.79 41.21 28.45
C THR C 425 -27.81 41.24 27.28
N ASP C 426 -28.36 41.42 26.07
CA ASP C 426 -27.90 40.89 24.78
C ASP C 426 -26.40 40.88 24.55
N SER C 427 -25.89 39.72 24.12
CA SER C 427 -24.46 39.41 24.06
C SER C 427 -23.71 40.23 23.04
N LEU C 428 -24.42 40.88 22.11
CA LEU C 428 -23.81 41.68 21.07
C LEU C 428 -24.28 43.13 21.12
N SER C 429 -24.72 43.61 22.29
CA SER C 429 -25.39 44.89 22.41
C SER C 429 -24.54 46.11 22.08
N ASN C 430 -23.55 46.43 22.91
CA ASN C 430 -22.89 47.72 22.74
C ASN C 430 -21.39 47.64 23.07
N ARG C 431 -20.89 46.46 23.42
CA ARG C 431 -19.49 46.28 23.80
C ARG C 431 -18.58 46.47 22.59
N SER C 432 -17.71 47.48 22.62
CA SER C 432 -17.29 48.03 21.35
C SER C 432 -16.04 47.37 20.79
N LEU C 433 -16.00 46.03 20.81
CA LEU C 433 -15.20 45.15 19.95
C LEU C 433 -13.74 45.57 19.79
N ILE C 434 -12.95 45.38 20.85
CA ILE C 434 -11.56 45.79 20.91
C ILE C 434 -10.78 45.09 19.80
N VAL C 435 -10.33 45.87 18.82
CA VAL C 435 -9.63 45.34 17.66
C VAL C 435 -8.13 45.49 17.90
N THR C 436 -7.41 44.37 17.90
CA THR C 436 -5.96 44.41 18.03
C THR C 436 -5.30 44.37 16.67
N THR C 437 -4.56 45.43 16.36
CA THR C 437 -3.83 45.53 15.11
C THR C 437 -2.41 45.98 15.42
N ILE C 438 -1.63 46.18 14.36
CA ILE C 438 -0.21 46.46 14.49
C ILE C 438 0.19 47.44 13.38
N LEU C 439 1.16 48.30 13.67
CA LEU C 439 1.52 49.36 12.73
C LEU C 439 2.47 48.81 11.67
N GLU C 440 1.99 48.78 10.42
CA GLU C 440 2.76 48.38 9.26
C GLU C 440 2.28 49.16 8.04
N GLU C 441 3.23 49.64 7.25
CA GLU C 441 2.89 50.32 6.02
C GLU C 441 2.59 49.31 4.93
N PRO C 442 1.59 49.57 4.08
CA PRO C 442 0.65 50.69 4.13
C PRO C 442 -0.65 50.26 4.79
N TYR C 443 -0.58 49.23 5.62
CA TYR C 443 -1.79 48.62 6.17
C TYR C 443 -2.37 49.46 7.29
N VAL C 444 -1.62 49.62 8.38
CA VAL C 444 -2.01 50.44 9.51
C VAL C 444 -0.84 51.36 9.85
N LEU C 445 -1.08 52.66 9.85
CA LEU C 445 -0.04 53.63 10.16
C LEU C 445 -0.69 54.88 10.74
N PHE C 446 0.10 55.64 11.49
CA PHE C 446 -0.41 56.83 12.15
C PHE C 446 -0.72 57.92 11.15
N LYS C 447 -1.73 58.73 11.47
CA LYS C 447 -2.18 59.78 10.57
C LYS C 447 -1.36 61.05 10.80
N LYS C 448 -0.90 61.66 9.72
CA LYS C 448 -0.13 62.88 9.79
C LYS C 448 -1.09 64.08 9.80
N SER C 449 -0.95 64.91 10.83
CA SER C 449 -1.81 66.07 10.99
C SER C 449 -1.03 67.15 11.76
N ASP C 450 -1.44 68.39 11.59
CA ASP C 450 -0.85 69.50 12.33
C ASP C 450 -1.22 69.43 13.81
N LYS C 451 -2.46 69.07 14.10
CA LYS C 451 -2.87 68.85 15.48
C LYS C 451 -2.80 67.35 15.81
N PRO C 452 -2.18 66.99 16.93
CA PRO C 452 -2.13 65.58 17.31
C PRO C 452 -3.50 65.04 17.71
N LEU C 453 -3.89 63.93 17.08
CA LEU C 453 -5.22 63.37 17.26
C LEU C 453 -5.23 62.37 18.40
N TYR C 454 -6.43 62.01 18.84
CA TYR C 454 -6.61 61.15 20.00
C TYR C 454 -7.76 60.18 19.74
N GLY C 455 -7.48 58.88 19.81
CA GLY C 455 -8.50 57.88 19.64
C GLY C 455 -8.31 57.09 18.36
N ASN C 456 -9.43 56.75 17.72
CA ASN C 456 -9.39 55.98 16.48
C ASN C 456 -8.96 56.81 15.28
N ASP C 457 -9.03 58.14 15.38
CA ASP C 457 -8.63 59.00 14.27
C ASP C 457 -7.11 59.07 14.11
N ARG C 458 -6.37 58.54 15.08
CA ARG C 458 -4.91 58.43 14.97
C ARG C 458 -4.48 57.54 13.83
N PHE C 459 -5.25 56.51 13.52
CA PHE C 459 -4.84 55.44 12.62
C PHE C 459 -5.43 55.65 11.23
N GLU C 460 -4.62 55.33 10.22
CA GLU C 460 -5.07 55.34 8.84
C GLU C 460 -4.34 54.23 8.11
N GLY C 461 -4.73 54.00 6.87
CA GLY C 461 -4.10 52.98 6.06
C GLY C 461 -5.13 52.11 5.40
N TYR C 462 -4.72 50.89 5.08
CA TYR C 462 -5.62 49.95 4.41
C TYR C 462 -6.61 49.32 5.39
N CYS C 463 -6.08 48.70 6.45
CA CYS C 463 -6.88 47.78 7.26
C CYS C 463 -7.93 48.49 8.09
N ILE C 464 -7.67 49.70 8.56
CA ILE C 464 -8.72 50.42 9.26
C ILE C 464 -9.73 50.99 8.25
N ASP C 465 -9.29 51.28 7.03
CA ASP C 465 -10.24 51.67 6.00
C ASP C 465 -11.05 50.48 5.52
N LEU C 466 -10.48 49.27 5.65
CA LEU C 466 -11.30 48.06 5.55
C LEU C 466 -12.28 47.96 6.70
N LEU C 467 -11.81 48.24 7.91
CA LEU C 467 -12.63 48.04 9.11
C LEU C 467 -13.75 49.07 9.20
N ARG C 468 -13.57 50.26 8.61
CA ARG C 468 -14.69 51.20 8.51
C ARG C 468 -15.76 50.67 7.55
N GLU C 469 -15.36 49.89 6.55
CA GLU C 469 -16.34 49.26 5.69
C GLU C 469 -17.00 48.06 6.36
N LEU C 470 -16.26 47.33 7.19
CA LEU C 470 -16.86 46.23 7.92
C LEU C 470 -17.82 46.74 8.98
N SER C 471 -17.50 47.88 9.59
CA SER C 471 -18.38 48.47 10.60
CA SER C 471 -18.38 48.47 10.60
C SER C 471 -19.63 49.09 9.97
N THR C 472 -19.54 49.50 8.71
CA THR C 472 -20.73 50.03 8.04
C THR C 472 -21.69 48.92 7.67
N ILE C 473 -21.16 47.76 7.24
CA ILE C 473 -22.01 46.66 6.81
C ILE C 473 -22.64 45.98 8.03
N LEU C 474 -21.81 45.50 8.96
CA LEU C 474 -22.32 44.71 10.06
C LEU C 474 -22.94 45.58 11.15
N GLY C 475 -22.63 46.86 11.17
CA GLY C 475 -23.24 47.77 12.12
C GLY C 475 -22.76 47.57 13.55
N PHE C 476 -21.46 47.74 13.77
CA PHE C 476 -20.89 47.64 15.10
C PHE C 476 -19.97 48.83 15.35
N THR C 477 -19.64 49.05 16.61
CA THR C 477 -18.66 50.05 17.01
C THR C 477 -17.36 49.34 17.38
N TYR C 478 -16.24 49.95 17.02
CA TYR C 478 -14.94 49.34 17.23
C TYR C 478 -14.02 50.32 17.95
N GLU C 479 -13.13 49.79 18.77
CA GLU C 479 -12.09 50.59 19.41
C GLU C 479 -10.74 50.00 19.02
N ILE C 480 -9.94 50.76 18.28
CA ILE C 480 -8.62 50.29 17.87
C ILE C 480 -7.70 50.28 19.08
N ARG C 481 -7.07 49.14 19.33
CA ARG C 481 -6.11 49.01 20.42
C ARG C 481 -4.91 48.25 19.89
N LEU C 482 -3.83 48.98 19.61
CA LEU C 482 -2.64 48.42 18.98
C LEU C 482 -1.96 47.44 19.94
N VAL C 483 -1.27 46.46 19.36
CA VAL C 483 -0.77 45.32 20.12
C VAL C 483 0.38 45.74 21.03
N GLU C 484 0.42 45.16 22.23
CA GLU C 484 1.40 45.55 23.22
C GLU C 484 2.80 45.06 22.87
N ASP C 485 2.95 43.74 22.70
CA ASP C 485 4.27 43.12 22.51
C ASP C 485 4.77 43.15 21.08
N GLY C 486 4.13 43.93 20.19
CA GLY C 486 4.70 44.33 18.92
C GLY C 486 4.96 43.24 17.89
N LYS C 487 4.51 42.02 18.12
CA LYS C 487 4.74 40.93 17.19
C LYS C 487 3.41 40.55 16.53
N TYR C 488 3.46 39.55 15.65
CA TYR C 488 2.19 39.04 15.11
C TYR C 488 1.75 37.81 15.89
N GLY C 489 2.55 36.76 15.87
CA GLY C 489 2.26 35.56 16.60
C GLY C 489 3.19 34.42 16.28
N ALA C 490 3.69 33.75 17.31
CA ALA C 490 4.57 32.61 17.16
C ALA C 490 4.53 31.81 18.45
N GLN C 491 4.59 30.48 18.30
CA GLN C 491 4.53 29.60 19.46
C GLN C 491 5.94 29.26 19.90
N ASP C 492 6.34 29.80 21.06
CA ASP C 492 7.65 29.49 21.59
C ASP C 492 7.70 28.07 22.15
N ASP C 493 8.14 27.12 21.30
CA ASP C 493 7.96 25.68 21.41
C ASP C 493 8.22 25.02 22.77
N VAL C 494 9.18 25.57 23.52
CA VAL C 494 9.56 24.99 24.81
C VAL C 494 8.45 25.20 25.84
N ASN C 495 8.12 26.47 26.09
CA ASN C 495 7.12 26.84 27.08
C ASN C 495 5.77 27.15 26.46
N GLY C 496 5.34 26.34 25.49
CA GLY C 496 4.53 26.75 24.35
C GLY C 496 3.33 27.63 24.60
N GLN C 497 3.46 28.90 24.22
CA GLN C 497 2.44 29.92 24.31
C GLN C 497 2.57 30.83 23.10
N TRP C 498 1.52 31.58 22.82
CA TRP C 498 1.56 32.48 21.68
C TRP C 498 1.91 33.88 22.15
N ASN C 499 2.27 34.72 21.18
CA ASN C 499 2.61 36.11 21.44
C ASN C 499 1.95 36.97 20.36
N GLY C 500 2.23 38.27 20.41
CA GLY C 500 1.76 39.15 19.35
C GLY C 500 0.26 39.36 19.40
N MET C 501 -0.36 39.27 18.22
CA MET C 501 -1.81 39.42 18.13
C MET C 501 -2.53 38.10 18.34
N VAL C 502 -1.84 36.98 18.13
CA VAL C 502 -2.46 35.67 18.36
C VAL C 502 -2.76 35.47 19.84
N ARG C 503 -1.85 35.93 20.71
CA ARG C 503 -2.09 35.87 22.15
C ARG C 503 -3.18 36.84 22.58
N GLU C 504 -3.35 37.95 21.85
CA GLU C 504 -4.44 38.87 22.13
C GLU C 504 -5.81 38.26 21.81
N LEU C 505 -5.86 37.31 20.88
CA LEU C 505 -7.12 36.67 20.51
C LEU C 505 -7.47 35.51 21.41
N ILE C 506 -6.47 34.71 21.80
CA ILE C 506 -6.73 33.52 22.63
C ILE C 506 -7.14 33.93 24.03
N ASP C 507 -6.53 34.98 24.57
CA ASP C 507 -6.85 35.47 25.90
C ASP C 507 -8.09 36.36 25.92
N HIS C 508 -8.74 36.55 24.77
CA HIS C 508 -9.96 37.33 24.59
C HIS C 508 -9.79 38.79 24.99
N LYS C 509 -8.54 39.28 24.99
CA LYS C 509 -8.33 40.72 25.14
C LYS C 509 -8.79 41.46 23.91
N ALA C 510 -8.61 40.84 22.75
CA ALA C 510 -9.12 41.35 21.48
C ALA C 510 -10.46 40.70 21.17
N ASP C 511 -11.09 41.20 20.11
CA ASP C 511 -12.23 40.52 19.52
C ASP C 511 -11.98 40.31 18.03
N LEU C 512 -11.21 41.19 17.42
CA LEU C 512 -10.83 41.08 16.03
C LEU C 512 -9.31 41.18 15.91
N ALA C 513 -8.81 40.93 14.71
CA ALA C 513 -7.39 41.03 14.42
C ALA C 513 -7.17 41.64 13.05
N VAL C 514 -7.86 42.76 12.77
CA VAL C 514 -7.87 43.35 11.44
C VAL C 514 -6.50 43.97 11.18
N ALA C 515 -5.65 43.21 10.49
CA ALA C 515 -4.22 43.43 10.44
C ALA C 515 -3.62 42.48 9.40
N PRO C 516 -2.35 42.66 8.98
CA PRO C 516 -1.72 41.65 8.13
C PRO C 516 -1.42 40.34 8.85
N LEU C 517 -2.45 39.59 9.20
CA LEU C 517 -2.27 38.34 9.93
C LEU C 517 -2.50 37.20 8.95
N ALA C 518 -1.41 36.60 8.46
CA ALA C 518 -1.49 35.62 7.40
C ALA C 518 -2.04 34.30 7.92
N ILE C 519 -2.94 33.70 7.13
CA ILE C 519 -3.58 32.44 7.48
C ILE C 519 -2.58 31.33 7.23
N THR C 520 -2.10 30.70 8.29
CA THR C 520 -1.21 29.56 8.17
C THR C 520 -1.82 28.35 8.86
N TYR C 521 -1.09 27.25 8.81
CA TYR C 521 -1.55 26.00 9.40
C TYR C 521 -1.59 26.06 10.92
N VAL C 522 -0.49 26.45 11.54
CA VAL C 522 -0.38 26.38 12.99
C VAL C 522 -1.17 27.49 13.69
N ARG C 523 -1.56 28.53 12.98
CA ARG C 523 -2.36 29.59 13.59
C ARG C 523 -3.84 29.23 13.61
N GLU C 524 -4.34 28.58 12.56
CA GLU C 524 -5.77 28.41 12.42
C GLU C 524 -6.29 27.29 13.32
N LYS C 525 -5.40 26.53 13.95
CA LYS C 525 -5.83 25.60 14.97
C LYS C 525 -6.33 26.30 16.23
N VAL C 526 -5.69 27.39 16.64
CA VAL C 526 -5.94 28.00 17.94
C VAL C 526 -6.82 29.23 17.83
N ILE C 527 -6.85 29.88 16.67
CA ILE C 527 -7.78 30.97 16.43
C ILE C 527 -8.57 30.65 15.16
N ASP C 528 -9.61 31.42 14.92
CA ASP C 528 -10.48 31.21 13.77
C ASP C 528 -10.35 32.40 12.84
N PHE C 529 -9.69 32.19 11.71
CA PHE C 529 -9.59 33.24 10.71
C PHE C 529 -10.90 33.38 9.95
N SER C 530 -11.09 34.54 9.38
CA SER C 530 -12.15 34.73 8.40
C SER C 530 -11.65 34.24 7.04
N LYS C 531 -12.36 34.58 5.98
CA LYS C 531 -12.01 34.11 4.67
C LYS C 531 -11.33 35.26 3.93
N PRO C 532 -10.19 35.01 3.25
CA PRO C 532 -9.20 36.07 3.03
C PRO C 532 -9.67 37.27 2.22
N PHE C 533 -9.13 38.44 2.55
CA PHE C 533 -9.39 39.65 1.81
C PHE C 533 -8.23 40.09 0.95
N MET C 534 -7.13 39.34 0.93
CA MET C 534 -5.98 39.67 0.09
C MET C 534 -5.15 38.42 -0.07
N THR C 535 -4.66 38.19 -1.27
CA THR C 535 -3.88 37.01 -1.58
CA THR C 535 -3.88 37.01 -1.58
C THR C 535 -2.39 37.33 -1.46
N LEU C 536 -1.62 36.39 -0.92
CA LEU C 536 -0.23 36.61 -0.57
C LEU C 536 0.71 35.69 -1.34
N GLY C 537 1.98 35.76 -0.96
CA GLY C 537 3.00 34.82 -1.38
C GLY C 537 4.33 35.25 -0.80
N ILE C 538 5.12 34.32 -0.31
CA ILE C 538 6.46 34.64 0.15
C ILE C 538 7.36 34.85 -1.06
N SER C 539 8.11 35.95 -1.07
CA SER C 539 8.98 36.24 -2.19
C SER C 539 10.24 36.92 -1.67
N ILE C 540 11.14 37.25 -2.60
CA ILE C 540 12.47 37.74 -2.27
C ILE C 540 12.56 39.20 -2.67
N LEU C 541 12.94 40.05 -1.72
CA LEU C 541 13.14 41.47 -1.99
C LEU C 541 14.64 41.72 -2.09
N TYR C 542 15.06 42.44 -3.14
CA TYR C 542 16.47 42.61 -3.42
C TYR C 542 16.65 43.84 -4.30
N ARG C 543 17.85 44.40 -4.29
CA ARG C 543 18.13 45.62 -5.04
C ARG C 543 18.15 45.37 -6.54
N LYS C 544 17.70 46.35 -7.30
CA LYS C 544 17.91 46.31 -8.74
C LYS C 544 19.38 46.57 -9.03
N PRO C 545 20.01 45.76 -9.89
CA PRO C 545 21.33 46.13 -10.39
C PRO C 545 21.23 47.31 -11.35
N ASN C 546 22.20 48.20 -11.21
CA ASN C 546 22.23 49.46 -11.94
C ASN C 546 22.50 49.22 -13.43
N GLY C 547 21.63 49.75 -14.25
CA GLY C 547 21.80 49.72 -15.69
C GLY C 547 22.70 50.84 -16.19
N THR C 548 24.02 50.68 -16.03
CA THR C 548 24.99 51.66 -16.51
C THR C 548 24.90 51.81 -18.01
N ASN C 549 24.71 53.05 -18.47
CA ASN C 549 24.38 53.29 -19.86
C ASN C 549 25.59 53.13 -20.76
N PRO C 550 25.40 52.71 -22.00
CA PRO C 550 26.48 52.77 -22.99
C PRO C 550 26.71 54.21 -23.44
N GLY C 551 27.54 54.93 -22.69
CA GLY C 551 27.88 56.33 -22.95
C GLY C 551 28.32 56.65 -24.36
N VAL C 552 28.16 57.91 -24.77
CA VAL C 552 28.04 58.31 -26.17
C VAL C 552 29.27 58.04 -27.02
N PHE C 553 30.40 57.69 -26.40
CA PHE C 553 31.50 57.12 -27.17
C PHE C 553 31.47 55.60 -27.12
N SER C 554 30.30 55.03 -27.44
CA SER C 554 30.11 53.59 -27.31
C SER C 554 30.67 52.81 -28.49
N PHE C 555 30.80 53.45 -29.65
CA PHE C 555 31.24 52.74 -30.84
C PHE C 555 32.73 52.47 -30.89
N LEU C 556 33.50 53.02 -29.95
CA LEU C 556 34.92 52.71 -29.87
C LEU C 556 35.18 51.41 -29.15
N ASN C 557 34.17 50.90 -28.43
CA ASN C 557 34.29 49.66 -27.67
C ASN C 557 34.64 48.38 -28.44
N PRO C 558 34.20 48.13 -29.69
CA PRO C 558 34.54 46.84 -30.32
C PRO C 558 36.01 46.62 -30.65
N LEU C 559 36.88 47.61 -30.49
CA LEU C 559 38.31 47.38 -30.57
C LEU C 559 38.98 47.88 -29.31
N SER C 560 40.12 47.26 -28.98
CA SER C 560 40.88 47.66 -27.82
C SER C 560 41.55 49.01 -28.07
N PRO C 561 41.76 49.82 -27.03
CA PRO C 561 42.32 51.18 -27.22
C PRO C 561 43.74 51.21 -27.75
N ASP C 562 44.49 50.12 -27.70
CA ASP C 562 45.77 50.09 -28.41
C ASP C 562 45.63 49.72 -29.87
N ILE C 563 44.57 49.00 -30.24
CA ILE C 563 44.37 48.64 -31.64
C ILE C 563 43.95 49.86 -32.45
N TRP C 564 43.17 50.76 -31.84
CA TRP C 564 42.86 52.04 -32.48
C TRP C 564 44.12 52.87 -32.72
N MET C 565 45.10 52.76 -31.82
CA MET C 565 46.39 53.36 -32.10
C MET C 565 47.12 52.61 -33.19
N TYR C 566 47.05 51.27 -33.17
CA TYR C 566 47.79 50.46 -34.12
C TYR C 566 47.24 50.61 -35.54
N VAL C 567 45.93 50.83 -35.67
CA VAL C 567 45.37 51.21 -36.97
C VAL C 567 45.85 52.62 -37.35
N LEU C 568 45.89 53.53 -36.37
CA LEU C 568 46.32 54.89 -36.64
C LEU C 568 47.81 54.96 -36.97
N LEU C 569 48.63 54.18 -36.26
CA LEU C 569 50.03 54.06 -36.65
C LEU C 569 50.23 53.28 -37.94
N ALA C 570 49.24 52.48 -38.36
CA ALA C 570 49.34 51.85 -39.67
C ALA C 570 49.11 52.86 -40.79
N CYS C 571 47.99 53.59 -40.73
CA CYS C 571 47.67 54.56 -41.77
C CYS C 571 48.57 55.78 -41.75
N LEU C 572 49.24 56.05 -40.64
CA LEU C 572 50.35 57.01 -40.64
C LEU C 572 51.65 56.37 -41.07
N GLY C 573 51.73 55.04 -41.06
CA GLY C 573 52.93 54.34 -41.45
C GLY C 573 52.93 53.91 -42.90
N VAL C 574 51.86 53.20 -43.30
CA VAL C 574 51.76 52.66 -44.66
C VAL C 574 51.69 53.79 -45.68
N SER C 575 51.04 54.90 -45.32
CA SER C 575 51.04 56.08 -46.18
C SER C 575 52.43 56.66 -46.34
N CYS C 576 53.25 56.59 -45.29
CA CYS C 576 54.64 57.05 -45.42
C CYS C 576 55.46 56.08 -46.25
N VAL C 577 55.17 54.77 -46.17
CA VAL C 577 55.89 53.79 -46.97
C VAL C 577 55.56 53.95 -48.45
N LEU C 578 54.30 54.27 -48.75
CA LEU C 578 53.89 54.47 -50.13
C LEU C 578 54.54 55.69 -50.76
N PHE C 579 54.82 56.73 -49.97
CA PHE C 579 55.54 57.87 -50.53
C PHE C 579 57.00 57.55 -50.80
N VAL C 580 57.60 56.68 -49.97
CA VAL C 580 58.99 56.28 -50.19
C VAL C 580 59.10 55.49 -51.49
N ILE C 581 58.15 54.57 -51.72
CA ILE C 581 58.25 53.68 -52.86
C ILE C 581 57.89 54.40 -54.15
N ALA C 582 56.89 55.31 -54.10
CA ALA C 582 56.44 56.00 -55.31
C ALA C 582 57.50 56.94 -55.88
N ARG C 583 58.26 57.60 -55.01
CA ARG C 583 59.40 58.37 -55.49
C ARG C 583 60.55 57.48 -55.94
N PHE C 584 60.64 56.28 -55.37
CA PHE C 584 61.73 55.36 -55.69
C PHE C 584 61.43 54.54 -56.94
N SER C 585 60.16 54.19 -57.15
CA SER C 585 59.81 53.38 -58.32
C SER C 585 59.84 54.23 -59.57
N PRO C 586 60.52 53.80 -60.63
CA PRO C 586 60.58 54.59 -61.87
C PRO C 586 59.38 54.44 -62.78
N TYR C 587 58.31 53.74 -62.38
CA TYR C 587 57.13 53.63 -63.21
C TYR C 587 55.97 54.50 -62.76
N GLU C 588 55.95 54.93 -61.49
CA GLU C 588 54.97 55.92 -61.07
C GLU C 588 55.25 57.29 -61.65
N TRP C 589 56.45 57.49 -62.18
CA TRP C 589 56.76 58.66 -62.99
C TRP C 589 56.07 58.52 -64.35
N TYR C 590 54.87 59.09 -64.46
CA TYR C 590 54.17 59.17 -65.73
C TYR C 590 53.86 60.63 -66.05
N ASN C 591 53.67 60.93 -67.31
CA ASN C 591 53.18 62.25 -67.68
C ASN C 591 51.67 62.24 -67.82
N PRO C 592 50.94 63.21 -67.20
CA PRO C 592 49.47 63.17 -67.25
C PRO C 592 48.87 63.33 -68.64
N HIS C 593 48.98 64.53 -69.22
CA HIS C 593 49.12 64.95 -70.61
C HIS C 593 48.57 63.98 -71.66
N PRO C 594 47.23 63.84 -71.80
CA PRO C 594 46.68 62.87 -72.77
C PRO C 594 46.96 63.15 -74.25
N CYS C 595 47.72 64.20 -74.61
CA CYS C 595 47.87 64.62 -76.00
C CYS C 595 49.31 65.03 -76.32
N ASN C 596 50.09 64.07 -76.87
CA ASN C 596 51.36 64.25 -77.58
C ASN C 596 52.38 65.07 -76.80
N PRO C 597 53.07 64.47 -75.84
CA PRO C 597 54.02 65.23 -74.99
C PRO C 597 55.17 65.88 -75.74
N ASP C 598 55.88 65.08 -76.53
CA ASP C 598 56.98 65.39 -77.46
C ASP C 598 58.29 65.78 -76.79
N SER C 599 58.31 66.17 -75.51
CA SER C 599 59.54 65.97 -74.76
C SER C 599 59.37 65.32 -73.40
N ASP C 600 58.86 66.09 -72.43
CA ASP C 600 59.00 65.82 -71.00
C ASP C 600 58.01 66.61 -70.14
N VAL C 601 56.93 66.00 -69.66
CA VAL C 601 56.08 66.58 -68.63
C VAL C 601 55.80 65.56 -67.53
N VAL C 602 56.77 64.68 -67.27
CA VAL C 602 56.56 63.48 -66.46
C VAL C 602 56.39 63.86 -64.99
N GLU C 603 55.31 63.37 -64.36
CA GLU C 603 54.96 63.73 -63.00
C GLU C 603 54.87 62.49 -62.10
N ASN C 604 54.78 62.75 -60.79
CA ASN C 604 54.78 61.72 -59.77
C ASN C 604 53.74 62.04 -58.70
N ASN C 605 52.46 62.15 -59.11
CA ASN C 605 51.33 62.70 -58.35
C ASN C 605 51.21 62.33 -56.86
N PHE C 606 51.79 61.20 -56.44
CA PHE C 606 51.85 60.87 -55.02
C PHE C 606 52.75 61.85 -54.29
N THR C 607 52.14 62.80 -53.60
CA THR C 607 52.84 63.65 -52.64
C THR C 607 52.73 62.99 -51.27
N LEU C 608 53.08 63.72 -50.20
CA LEU C 608 52.70 63.28 -48.87
C LEU C 608 51.18 63.33 -48.70
N LEU C 609 50.59 64.48 -49.02
CA LEU C 609 49.17 64.74 -48.84
C LEU C 609 48.29 63.83 -49.67
N ASN C 610 48.80 63.31 -50.78
CA ASN C 610 48.08 62.32 -51.54
C ASN C 610 48.27 60.91 -50.98
N SER C 611 49.41 60.66 -50.36
CA SER C 611 49.69 59.33 -49.83
C SER C 611 48.87 59.00 -48.60
N PHE C 612 48.64 60.00 -47.71
CA PHE C 612 47.74 59.78 -46.60
C PHE C 612 46.31 59.63 -47.09
N TRP C 613 45.96 60.33 -48.16
CA TRP C 613 44.60 60.31 -48.66
C TRP C 613 44.24 58.99 -49.31
N PHE C 614 45.22 58.32 -49.90
CA PHE C 614 45.01 56.94 -50.34
C PHE C 614 44.91 56.01 -49.14
N GLY C 615 45.65 56.31 -48.07
CA GLY C 615 45.59 55.48 -46.89
C GLY C 615 44.28 55.64 -46.13
N VAL C 616 43.88 56.89 -45.91
CA VAL C 616 42.62 57.15 -45.22
C VAL C 616 41.44 56.79 -46.12
N GLY C 617 41.57 57.04 -47.42
CA GLY C 617 40.48 56.77 -48.35
C GLY C 617 40.18 55.29 -48.51
N ALA C 618 41.17 54.44 -48.30
CA ALA C 618 40.94 53.01 -48.26
C ALA C 618 40.53 52.53 -46.88
N LEU C 619 40.87 53.27 -45.83
CA LEU C 619 40.49 52.86 -44.49
C LEU C 619 39.00 53.07 -44.25
N MET C 620 38.41 54.07 -44.89
CA MET C 620 37.00 54.38 -44.69
C MET C 620 36.13 53.73 -45.74
N GLN C 621 36.68 52.79 -46.51
CA GLN C 621 36.04 51.99 -47.55
C GLN C 621 35.54 52.81 -48.74
N GLN C 622 35.84 54.10 -48.81
CA GLN C 622 35.35 54.92 -49.89
C GLN C 622 36.22 54.83 -51.14
N GLY C 623 37.53 54.76 -50.97
CA GLY C 623 38.41 54.68 -52.12
C GLY C 623 38.68 56.05 -52.70
N SER C 624 39.95 56.37 -52.92
CA SER C 624 40.32 57.67 -53.44
C SER C 624 40.18 57.69 -54.96
N GLU C 625 40.47 58.85 -55.53
CA GLU C 625 40.59 58.96 -56.98
C GLU C 625 41.95 58.54 -57.49
N LEU C 626 42.93 58.40 -56.59
CA LEU C 626 44.30 58.12 -56.97
C LEU C 626 44.58 56.63 -56.85
N MET C 627 45.10 56.06 -57.93
CA MET C 627 45.33 54.63 -57.95
C MET C 627 46.78 54.34 -58.28
N PRO C 628 47.40 53.37 -57.62
CA PRO C 628 48.78 53.01 -57.92
C PRO C 628 48.91 52.41 -59.31
N LYS C 629 50.02 52.73 -59.95
CA LYS C 629 50.28 52.26 -61.31
C LYS C 629 51.42 51.26 -61.39
N ALA C 630 52.56 51.57 -60.78
CA ALA C 630 53.66 50.63 -60.72
C ALA C 630 53.31 49.47 -59.80
N LEU C 631 53.82 48.28 -60.14
CA LEU C 631 53.65 47.11 -59.29
C LEU C 631 54.32 47.30 -57.93
N SER C 632 55.36 48.14 -57.87
CA SER C 632 56.00 48.49 -56.62
C SER C 632 55.03 49.13 -55.64
N THR C 633 54.02 49.84 -56.15
CA THR C 633 52.98 50.41 -55.32
C THR C 633 51.67 49.63 -55.32
N ARG C 634 51.53 48.59 -56.16
CA ARG C 634 50.28 47.83 -56.15
C ARG C 634 50.19 46.94 -54.92
N ILE C 635 51.31 46.32 -54.52
CA ILE C 635 51.30 45.46 -53.33
C ILE C 635 51.04 46.28 -52.08
N VAL C 636 51.55 47.50 -52.04
CA VAL C 636 51.19 48.42 -50.96
C VAL C 636 49.70 48.73 -51.00
N GLY C 637 49.16 48.97 -52.20
CA GLY C 637 47.72 49.09 -52.33
C GLY C 637 46.99 47.77 -52.09
N GLY C 638 47.64 46.65 -52.39
CA GLY C 638 47.00 45.37 -52.23
C GLY C 638 46.88 44.94 -50.77
N ILE C 639 47.98 45.06 -50.02
CA ILE C 639 47.97 44.64 -48.63
C ILE C 639 47.14 45.59 -47.78
N TRP C 640 47.19 46.89 -48.09
CA TRP C 640 46.44 47.86 -47.30
C TRP C 640 44.94 47.72 -47.51
N TRP C 641 44.50 47.30 -48.70
CA TRP C 641 43.09 46.98 -48.89
C TRP C 641 42.70 45.75 -48.10
N PHE C 642 43.55 44.73 -48.10
CA PHE C 642 43.27 43.53 -47.31
C PHE C 642 43.37 43.83 -45.82
N PHE C 643 44.19 44.80 -45.43
CA PHE C 643 44.23 45.20 -44.02
C PHE C 643 42.94 45.89 -43.61
N THR C 644 42.48 46.84 -44.42
CA THR C 644 41.23 47.53 -44.12
C THR C 644 40.01 46.68 -44.38
N LEU C 645 40.15 45.58 -45.12
CA LEU C 645 39.04 44.65 -45.23
C LEU C 645 38.80 43.92 -43.92
N ILE C 646 39.86 43.56 -43.21
CA ILE C 646 39.70 42.78 -41.98
C ILE C 646 39.33 43.67 -40.81
N ILE C 647 39.91 44.88 -40.75
CA ILE C 647 39.60 45.83 -39.68
C ILE C 647 38.12 46.19 -39.66
N ILE C 648 37.57 46.56 -40.83
CA ILE C 648 36.18 46.99 -40.89
C ILE C 648 35.25 45.80 -40.68
N SER C 649 35.62 44.63 -41.20
CA SER C 649 34.78 43.45 -41.00
C SER C 649 34.79 42.99 -39.56
N SER C 650 35.95 43.05 -38.89
CA SER C 650 36.00 42.70 -37.48
C SER C 650 35.31 43.76 -36.62
N TYR C 651 35.27 45.00 -37.11
CA TYR C 651 34.57 46.04 -36.39
C TYR C 651 33.06 45.82 -36.44
N THR C 652 32.52 45.49 -37.62
CA THR C 652 31.09 45.27 -37.74
C THR C 652 30.61 44.03 -37.02
N ALA C 653 31.37 42.93 -37.11
CA ALA C 653 30.93 41.69 -36.49
C ALA C 653 30.98 41.76 -34.97
N ASN C 654 31.88 42.58 -34.41
CA ASN C 654 31.93 42.71 -32.97
C ASN C 654 30.86 43.66 -32.46
N LEU C 655 30.59 44.74 -33.20
CA LEU C 655 29.67 45.77 -32.76
C LEU C 655 28.22 45.30 -32.74
N ALA C 656 27.89 44.20 -33.39
CA ALA C 656 26.57 43.60 -33.21
C ALA C 656 26.38 43.10 -31.78
N ALA C 657 27.47 42.65 -31.14
CA ALA C 657 27.38 42.19 -29.76
C ALA C 657 27.25 43.35 -28.79
N PHE C 658 27.84 44.50 -29.11
CA PHE C 658 27.88 45.59 -28.13
C PHE C 658 26.70 46.53 -28.23
N LEU C 659 25.97 46.54 -29.34
CA LEU C 659 24.72 47.30 -29.36
C LEU C 659 23.59 46.46 -28.76
N THR C 660 23.58 45.16 -29.03
CA THR C 660 22.69 44.23 -28.35
C THR C 660 23.23 44.00 -26.94
N VAL C 661 22.96 44.98 -26.07
CA VAL C 661 23.48 44.98 -24.71
C VAL C 661 22.75 43.90 -23.92
N GLU C 662 23.50 42.89 -23.47
CA GLU C 662 22.93 41.88 -22.59
C GLU C 662 22.60 42.54 -21.26
N ARG C 663 21.35 42.36 -20.81
CA ARG C 663 20.79 43.20 -19.76
C ARG C 663 21.36 42.83 -18.39
N MET C 664 20.86 43.54 -17.37
CA MET C 664 21.28 43.28 -16.01
C MET C 664 20.77 41.91 -15.55
N GLU C 665 21.69 41.10 -15.04
CA GLU C 665 21.43 39.69 -14.74
C GLU C 665 22.03 39.33 -13.39
N SER C 666 21.68 40.12 -12.35
CA SER C 666 22.03 39.90 -10.95
C SER C 666 21.76 38.45 -10.54
N PRO C 667 22.76 37.73 -10.04
CA PRO C 667 22.72 36.26 -10.09
C PRO C 667 21.82 35.60 -9.05
N ILE C 668 20.64 36.14 -8.83
CA ILE C 668 19.57 35.51 -8.07
C ILE C 668 18.32 35.59 -8.96
N ASP C 669 17.72 34.45 -9.23
CA ASP C 669 16.53 34.43 -10.06
C ASP C 669 15.37 33.70 -9.40
N SER C 670 15.63 32.80 -8.48
CA SER C 670 14.57 32.04 -7.80
C SER C 670 15.10 31.61 -6.44
N ALA C 671 14.34 30.74 -5.79
CA ALA C 671 14.77 30.19 -4.52
C ALA C 671 15.94 29.23 -4.68
N ASP C 672 16.06 28.58 -5.83
CA ASP C 672 17.14 27.63 -6.06
C ASP C 672 18.49 28.36 -6.17
N ASP C 673 18.50 29.52 -6.81
CA ASP C 673 19.75 30.29 -6.91
C ASP C 673 20.11 30.93 -5.58
N LEU C 674 19.10 31.37 -4.82
CA LEU C 674 19.36 32.06 -3.57
C LEU C 674 19.75 31.08 -2.46
N ALA C 675 19.36 29.82 -2.57
CA ALA C 675 19.77 28.84 -1.57
C ALA C 675 21.20 28.36 -1.82
N LYS C 676 21.60 28.28 -3.08
CA LYS C 676 22.89 27.71 -3.45
C LYS C 676 23.98 28.78 -3.55
N GLN C 677 24.11 29.61 -2.52
CA GLN C 677 25.13 30.64 -2.46
C GLN C 677 25.28 31.10 -1.02
N THR C 678 26.46 31.62 -0.69
CA THR C 678 26.70 32.22 0.62
C THR C 678 27.17 33.66 0.51
N LYS C 679 27.18 34.23 -0.69
CA LYS C 679 27.63 35.61 -0.87
C LYS C 679 26.58 36.59 -0.34
N ILE C 680 25.31 36.34 -0.62
CA ILE C 680 24.23 37.22 -0.20
C ILE C 680 23.58 36.62 1.03
N GLU C 681 23.63 37.36 2.14
CA GLU C 681 22.89 36.96 3.34
C GLU C 681 21.41 37.11 3.11
N TYR C 682 20.61 36.26 3.75
CA TYR C 682 19.17 36.31 3.57
C TYR C 682 18.45 35.83 4.83
N GLY C 683 17.37 36.51 5.15
CA GLY C 683 16.53 36.15 6.27
C GLY C 683 15.13 36.67 6.08
N ALA C 684 14.41 36.80 7.19
CA ALA C 684 13.03 37.24 7.18
C ALA C 684 12.73 37.88 8.53
N VAL C 685 11.48 38.32 8.71
CA VAL C 685 11.05 38.86 10.00
C VAL C 685 10.91 37.71 10.98
N GLU C 686 11.58 37.83 12.13
CA GLU C 686 11.44 36.82 13.15
C GLU C 686 10.07 36.90 13.81
N ASP C 687 9.59 35.75 14.29
CA ASP C 687 8.23 35.54 14.80
C ASP C 687 7.20 35.97 13.76
N GLY C 688 7.38 35.47 12.54
CA GLY C 688 6.45 35.72 11.47
C GLY C 688 6.12 34.43 10.76
N ALA C 689 5.29 34.53 9.71
CA ALA C 689 4.89 33.34 8.99
C ALA C 689 6.02 32.79 8.11
N THR C 690 6.87 33.66 7.58
CA THR C 690 7.96 33.21 6.70
C THR C 690 9.02 32.44 7.48
N MET C 691 9.36 32.93 8.68
CA MET C 691 10.21 32.15 9.58
C MET C 691 9.55 30.84 9.96
N THR C 692 8.23 30.87 10.20
CA THR C 692 7.49 29.66 10.54
C THR C 692 7.38 28.74 9.32
N PHE C 693 7.37 29.32 8.11
CA PHE C 693 7.26 28.52 6.89
C PHE C 693 8.50 27.66 6.68
N PHE C 694 9.69 28.26 6.76
CA PHE C 694 10.90 27.49 6.53
C PHE C 694 11.25 26.59 7.71
N LYS C 695 10.77 26.93 8.91
CA LYS C 695 11.04 26.10 10.08
C LYS C 695 10.36 24.75 9.98
N LYS C 696 9.13 24.74 9.47
CA LYS C 696 8.36 23.51 9.34
C LYS C 696 8.27 23.05 7.89
N SER C 697 9.20 23.49 7.05
CA SER C 697 9.22 23.05 5.66
C SER C 697 9.97 21.72 5.54
N LYS C 698 9.55 20.92 4.57
CA LYS C 698 10.22 19.67 4.25
C LYS C 698 10.70 19.63 2.81
N ILE C 699 10.58 20.73 2.08
CA ILE C 699 11.18 20.84 0.77
C ILE C 699 12.69 20.94 0.91
N SER C 700 13.41 20.20 0.06
CA SER C 700 14.87 20.09 0.18
C SER C 700 15.56 21.41 -0.08
N THR C 701 15.02 22.22 -0.99
CA THR C 701 15.56 23.56 -1.21
C THR C 701 15.29 24.45 0.00
N TYR C 702 14.07 24.39 0.53
CA TYR C 702 13.66 25.33 1.57
C TYR C 702 14.21 24.94 2.93
N ASP C 703 14.55 23.66 3.11
CA ASP C 703 15.20 23.25 4.35
C ASP C 703 16.64 23.73 4.39
N LYS C 704 17.28 23.90 3.22
CA LYS C 704 18.61 24.48 3.18
C LYS C 704 18.62 25.92 3.66
N MET C 705 17.56 26.67 3.35
CA MET C 705 17.48 28.05 3.82
C MET C 705 17.31 28.13 5.33
N TRP C 706 16.47 27.28 5.91
CA TRP C 706 16.37 27.28 7.36
C TRP C 706 17.59 26.66 8.04
N ALA C 707 18.28 25.76 7.35
CA ALA C 707 19.60 25.34 7.84
C ALA C 707 20.58 26.51 7.82
N PHE C 708 20.45 27.40 6.84
CA PHE C 708 21.25 28.61 6.82
C PHE C 708 20.80 29.58 7.91
N MET C 709 19.50 29.89 7.95
CA MET C 709 18.98 30.95 8.81
C MET C 709 19.10 30.64 10.29
N SER C 710 19.06 29.36 10.67
CA SER C 710 19.09 29.03 12.09
C SER C 710 20.48 29.21 12.69
N SER C 711 21.53 29.15 11.87
CA SER C 711 22.88 29.27 12.38
C SER C 711 23.19 30.72 12.76
N ARG C 712 23.14 31.62 11.79
CA ARG C 712 23.35 33.04 12.05
C ARG C 712 22.03 33.77 12.28
N ARG C 713 21.26 33.22 13.24
CA ARG C 713 19.91 33.68 13.52
C ARG C 713 19.87 35.10 14.07
N GLN C 714 20.88 35.49 14.83
CA GLN C 714 20.98 36.86 15.34
C GLN C 714 21.19 37.88 14.23
N SER C 715 21.86 37.50 13.14
CA SER C 715 22.25 38.46 12.12
C SER C 715 21.21 38.63 11.02
N VAL C 716 20.69 37.54 10.46
CA VAL C 716 19.89 37.64 9.25
C VAL C 716 18.40 37.77 9.52
N LEU C 717 17.93 37.39 10.69
CA LEU C 717 16.52 37.51 11.02
C LEU C 717 16.29 38.84 11.72
N VAL C 718 15.78 39.82 10.97
CA VAL C 718 15.50 41.15 11.48
C VAL C 718 14.20 41.13 12.28
N LYS C 719 13.91 42.23 12.96
CA LYS C 719 12.78 42.27 13.88
C LYS C 719 11.49 42.75 13.23
N SER C 720 11.57 43.45 12.10
CA SER C 720 10.38 44.02 11.48
C SER C 720 10.59 44.08 9.97
N ASN C 721 9.52 44.48 9.26
CA ASN C 721 9.63 44.68 7.82
C ASN C 721 10.52 45.87 7.51
N GLU C 722 10.43 46.95 8.30
CA GLU C 722 11.17 48.17 8.01
C GLU C 722 12.66 47.98 8.20
N GLU C 723 13.06 47.17 9.19
CA GLU C 723 14.46 46.79 9.32
C GLU C 723 14.91 45.84 8.22
N GLY C 724 13.99 45.06 7.64
CA GLY C 724 14.35 44.20 6.54
C GLY C 724 14.54 44.97 5.24
N ILE C 725 13.72 45.99 5.01
CA ILE C 725 13.84 46.81 3.81
C ILE C 725 15.13 47.63 3.86
N GLN C 726 15.45 48.16 5.04
CA GLN C 726 16.61 49.03 5.18
C GLN C 726 17.93 48.29 5.01
N ARG C 727 18.01 47.04 5.47
CA ARG C 727 19.23 46.28 5.31
C ARG C 727 19.41 45.74 3.90
N VAL C 728 18.38 45.76 3.06
CA VAL C 728 18.60 45.52 1.64
C VAL C 728 19.26 46.73 1.01
N LEU C 729 18.82 47.93 1.39
CA LEU C 729 19.42 49.16 0.89
C LEU C 729 20.86 49.33 1.38
N THR C 730 21.09 49.15 2.67
CA THR C 730 22.35 49.54 3.28
C THR C 730 23.37 48.40 3.32
N SER C 731 23.06 47.26 2.69
CA SER C 731 24.00 46.15 2.66
C SER C 731 23.72 45.24 1.47
N ASP C 732 24.42 44.11 1.43
CA ASP C 732 24.20 43.07 0.43
C ASP C 732 23.32 41.98 1.06
N TYR C 733 22.02 42.10 0.84
CA TYR C 733 21.05 41.33 1.59
C TYR C 733 19.77 41.17 0.78
N ALA C 734 19.29 39.93 0.69
CA ALA C 734 18.04 39.58 0.03
C ALA C 734 17.05 39.25 1.14
N PHE C 735 15.83 39.75 1.04
CA PHE C 735 14.90 39.67 2.16
C PHE C 735 13.66 38.87 1.78
N LEU C 736 13.29 37.92 2.63
CA LEU C 736 12.13 37.06 2.40
C LEU C 736 10.92 37.69 3.09
N MET C 737 9.87 37.96 2.32
CA MET C 737 8.72 38.69 2.84
C MET C 737 7.51 38.42 1.97
N GLU C 738 6.40 39.04 2.31
CA GLU C 738 5.12 38.82 1.66
C GLU C 738 5.10 39.51 0.29
N SER C 739 4.22 39.04 -0.59
CA SER C 739 4.16 39.60 -1.94
C SER C 739 3.53 40.98 -1.95
N THR C 740 2.47 41.19 -1.16
CA THR C 740 1.74 42.43 -1.23
C THR C 740 2.49 43.60 -0.60
N THR C 741 3.37 43.33 0.36
CA THR C 741 4.14 44.41 0.93
C THR C 741 5.29 44.80 0.00
N ILE C 742 5.78 43.85 -0.80
CA ILE C 742 6.69 44.16 -1.90
C ILE C 742 6.01 45.08 -2.91
N GLU C 743 4.72 44.86 -3.17
CA GLU C 743 3.97 45.68 -4.11
C GLU C 743 3.85 47.13 -3.69
N PHE C 744 3.96 47.42 -2.39
CA PHE C 744 4.00 48.81 -1.95
C PHE C 744 5.41 49.39 -2.01
N VAL C 745 6.42 48.56 -1.75
CA VAL C 745 7.78 49.08 -1.66
C VAL C 745 8.34 49.34 -3.05
N THR C 746 8.14 48.40 -3.98
CA THR C 746 8.68 48.56 -5.33
C THR C 746 7.98 49.64 -6.12
N GLN C 747 6.77 50.05 -5.71
CA GLN C 747 6.18 51.24 -6.31
C GLN C 747 6.69 52.52 -5.66
N ARG C 748 7.50 52.41 -4.62
CA ARG C 748 8.02 53.57 -3.91
C ARG C 748 9.52 53.74 -4.15
N ASN C 749 10.27 52.64 -4.15
CA ASN C 749 11.70 52.67 -4.43
C ASN C 749 11.97 51.91 -5.73
N CYS C 750 12.43 52.63 -6.76
CA CYS C 750 12.65 52.05 -8.07
C CYS C 750 14.07 51.53 -8.24
N ASN C 751 14.77 51.21 -7.15
CA ASN C 751 16.10 50.64 -7.24
C ASN C 751 16.16 49.24 -6.63
N LEU C 752 15.00 48.63 -6.45
CA LEU C 752 14.83 47.53 -5.52
C LEU C 752 13.54 46.79 -5.87
N THR C 753 13.67 45.53 -6.29
CA THR C 753 12.59 44.85 -6.97
C THR C 753 12.37 43.47 -6.39
N GLN C 754 11.27 42.85 -6.83
CA GLN C 754 10.94 41.47 -6.49
C GLN C 754 11.78 40.53 -7.33
N ILE C 755 12.35 39.52 -6.70
CA ILE C 755 13.14 38.51 -7.39
C ILE C 755 12.38 37.20 -7.37
N GLY C 756 12.05 36.69 -8.55
CA GLY C 756 11.44 35.39 -8.68
C GLY C 756 9.94 35.41 -8.43
N GLY C 757 9.34 34.24 -8.63
CA GLY C 757 7.92 34.06 -8.45
C GLY C 757 7.56 33.84 -6.98
N LEU C 758 6.27 33.60 -6.78
CA LEU C 758 5.75 33.38 -5.43
C LEU C 758 6.12 31.99 -4.95
N ILE C 759 6.68 31.90 -3.76
CA ILE C 759 7.04 30.61 -3.18
C ILE C 759 5.78 29.82 -2.82
N ASP C 760 4.91 30.42 -2.02
CA ASP C 760 3.67 29.78 -1.62
C ASP C 760 2.51 30.72 -1.95
N SER C 761 1.32 30.36 -1.46
CA SER C 761 0.17 31.23 -1.54
C SER C 761 -0.52 31.22 -0.19
N LYS C 762 -0.82 32.41 0.32
CA LYS C 762 -1.43 32.57 1.63
C LYS C 762 -2.49 33.65 1.51
N GLY C 763 -2.96 34.13 2.65
CA GLY C 763 -3.98 35.16 2.65
C GLY C 763 -4.07 35.85 4.00
N TYR C 764 -4.26 37.16 3.93
CA TYR C 764 -4.60 37.97 5.09
C TYR C 764 -6.05 37.73 5.45
N GLY C 765 -6.29 37.22 6.64
CA GLY C 765 -7.64 37.00 7.12
C GLY C 765 -7.86 37.72 8.44
N VAL C 766 -9.07 38.25 8.60
CA VAL C 766 -9.46 38.89 9.85
C VAL C 766 -9.54 37.83 10.93
N GLY C 767 -8.61 37.87 11.89
CA GLY C 767 -8.59 36.86 12.93
C GLY C 767 -9.68 37.10 13.96
N THR C 768 -10.28 36.01 14.40
CA THR C 768 -11.27 35.99 15.46
C THR C 768 -10.84 34.94 16.46
N PRO C 769 -11.31 35.02 17.72
CA PRO C 769 -10.99 33.98 18.70
C PRO C 769 -11.62 32.63 18.35
N MET C 770 -11.24 31.61 19.10
CA MET C 770 -11.58 30.24 18.76
C MET C 770 -13.06 29.99 19.02
N GLY C 771 -13.90 30.33 18.03
CA GLY C 771 -15.34 30.22 18.18
C GLY C 771 -15.96 31.56 18.49
N SER C 772 -16.52 32.20 17.47
CA SER C 772 -17.07 33.53 17.63
C SER C 772 -18.27 33.71 16.72
N PRO C 773 -19.23 34.56 17.10
CA PRO C 773 -20.34 34.87 16.18
C PRO C 773 -19.95 35.88 15.11
N TYR C 774 -18.73 36.41 15.16
CA TYR C 774 -18.27 37.39 14.19
C TYR C 774 -17.42 36.82 13.07
N ARG C 775 -17.13 35.52 13.08
CA ARG C 775 -16.38 34.96 11.96
C ARG C 775 -17.24 34.88 10.71
N ASP C 776 -18.45 34.33 10.84
CA ASP C 776 -19.31 34.16 9.68
C ASP C 776 -19.88 35.47 9.20
N LYS C 777 -20.03 36.46 10.09
CA LYS C 777 -20.57 37.75 9.67
C LYS C 777 -19.56 38.55 8.87
N ILE C 778 -18.27 38.38 9.15
CA ILE C 778 -17.24 39.05 8.36
C ILE C 778 -16.98 38.29 7.06
N THR C 779 -17.11 36.97 7.08
CA THR C 779 -16.95 36.16 5.87
C THR C 779 -18.00 36.54 4.83
N ILE C 780 -19.24 36.79 5.27
CA ILE C 780 -20.24 37.43 4.42
C ILE C 780 -19.76 38.82 4.01
N ALA C 781 -19.25 39.61 4.96
CA ALA C 781 -18.94 41.01 4.70
C ALA C 781 -17.72 41.20 3.82
N ILE C 782 -16.76 40.27 3.83
CA ILE C 782 -15.63 40.39 2.92
C ILE C 782 -16.04 40.04 1.50
N LEU C 783 -16.87 39.00 1.33
CA LEU C 783 -17.33 38.61 0.01
C LEU C 783 -18.24 39.65 -0.62
N GLN C 784 -18.93 40.44 0.20
CA GLN C 784 -19.75 41.52 -0.33
C GLN C 784 -18.88 42.63 -0.90
N LEU C 785 -17.72 42.86 -0.30
CA LEU C 785 -16.88 43.97 -0.74
C LEU C 785 -16.16 43.66 -2.04
N GLN C 786 -15.79 42.40 -2.29
CA GLN C 786 -15.00 42.12 -3.48
C GLN C 786 -15.86 42.01 -4.74
N GLU C 787 -17.14 41.66 -4.60
CA GLU C 787 -18.01 41.71 -5.78
C GLU C 787 -18.43 43.13 -6.10
N GLU C 788 -18.37 44.03 -5.11
CA GLU C 788 -18.55 45.45 -5.37
C GLU C 788 -17.25 46.10 -5.80
N GLY C 789 -16.15 45.33 -5.82
CA GLY C 789 -14.86 45.84 -6.21
C GLY C 789 -14.18 46.71 -5.18
N LYS C 790 -14.75 46.83 -3.97
CA LYS C 790 -14.23 47.78 -3.00
C LYS C 790 -12.92 47.31 -2.39
N LEU C 791 -12.69 46.00 -2.32
CA LEU C 791 -11.38 45.50 -1.94
C LEU C 791 -10.34 45.81 -3.00
N HIS C 792 -10.73 45.94 -4.26
CA HIS C 792 -9.81 46.39 -5.29
C HIS C 792 -9.65 47.90 -5.30
N MET C 793 -10.70 48.64 -4.94
CA MET C 793 -10.60 50.09 -4.90
C MET C 793 -9.74 50.56 -3.74
N MET C 794 -9.75 49.84 -2.62
CA MET C 794 -8.91 50.21 -1.49
C MET C 794 -7.45 49.85 -1.72
N LYS C 795 -7.19 48.78 -2.46
CA LYS C 795 -5.82 48.38 -2.73
C LYS C 795 -5.15 49.35 -3.69
N GLU C 796 -5.88 49.82 -4.70
CA GLU C 796 -5.35 50.82 -5.61
C GLU C 796 -5.15 52.16 -4.92
N LYS C 797 -5.87 52.43 -3.85
CA LYS C 797 -5.74 53.71 -3.16
C LYS C 797 -4.41 53.79 -2.41
N TRP C 798 -3.90 52.66 -1.91
CA TRP C 798 -2.70 52.69 -1.10
C TRP C 798 -1.46 52.19 -1.81
N TRP C 799 -1.53 51.05 -2.52
CA TRP C 799 -0.37 50.51 -3.20
C TRP C 799 0.06 51.31 -4.42
N ARG C 800 -0.80 52.11 -5.03
CA ARG C 800 -0.36 52.99 -6.10
C ARG C 800 0.35 54.21 -5.53
N GLY C 801 1.63 54.32 -5.84
CA GLY C 801 2.48 55.36 -5.28
C GLY C 801 2.96 56.34 -6.32
N ASN C 802 4.27 56.33 -6.57
CA ASN C 802 4.89 57.30 -7.46
C ASN C 802 4.77 56.84 -8.91
N GLY C 803 4.26 55.62 -9.10
CA GLY C 803 4.18 55.05 -10.43
C GLY C 803 5.41 54.24 -10.81
N CYS C 804 6.58 54.59 -10.27
CA CYS C 804 7.86 53.88 -10.38
C CYS C 804 8.25 53.64 -11.83
N PRO C 805 8.98 54.59 -12.50
CA PRO C 805 9.60 54.31 -13.82
C PRO C 805 10.27 52.94 -13.95
N GLU C 806 9.74 52.14 -14.87
CA GLU C 806 9.50 50.73 -14.59
C GLU C 806 10.69 49.82 -14.93
N GLU C 807 11.11 49.79 -16.18
CA GLU C 807 11.90 48.68 -16.73
C GLU C 807 12.31 49.09 -18.14
N GLU C 808 13.42 48.54 -18.61
CA GLU C 808 13.82 48.73 -20.00
C GLU C 808 12.90 47.98 -20.96
N SER C 809 12.20 46.94 -20.49
CA SER C 809 11.30 46.09 -21.28
C SER C 809 12.05 45.44 -22.45
N LYS C 810 12.90 44.47 -22.05
CA LYS C 810 13.86 43.76 -22.89
C LYS C 810 13.28 43.28 -24.21
N GLU C 811 13.80 43.85 -25.29
CA GLU C 811 13.32 43.70 -26.65
C GLU C 811 14.46 44.28 -27.50
N ALA C 812 14.23 44.40 -28.80
CA ALA C 812 15.20 45.06 -29.67
C ALA C 812 15.33 46.54 -29.30
N SER C 813 16.54 47.08 -29.47
CA SER C 813 17.03 48.23 -28.71
C SER C 813 17.48 49.34 -29.65
N ALA C 814 16.56 49.78 -30.51
CA ALA C 814 16.70 50.87 -31.48
C ALA C 814 17.51 52.05 -30.95
N LEU C 815 18.52 52.45 -31.72
CA LEU C 815 19.57 53.33 -31.23
C LEU C 815 19.05 54.76 -31.12
N GLY C 816 19.02 55.29 -29.92
CA GLY C 816 18.76 56.69 -29.70
C GLY C 816 20.03 57.50 -29.78
N VAL C 817 19.92 58.76 -29.36
CA VAL C 817 21.09 59.63 -29.30
C VAL C 817 22.04 59.20 -28.18
N GLN C 818 21.51 58.57 -27.13
CA GLN C 818 22.30 58.25 -25.94
C GLN C 818 23.36 57.19 -26.18
N ASN C 819 23.28 56.42 -27.26
CA ASN C 819 24.26 55.37 -27.51
C ASN C 819 24.88 55.41 -28.90
N ILE C 820 24.65 56.47 -29.68
CA ILE C 820 25.51 56.70 -30.84
C ILE C 820 26.28 57.98 -30.58
N GLY C 821 25.57 59.10 -30.56
CA GLY C 821 25.96 60.28 -29.81
C GLY C 821 27.23 61.01 -30.21
N GLY C 822 28.34 60.30 -30.08
CA GLY C 822 29.66 60.88 -30.22
C GLY C 822 30.17 60.95 -31.62
N ILE C 823 29.53 60.26 -32.55
CA ILE C 823 29.91 60.38 -33.94
C ILE C 823 29.46 61.73 -34.49
N PHE C 824 28.42 62.33 -33.90
CA PHE C 824 28.08 63.71 -34.19
C PHE C 824 29.03 64.67 -33.50
N ILE C 825 29.63 64.24 -32.39
CA ILE C 825 30.57 65.10 -31.68
C ILE C 825 31.87 65.22 -32.45
N VAL C 826 32.39 64.11 -32.96
CA VAL C 826 33.62 64.17 -33.74
C VAL C 826 33.36 64.78 -35.11
N LEU C 827 32.13 64.68 -35.61
CA LEU C 827 31.78 65.37 -36.85
C LEU C 827 31.72 66.87 -36.64
N ALA C 828 31.15 67.30 -35.51
CA ALA C 828 31.15 68.72 -35.19
C ALA C 828 32.55 69.22 -34.90
N ALA C 829 33.35 68.43 -34.17
CA ALA C 829 34.71 68.84 -33.88
C ALA C 829 35.61 68.74 -35.10
N GLY C 830 35.27 67.86 -36.04
CA GLY C 830 36.03 67.78 -37.27
C GLY C 830 35.85 68.98 -38.16
N LEU C 831 34.63 69.50 -38.24
CA LEU C 831 34.36 70.68 -39.04
C LEU C 831 34.91 71.95 -38.38
N VAL C 832 34.96 71.96 -37.04
CA VAL C 832 35.64 73.04 -36.34
C VAL C 832 37.14 73.02 -36.64
N LEU C 833 37.75 71.83 -36.59
CA LEU C 833 39.16 71.71 -36.91
C LEU C 833 39.45 71.96 -38.39
N SER C 834 38.46 71.80 -39.26
CA SER C 834 38.70 71.98 -40.68
C SER C 834 38.82 73.45 -41.05
N VAL C 835 37.97 74.30 -40.49
CA VAL C 835 37.94 75.69 -40.92
C VAL C 835 39.16 76.48 -40.44
N PHE C 836 39.86 76.00 -39.41
CA PHE C 836 41.12 76.62 -39.07
C PHE C 836 42.25 76.17 -40.00
N VAL C 837 42.07 75.03 -40.67
CA VAL C 837 43.01 74.69 -41.72
C VAL C 837 42.71 75.52 -42.97
N ALA C 838 41.43 75.89 -43.17
CA ALA C 838 41.05 76.68 -44.34
C ALA C 838 41.58 78.10 -44.25
N VAL C 839 41.57 78.69 -43.06
CA VAL C 839 42.26 79.97 -42.90
C VAL C 839 43.77 79.75 -42.84
N GLY C 840 44.22 78.56 -42.46
CA GLY C 840 45.64 78.25 -42.57
C GLY C 840 46.08 78.07 -44.01
N GLU C 841 45.20 77.51 -44.85
CA GLU C 841 45.48 77.49 -46.28
C GLU C 841 45.35 78.87 -46.89
N PHE C 842 44.52 79.73 -46.31
CA PHE C 842 44.36 81.07 -46.84
C PHE C 842 45.57 81.93 -46.55
N LEU C 843 46.05 81.91 -45.29
CA LEU C 843 47.15 82.79 -44.91
C LEU C 843 48.47 82.33 -45.48
N TYR C 844 48.68 81.01 -45.64
CA TYR C 844 49.91 80.56 -46.26
C TYR C 844 49.95 80.90 -47.74
N LYS C 845 48.79 80.97 -48.39
CA LYS C 845 48.74 81.48 -49.75
C LYS C 845 48.89 82.99 -49.79
N SER C 846 48.24 83.69 -48.85
CA SER C 846 48.27 85.14 -48.84
C SER C 846 49.63 85.70 -48.40
N LYS C 847 50.43 84.91 -47.69
CA LYS C 847 51.82 85.30 -47.46
C LYS C 847 52.71 84.97 -48.65
N LYS C 848 52.33 83.98 -49.45
CA LYS C 848 53.21 83.53 -50.53
C LYS C 848 53.11 84.43 -51.76
N ASN C 849 51.88 84.76 -52.18
CA ASN C 849 51.72 85.61 -53.34
C ASN C 849 52.07 87.07 -53.09
N ALA C 850 52.05 87.51 -51.84
CA ALA C 850 52.37 88.90 -51.51
C ALA C 850 53.86 89.14 -51.36
N GLN C 851 54.70 88.15 -51.68
CA GLN C 851 56.14 88.38 -51.70
C GLN C 851 56.52 89.33 -52.82
N LEU C 852 55.81 89.27 -53.94
CA LEU C 852 56.12 90.04 -55.13
C LEU C 852 54.95 90.81 -55.71
N GLU C 853 53.72 90.34 -55.53
CA GLU C 853 52.58 90.95 -56.22
C GLU C 853 52.05 92.17 -55.47
N LYS C 854 51.54 91.97 -54.26
CA LYS C 854 50.88 93.02 -53.49
C LYS C 854 51.40 92.98 -52.07
N ARG C 855 50.74 93.71 -51.18
CA ARG C 855 51.18 93.80 -49.79
C ARG C 855 50.49 92.76 -48.93
N SER C 856 50.80 92.78 -47.63
CA SER C 856 50.48 91.66 -46.76
C SER C 856 48.99 91.61 -46.43
N PHE C 857 48.45 92.68 -45.85
CA PHE C 857 47.07 92.64 -45.40
C PHE C 857 46.09 92.85 -46.54
N CYS C 858 46.46 93.62 -47.56
CA CYS C 858 45.52 93.98 -48.62
C CYS C 858 45.25 92.81 -49.57
N SER C 859 46.28 92.05 -49.92
CA SER C 859 46.12 90.95 -50.88
C SER C 859 45.30 89.80 -50.30
N ALA C 860 45.18 89.71 -48.97
CA ALA C 860 44.17 88.84 -48.38
C ALA C 860 42.77 89.31 -48.76
N MET C 861 42.52 90.62 -48.66
CA MET C 861 41.21 91.16 -49.01
C MET C 861 40.99 91.18 -50.53
N VAL C 862 42.07 91.15 -51.31
CA VAL C 862 41.93 91.01 -52.76
C VAL C 862 41.36 89.64 -53.11
N GLU C 863 41.84 88.59 -52.44
CA GLU C 863 41.31 87.26 -52.65
C GLU C 863 39.92 87.09 -52.04
N GLU C 864 39.57 87.94 -51.07
CA GLU C 864 38.19 87.97 -50.59
C GLU C 864 37.24 88.44 -51.67
N LEU C 865 37.69 89.34 -52.55
CA LEU C 865 36.89 89.72 -53.71
C LEU C 865 36.76 88.57 -54.70
N ARG C 866 37.80 87.73 -54.80
CA ARG C 866 37.75 86.54 -55.63
C ARG C 866 36.74 85.53 -55.11
N MET C 867 36.81 85.22 -53.81
CA MET C 867 35.99 84.17 -53.25
C MET C 867 34.52 84.58 -53.14
N SER C 868 34.26 85.86 -52.88
CA SER C 868 32.88 86.34 -52.79
C SER C 868 32.23 86.52 -54.16
N LEU C 869 32.96 86.33 -55.25
CA LEU C 869 32.37 86.36 -56.57
C LEU C 869 31.43 85.17 -56.75
N LYS C 870 30.23 85.44 -57.25
CA LYS C 870 29.18 84.43 -57.42
C LYS C 870 29.32 83.67 -58.72
N CYS C 871 30.43 83.82 -59.44
CA CYS C 871 30.58 83.27 -60.77
C CYS C 871 31.89 82.50 -60.88
N GLN C 872 32.09 81.86 -62.02
CA GLN C 872 33.37 81.31 -62.38
C GLN C 872 34.22 82.40 -63.03
N ARG C 873 35.54 82.26 -62.91
CA ARG C 873 36.48 83.33 -63.24
C ARG C 873 37.75 82.61 -63.70
N ARG C 874 38.90 83.30 -63.68
CA ARG C 874 40.21 82.68 -63.98
C ARG C 874 40.45 81.54 -63.01
N THR D 33 3.16 -33.52 95.00
CA THR D 33 4.02 -32.68 95.83
C THR D 33 3.56 -31.23 95.77
N HIS D 34 3.87 -30.56 94.67
CA HIS D 34 3.30 -29.25 94.38
C HIS D 34 2.07 -29.43 93.49
N VAL D 35 0.98 -28.77 93.86
CA VAL D 35 -0.21 -28.75 93.03
C VAL D 35 -0.26 -27.44 92.26
N LEU D 36 -0.55 -27.52 90.96
CA LEU D 36 -0.60 -26.33 90.13
C LEU D 36 -1.75 -26.43 89.14
N ARG D 37 -2.65 -25.45 89.18
CA ARG D 37 -3.89 -25.54 88.43
C ARG D 37 -3.84 -24.58 87.23
N PHE D 38 -4.34 -25.07 86.09
CA PHE D 38 -4.39 -24.28 84.87
C PHE D 38 -5.83 -23.97 84.51
N GLY D 39 -6.04 -22.93 83.70
CA GLY D 39 -7.36 -22.58 83.23
C GLY D 39 -7.81 -23.43 82.06
N GLY D 40 -9.12 -23.64 81.99
CA GLY D 40 -9.67 -24.58 81.01
C GLY D 40 -10.92 -24.11 80.31
N ILE D 41 -11.03 -22.82 80.00
CA ILE D 41 -12.21 -22.30 79.31
C ILE D 41 -12.21 -22.80 77.87
N PHE D 42 -13.28 -23.49 77.49
CA PHE D 42 -13.45 -23.99 76.14
C PHE D 42 -14.91 -23.88 75.72
N GLU D 43 -15.17 -24.28 74.49
CA GLU D 43 -16.51 -24.24 73.91
C GLU D 43 -17.37 -25.34 74.54
N TYR D 44 -18.66 -25.07 74.72
CA TYR D 44 -19.61 -26.02 75.30
C TYR D 44 -20.28 -26.82 74.20
N VAL D 45 -19.81 -28.04 73.99
CA VAL D 45 -20.51 -28.99 73.13
C VAL D 45 -21.49 -29.75 74.04
N GLU D 46 -22.63 -30.15 73.48
CA GLU D 46 -23.69 -30.71 74.32
C GLU D 46 -24.08 -32.12 73.88
N SER D 47 -23.72 -32.50 72.66
CA SER D 47 -24.12 -33.80 72.14
C SER D 47 -22.92 -34.72 71.95
N GLY D 48 -21.97 -34.30 71.13
CA GLY D 48 -20.79 -35.09 70.88
C GLY D 48 -19.76 -34.93 71.98
N PRO D 49 -18.61 -35.57 71.81
CA PRO D 49 -17.51 -35.38 72.78
C PRO D 49 -16.86 -34.02 72.62
N MET D 50 -15.91 -33.72 73.50
CA MET D 50 -15.34 -32.38 73.64
C MET D 50 -14.53 -31.97 72.42
N GLY D 51 -14.26 -30.67 72.30
CA GLY D 51 -13.64 -30.13 71.10
C GLY D 51 -12.17 -30.50 70.97
N ALA D 52 -11.60 -30.15 69.81
CA ALA D 52 -10.23 -30.54 69.52
C ALA D 52 -9.24 -29.79 70.39
N GLU D 53 -9.58 -28.58 70.81
CA GLU D 53 -8.69 -27.81 71.67
C GLU D 53 -8.69 -28.36 73.09
N GLU D 54 -9.86 -28.79 73.58
CA GLU D 54 -9.94 -29.32 74.93
C GLU D 54 -9.29 -30.68 75.02
N LEU D 55 -9.44 -31.51 73.98
CA LEU D 55 -8.71 -32.77 73.91
C LEU D 55 -7.22 -32.56 73.84
N ALA D 56 -6.79 -31.49 73.16
CA ALA D 56 -5.37 -31.16 73.13
C ALA D 56 -4.88 -30.69 74.49
N PHE D 57 -5.74 -30.02 75.24
CA PHE D 57 -5.35 -29.53 76.56
C PHE D 57 -5.36 -30.65 77.58
N ARG D 58 -6.32 -31.58 77.46
CA ARG D 58 -6.32 -32.76 78.34
C ARG D 58 -5.14 -33.66 78.04
N PHE D 59 -4.73 -33.72 76.77
CA PHE D 59 -3.59 -34.54 76.39
C PHE D 59 -2.29 -33.94 76.87
N ALA D 60 -2.15 -32.62 76.78
CA ALA D 60 -0.87 -31.98 77.09
C ALA D 60 -0.59 -31.98 78.59
N VAL D 61 -1.64 -31.92 79.41
CA VAL D 61 -1.47 -32.07 80.85
C VAL D 61 -1.06 -33.50 81.17
N ASN D 62 -1.67 -34.46 80.48
CA ASN D 62 -1.39 -35.87 80.74
C ASN D 62 -0.02 -36.28 80.19
N THR D 63 0.41 -35.66 79.09
CA THR D 63 1.67 -36.05 78.46
C THR D 63 2.87 -35.63 79.30
N ILE D 64 2.81 -34.41 79.86
CA ILE D 64 3.92 -33.90 80.66
C ILE D 64 3.97 -34.62 82.01
N ASN D 65 2.84 -35.14 82.47
CA ASN D 65 2.72 -35.67 83.82
C ASN D 65 3.55 -36.93 84.03
N ARG D 66 3.52 -37.87 83.09
CA ARG D 66 4.32 -39.09 83.25
C ARG D 66 5.73 -38.85 82.73
N ASN D 67 5.93 -37.77 81.99
CA ASN D 67 7.23 -37.41 81.42
C ASN D 67 7.96 -36.59 82.48
N ARG D 68 8.64 -37.29 83.40
CA ARG D 68 9.20 -36.67 84.59
C ARG D 68 10.63 -36.17 84.42
N THR D 69 10.91 -35.44 83.34
CA THR D 69 12.08 -34.57 83.31
C THR D 69 11.63 -33.15 82.97
N LEU D 70 10.81 -33.03 81.93
CA LEU D 70 10.12 -31.79 81.65
C LEU D 70 8.97 -31.66 82.64
N LEU D 71 9.07 -30.67 83.54
CA LEU D 71 8.24 -30.49 84.74
C LEU D 71 8.25 -31.79 85.55
N PRO D 72 9.32 -32.04 86.32
CA PRO D 72 9.46 -33.33 87.00
C PRO D 72 8.73 -33.45 88.34
N ASN D 73 8.43 -32.35 89.02
CA ASN D 73 8.14 -32.48 90.44
C ASN D 73 6.85 -31.78 90.83
N THR D 74 5.91 -31.64 89.90
CA THR D 74 4.67 -30.91 90.13
C THR D 74 3.54 -31.70 89.49
N THR D 75 2.31 -31.51 89.99
CA THR D 75 1.19 -32.41 89.78
C THR D 75 0.07 -31.63 89.10
N LEU D 76 0.38 -31.03 87.94
CA LEU D 76 -0.50 -30.18 87.13
C LEU D 76 -1.92 -30.69 86.99
N THR D 77 -2.87 -29.88 87.43
CA THR D 77 -4.28 -30.24 87.46
C THR D 77 -5.05 -29.32 86.53
N TYR D 78 -5.68 -29.90 85.51
CA TYR D 78 -6.51 -29.11 84.62
C TYR D 78 -7.85 -28.79 85.28
N ASP D 79 -8.36 -27.60 85.00
CA ASP D 79 -9.67 -27.21 85.49
C ASP D 79 -10.51 -26.70 84.32
N THR D 80 -11.17 -27.63 83.62
CA THR D 80 -11.89 -27.25 82.41
C THR D 80 -13.27 -26.70 82.73
N GLN D 81 -13.62 -25.60 82.07
CA GLN D 81 -14.96 -25.04 82.14
C GLN D 81 -15.48 -24.85 80.72
N LYS D 82 -16.80 -24.71 80.56
CA LYS D 82 -17.36 -24.59 79.23
C LYS D 82 -18.27 -23.38 79.11
N ILE D 83 -18.07 -22.60 78.05
CA ILE D 83 -18.88 -21.43 77.78
C ILE D 83 -19.56 -21.62 76.42
N ASN D 84 -20.54 -20.77 76.15
CA ASN D 84 -21.24 -20.80 74.87
C ASN D 84 -20.47 -20.11 73.76
N LEU D 85 -19.27 -19.59 74.08
CA LEU D 85 -18.22 -19.13 73.16
C LEU D 85 -18.58 -17.81 72.50
N TYR D 86 -19.79 -17.30 72.74
CA TYR D 86 -20.23 -16.02 72.22
C TYR D 86 -20.80 -15.15 73.34
N ASP D 87 -20.51 -15.48 74.59
CA ASP D 87 -20.99 -14.74 75.74
C ASP D 87 -19.78 -14.33 76.57
N SER D 88 -19.49 -13.03 76.57
CA SER D 88 -18.43 -12.53 77.43
C SER D 88 -18.82 -12.58 78.89
N PHE D 89 -20.12 -12.50 79.17
CA PHE D 89 -20.61 -12.57 80.54
C PHE D 89 -20.44 -13.98 81.12
N GLU D 90 -20.72 -14.99 80.30
CA GLU D 90 -20.50 -16.37 80.74
C GLU D 90 -19.02 -16.66 80.89
N ALA D 91 -18.19 -16.08 80.02
CA ALA D 91 -16.75 -16.27 80.11
C ALA D 91 -16.16 -15.49 81.28
N SER D 92 -16.88 -14.46 81.74
CA SER D 92 -16.41 -13.69 82.89
C SER D 92 -16.51 -14.48 84.18
N LYS D 93 -17.63 -15.18 84.38
CA LYS D 93 -17.80 -15.97 85.60
C LYS D 93 -16.89 -17.18 85.62
N LYS D 94 -16.76 -17.86 84.48
CA LYS D 94 -15.89 -19.03 84.40
C LYS D 94 -14.43 -18.65 84.57
N ALA D 95 -14.06 -17.42 84.22
CA ALA D 95 -12.75 -16.92 84.59
C ALA D 95 -12.66 -16.71 86.10
N CYS D 96 -13.65 -16.04 86.69
CA CYS D 96 -13.62 -15.77 88.13
C CYS D 96 -13.76 -17.05 88.96
N ASP D 97 -14.50 -18.04 88.46
CA ASP D 97 -14.66 -19.29 89.21
C ASP D 97 -13.36 -20.07 89.24
N GLN D 98 -12.52 -19.91 88.22
CA GLN D 98 -11.22 -20.57 88.22
C GLN D 98 -10.23 -19.84 89.11
N LEU D 99 -10.29 -18.50 89.15
CA LEU D 99 -9.39 -17.77 90.03
C LEU D 99 -9.86 -17.76 91.48
N SER D 100 -11.16 -17.93 91.73
CA SER D 100 -11.62 -18.13 93.10
C SER D 100 -11.14 -19.46 93.64
N LEU D 101 -11.04 -20.47 92.77
CA LEU D 101 -10.42 -21.73 93.14
C LEU D 101 -8.91 -21.58 93.05
N GLY D 102 -8.44 -20.66 92.20
CA GLY D 102 -7.03 -20.41 92.06
C GLY D 102 -6.39 -21.20 90.95
N VAL D 103 -5.92 -20.51 89.91
CA VAL D 103 -5.22 -21.17 88.80
C VAL D 103 -3.88 -20.47 88.59
N ALA D 104 -3.15 -20.91 87.56
CA ALA D 104 -1.89 -20.27 87.21
C ALA D 104 -2.04 -19.46 85.94
N ALA D 105 -2.74 -20.00 84.95
CA ALA D 105 -2.91 -19.33 83.66
C ALA D 105 -4.13 -19.86 82.93
N ILE D 106 -5.06 -18.97 82.58
CA ILE D 106 -6.19 -19.38 81.76
C ILE D 106 -5.74 -19.58 80.32
N PHE D 107 -6.01 -20.76 79.79
CA PHE D 107 -5.63 -21.10 78.43
C PHE D 107 -6.73 -20.79 77.42
N GLY D 108 -7.32 -19.61 77.51
CA GLY D 108 -7.91 -18.96 76.36
C GLY D 108 -9.31 -19.42 76.00
N PRO D 109 -10.24 -18.48 75.93
CA PRO D 109 -11.43 -18.70 75.10
C PRO D 109 -11.03 -18.64 73.64
N SER D 110 -11.84 -19.23 72.77
CA SER D 110 -11.43 -19.36 71.36
C SER D 110 -12.26 -18.46 70.45
N HIS D 111 -12.60 -17.26 70.93
CA HIS D 111 -13.34 -16.32 70.09
C HIS D 111 -13.00 -14.89 70.48
N SER D 112 -13.04 -13.98 69.52
CA SER D 112 -12.57 -12.60 69.69
C SER D 112 -13.39 -11.81 70.70
N SER D 113 -14.69 -12.10 70.78
CA SER D 113 -15.55 -11.37 71.71
C SER D 113 -15.31 -11.83 73.14
N SER D 114 -15.12 -13.13 73.33
CA SER D 114 -15.03 -13.66 74.69
C SER D 114 -13.62 -13.58 75.23
N ALA D 115 -12.62 -13.52 74.36
CA ALA D 115 -11.24 -13.48 74.82
C ALA D 115 -10.88 -12.11 75.36
N ASN D 116 -11.47 -11.06 74.78
CA ASN D 116 -11.17 -9.69 75.20
C ASN D 116 -11.70 -9.42 76.60
N ALA D 117 -12.76 -10.11 77.00
CA ALA D 117 -13.25 -9.98 78.37
C ALA D 117 -12.29 -10.63 79.35
N VAL D 118 -11.84 -11.84 79.04
CA VAL D 118 -11.00 -12.59 79.97
C VAL D 118 -9.58 -12.02 79.97
N GLN D 119 -9.17 -11.39 78.86
CA GLN D 119 -7.88 -10.69 78.83
C GLN D 119 -7.88 -9.50 79.78
N SER D 120 -9.01 -8.82 79.92
CA SER D 120 -9.11 -7.73 80.88
C SER D 120 -9.13 -8.26 82.32
N ILE D 121 -9.64 -9.48 82.50
CA ILE D 121 -9.67 -10.08 83.83
C ILE D 121 -8.27 -10.48 84.26
N CYS D 122 -7.53 -11.15 83.37
CA CYS D 122 -6.21 -11.64 83.72
C CYS D 122 -5.20 -10.51 83.84
N ASN D 123 -5.43 -9.41 83.13
CA ASN D 123 -4.60 -8.23 83.31
C ASN D 123 -4.80 -7.61 84.68
N ALA D 124 -6.05 -7.52 85.14
CA ALA D 124 -6.36 -6.89 86.42
C ALA D 124 -5.85 -7.72 87.59
N LEU D 125 -6.24 -8.99 87.65
CA LEU D 125 -5.93 -9.78 88.84
C LEU D 125 -4.53 -10.35 88.80
N GLY D 126 -3.89 -10.36 87.63
CA GLY D 126 -2.47 -10.61 87.58
C GLY D 126 -2.00 -11.87 86.90
N VAL D 127 -2.88 -12.85 86.75
CA VAL D 127 -2.47 -14.15 86.19
C VAL D 127 -2.21 -14.00 84.70
N PRO D 128 -1.30 -14.79 84.11
CA PRO D 128 -1.09 -14.72 82.66
C PRO D 128 -2.26 -15.32 81.92
N HIS D 129 -2.45 -14.89 80.68
CA HIS D 129 -3.54 -15.38 79.84
C HIS D 129 -2.95 -15.92 78.56
N ILE D 130 -3.15 -17.22 78.31
CA ILE D 130 -2.48 -17.88 77.21
C ILE D 130 -3.47 -18.05 76.07
N GLN D 131 -3.14 -17.53 74.90
CA GLN D 131 -4.07 -17.49 73.77
C GLN D 131 -3.56 -18.37 72.65
N THR D 132 -4.48 -19.04 71.95
CA THR D 132 -4.07 -19.93 70.87
C THR D 132 -4.74 -19.56 69.55
N ARG D 133 -5.64 -18.60 69.56
CA ARG D 133 -6.25 -18.18 68.31
C ARG D 133 -6.12 -16.67 68.19
N TRP D 134 -6.20 -16.19 66.96
CA TRP D 134 -6.01 -14.79 66.66
C TRP D 134 -7.22 -13.99 67.12
N LYS D 135 -6.99 -12.71 67.44
CA LYS D 135 -8.08 -11.78 67.65
C LYS D 135 -7.63 -10.42 67.14
N HIS D 136 -8.55 -9.47 67.05
CA HIS D 136 -8.15 -8.11 66.75
C HIS D 136 -7.54 -7.48 68.00
N GLN D 137 -6.21 -7.44 68.07
CA GLN D 137 -5.51 -6.67 69.10
C GLN D 137 -5.75 -5.20 68.83
N VAL D 138 -6.49 -4.55 69.73
CA VAL D 138 -6.74 -3.12 69.62
C VAL D 138 -5.46 -2.38 69.93
N SER D 139 -5.07 -1.45 69.05
CA SER D 139 -3.80 -0.75 69.17
C SER D 139 -3.76 0.21 70.35
N ASP D 140 -4.94 0.61 70.84
CA ASP D 140 -4.99 1.50 72.01
C ASP D 140 -5.34 0.76 73.29
N ASN D 141 -5.35 -0.57 73.27
CA ASN D 141 -5.64 -1.34 74.48
C ASN D 141 -4.32 -1.73 75.16
N LYS D 142 -3.86 -0.85 76.06
CA LYS D 142 -2.59 -1.05 76.73
C LYS D 142 -2.70 -2.13 77.80
N ASP D 143 -2.48 -3.37 77.41
CA ASP D 143 -2.56 -4.50 78.32
C ASP D 143 -1.24 -5.25 78.36
N SER D 144 -1.00 -5.90 79.50
CA SER D 144 0.07 -6.86 79.65
C SER D 144 -0.56 -8.19 80.00
N PHE D 145 0.27 -9.16 80.40
CA PHE D 145 -0.13 -10.46 80.94
C PHE D 145 -0.92 -11.28 79.92
N TYR D 146 -0.52 -11.24 78.65
CA TYR D 146 -1.17 -12.08 77.65
C TYR D 146 -0.15 -12.38 76.56
N VAL D 147 -0.10 -13.64 76.12
CA VAL D 147 0.63 -14.00 74.92
C VAL D 147 -0.29 -14.78 73.99
N SER D 148 0.01 -14.72 72.70
CA SER D 148 -0.78 -15.40 71.68
C SER D 148 0.16 -16.27 70.86
N LEU D 149 -0.02 -17.58 70.94
CA LEU D 149 0.86 -18.52 70.27
C LEU D 149 0.46 -18.73 68.82
N TYR D 150 -0.63 -18.13 68.39
CA TYR D 150 -1.04 -18.23 67.00
C TYR D 150 -0.15 -17.31 66.19
N PRO D 151 0.29 -17.69 64.99
CA PRO D 151 1.15 -16.80 64.21
C PRO D 151 0.39 -15.58 63.75
N ASP D 152 0.95 -14.40 64.01
CA ASP D 152 0.25 -13.15 63.76
C ASP D 152 0.02 -12.94 62.27
N PHE D 153 -1.18 -12.48 61.94
CA PHE D 153 -1.49 -12.14 60.56
C PHE D 153 -0.78 -10.90 60.07
N SER D 154 -0.13 -10.13 60.95
CA SER D 154 0.81 -9.14 60.48
C SER D 154 2.00 -9.81 59.81
N SER D 155 2.51 -10.89 60.42
CA SER D 155 3.66 -11.57 59.87
C SER D 155 3.27 -12.49 58.72
N LEU D 156 2.07 -13.09 58.80
CA LEU D 156 1.62 -13.99 57.73
C LEU D 156 1.36 -13.25 56.44
N SER D 157 0.78 -12.05 56.53
CA SER D 157 0.45 -11.27 55.35
C SER D 157 1.67 -10.77 54.60
N ARG D 158 2.84 -10.73 55.25
CA ARG D 158 4.07 -10.60 54.48
C ARG D 158 4.32 -11.83 53.61
N ALA D 159 4.08 -13.02 54.15
CA ALA D 159 4.44 -14.26 53.47
C ALA D 159 3.54 -14.51 52.27
N ILE D 160 2.27 -14.12 52.34
CA ILE D 160 1.43 -14.14 51.14
C ILE D 160 1.91 -13.08 50.16
N LEU D 161 2.28 -11.90 50.66
CA LEU D 161 2.78 -10.84 49.78
C LEU D 161 4.14 -11.19 49.19
N ASP D 162 4.95 -11.97 49.92
CA ASP D 162 6.15 -12.52 49.31
C ASP D 162 5.80 -13.57 48.27
N LEU D 163 4.73 -14.33 48.49
CA LEU D 163 4.45 -15.48 47.64
C LEU D 163 3.83 -15.04 46.32
N VAL D 164 3.08 -13.94 46.33
CA VAL D 164 2.48 -13.46 45.09
C VAL D 164 3.52 -12.79 44.22
N GLN D 165 4.64 -12.39 44.80
CA GLN D 165 5.73 -11.82 44.03
C GLN D 165 6.59 -12.93 43.44
N PHE D 166 6.60 -14.08 44.09
CA PHE D 166 7.35 -15.23 43.58
C PHE D 166 6.66 -15.76 42.32
N PHE D 167 5.33 -15.74 42.31
CA PHE D 167 4.58 -16.18 41.14
C PHE D 167 4.27 -15.01 40.21
N LYS D 168 4.70 -13.80 40.60
CA LYS D 168 4.71 -12.60 39.76
C LYS D 168 3.32 -12.21 39.28
N TRP D 169 2.35 -12.27 40.19
CA TRP D 169 0.96 -11.99 39.84
C TRP D 169 0.74 -10.49 39.71
N LYS D 170 -0.33 -10.13 39.00
CA LYS D 170 -0.73 -8.74 38.84
C LYS D 170 -2.23 -8.60 39.00
N THR D 171 -2.93 -9.73 39.09
CA THR D 171 -4.39 -9.72 39.07
C THR D 171 -4.89 -10.64 40.19
N VAL D 172 -4.40 -10.40 41.40
CA VAL D 172 -4.78 -11.21 42.56
C VAL D 172 -6.22 -10.95 42.93
N THR D 173 -6.80 -11.84 43.74
CA THR D 173 -8.17 -11.69 44.20
C THR D 173 -8.35 -12.29 45.58
N VAL D 174 -8.59 -11.45 46.58
CA VAL D 174 -8.80 -11.93 47.94
C VAL D 174 -10.26 -12.30 48.13
N VAL D 175 -10.53 -13.50 48.61
CA VAL D 175 -11.86 -13.92 49.01
C VAL D 175 -11.80 -14.24 50.49
N TYR D 176 -12.58 -13.53 51.29
CA TYR D 176 -12.61 -13.78 52.72
C TYR D 176 -14.00 -14.27 53.13
N ASP D 177 -14.19 -14.51 54.43
CA ASP D 177 -15.48 -14.98 54.92
C ASP D 177 -16.09 -14.10 56.01
N ASP D 178 -15.29 -13.61 56.96
CA ASP D 178 -15.78 -12.75 58.03
C ASP D 178 -15.22 -11.36 57.81
N SER D 179 -15.98 -10.35 58.24
CA SER D 179 -15.53 -8.96 58.21
C SER D 179 -14.27 -8.73 59.04
N THR D 180 -14.00 -9.58 60.02
CA THR D 180 -12.71 -9.67 60.67
C THR D 180 -11.57 -9.94 59.69
N GLY D 181 -11.85 -10.64 58.59
CA GLY D 181 -10.80 -11.09 57.68
C GLY D 181 -10.05 -10.01 56.94
N LEU D 182 -10.61 -8.80 56.86
CA LEU D 182 -9.87 -7.71 56.23
C LEU D 182 -8.76 -7.20 57.14
N ILE D 183 -8.92 -7.38 58.45
CA ILE D 183 -7.84 -7.06 59.38
C ILE D 183 -6.72 -8.08 59.24
N ARG D 184 -7.07 -9.33 58.97
CA ARG D 184 -6.10 -10.41 58.91
C ARG D 184 -5.25 -10.37 57.64
N LEU D 185 -5.62 -9.54 56.69
CA LEU D 185 -4.86 -9.46 55.45
C LEU D 185 -4.52 -8.03 55.05
N GLN D 186 -4.48 -7.12 56.03
CA GLN D 186 -4.45 -5.69 55.71
C GLN D 186 -3.13 -5.28 55.08
N GLU D 187 -2.07 -6.06 55.26
CA GLU D 187 -0.83 -5.75 54.54
C GLU D 187 -0.93 -6.16 53.08
N LEU D 188 -1.91 -7.01 52.73
CA LEU D 188 -2.09 -7.37 51.33
C LEU D 188 -3.03 -6.40 50.63
N ILE D 189 -4.05 -5.90 51.36
CA ILE D 189 -4.90 -4.84 50.86
C ILE D 189 -4.12 -3.56 50.65
N LYS D 190 -3.13 -3.26 51.50
CA LYS D 190 -2.32 -2.06 51.36
C LYS D 190 -1.19 -2.20 50.35
N ALA D 191 -1.24 -3.17 49.44
CA ALA D 191 -0.15 -3.23 48.47
C ALA D 191 -0.53 -3.26 46.98
N PRO D 192 -1.47 -2.46 46.49
CA PRO D 192 -1.28 -1.92 45.14
C PRO D 192 -0.52 -0.61 45.11
N SER D 193 -0.28 -0.02 46.28
CA SER D 193 0.45 1.23 46.39
C SER D 193 1.94 1.04 46.12
N ARG D 194 2.56 0.12 46.83
CA ARG D 194 4.01 -0.11 46.71
C ARG D 194 4.35 -0.96 45.50
N TYR D 195 3.60 -2.04 45.27
CA TYR D 195 3.88 -2.93 44.15
C TYR D 195 2.80 -2.80 43.08
N ASN D 196 2.85 -3.65 42.06
CA ASN D 196 1.97 -3.49 40.90
C ASN D 196 0.79 -4.44 40.91
N LEU D 197 0.29 -4.84 42.08
CA LEU D 197 -0.88 -5.70 42.15
C LEU D 197 -2.14 -4.94 41.82
N ARG D 198 -3.22 -5.66 41.55
CA ARG D 198 -4.53 -5.05 41.35
C ARG D 198 -5.57 -5.88 42.10
N LEU D 199 -5.83 -5.49 43.34
CA LEU D 199 -6.70 -6.25 44.22
C LEU D 199 -8.16 -6.10 43.81
N LYS D 200 -8.91 -7.20 43.89
CA LYS D 200 -10.33 -7.24 43.56
C LYS D 200 -11.12 -8.01 44.61
N ILE D 201 -10.96 -7.60 45.87
CA ILE D 201 -11.52 -8.21 47.08
C ILE D 201 -12.99 -8.58 46.96
N ARG D 202 -13.33 -9.84 47.26
CA ARG D 202 -14.70 -10.32 47.26
C ARG D 202 -14.98 -11.01 48.59
N GLN D 203 -16.26 -11.22 48.87
CA GLN D 203 -16.68 -11.85 50.12
C GLN D 203 -17.57 -13.04 49.84
N LEU D 204 -17.35 -14.13 50.57
CA LEU D 204 -18.25 -15.28 50.55
C LEU D 204 -19.60 -14.89 51.11
N PRO D 205 -20.70 -15.43 50.60
CA PRO D 205 -22.01 -15.13 51.18
C PRO D 205 -22.19 -15.71 52.57
N ALA D 206 -22.78 -14.93 53.47
CA ALA D 206 -23.02 -15.38 54.83
C ALA D 206 -24.26 -16.27 54.87
N ASP D 207 -24.47 -16.89 56.04
CA ASP D 207 -25.61 -17.75 56.38
C ASP D 207 -25.73 -18.98 55.47
N THR D 208 -24.67 -19.34 54.75
CA THR D 208 -24.67 -20.46 53.81
C THR D 208 -23.26 -20.86 53.44
N LYS D 209 -23.13 -21.95 52.69
CA LYS D 209 -21.89 -22.32 52.04
C LYS D 209 -22.08 -22.37 50.53
N ASP D 210 -23.26 -21.95 50.08
CA ASP D 210 -23.60 -21.93 48.66
C ASP D 210 -22.91 -20.75 47.98
N ALA D 211 -21.64 -20.94 47.62
CA ALA D 211 -20.89 -19.91 46.94
C ALA D 211 -20.96 -20.10 45.43
N LYS D 212 -22.07 -20.66 44.96
CA LYS D 212 -22.30 -20.81 43.53
C LYS D 212 -22.39 -19.47 42.79
N PRO D 213 -23.10 -18.42 43.27
CA PRO D 213 -23.08 -17.16 42.49
C PRO D 213 -21.75 -16.43 42.52
N LEU D 214 -20.91 -16.71 43.51
CA LEU D 214 -19.62 -16.04 43.59
C LEU D 214 -18.69 -16.51 42.49
N LEU D 215 -18.49 -17.82 42.38
CA LEU D 215 -17.47 -18.35 41.47
C LEU D 215 -17.91 -18.26 40.02
N LYS D 216 -19.22 -18.14 39.76
CA LYS D 216 -19.68 -17.81 38.42
C LYS D 216 -19.24 -16.41 38.03
N GLU D 217 -19.34 -15.47 38.96
CA GLU D 217 -18.89 -14.10 38.69
C GLU D 217 -17.38 -14.03 38.62
N MET D 218 -16.70 -14.91 39.35
CA MET D 218 -15.24 -14.93 39.30
C MET D 218 -14.73 -15.60 38.03
N LYS D 219 -15.48 -16.57 37.51
CA LYS D 219 -15.14 -17.14 36.20
C LYS D 219 -15.38 -16.11 35.09
N ARG D 220 -16.40 -15.27 35.27
CA ARG D 220 -16.72 -14.24 34.28
C ARG D 220 -15.63 -13.18 34.23
N GLY D 221 -15.08 -12.84 35.39
CA GLY D 221 -14.01 -11.85 35.47
C GLY D 221 -12.63 -12.39 35.21
N LYS D 222 -12.51 -13.66 34.83
CA LYS D 222 -11.26 -14.37 34.56
C LYS D 222 -10.32 -14.32 35.76
N GLU D 223 -10.89 -14.54 36.94
CA GLU D 223 -10.14 -14.47 38.20
C GLU D 223 -9.32 -15.74 38.30
N PHE D 224 -8.04 -15.65 37.95
CA PHE D 224 -7.24 -16.86 37.78
C PHE D 224 -6.25 -17.07 38.93
N HIS D 225 -6.16 -16.13 39.86
CA HIS D 225 -5.08 -16.16 40.85
C HIS D 225 -5.64 -15.90 42.24
N VAL D 226 -6.67 -16.65 42.62
CA VAL D 226 -7.49 -16.40 43.80
C VAL D 226 -6.71 -16.66 45.08
N ILE D 227 -6.80 -15.75 46.05
CA ILE D 227 -6.29 -15.99 47.39
C ILE D 227 -7.46 -16.16 48.34
N PHE D 228 -7.65 -17.37 48.87
CA PHE D 228 -8.73 -17.55 49.83
C PHE D 228 -8.28 -17.22 51.24
N ASP D 229 -9.23 -16.77 52.07
CA ASP D 229 -9.00 -16.62 53.50
C ASP D 229 -10.15 -17.27 54.26
N CYS D 230 -10.04 -18.57 54.50
CA CYS D 230 -11.12 -19.32 55.10
C CYS D 230 -10.55 -20.19 56.22
N SER D 231 -11.44 -20.77 57.01
CA SER D 231 -11.06 -21.91 57.84
C SER D 231 -10.96 -23.14 56.95
N HIS D 232 -10.32 -24.19 57.47
CA HIS D 232 -10.11 -25.38 56.66
C HIS D 232 -11.39 -26.16 56.42
N GLU D 233 -12.42 -25.92 57.23
CA GLU D 233 -13.74 -26.45 56.93
C GLU D 233 -14.33 -25.77 55.70
N MET D 234 -14.30 -24.44 55.66
CA MET D 234 -14.81 -23.75 54.48
C MET D 234 -13.83 -23.78 53.33
N ALA D 235 -12.57 -24.15 53.58
CA ALA D 235 -11.63 -24.32 52.48
C ALA D 235 -11.90 -25.61 51.73
N ALA D 236 -12.48 -26.60 52.41
CA ALA D 236 -12.84 -27.84 51.73
C ALA D 236 -14.12 -27.66 50.92
N GLY D 237 -15.10 -26.99 51.50
CA GLY D 237 -16.39 -26.85 50.83
C GLY D 237 -16.37 -25.88 49.68
N ILE D 238 -15.35 -25.01 49.65
CA ILE D 238 -15.25 -24.07 48.54
C ILE D 238 -14.64 -24.75 47.31
N LEU D 239 -13.90 -25.84 47.53
CA LEU D 239 -13.22 -26.47 46.40
C LEU D 239 -14.13 -27.43 45.65
N LYS D 240 -15.05 -28.11 46.37
CA LYS D 240 -16.02 -28.96 45.70
C LYS D 240 -16.95 -28.13 44.83
N GLN D 241 -17.32 -26.94 45.29
CA GLN D 241 -18.07 -26.03 44.45
C GLN D 241 -17.19 -25.44 43.35
N ALA D 242 -15.90 -25.32 43.60
CA ALA D 242 -14.99 -24.91 42.53
C ALA D 242 -14.77 -26.05 41.54
N LEU D 243 -14.88 -27.30 42.01
CA LEU D 243 -14.75 -28.44 41.13
C LEU D 243 -16.01 -28.63 40.30
N ALA D 244 -17.18 -28.46 40.92
CA ALA D 244 -18.45 -28.68 40.25
C ALA D 244 -18.75 -27.61 39.20
N MET D 245 -18.08 -26.47 39.26
CA MET D 245 -18.16 -25.49 38.20
C MET D 245 -16.91 -25.50 37.33
N GLY D 246 -16.13 -26.58 37.44
CA GLY D 246 -14.99 -26.84 36.59
C GLY D 246 -13.92 -25.77 36.64
N MET D 247 -13.79 -25.14 37.79
CA MET D 247 -12.95 -23.96 37.91
C MET D 247 -11.57 -24.33 38.46
N MET D 248 -11.28 -25.61 38.64
CA MET D 248 -9.95 -26.04 39.06
C MET D 248 -9.22 -26.68 37.88
N THR D 249 -8.64 -25.83 37.04
CA THR D 249 -7.97 -26.28 35.82
C THR D 249 -6.50 -25.90 35.88
N GLU D 250 -5.80 -26.03 34.76
CA GLU D 250 -4.37 -25.73 34.71
C GLU D 250 -4.04 -24.25 34.85
N TYR D 251 -5.02 -23.36 34.75
CA TYR D 251 -4.76 -21.92 34.75
C TYR D 251 -5.53 -21.23 35.88
N TYR D 252 -5.64 -21.95 37.00
CA TYR D 252 -6.14 -21.40 38.26
C TYR D 252 -5.17 -21.74 39.38
N HIS D 253 -4.79 -20.76 40.18
CA HIS D 253 -3.88 -20.99 41.28
C HIS D 253 -4.46 -20.40 42.56
N TYR D 254 -4.56 -21.23 43.60
CA TYR D 254 -5.26 -20.89 44.83
C TYR D 254 -4.24 -20.80 45.96
N ILE D 255 -4.16 -19.63 46.59
CA ILE D 255 -3.40 -19.52 47.82
C ILE D 255 -4.36 -19.49 48.99
N PHE D 256 -4.18 -20.42 49.93
CA PHE D 256 -5.06 -20.48 51.10
C PHE D 256 -4.37 -19.87 52.30
N THR D 257 -4.91 -18.75 52.78
CA THR D 257 -4.41 -18.13 54.00
C THR D 257 -4.94 -18.91 55.20
N THR D 258 -4.34 -20.05 55.47
CA THR D 258 -4.71 -20.93 56.56
C THR D 258 -3.49 -21.78 56.89
N LEU D 259 -3.53 -22.44 58.03
CA LEU D 259 -2.39 -23.24 58.44
C LEU D 259 -2.80 -24.71 58.50
N ASP D 260 -3.96 -25.02 57.94
CA ASP D 260 -4.45 -26.41 57.88
C ASP D 260 -4.82 -26.79 56.46
N LEU D 261 -4.00 -26.41 55.48
CA LEU D 261 -4.25 -26.88 54.12
C LEU D 261 -3.88 -28.35 54.00
N PHE D 262 -2.93 -28.81 54.81
CA PHE D 262 -2.42 -30.17 54.76
C PHE D 262 -3.46 -31.19 55.22
N ALA D 263 -4.47 -30.74 55.96
CA ALA D 263 -5.50 -31.66 56.45
C ALA D 263 -6.68 -31.76 55.49
N LEU D 264 -6.57 -31.25 54.27
CA LEU D 264 -7.61 -31.42 53.27
C LEU D 264 -7.42 -32.73 52.52
N ASP D 265 -8.55 -33.33 52.15
CA ASP D 265 -8.55 -34.47 51.23
C ASP D 265 -8.41 -33.95 49.81
N VAL D 266 -7.19 -34.04 49.28
CA VAL D 266 -6.85 -33.42 48.02
C VAL D 266 -6.90 -34.46 46.89
N GLU D 267 -7.29 -35.68 47.24
CA GLU D 267 -7.35 -36.82 46.31
C GLU D 267 -8.23 -36.60 45.08
N PRO D 268 -9.43 -35.93 45.14
CA PRO D 268 -10.11 -35.61 43.87
C PRO D 268 -9.40 -34.54 43.05
N TYR D 269 -8.47 -33.82 43.67
CA TYR D 269 -7.93 -32.64 43.02
C TYR D 269 -6.49 -32.83 42.56
N ARG D 270 -5.87 -33.94 42.89
CA ARG D 270 -4.43 -34.14 42.72
C ARG D 270 -4.05 -34.22 41.25
N TYR D 271 -4.97 -34.71 40.42
CA TYR D 271 -4.70 -34.86 39.00
C TYR D 271 -5.33 -33.74 38.19
N SER D 272 -5.98 -32.78 38.84
CA SER D 272 -6.87 -31.84 38.16
C SER D 272 -6.13 -30.81 37.32
N GLY D 273 -4.83 -30.65 37.51
CA GLY D 273 -4.12 -29.61 36.78
C GLY D 273 -3.99 -28.35 37.59
N VAL D 274 -4.75 -28.26 38.68
CA VAL D 274 -4.82 -27.06 39.49
C VAL D 274 -3.56 -26.89 40.34
N ASN D 275 -2.95 -25.72 40.27
CA ASN D 275 -1.90 -25.35 41.19
C ASN D 275 -2.62 -24.84 42.43
N MET D 276 -2.20 -25.24 43.62
CA MET D 276 -2.74 -24.68 44.86
C MET D 276 -1.67 -24.73 45.94
N THR D 277 -1.40 -23.56 46.52
CA THR D 277 -0.27 -23.37 47.41
C THR D 277 -0.77 -22.87 48.76
N GLY D 278 -0.14 -23.28 49.85
CA GLY D 278 -0.53 -22.78 51.14
C GLY D 278 0.65 -22.56 52.04
N PHE D 279 0.40 -22.69 53.34
CA PHE D 279 1.45 -22.60 54.34
C PHE D 279 1.19 -23.65 55.40
N ARG D 280 2.23 -24.00 56.14
CA ARG D 280 2.14 -24.99 57.19
C ARG D 280 3.22 -24.71 58.21
N ILE D 281 2.82 -24.65 59.48
CA ILE D 281 3.78 -24.40 60.53
C ILE D 281 4.02 -25.73 61.26
N LEU D 282 3.11 -26.68 61.06
CA LEU D 282 3.18 -27.98 61.71
C LEU D 282 4.23 -28.84 61.03
N ASN D 283 5.29 -29.19 61.77
CA ASN D 283 6.38 -30.00 61.23
C ASN D 283 5.96 -31.45 61.01
N THR D 284 5.80 -31.85 59.76
CA THR D 284 5.47 -33.25 59.46
C THR D 284 6.73 -34.05 59.17
N GLU D 285 7.89 -33.49 59.50
CA GLU D 285 9.16 -34.16 59.24
C GLU D 285 9.78 -34.71 60.52
N ASN D 286 9.57 -34.02 61.64
CA ASN D 286 10.15 -34.43 62.91
C ASN D 286 9.50 -35.70 63.43
N THR D 287 10.32 -36.71 63.73
CA THR D 287 9.81 -37.99 64.19
C THR D 287 9.22 -37.89 65.60
N GLN D 288 9.70 -36.92 66.39
CA GLN D 288 9.09 -36.68 67.69
C GLN D 288 7.69 -36.12 67.54
N VAL D 289 7.51 -35.19 66.59
CA VAL D 289 6.19 -34.63 66.31
C VAL D 289 5.29 -35.67 65.67
N SER D 290 5.85 -36.46 64.75
CA SER D 290 5.08 -37.48 64.05
C SER D 290 4.69 -38.62 64.98
N SER D 291 5.44 -38.82 66.07
CA SER D 291 5.03 -39.78 67.09
C SER D 291 3.82 -39.28 67.86
N ILE D 292 3.73 -37.96 68.07
CA ILE D 292 2.60 -37.39 68.79
C ILE D 292 1.34 -37.45 67.94
N ILE D 293 1.48 -37.12 66.65
CA ILE D 293 0.35 -37.09 65.73
C ILE D 293 -0.19 -38.50 65.52
N GLU D 294 0.70 -39.49 65.45
CA GLU D 294 0.28 -40.88 65.38
C GLU D 294 -0.41 -41.30 66.69
N LYS D 295 0.07 -40.77 67.82
CA LYS D 295 -0.56 -41.07 69.09
C LYS D 295 -1.88 -40.32 69.23
N TRP D 296 -1.97 -39.12 68.64
CA TRP D 296 -3.15 -38.29 68.69
C TRP D 296 -4.40 -38.94 68.11
N SER D 297 -4.31 -39.39 66.86
CA SER D 297 -5.43 -39.94 66.11
C SER D 297 -5.99 -41.20 66.74
N MET D 298 -5.12 -41.95 67.44
CA MET D 298 -5.57 -43.07 68.23
C MET D 298 -6.35 -42.61 69.46
N GLU D 299 -5.88 -41.53 70.10
CA GLU D 299 -6.43 -41.14 71.40
C GLU D 299 -7.56 -40.14 71.27
N ARG D 300 -7.98 -39.82 70.04
CA ARG D 300 -9.12 -38.93 69.83
C ARG D 300 -10.42 -39.55 70.33
N LEU D 301 -10.81 -40.66 69.71
CA LEU D 301 -12.14 -41.28 69.80
C LEU D 301 -13.18 -40.20 69.52
N GLN D 302 -13.18 -39.71 68.28
CA GLN D 302 -14.03 -38.62 67.85
C GLN D 302 -15.04 -39.11 66.82
N ALA D 303 -16.18 -38.41 66.64
CA ALA D 303 -17.18 -38.64 65.62
C ALA D 303 -16.54 -38.65 64.23
N PRO D 304 -16.89 -39.63 63.40
CA PRO D 304 -16.16 -39.84 62.14
C PRO D 304 -16.49 -38.77 61.12
N PRO D 305 -15.52 -38.39 60.29
CA PRO D 305 -15.78 -37.36 59.28
C PRO D 305 -16.67 -37.87 58.14
N LYS D 306 -17.68 -37.07 57.82
CA LYS D 306 -18.54 -37.33 56.68
C LYS D 306 -17.72 -37.20 55.40
N PRO D 307 -17.94 -38.04 54.39
CA PRO D 307 -17.21 -37.86 53.12
C PRO D 307 -17.69 -36.68 52.29
N ASP D 308 -18.79 -36.06 52.71
CA ASP D 308 -19.23 -34.82 52.09
C ASP D 308 -18.63 -33.61 52.80
N SER D 309 -17.78 -33.84 53.81
CA SER D 309 -17.06 -32.75 54.43
C SER D 309 -15.86 -32.37 53.57
N GLY D 310 -15.13 -33.38 53.08
CA GLY D 310 -13.97 -33.15 52.26
C GLY D 310 -12.67 -33.09 53.05
N LEU D 311 -12.69 -33.53 54.30
CA LEU D 311 -11.52 -33.46 55.16
C LEU D 311 -10.94 -34.84 55.37
N LEU D 312 -9.64 -34.90 55.65
CA LEU D 312 -9.00 -36.15 55.99
C LEU D 312 -9.32 -36.51 57.43
N ASP D 313 -9.04 -37.77 57.81
CA ASP D 313 -9.59 -38.27 59.07
C ASP D 313 -8.69 -37.90 60.25
N GLY D 314 -7.49 -38.47 60.31
CA GLY D 314 -6.65 -38.29 61.47
C GLY D 314 -5.48 -37.33 61.26
N PHE D 315 -5.68 -36.09 61.70
CA PHE D 315 -4.65 -35.05 61.69
C PHE D 315 -4.97 -34.05 62.79
N MET D 316 -3.92 -33.47 63.36
CA MET D 316 -4.07 -32.36 64.30
C MET D 316 -4.25 -31.10 63.48
N THR D 317 -5.32 -30.36 63.76
CA THR D 317 -5.45 -29.03 63.19
C THR D 317 -4.47 -28.08 63.88
N THR D 318 -4.27 -26.91 63.28
CA THR D 318 -3.35 -25.94 63.88
C THR D 318 -3.96 -25.28 65.10
N ASP D 319 -5.27 -25.42 65.32
CA ASP D 319 -5.88 -24.95 66.56
C ASP D 319 -5.46 -25.84 67.73
N ALA D 320 -5.56 -27.15 67.56
CA ALA D 320 -5.20 -28.06 68.64
C ALA D 320 -3.69 -28.21 68.75
N ALA D 321 -2.95 -27.92 67.67
CA ALA D 321 -1.50 -28.04 67.72
C ALA D 321 -0.90 -26.97 68.62
N LEU D 322 -1.47 -25.77 68.59
CA LEU D 322 -0.99 -24.69 69.43
C LEU D 322 -1.39 -24.87 70.88
N MET D 323 -2.56 -25.47 71.11
CA MET D 323 -3.00 -25.70 72.48
C MET D 323 -2.14 -26.77 73.16
N TYR D 324 -1.62 -27.72 72.37
CA TYR D 324 -0.60 -28.62 72.88
C TYR D 324 0.69 -27.87 73.19
N ASP D 325 1.03 -26.90 72.33
CA ASP D 325 2.22 -26.10 72.59
C ASP D 325 1.94 -25.00 73.60
N ALA D 326 0.68 -24.75 73.93
CA ALA D 326 0.35 -23.71 74.90
C ALA D 326 0.82 -24.08 76.29
N VAL D 327 0.69 -25.36 76.65
CA VAL D 327 1.07 -25.80 77.98
C VAL D 327 2.58 -25.90 78.09
N HIS D 328 3.23 -26.33 77.01
CA HIS D 328 4.66 -26.59 77.04
C HIS D 328 5.48 -25.31 77.12
N VAL D 329 4.93 -24.20 76.61
CA VAL D 329 5.60 -22.90 76.81
C VAL D 329 5.48 -22.47 78.26
N VAL D 330 4.31 -22.71 78.86
CA VAL D 330 4.13 -22.45 80.28
C VAL D 330 4.95 -23.42 81.12
N SER D 331 5.13 -24.65 80.62
CA SER D 331 5.84 -25.68 81.37
C SER D 331 7.34 -25.39 81.44
N VAL D 332 7.86 -24.58 80.51
CA VAL D 332 9.24 -24.13 80.63
C VAL D 332 9.36 -23.12 81.76
N ALA D 333 8.35 -22.25 81.90
CA ALA D 333 8.43 -21.15 82.86
C ALA D 333 8.27 -21.63 84.30
N VAL D 334 7.53 -22.72 84.51
CA VAL D 334 7.30 -23.20 85.86
C VAL D 334 8.53 -23.93 86.40
N GLN D 335 9.42 -24.36 85.50
CA GLN D 335 10.69 -24.93 85.91
C GLN D 335 11.60 -23.86 86.48
N GLN D 336 11.72 -22.75 85.76
CA GLN D 336 12.68 -21.70 86.10
C GLN D 336 12.20 -20.86 87.27
N PHE D 337 10.90 -20.97 87.60
CA PHE D 337 10.36 -20.31 88.79
C PHE D 337 9.57 -21.35 89.58
N PRO D 338 10.26 -22.24 90.34
CA PRO D 338 9.57 -23.38 90.95
C PRO D 338 8.79 -23.03 92.22
N GLN D 339 9.17 -21.92 92.86
CA GLN D 339 8.62 -21.55 94.16
C GLN D 339 7.21 -20.96 94.07
N MET D 340 6.65 -20.89 92.86
CA MET D 340 5.29 -20.41 92.64
C MET D 340 4.25 -21.33 93.29
N THR D 341 3.28 -20.73 93.96
CA THR D 341 2.19 -21.48 94.57
C THR D 341 0.86 -20.94 94.06
N VAL D 342 -0.20 -21.70 94.28
CA VAL D 342 -1.54 -21.33 93.82
C VAL D 342 -2.22 -20.45 94.87
N SER D 343 -2.74 -19.30 94.44
CA SER D 343 -3.44 -18.38 95.34
C SER D 343 -4.88 -18.21 94.85
N SER D 344 -5.81 -18.14 95.79
CA SER D 344 -7.23 -17.94 95.47
C SER D 344 -7.53 -16.46 95.33
N LEU D 345 -7.63 -15.99 94.09
CA LEU D 345 -7.85 -14.57 93.83
C LEU D 345 -9.33 -14.26 93.77
N GLN D 346 -9.70 -13.05 94.18
CA GLN D 346 -11.09 -12.61 94.18
C GLN D 346 -11.25 -11.51 93.13
N CYS D 347 -12.26 -11.65 92.27
CA CYS D 347 -12.53 -10.65 91.25
C CYS D 347 -13.07 -9.37 91.87
N ASN D 348 -14.02 -9.50 92.80
CA ASN D 348 -14.63 -8.36 93.47
C ASN D 348 -13.62 -7.60 94.32
N ARG D 349 -12.81 -8.33 95.08
CA ARG D 349 -11.70 -7.75 95.81
C ARG D 349 -10.42 -7.98 95.02
N HIS D 350 -10.25 -7.18 93.96
CA HIS D 350 -9.16 -7.40 93.01
C HIS D 350 -7.81 -7.02 93.60
N LYS D 351 -6.86 -7.95 93.55
CA LYS D 351 -5.49 -7.73 93.99
C LYS D 351 -4.56 -8.31 92.94
N PRO D 352 -3.48 -7.61 92.58
CA PRO D 352 -2.49 -8.20 91.67
C PRO D 352 -1.76 -9.36 92.32
N TRP D 353 -1.75 -10.51 91.65
CA TRP D 353 -1.13 -11.72 92.16
C TRP D 353 0.39 -11.57 92.08
N ARG D 354 1.05 -11.80 93.21
CA ARG D 354 2.42 -11.33 93.42
C ARG D 354 3.44 -12.14 92.63
N PHE D 355 3.10 -13.38 92.27
CA PHE D 355 4.06 -14.20 91.55
C PHE D 355 3.99 -14.00 90.05
N GLY D 356 2.91 -13.41 89.55
CA GLY D 356 2.65 -13.31 88.13
C GLY D 356 3.63 -12.48 87.33
N THR D 357 4.06 -11.35 87.89
CA THR D 357 4.94 -10.42 87.20
C THR D 357 6.31 -11.04 86.91
N ARG D 358 6.84 -11.77 87.90
CA ARG D 358 8.05 -12.54 87.68
C ARG D 358 7.80 -13.70 86.72
N PHE D 359 6.63 -14.31 86.83
CA PHE D 359 6.29 -15.48 86.03
C PHE D 359 6.00 -15.11 84.58
N MET D 360 5.51 -13.88 84.35
CA MET D 360 5.17 -13.46 83.00
C MET D 360 6.42 -13.23 82.16
N SER D 361 7.51 -12.80 82.79
CA SER D 361 8.74 -12.50 82.06
C SER D 361 9.39 -13.77 81.54
N LEU D 362 9.22 -14.88 82.25
CA LEU D 362 9.77 -16.14 81.78
C LEU D 362 8.95 -16.70 80.62
N ILE D 363 7.66 -16.34 80.55
CA ILE D 363 6.82 -16.75 79.44
C ILE D 363 7.24 -16.04 78.16
N LYS D 364 7.41 -14.72 78.24
CA LYS D 364 7.75 -13.92 77.07
C LYS D 364 9.18 -14.16 76.58
N GLU D 365 10.03 -14.75 77.41
CA GLU D 365 11.40 -15.04 77.05
C GLU D 365 11.61 -16.53 76.83
N ALA D 366 10.53 -17.28 76.70
CA ALA D 366 10.63 -18.73 76.60
C ALA D 366 10.99 -19.15 75.18
N HIS D 367 11.74 -20.24 75.08
CA HIS D 367 12.09 -20.85 73.80
C HIS D 367 11.80 -22.34 73.87
N TRP D 368 11.05 -22.82 72.88
CA TRP D 368 10.62 -24.21 72.89
C TRP D 368 10.39 -24.68 71.46
N GLU D 369 10.89 -25.87 71.15
CA GLU D 369 10.65 -26.49 69.86
C GLU D 369 9.45 -27.42 69.92
N GLY D 370 8.26 -26.85 69.87
CA GLY D 370 7.03 -27.63 69.96
C GLY D 370 6.63 -28.20 68.61
N LEU D 371 5.33 -28.34 68.42
CA LEU D 371 4.82 -28.92 67.19
C LEU D 371 4.97 -27.96 66.03
N THR D 372 4.99 -26.66 66.31
CA THR D 372 4.97 -25.64 65.27
C THR D 372 6.33 -24.99 65.08
N GLY D 373 7.40 -25.77 65.15
CA GLY D 373 8.72 -25.21 65.04
C GLY D 373 9.14 -24.60 66.37
N ARG D 374 9.98 -23.58 66.30
CA ARG D 374 10.37 -22.85 67.50
C ARG D 374 9.25 -21.89 67.88
N ILE D 375 9.09 -21.69 69.19
CA ILE D 375 8.12 -20.73 69.70
C ILE D 375 8.93 -19.65 70.42
N THR D 376 9.07 -18.50 69.78
CA THR D 376 9.68 -17.34 70.41
C THR D 376 8.69 -16.18 70.35
N PHE D 377 8.61 -15.43 71.45
CA PHE D 377 7.62 -14.38 71.54
C PHE D 377 8.23 -13.03 71.15
N ASN D 378 7.50 -11.97 71.47
CA ASN D 378 7.79 -10.63 71.00
C ASN D 378 8.08 -9.74 72.20
N LYS D 379 9.21 -9.03 72.20
CA LYS D 379 9.65 -8.26 73.38
C LYS D 379 8.74 -7.09 73.70
N THR D 380 7.97 -6.66 72.71
CA THR D 380 6.85 -5.73 72.83
C THR D 380 5.65 -6.57 73.29
N ASN D 381 4.41 -6.18 72.96
CA ASN D 381 3.21 -6.98 73.12
C ASN D 381 3.36 -8.46 72.76
N GLY D 382 2.69 -9.33 73.52
CA GLY D 382 3.02 -10.75 73.55
C GLY D 382 2.66 -11.60 72.35
N LEU D 383 2.55 -10.98 71.17
CA LEU D 383 2.22 -11.68 69.94
C LEU D 383 3.34 -12.62 69.50
N ARG D 384 3.08 -13.45 68.49
CA ARG D 384 4.10 -14.33 67.94
C ARG D 384 4.44 -13.82 66.54
N THR D 385 5.69 -13.41 66.36
CA THR D 385 6.13 -12.77 65.13
C THR D 385 7.20 -13.56 64.40
N ASP D 386 8.18 -14.11 65.11
CA ASP D 386 9.25 -14.90 64.50
C ASP D 386 8.88 -16.38 64.62
N PHE D 387 8.61 -16.98 63.48
CA PHE D 387 8.25 -18.39 63.37
C PHE D 387 8.75 -18.98 62.06
N ASP D 388 8.33 -20.21 61.77
CA ASP D 388 8.86 -20.96 60.64
C ASP D 388 7.71 -21.57 59.85
N LEU D 389 7.45 -21.02 58.66
CA LEU D 389 6.46 -21.60 57.77
C LEU D 389 7.14 -22.56 56.81
N ASP D 390 6.38 -23.55 56.35
CA ASP D 390 6.83 -24.45 55.29
C ASP D 390 5.84 -24.34 54.14
N VAL D 391 6.22 -23.60 53.10
CA VAL D 391 5.32 -23.36 51.98
C VAL D 391 5.13 -24.63 51.15
N ILE D 392 3.91 -25.16 51.18
CA ILE D 392 3.59 -26.42 50.52
C ILE D 392 2.70 -26.15 49.31
N SER D 393 2.67 -27.08 48.38
CA SER D 393 1.85 -26.92 47.19
C SER D 393 1.38 -28.29 46.72
N LEU D 394 0.56 -28.29 45.68
CA LEU D 394 -0.03 -29.51 45.15
C LEU D 394 0.69 -29.91 43.87
N LYS D 395 1.27 -31.10 43.87
CA LYS D 395 1.75 -31.75 42.67
C LYS D 395 1.07 -33.11 42.59
N GLU D 396 1.40 -33.90 41.56
CA GLU D 396 0.66 -35.14 41.32
C GLU D 396 0.98 -36.24 42.34
N GLU D 397 1.95 -36.01 43.22
CA GLU D 397 2.18 -36.89 44.36
C GLU D 397 1.25 -36.55 45.52
N GLY D 398 0.79 -35.30 45.59
CA GLY D 398 -0.02 -34.83 46.71
C GLY D 398 0.47 -33.48 47.20
N LEU D 399 0.29 -33.20 48.48
CA LEU D 399 0.89 -32.00 49.06
C LEU D 399 2.40 -32.21 49.21
N GLU D 400 3.15 -31.14 49.02
CA GLU D 400 4.60 -31.25 48.93
C GLU D 400 5.29 -29.94 49.26
N LYS D 401 6.27 -29.98 50.17
CA LYS D 401 7.07 -28.81 50.53
C LYS D 401 7.90 -28.33 49.35
N ILE D 402 7.74 -27.06 48.97
CA ILE D 402 8.52 -26.51 47.87
C ILE D 402 9.32 -25.30 48.35
N GLY D 403 9.55 -25.20 49.65
CA GLY D 403 10.37 -24.13 50.16
C GLY D 403 10.20 -23.91 51.65
N THR D 404 10.64 -22.74 52.12
CA THR D 404 10.56 -22.37 53.53
C THR D 404 10.53 -20.85 53.66
N TRP D 405 9.60 -20.31 54.42
CA TRP D 405 9.54 -18.88 54.68
C TRP D 405 10.02 -18.61 56.09
N ASP D 406 10.60 -17.43 56.29
CA ASP D 406 11.02 -16.95 57.60
C ASP D 406 10.88 -15.44 57.62
N PRO D 407 10.51 -14.81 58.74
CA PRO D 407 10.40 -13.35 58.76
C PRO D 407 11.73 -12.64 58.63
N ALA D 408 12.76 -13.15 59.32
CA ALA D 408 14.09 -12.55 59.27
C ALA D 408 14.70 -12.73 57.89
N SER D 409 14.45 -13.88 57.27
CA SER D 409 14.83 -14.11 55.88
C SER D 409 13.71 -13.63 54.96
N GLY D 410 13.78 -14.05 53.70
CA GLY D 410 12.64 -13.93 52.80
C GLY D 410 12.10 -15.31 52.50
N LEU D 411 11.55 -15.48 51.31
CA LEU D 411 11.26 -16.82 50.81
C LEU D 411 12.58 -17.53 50.51
N ASN D 412 12.74 -18.73 51.06
CA ASN D 412 13.85 -19.59 50.66
C ASN D 412 13.35 -20.62 49.65
N MET D 413 12.50 -20.16 48.73
CA MET D 413 12.03 -20.99 47.63
C MET D 413 13.08 -21.06 46.53
N THR D 414 12.67 -21.49 45.33
CA THR D 414 13.53 -22.10 44.31
C THR D 414 14.20 -23.27 45.02
N GLU D 415 13.36 -24.13 45.60
CA GLU D 415 13.79 -25.34 46.28
C GLU D 415 13.84 -26.49 45.28
N SER D 416 12.72 -26.68 44.59
CA SER D 416 12.47 -27.87 43.81
C SER D 416 12.55 -27.43 42.37
N GLN D 417 12.49 -26.11 42.20
CA GLN D 417 13.01 -25.48 41.01
C GLN D 417 14.51 -25.72 40.98
N LYS D 418 14.93 -26.68 40.15
CA LYS D 418 16.30 -27.17 40.15
C LYS D 418 16.86 -27.02 38.75
N GLY D 419 16.01 -27.20 37.75
CA GLY D 419 16.40 -26.94 36.38
C GLY D 419 16.41 -25.46 36.09
N LYS D 420 15.50 -24.73 36.78
CA LYS D 420 15.24 -23.30 36.64
C LYS D 420 14.99 -22.91 35.19
N PRO D 421 13.84 -23.25 34.58
CA PRO D 421 13.66 -22.88 33.17
C PRO D 421 13.38 -21.40 33.01
N ALA D 422 14.45 -20.67 32.70
CA ALA D 422 14.45 -19.22 32.51
C ALA D 422 15.76 -18.82 31.85
N ASN D 423 15.70 -18.29 30.64
CA ASN D 423 16.91 -17.85 29.95
C ASN D 423 16.77 -16.39 29.56
N ILE D 424 17.90 -15.68 29.65
CA ILE D 424 17.93 -14.27 29.29
C ILE D 424 18.64 -14.09 27.96
N THR D 425 18.45 -12.93 27.35
CA THR D 425 19.10 -12.54 26.11
C THR D 425 19.04 -11.02 26.03
N ASP D 426 19.76 -10.47 25.06
CA ASP D 426 19.57 -9.06 24.71
C ASP D 426 18.18 -8.90 24.09
N SER D 427 17.42 -7.96 24.65
CA SER D 427 15.98 -7.80 24.40
C SER D 427 15.66 -7.47 22.94
N LEU D 428 16.24 -6.39 22.44
CA LEU D 428 16.11 -6.00 21.05
C LEU D 428 17.45 -6.06 20.33
N SER D 429 18.46 -6.62 21.01
CA SER D 429 19.88 -6.32 20.81
C SER D 429 20.02 -4.80 20.84
N ASN D 430 19.77 -4.22 22.01
CA ASN D 430 19.78 -2.77 22.25
C ASN D 430 21.15 -2.13 22.13
N ARG D 431 22.18 -2.91 21.86
CA ARG D 431 23.50 -2.39 21.51
C ARG D 431 23.41 -1.51 20.29
N SER D 432 23.66 -0.21 20.48
CA SER D 432 23.33 0.81 19.51
C SER D 432 24.41 1.03 18.46
N LEU D 433 24.93 -0.07 17.90
CA LEU D 433 25.59 -0.17 16.59
C LEU D 433 26.62 0.92 16.31
N ILE D 434 27.76 0.83 16.98
CA ILE D 434 28.83 1.82 16.91
C ILE D 434 29.31 1.94 15.46
N VAL D 435 29.04 3.08 14.84
CA VAL D 435 29.37 3.32 13.44
C VAL D 435 30.68 4.08 13.39
N THR D 436 31.68 3.51 12.74
CA THR D 436 32.95 4.19 12.55
C THR D 436 33.00 4.87 11.20
N THR D 437 33.14 6.18 11.23
CA THR D 437 33.23 6.98 10.02
C THR D 437 34.41 7.94 10.17
N ILE D 438 34.59 8.78 9.16
CA ILE D 438 35.75 9.66 9.08
C ILE D 438 35.31 10.98 8.45
N LEU D 439 35.94 12.07 8.86
CA LEU D 439 35.51 13.39 8.41
C LEU D 439 36.09 13.71 7.05
N GLU D 440 35.22 13.81 6.04
CA GLU D 440 35.57 14.19 4.68
C GLU D 440 34.41 14.96 4.06
N GLU D 441 34.75 16.04 3.37
CA GLU D 441 33.74 16.80 2.67
C GLU D 441 33.41 16.13 1.34
N PRO D 442 32.13 16.12 0.93
CA PRO D 442 30.96 16.57 1.66
C PRO D 442 30.25 15.42 2.35
N TYR D 443 31.01 14.35 2.60
CA TYR D 443 30.41 13.12 3.09
C TYR D 443 30.06 13.20 4.56
N VAL D 444 31.07 13.38 5.41
CA VAL D 444 30.89 13.55 6.85
C VAL D 444 31.68 14.76 7.28
N LEU D 445 31.01 15.73 7.91
CA LEU D 445 31.67 16.95 8.36
C LEU D 445 30.91 17.50 9.55
N PHE D 446 31.61 18.30 10.36
CA PHE D 446 31.00 18.83 11.57
C PHE D 446 29.96 19.90 11.24
N LYS D 447 28.94 19.99 12.08
CA LYS D 447 27.83 20.90 11.85
C LYS D 447 28.18 22.28 12.42
N LYS D 448 27.93 23.31 11.63
CA LYS D 448 28.18 24.69 12.06
C LYS D 448 26.95 25.21 12.81
N SER D 449 27.18 25.67 14.03
CA SER D 449 26.09 26.18 14.87
C SER D 449 26.68 27.21 15.82
N ASP D 450 25.81 28.10 16.30
CA ASP D 450 26.22 29.08 17.31
C ASP D 450 26.50 28.42 18.64
N LYS D 451 25.69 27.45 19.02
CA LYS D 451 25.95 26.66 20.22
C LYS D 451 26.68 25.37 19.84
N PRO D 452 27.77 25.03 20.53
CA PRO D 452 28.45 23.77 20.24
C PRO D 452 27.63 22.56 20.66
N LEU D 453 27.45 21.64 19.72
CA LEU D 453 26.58 20.49 19.92
C LEU D 453 27.37 19.33 20.49
N TYR D 454 26.65 18.31 20.98
CA TYR D 454 27.25 17.18 21.66
C TYR D 454 26.51 15.91 21.27
N GLY D 455 27.24 14.95 20.71
CA GLY D 455 26.66 13.67 20.35
C GLY D 455 26.60 13.49 18.84
N ASN D 456 25.53 12.85 18.37
CA ASN D 456 25.35 12.59 16.95
C ASN D 456 24.95 13.83 16.18
N ASP D 457 24.46 14.88 16.85
CA ASP D 457 24.07 16.10 16.17
C ASP D 457 25.27 16.93 15.72
N ARG D 458 26.47 16.57 16.18
CA ARG D 458 27.71 17.20 15.72
C ARG D 458 27.94 17.00 14.23
N PHE D 459 27.52 15.86 13.69
CA PHE D 459 27.90 15.43 12.35
C PHE D 459 26.79 15.72 11.35
N GLU D 460 27.21 16.15 10.16
CA GLU D 460 26.28 16.34 9.05
C GLU D 460 27.02 15.98 7.77
N GLY D 461 26.28 15.97 6.67
CA GLY D 461 26.86 15.66 5.39
C GLY D 461 26.02 14.63 4.66
N TYR D 462 26.69 13.91 3.76
CA TYR D 462 25.99 12.90 2.97
C TYR D 462 25.76 11.63 3.77
N CYS D 463 26.84 11.04 4.30
CA CYS D 463 26.80 9.67 4.79
C CYS D 463 25.99 9.51 6.07
N ILE D 464 25.96 10.51 6.94
CA ILE D 464 25.08 10.40 8.09
C ILE D 464 23.63 10.68 7.67
N ASP D 465 23.42 11.49 6.63
CA ASP D 465 22.07 11.65 6.11
C ASP D 465 21.63 10.42 5.35
N LEU D 466 22.58 9.65 4.82
CA LEU D 466 22.28 8.29 4.39
C LEU D 466 21.93 7.40 5.57
N LEU D 467 22.70 7.51 6.65
CA LEU D 467 22.53 6.61 7.78
C LEU D 467 21.25 6.90 8.56
N ARG D 468 20.75 8.13 8.53
CA ARG D 468 19.43 8.40 9.08
C ARG D 468 18.34 7.74 8.25
N GLU D 469 18.57 7.58 6.95
CA GLU D 469 17.61 6.84 6.15
C GLU D 469 17.74 5.34 6.36
N LEU D 470 18.95 4.84 6.60
CA LEU D 470 19.11 3.42 6.90
C LEU D 470 18.52 3.08 8.26
N SER D 471 18.64 4.01 9.22
CA SER D 471 18.07 3.78 10.54
CA SER D 471 18.06 3.77 10.53
C SER D 471 16.55 3.86 10.52
N THR D 472 15.98 4.63 9.59
CA THR D 472 14.53 4.71 9.49
C THR D 472 13.96 3.41 8.90
N ILE D 473 14.64 2.84 7.91
CA ILE D 473 14.15 1.64 7.25
C ILE D 473 14.33 0.43 8.15
N LEU D 474 15.57 0.16 8.57
CA LEU D 474 15.84 -1.07 9.31
C LEU D 474 15.43 -0.96 10.77
N GLY D 475 15.25 0.26 11.28
CA GLY D 475 14.78 0.44 12.64
C GLY D 475 15.81 0.09 13.69
N PHE D 476 16.94 0.78 13.67
CA PHE D 476 17.98 0.59 14.68
C PHE D 476 18.43 1.94 15.20
N THR D 477 19.13 1.91 16.33
CA THR D 477 19.77 3.09 16.89
C THR D 477 21.27 3.01 16.63
N TYR D 478 21.86 4.17 16.32
CA TYR D 478 23.27 4.22 15.96
C TYR D 478 23.98 5.26 16.81
N GLU D 479 25.25 5.01 17.09
CA GLU D 479 26.09 5.99 17.78
C GLU D 479 27.30 6.25 16.89
N ILE D 480 27.42 7.48 16.39
CA ILE D 480 28.55 7.84 15.55
C ILE D 480 29.81 7.92 16.40
N ARG D 481 30.84 7.20 15.99
CA ARG D 481 32.13 7.24 16.67
C ARG D 481 33.23 7.34 15.62
N LEU D 482 33.77 8.54 15.45
CA LEU D 482 34.73 8.82 14.39
C LEU D 482 36.03 8.06 14.66
N VAL D 483 36.75 7.74 13.57
CA VAL D 483 37.86 6.81 13.64
C VAL D 483 39.05 7.45 14.37
N GLU D 484 39.76 6.64 15.14
CA GLU D 484 40.84 7.14 15.98
C GLU D 484 42.07 7.49 15.14
N ASP D 485 42.59 6.54 14.39
CA ASP D 485 43.85 6.70 13.67
C ASP D 485 43.71 7.38 12.31
N GLY D 486 42.56 7.98 12.03
CA GLY D 486 42.40 8.95 10.95
C GLY D 486 42.61 8.48 9.53
N LYS D 487 42.75 7.18 9.30
CA LYS D 487 42.96 6.65 7.97
C LYS D 487 41.72 5.89 7.52
N TYR D 488 41.77 5.34 6.31
CA TYR D 488 40.67 4.47 5.89
C TYR D 488 41.02 3.01 6.14
N GLY D 489 42.07 2.54 5.48
CA GLY D 489 42.53 1.19 5.67
C GLY D 489 43.59 0.78 4.69
N ALA D 490 44.65 0.16 5.20
CA ALA D 490 45.76 -0.32 4.38
C ALA D 490 46.51 -1.39 5.16
N GLN D 491 46.97 -2.40 4.45
CA GLN D 491 47.68 -3.51 5.10
C GLN D 491 49.17 -3.24 5.03
N ASP D 492 49.77 -2.94 6.18
CA ASP D 492 51.21 -2.73 6.23
C ASP D 492 51.97 -4.05 6.09
N ASP D 493 52.34 -4.37 4.85
CA ASP D 493 52.74 -5.68 4.35
C ASP D 493 53.72 -6.49 5.20
N VAL D 494 54.63 -5.81 5.89
CA VAL D 494 55.67 -6.48 6.68
C VAL D 494 55.05 -7.13 7.90
N ASN D 495 54.42 -6.31 8.75
CA ASN D 495 53.82 -6.77 10.00
C ASN D 495 52.32 -6.98 9.89
N GLY D 496 51.86 -7.57 8.78
CA GLY D 496 50.58 -7.29 8.14
C GLY D 496 49.35 -7.20 9.01
N GLN D 497 48.86 -5.97 9.18
CA GLN D 497 47.67 -5.65 9.94
C GLN D 497 46.99 -4.47 9.25
N TRP D 498 45.72 -4.27 9.55
CA TRP D 498 45.00 -3.18 8.94
C TRP D 498 44.98 -1.98 9.87
N ASN D 499 44.61 -0.83 9.32
CA ASN D 499 44.51 0.41 10.05
C ASN D 499 43.23 1.12 9.64
N GLY D 500 43.03 2.31 10.18
CA GLY D 500 41.91 3.12 9.75
C GLY D 500 40.57 2.57 10.21
N MET D 501 39.62 2.54 9.27
CA MET D 501 38.30 2.00 9.56
C MET D 501 38.23 0.51 9.35
N VAL D 502 39.13 -0.05 8.53
CA VAL D 502 39.16 -1.48 8.30
C VAL D 502 39.55 -2.22 9.57
N ARG D 503 40.50 -1.66 10.33
CA ARG D 503 40.87 -2.24 11.61
C ARG D 503 39.77 -2.08 12.64
N GLU D 504 38.95 -1.04 12.53
CA GLU D 504 37.80 -0.87 13.41
C GLU D 504 36.74 -1.94 13.17
N LEU D 505 36.67 -2.48 11.95
CA LEU D 505 35.68 -3.51 11.62
C LEU D 505 36.15 -4.90 11.99
N ILE D 506 37.43 -5.20 11.77
CA ILE D 506 37.94 -6.54 12.03
C ILE D 506 38.00 -6.81 13.53
N ASP D 507 38.36 -5.80 14.32
CA ASP D 507 38.43 -5.93 15.77
C ASP D 507 37.07 -5.80 16.43
N HIS D 508 36.00 -5.62 15.65
CA HIS D 508 34.61 -5.50 16.11
C HIS D 508 34.40 -4.32 17.05
N LYS D 509 35.28 -3.32 16.99
CA LYS D 509 35.01 -2.07 17.70
C LYS D 509 33.88 -1.32 17.04
N ALA D 510 33.80 -1.40 15.72
CA ALA D 510 32.70 -0.86 14.94
C ALA D 510 31.67 -1.95 14.69
N ASP D 511 30.54 -1.53 14.12
CA ASP D 511 29.59 -2.46 13.55
C ASP D 511 29.30 -2.09 12.11
N LEU D 512 29.40 -0.81 11.78
CA LEU D 512 29.22 -0.32 10.42
C LEU D 512 30.43 0.52 10.04
N ALA D 513 30.48 0.90 8.77
CA ALA D 513 31.54 1.74 8.25
C ALA D 513 30.97 2.76 7.27
N VAL D 514 29.89 3.43 7.67
CA VAL D 514 29.15 4.31 6.75
C VAL D 514 30.00 5.54 6.50
N ALA D 515 30.71 5.54 5.37
CA ALA D 515 31.84 6.41 5.11
C ALA D 515 32.28 6.21 3.66
N PRO D 516 33.14 7.08 3.09
CA PRO D 516 33.70 6.80 1.78
C PRO D 516 34.69 5.65 1.77
N LEU D 517 34.22 4.42 1.99
CA LEU D 517 35.09 3.26 2.03
C LEU D 517 34.92 2.49 0.73
N ALA D 518 35.87 2.66 -0.18
CA ALA D 518 35.73 2.12 -1.53
C ALA D 518 35.94 0.60 -1.52
N ILE D 519 35.08 -0.09 -2.27
CA ILE D 519 35.12 -1.54 -2.38
C ILE D 519 36.27 -1.92 -3.30
N THR D 520 37.31 -2.52 -2.75
CA THR D 520 38.42 -3.00 -3.54
C THR D 520 38.60 -4.49 -3.32
N TYR D 521 39.60 -5.04 -4.00
CA TYR D 521 39.88 -6.47 -3.93
C TYR D 521 40.40 -6.88 -2.56
N VAL D 522 41.45 -6.21 -2.09
CA VAL D 522 42.12 -6.65 -0.88
C VAL D 522 41.34 -6.30 0.39
N ARG D 523 40.36 -5.41 0.30
CA ARG D 523 39.55 -5.11 1.47
C ARG D 523 38.42 -6.10 1.66
N GLU D 524 37.83 -6.58 0.56
CA GLU D 524 36.60 -7.36 0.68
C GLU D 524 36.90 -8.80 1.10
N LYS D 525 38.18 -9.19 1.14
CA LYS D 525 38.53 -10.47 1.72
C LYS D 525 38.35 -10.49 3.23
N VAL D 526 38.67 -9.39 3.91
CA VAL D 526 38.75 -9.39 5.37
C VAL D 526 37.53 -8.75 6.01
N ILE D 527 36.82 -7.90 5.28
CA ILE D 527 35.54 -7.37 5.74
C ILE D 527 34.49 -7.65 4.68
N ASP D 528 33.23 -7.42 5.02
CA ASP D 528 32.13 -7.68 4.12
C ASP D 528 31.45 -6.36 3.78
N PHE D 529 31.66 -5.89 2.56
CA PHE D 529 30.98 -4.69 2.12
C PHE D 529 29.53 -4.97 1.81
N SER D 530 28.72 -3.93 1.85
CA SER D 530 27.38 -3.99 1.30
C SER D 530 27.46 -3.78 -0.21
N LYS D 531 26.32 -3.52 -0.82
CA LYS D 531 26.27 -3.36 -2.26
C LYS D 531 26.15 -1.87 -2.55
N PRO D 532 26.93 -1.34 -3.51
CA PRO D 532 27.33 0.09 -3.45
C PRO D 532 26.18 1.08 -3.55
N PHE D 533 26.37 2.20 -2.87
CA PHE D 533 25.41 3.31 -2.93
C PHE D 533 25.91 4.48 -3.75
N MET D 534 27.10 4.39 -4.33
CA MET D 534 27.64 5.45 -5.17
C MET D 534 28.74 4.86 -6.04
N THR D 535 28.77 5.28 -7.30
CA THR D 535 29.72 4.77 -8.30
C THR D 535 30.93 5.69 -8.33
N LEU D 536 32.11 5.10 -8.44
CA LEU D 536 33.36 5.84 -8.34
C LEU D 536 34.19 5.76 -9.62
N GLY D 537 35.39 6.30 -9.54
CA GLY D 537 36.43 6.15 -10.53
C GLY D 537 37.63 6.98 -10.13
N ILE D 538 38.83 6.43 -10.28
CA ILE D 538 40.03 7.21 -10.03
C ILE D 538 40.25 8.16 -11.20
N SER D 539 40.50 9.43 -10.90
CA SER D 539 40.71 10.41 -11.94
C SER D 539 41.73 11.43 -11.48
N ILE D 540 42.01 12.40 -12.33
CA ILE D 540 43.10 13.35 -12.14
C ILE D 540 42.51 14.72 -11.87
N LEU D 541 42.89 15.33 -10.76
CA LEU D 541 42.48 16.68 -10.41
C LEU D 541 43.62 17.63 -10.72
N TYR D 542 43.31 18.73 -11.42
CA TYR D 542 44.35 19.63 -11.90
C TYR D 542 43.71 20.99 -12.19
N ARG D 543 44.54 22.03 -12.19
CA ARG D 543 44.06 23.39 -12.38
C ARG D 543 43.59 23.62 -13.81
N LYS D 544 42.56 24.44 -13.95
CA LYS D 544 42.19 24.93 -15.27
C LYS D 544 43.24 25.93 -15.74
N PRO D 545 43.74 25.79 -16.97
CA PRO D 545 44.69 26.76 -17.51
C PRO D 545 44.00 28.10 -17.75
N ASN D 546 44.73 29.18 -17.50
CA ASN D 546 44.13 30.51 -17.46
C ASN D 546 44.42 31.28 -18.73
N GLY D 547 45.68 31.25 -19.17
CA GLY D 547 46.05 31.91 -20.41
C GLY D 547 45.43 31.22 -21.61
N THR D 548 45.37 31.98 -22.70
CA THR D 548 44.68 31.52 -23.89
C THR D 548 45.66 31.02 -24.93
N ASN D 549 45.21 30.08 -25.74
CA ASN D 549 45.78 29.87 -27.07
C ASN D 549 45.62 31.20 -27.79
N PRO D 550 46.70 31.86 -28.21
CA PRO D 550 46.56 33.20 -28.81
C PRO D 550 45.78 33.20 -30.11
N GLY D 551 46.17 32.35 -31.06
CA GLY D 551 45.60 32.44 -32.38
C GLY D 551 46.02 33.76 -32.97
N VAL D 552 47.31 33.87 -33.32
CA VAL D 552 47.87 35.16 -33.71
C VAL D 552 47.25 35.65 -35.02
N PHE D 553 46.83 34.75 -35.90
CA PHE D 553 45.97 35.14 -37.02
C PHE D 553 44.52 35.13 -36.59
N SER D 554 43.95 33.94 -36.38
CA SER D 554 42.57 33.69 -35.96
C SER D 554 41.49 34.33 -36.83
N PHE D 555 41.84 34.86 -38.00
CA PHE D 555 40.87 35.46 -38.90
C PHE D 555 40.69 34.69 -40.18
N LEU D 556 41.57 33.71 -40.45
CA LEU D 556 41.36 32.80 -41.57
C LEU D 556 40.29 31.77 -41.25
N ASN D 557 39.90 31.68 -39.99
CA ASN D 557 38.96 30.66 -39.53
C ASN D 557 37.56 30.67 -40.15
N PRO D 558 36.88 31.79 -40.44
CA PRO D 558 35.49 31.68 -40.96
C PRO D 558 35.34 31.08 -42.34
N LEU D 559 36.42 30.78 -43.05
CA LEU D 559 36.34 29.97 -44.26
C LEU D 559 37.31 28.81 -44.12
N SER D 560 36.93 27.65 -44.61
CA SER D 560 37.83 26.52 -44.61
C SER D 560 38.99 26.78 -45.58
N PRO D 561 40.17 26.21 -45.34
CA PRO D 561 41.30 26.44 -46.24
C PRO D 561 41.12 25.86 -47.64
N ASP D 562 40.11 25.02 -47.86
CA ASP D 562 39.71 24.73 -49.23
C ASP D 562 39.15 25.98 -49.91
N ILE D 563 38.32 26.73 -49.20
CA ILE D 563 37.71 27.92 -49.77
C ILE D 563 38.75 29.02 -49.98
N TRP D 564 39.74 29.11 -49.07
CA TRP D 564 40.75 30.16 -49.16
C TRP D 564 41.65 30.00 -50.37
N MET D 565 41.99 28.76 -50.75
CA MET D 565 42.77 28.62 -51.97
C MET D 565 41.93 28.74 -53.22
N TYR D 566 40.63 28.45 -53.14
CA TYR D 566 39.81 28.48 -54.34
C TYR D 566 39.50 29.90 -54.79
N VAL D 567 39.44 30.86 -53.86
CA VAL D 567 39.21 32.24 -54.28
C VAL D 567 40.47 32.82 -54.91
N LEU D 568 41.65 32.30 -54.59
CA LEU D 568 42.83 32.69 -55.35
C LEU D 568 42.81 32.05 -56.73
N LEU D 569 42.55 30.74 -56.82
CA LEU D 569 42.42 30.10 -58.12
C LEU D 569 41.21 30.60 -58.92
N ALA D 570 40.25 31.25 -58.26
CA ALA D 570 39.32 32.09 -59.01
C ALA D 570 39.98 33.40 -59.43
N CYS D 571 40.66 34.09 -58.50
CA CYS D 571 41.25 35.38 -58.82
C CYS D 571 42.45 35.26 -59.74
N LEU D 572 43.25 34.20 -59.59
CA LEU D 572 44.23 33.88 -60.64
C LEU D 572 43.55 33.46 -61.93
N GLY D 573 42.36 32.88 -61.84
CA GLY D 573 41.68 32.38 -63.02
C GLY D 573 40.90 33.44 -63.79
N VAL D 574 40.10 34.24 -63.08
CA VAL D 574 39.27 35.24 -63.73
C VAL D 574 40.14 36.34 -64.34
N SER D 575 41.25 36.68 -63.68
CA SER D 575 42.18 37.66 -64.23
C SER D 575 42.84 37.18 -65.52
N CYS D 576 42.97 35.88 -65.73
CA CYS D 576 43.44 35.40 -67.02
C CYS D 576 42.37 35.52 -68.08
N VAL D 577 41.16 35.04 -67.79
CA VAL D 577 40.11 35.01 -68.81
C VAL D 577 39.57 36.40 -69.10
N LEU D 578 39.72 37.35 -68.17
CA LEU D 578 39.41 38.74 -68.52
C LEU D 578 40.44 39.30 -69.48
N PHE D 579 41.70 38.93 -69.31
CA PHE D 579 42.73 39.38 -70.24
C PHE D 579 42.60 38.72 -71.59
N VAL D 580 42.13 37.48 -71.66
CA VAL D 580 41.94 36.81 -72.93
C VAL D 580 40.83 37.48 -73.73
N ILE D 581 39.73 37.83 -73.06
CA ILE D 581 38.61 38.47 -73.74
C ILE D 581 38.97 39.90 -74.13
N ALA D 582 39.63 40.63 -73.25
CA ALA D 582 39.96 42.03 -73.52
C ALA D 582 41.05 42.18 -74.57
N ARG D 583 41.80 41.12 -74.87
CA ARG D 583 42.67 41.10 -76.04
C ARG D 583 42.03 40.34 -77.19
N PHE D 584 40.71 40.14 -77.16
CA PHE D 584 40.03 39.48 -78.25
C PHE D 584 38.76 40.24 -78.62
N SER D 585 38.23 41.02 -77.69
CA SER D 585 37.00 41.77 -77.92
C SER D 585 37.27 42.94 -78.85
N PRO D 586 36.59 43.05 -79.99
CA PRO D 586 36.83 44.18 -80.89
C PRO D 586 35.98 45.40 -80.54
N TYR D 587 35.86 45.68 -79.24
CA TYR D 587 35.35 46.97 -78.78
C TYR D 587 36.16 47.52 -77.62
N GLU D 588 36.97 46.70 -76.94
CA GLU D 588 37.85 47.20 -75.89
C GLU D 588 38.97 48.06 -76.43
N TRP D 589 39.32 47.91 -77.71
CA TRP D 589 40.38 48.71 -78.29
C TRP D 589 39.84 50.11 -78.49
N TYR D 590 40.05 50.98 -77.50
CA TYR D 590 39.55 52.35 -77.53
C TYR D 590 40.73 53.31 -77.64
N ASN D 591 40.47 54.48 -78.21
CA ASN D 591 41.44 55.56 -78.26
C ASN D 591 41.30 56.46 -77.03
N PRO D 592 42.39 56.81 -76.34
CA PRO D 592 42.27 57.85 -75.30
C PRO D 592 41.88 59.19 -75.88
N HIS D 593 42.81 59.79 -76.65
CA HIS D 593 42.72 60.78 -77.73
C HIS D 593 41.50 61.70 -77.66
N PRO D 594 41.39 62.56 -76.66
CA PRO D 594 40.10 63.22 -76.38
C PRO D 594 39.69 64.30 -77.37
N CYS D 595 40.62 64.98 -78.05
CA CYS D 595 40.29 66.15 -78.87
C CYS D 595 39.40 65.84 -80.07
N ASN D 596 39.93 65.17 -81.09
CA ASN D 596 39.15 64.75 -82.25
C ASN D 596 39.79 63.56 -82.98
N PRO D 597 39.20 62.38 -82.89
CA PRO D 597 39.90 61.12 -83.22
C PRO D 597 40.19 60.99 -84.71
N ASP D 598 41.47 60.88 -85.05
CA ASP D 598 41.86 60.87 -86.45
C ASP D 598 42.03 59.45 -86.98
N SER D 599 43.04 58.74 -86.46
CA SER D 599 43.43 57.38 -86.83
C SER D 599 44.61 56.95 -85.97
N ASP D 600 44.80 55.62 -85.91
CA ASP D 600 46.03 54.96 -85.46
C ASP D 600 46.37 55.25 -84.00
N VAL D 601 45.41 54.99 -83.11
CA VAL D 601 45.57 55.31 -81.70
C VAL D 601 45.31 54.08 -80.81
N VAL D 602 44.24 53.33 -81.08
CA VAL D 602 43.48 52.64 -80.04
C VAL D 602 44.30 51.52 -79.38
N GLU D 603 44.06 51.30 -78.09
CA GLU D 603 44.89 50.43 -77.28
C GLU D 603 44.14 50.02 -76.02
N ASN D 604 44.28 48.75 -75.64
CA ASN D 604 43.64 48.28 -74.42
C ASN D 604 44.39 48.78 -73.20
N ASN D 605 43.64 49.15 -72.18
CA ASN D 605 44.22 49.36 -70.86
C ASN D 605 44.34 48.07 -70.07
N PHE D 606 43.79 46.97 -70.59
CA PHE D 606 43.92 45.67 -69.94
C PHE D 606 45.20 45.01 -70.43
N THR D 607 46.31 45.40 -69.82
CA THR D 607 47.47 44.53 -69.84
C THR D 607 47.26 43.40 -68.84
N LEU D 608 48.14 42.40 -68.91
CA LEU D 608 47.99 41.25 -68.02
C LEU D 608 48.31 41.62 -66.58
N LEU D 609 49.13 42.63 -66.37
CA LEU D 609 49.30 43.19 -65.02
C LEU D 609 48.02 43.88 -64.54
N ASN D 610 47.29 44.50 -65.46
CA ASN D 610 46.09 45.23 -65.08
C ASN D 610 44.93 44.32 -64.72
N SER D 611 44.84 43.15 -65.33
CA SER D 611 43.67 42.30 -65.12
C SER D 611 43.70 41.61 -63.76
N PHE D 612 44.88 41.39 -63.18
CA PHE D 612 44.92 41.02 -61.77
C PHE D 612 44.42 42.15 -60.89
N TRP D 613 44.74 43.38 -61.26
CA TRP D 613 44.40 44.54 -60.47
C TRP D 613 42.91 44.85 -60.49
N PHE D 614 42.21 44.45 -61.55
CA PHE D 614 40.75 44.49 -61.49
C PHE D 614 40.22 43.34 -60.65
N GLY D 615 40.88 42.19 -60.71
CA GLY D 615 40.42 41.04 -59.93
C GLY D 615 40.67 41.21 -58.45
N VAL D 616 41.86 41.69 -58.09
CA VAL D 616 42.15 41.96 -56.68
C VAL D 616 41.40 43.21 -56.23
N GLY D 617 41.26 44.20 -57.12
CA GLY D 617 40.60 45.44 -56.74
C GLY D 617 39.12 45.26 -56.47
N ALA D 618 38.48 44.36 -57.21
CA ALA D 618 37.08 44.05 -56.93
C ALA D 618 36.92 43.15 -55.73
N LEU D 619 37.89 42.26 -55.50
CA LEU D 619 37.80 41.32 -54.39
C LEU D 619 37.93 42.02 -53.04
N MET D 620 38.69 43.11 -52.99
CA MET D 620 38.92 43.82 -51.75
C MET D 620 37.92 44.94 -51.51
N GLN D 621 36.82 44.97 -52.28
CA GLN D 621 35.69 45.89 -52.18
C GLN D 621 36.07 47.35 -52.43
N GLN D 622 37.26 47.64 -52.92
CA GLN D 622 37.71 49.02 -53.04
C GLN D 622 37.52 49.61 -54.43
N GLY D 623 37.50 48.79 -55.47
CA GLY D 623 37.32 49.30 -56.81
C GLY D 623 38.59 49.88 -57.41
N SER D 624 38.72 49.81 -58.72
CA SER D 624 39.92 50.22 -59.41
C SER D 624 39.66 51.43 -60.30
N GLU D 625 40.76 52.01 -60.80
CA GLU D 625 40.66 52.96 -61.90
C GLU D 625 40.22 52.27 -63.18
N LEU D 626 40.44 50.96 -63.29
CA LEU D 626 39.96 50.22 -64.43
C LEU D 626 38.46 50.06 -64.35
N MET D 627 37.80 50.20 -65.48
CA MET D 627 36.40 49.84 -65.58
C MET D 627 36.20 49.39 -67.01
N PRO D 628 35.63 48.21 -67.23
CA PRO D 628 35.56 47.68 -68.60
C PRO D 628 34.56 48.42 -69.45
N LYS D 629 34.69 48.22 -70.75
CA LYS D 629 33.72 48.62 -71.75
C LYS D 629 33.24 47.29 -72.33
N ALA D 630 32.53 47.32 -73.47
CA ALA D 630 32.50 46.15 -74.36
C ALA D 630 31.91 44.87 -73.78
N LEU D 631 30.57 44.76 -73.72
CA LEU D 631 29.74 43.88 -72.90
C LEU D 631 30.31 42.52 -72.50
N SER D 632 31.08 41.87 -73.37
CA SER D 632 31.73 40.61 -73.01
C SER D 632 32.68 40.74 -71.83
N THR D 633 33.35 41.89 -71.68
CA THR D 633 34.14 42.12 -70.48
C THR D 633 33.31 42.65 -69.33
N ARG D 634 32.15 43.26 -69.62
CA ARG D 634 31.25 43.69 -68.56
C ARG D 634 30.67 42.50 -67.81
N ILE D 635 30.41 41.40 -68.51
CA ILE D 635 29.83 40.22 -67.89
C ILE D 635 30.84 39.55 -66.96
N VAL D 636 32.11 39.54 -67.35
CA VAL D 636 33.17 39.07 -66.44
C VAL D 636 33.26 39.99 -65.24
N GLY D 637 33.17 41.30 -65.47
CA GLY D 637 33.10 42.24 -64.36
C GLY D 637 31.79 42.13 -63.60
N GLY D 638 30.73 41.71 -64.26
CA GLY D 638 29.47 41.53 -63.57
C GLY D 638 29.48 40.32 -62.66
N ILE D 639 29.97 39.19 -63.16
CA ILE D 639 29.92 37.96 -62.37
C ILE D 639 31.00 37.91 -61.31
N TRP D 640 32.12 38.62 -61.50
CA TRP D 640 33.14 38.63 -60.47
C TRP D 640 32.75 39.54 -59.31
N TRP D 641 31.98 40.60 -59.58
CA TRP D 641 31.45 41.42 -58.51
C TRP D 641 30.44 40.66 -57.67
N PHE D 642 29.54 39.92 -58.30
CA PHE D 642 28.59 39.12 -57.53
C PHE D 642 29.28 37.95 -56.86
N PHE D 643 30.40 37.48 -57.40
CA PHE D 643 31.21 36.51 -56.69
C PHE D 643 31.77 37.11 -55.41
N THR D 644 32.45 38.25 -55.52
CA THR D 644 33.04 38.86 -54.34
C THR D 644 32.03 39.58 -53.49
N LEU D 645 30.78 39.74 -53.95
CA LEU D 645 29.76 40.22 -53.02
C LEU D 645 29.42 39.16 -52.00
N ILE D 646 29.35 37.90 -52.42
CA ILE D 646 28.93 36.83 -51.53
C ILE D 646 30.07 36.39 -50.62
N ILE D 647 31.29 36.35 -51.13
CA ILE D 647 32.43 35.88 -50.34
C ILE D 647 32.73 36.84 -49.20
N ILE D 648 32.65 38.15 -49.46
CA ILE D 648 32.85 39.12 -48.39
C ILE D 648 31.66 39.10 -47.43
N SER D 649 30.45 38.95 -47.95
CA SER D 649 29.27 38.88 -47.09
C SER D 649 29.24 37.63 -46.25
N SER D 650 29.71 36.50 -46.79
CA SER D 650 29.74 35.28 -46.01
C SER D 650 30.88 35.30 -45.00
N TYR D 651 31.96 36.00 -45.30
CA TYR D 651 33.08 36.07 -44.38
C TYR D 651 32.73 36.91 -43.15
N THR D 652 31.95 37.97 -43.32
CA THR D 652 31.55 38.79 -42.19
C THR D 652 30.47 38.14 -41.35
N ALA D 653 29.80 37.10 -41.84
CA ALA D 653 28.72 36.50 -41.08
C ALA D 653 29.25 35.62 -39.95
N ASN D 654 30.19 34.73 -40.25
CA ASN D 654 30.75 33.87 -39.23
C ASN D 654 31.84 34.54 -38.40
N LEU D 655 32.24 35.75 -38.77
CA LEU D 655 33.39 36.38 -38.13
C LEU D 655 33.09 36.79 -36.69
N ALA D 656 31.82 36.95 -36.33
CA ALA D 656 31.47 37.18 -34.94
C ALA D 656 31.69 35.94 -34.08
N ALA D 657 31.60 34.76 -34.68
CA ALA D 657 31.75 33.52 -33.92
C ALA D 657 33.20 33.20 -33.64
N PHE D 658 34.07 33.34 -34.64
CA PHE D 658 35.45 32.91 -34.53
C PHE D 658 36.36 33.90 -33.83
N LEU D 659 35.86 35.06 -33.44
CA LEU D 659 36.66 35.99 -32.64
C LEU D 659 36.42 35.80 -31.15
N THR D 660 36.53 34.56 -30.70
CA THR D 660 36.53 34.23 -29.29
C THR D 660 37.82 33.45 -29.01
N VAL D 661 38.51 33.84 -27.94
CA VAL D 661 39.74 33.15 -27.57
C VAL D 661 39.42 31.76 -27.04
N GLU D 662 40.39 30.86 -27.20
CA GLU D 662 40.35 29.54 -26.58
C GLU D 662 41.47 29.48 -25.56
N ARG D 663 41.12 29.08 -24.34
CA ARG D 663 42.14 28.89 -23.31
C ARG D 663 43.01 27.68 -23.66
N MET D 664 44.20 27.66 -23.06
CA MET D 664 45.20 26.66 -23.39
C MET D 664 44.74 25.28 -22.97
N GLU D 665 44.88 24.32 -23.89
CA GLU D 665 44.64 22.92 -23.57
C GLU D 665 45.68 22.48 -22.55
N SER D 666 45.24 21.70 -21.57
CA SER D 666 46.13 21.23 -20.53
C SER D 666 47.16 20.28 -21.12
N PRO D 667 48.41 20.32 -20.65
CA PRO D 667 49.45 19.44 -21.21
C PRO D 667 49.22 17.97 -20.93
N ILE D 668 48.36 17.63 -19.97
CA ILE D 668 47.89 16.28 -19.76
C ILE D 668 46.45 16.22 -20.23
N ASP D 669 46.06 15.08 -20.78
CA ASP D 669 44.68 14.83 -21.15
C ASP D 669 44.22 13.46 -20.72
N SER D 670 45.13 12.56 -20.38
CA SER D 670 44.76 11.24 -19.89
C SER D 670 45.89 10.73 -19.01
N ALA D 671 45.81 9.46 -18.64
CA ALA D 671 46.86 8.83 -17.86
C ALA D 671 48.13 8.65 -18.68
N ASP D 672 48.02 8.49 -20.00
CA ASP D 672 49.18 8.30 -20.84
C ASP D 672 50.03 9.57 -20.92
N ASP D 673 49.38 10.73 -20.99
CA ASP D 673 50.12 11.99 -21.00
C ASP D 673 50.73 12.29 -19.65
N LEU D 674 50.01 11.97 -18.58
CA LEU D 674 50.47 12.29 -17.24
C LEU D 674 51.58 11.37 -16.77
N ALA D 675 51.65 10.15 -17.33
CA ALA D 675 52.74 9.25 -16.97
C ALA D 675 54.03 9.60 -17.71
N LYS D 676 53.91 10.09 -18.94
CA LYS D 676 55.06 10.35 -19.79
C LYS D 676 55.57 11.78 -19.65
N GLN D 677 55.79 12.24 -18.43
CA GLN D 677 56.31 13.57 -18.15
C GLN D 677 56.85 13.59 -16.72
N THR D 678 57.79 14.49 -16.46
CA THR D 678 58.29 14.73 -15.12
C THR D 678 58.15 16.18 -14.69
N LYS D 679 57.47 17.00 -15.51
CA LYS D 679 57.30 18.40 -15.16
C LYS D 679 56.27 18.57 -14.04
N ILE D 680 55.17 17.83 -14.12
CA ILE D 680 54.09 17.93 -13.13
C ILE D 680 54.24 16.76 -12.16
N GLU D 681 54.45 17.08 -10.89
CA GLU D 681 54.43 16.04 -9.86
C GLU D 681 53.02 15.54 -9.66
N TYR D 682 52.90 14.26 -9.29
CA TYR D 682 51.59 13.66 -9.11
C TYR D 682 51.64 12.56 -8.06
N GLY D 683 50.60 12.52 -7.24
CA GLY D 683 50.46 11.50 -6.24
C GLY D 683 49.00 11.30 -5.87
N ALA D 684 48.77 10.75 -4.68
CA ALA D 684 47.43 10.46 -4.20
C ALA D 684 47.48 10.45 -2.68
N VAL D 685 46.33 10.16 -2.06
CA VAL D 685 46.27 10.03 -0.61
C VAL D 685 46.94 8.73 -0.22
N GLU D 686 47.91 8.81 0.69
CA GLU D 686 48.56 7.62 1.18
C GLU D 686 47.62 6.84 2.09
N ASP D 687 47.80 5.52 2.12
CA ASP D 687 46.92 4.55 2.76
C ASP D 687 45.48 4.71 2.28
N GLY D 688 45.34 4.73 0.96
CA GLY D 688 44.03 4.81 0.34
C GLY D 688 43.93 3.78 -0.77
N ALA D 689 42.79 3.77 -1.46
CA ALA D 689 42.59 2.81 -2.52
C ALA D 689 43.40 3.14 -3.77
N THR D 690 43.63 4.44 -4.05
CA THR D 690 44.36 4.83 -5.25
C THR D 690 45.84 4.47 -5.13
N MET D 691 46.43 4.69 -3.96
CA MET D 691 47.76 4.19 -3.69
C MET D 691 47.81 2.68 -3.77
N THR D 692 46.78 2.01 -3.26
CA THR D 692 46.71 0.55 -3.34
C THR D 692 46.46 0.09 -4.76
N PHE D 693 45.79 0.91 -5.57
CA PHE D 693 45.51 0.55 -6.96
C PHE D 693 46.79 0.50 -7.78
N PHE D 694 47.61 1.54 -7.72
CA PHE D 694 48.82 1.55 -8.52
C PHE D 694 49.89 0.63 -7.96
N LYS D 695 49.83 0.33 -6.66
CA LYS D 695 50.80 -0.57 -6.05
C LYS D 695 50.66 -1.99 -6.57
N LYS D 696 49.43 -2.45 -6.76
CA LYS D 696 49.16 -3.79 -7.24
C LYS D 696 48.68 -3.79 -8.68
N SER D 697 48.99 -2.74 -9.43
CA SER D 697 48.63 -2.69 -10.84
C SER D 697 49.69 -3.40 -11.68
N LYS D 698 49.23 -3.97 -12.78
CA LYS D 698 50.13 -4.61 -13.75
C LYS D 698 49.99 -3.99 -15.13
N ILE D 699 49.21 -2.92 -15.26
CA ILE D 699 49.16 -2.17 -16.50
C ILE D 699 50.47 -1.41 -16.66
N SER D 700 51.03 -1.43 -17.89
CA SER D 700 52.34 -0.87 -18.15
C SER D 700 52.37 0.65 -17.96
N THR D 701 51.26 1.33 -18.29
CA THR D 701 51.17 2.76 -18.01
C THR D 701 51.09 3.02 -16.51
N TYR D 702 50.28 2.24 -15.81
CA TYR D 702 50.00 2.51 -14.40
C TYR D 702 51.14 2.05 -13.50
N ASP D 703 51.94 1.10 -13.97
CA ASP D 703 53.13 0.70 -13.22
C ASP D 703 54.20 1.78 -13.28
N LYS D 704 54.22 2.57 -14.37
CA LYS D 704 55.14 3.71 -14.45
C LYS D 704 54.83 4.76 -13.41
N MET D 705 53.54 4.97 -13.12
CA MET D 705 53.16 5.93 -12.10
C MET D 705 53.57 5.48 -10.71
N TRP D 706 53.40 4.21 -10.38
CA TRP D 706 53.86 3.73 -9.08
C TRP D 706 55.38 3.61 -9.02
N ALA D 707 56.04 3.39 -10.17
CA ALA D 707 57.48 3.53 -10.22
C ALA D 707 57.91 4.97 -9.96
N PHE D 708 57.10 5.93 -10.39
CA PHE D 708 57.34 7.33 -10.06
C PHE D 708 57.04 7.60 -8.60
N MET D 709 55.83 7.24 -8.13
CA MET D 709 55.36 7.62 -6.80
C MET D 709 56.15 6.98 -5.67
N SER D 710 56.70 5.79 -5.88
CA SER D 710 57.41 5.11 -4.79
C SER D 710 58.75 5.76 -4.49
N SER D 711 59.34 6.43 -5.47
CA SER D 711 60.66 7.04 -5.27
C SER D 711 60.56 8.28 -4.38
N ARG D 712 59.82 9.28 -4.83
CA ARG D 712 59.60 10.49 -4.03
C ARG D 712 58.30 10.40 -3.23
N ARG D 713 58.22 9.30 -2.46
CA ARG D 713 57.01 8.94 -1.71
C ARG D 713 56.69 9.94 -0.61
N GLN D 714 57.71 10.54 0.00
CA GLN D 714 57.50 11.57 1.01
C GLN D 714 56.89 12.84 0.44
N SER D 715 57.17 13.15 -0.82
CA SER D 715 56.76 14.44 -1.38
C SER D 715 55.39 14.40 -2.04
N VAL D 716 55.12 13.40 -2.89
CA VAL D 716 53.94 13.47 -3.74
C VAL D 716 52.73 12.78 -3.12
N LEU D 717 52.93 11.90 -2.15
CA LEU D 717 51.80 11.23 -1.50
C LEU D 717 51.41 12.02 -0.26
N VAL D 718 50.34 12.80 -0.39
CA VAL D 718 49.82 13.63 0.70
C VAL D 718 49.04 12.77 1.68
N LYS D 719 48.66 13.34 2.82
CA LYS D 719 48.05 12.57 3.88
C LYS D 719 46.53 12.54 3.80
N SER D 720 45.91 13.48 3.10
CA SER D 720 44.46 13.55 3.07
C SER D 720 44.02 14.15 1.73
N ASN D 721 42.70 14.17 1.51
CA ASN D 721 42.17 14.82 0.32
C ASN D 721 42.38 16.32 0.36
N GLU D 722 42.22 16.94 1.54
CA GLU D 722 42.30 18.39 1.65
C GLU D 722 43.73 18.89 1.42
N GLU D 723 44.72 18.12 1.84
CA GLU D 723 46.11 18.43 1.48
C GLU D 723 46.39 18.18 0.01
N GLY D 724 45.67 17.27 -0.63
CA GLY D 724 45.84 17.04 -2.05
C GLY D 724 45.24 18.15 -2.89
N ILE D 725 44.09 18.67 -2.47
CA ILE D 725 43.43 19.76 -3.20
C ILE D 725 44.26 21.03 -3.08
N GLN D 726 44.80 21.30 -1.88
CA GLN D 726 45.53 22.54 -1.63
C GLN D 726 46.84 22.59 -2.39
N ARG D 727 47.53 21.46 -2.54
CA ARG D 727 48.79 21.46 -3.30
C ARG D 727 48.58 21.50 -4.80
N VAL D 728 47.36 21.28 -5.30
CA VAL D 728 47.09 21.59 -6.69
C VAL D 728 46.97 23.10 -6.88
N LEU D 729 46.32 23.76 -5.92
CA LEU D 729 46.21 25.22 -5.95
C LEU D 729 47.57 25.90 -5.77
N THR D 730 48.33 25.49 -4.77
CA THR D 730 49.51 26.24 -4.34
C THR D 730 50.79 25.77 -5.02
N SER D 731 50.67 24.86 -5.99
CA SER D 731 51.86 24.40 -6.72
C SER D 731 51.48 23.86 -8.09
N ASP D 732 52.46 23.26 -8.76
CA ASP D 732 52.25 22.58 -10.04
C ASP D 732 52.13 21.08 -9.77
N TYR D 733 50.89 20.62 -9.63
CA TYR D 733 50.64 19.29 -9.09
C TYR D 733 49.29 18.78 -9.59
N ALA D 734 49.30 17.56 -10.10
CA ALA D 734 48.09 16.86 -10.54
C ALA D 734 47.80 15.79 -9.50
N PHE D 735 46.54 15.66 -9.10
CA PHE D 735 46.23 14.82 -7.95
C PHE D 735 45.29 13.68 -8.37
N LEU D 736 45.65 12.46 -7.95
CA LEU D 736 44.87 11.27 -8.26
C LEU D 736 43.89 11.01 -7.13
N MET D 737 42.61 10.95 -7.45
CA MET D 737 41.57 10.86 -6.43
C MET D 737 40.29 10.31 -7.04
N GLU D 738 39.27 10.20 -6.22
CA GLU D 738 38.00 9.60 -6.61
C GLU D 738 37.21 10.55 -7.50
N SER D 739 36.29 10.00 -8.29
CA SER D 739 35.51 10.82 -9.21
C SER D 739 34.48 11.67 -8.48
N THR D 740 33.82 11.11 -7.47
CA THR D 740 32.72 11.82 -6.82
C THR D 740 33.19 12.96 -5.95
N THR D 741 34.40 12.87 -5.41
CA THR D 741 34.91 13.97 -4.62
C THR D 741 35.39 15.11 -5.51
N ILE D 742 35.83 14.78 -6.73
CA ILE D 742 36.05 15.81 -7.76
C ILE D 742 34.77 16.54 -8.09
N GLU D 743 33.64 15.81 -8.14
CA GLU D 743 32.35 16.41 -8.45
C GLU D 743 31.90 17.43 -7.41
N PHE D 744 32.41 17.35 -6.18
CA PHE D 744 32.11 18.39 -5.21
C PHE D 744 33.07 19.56 -5.32
N VAL D 745 34.34 19.28 -5.66
CA VAL D 745 35.35 20.34 -5.67
C VAL D 745 35.19 21.22 -6.89
N THR D 746 35.00 20.62 -8.06
CA THR D 746 34.87 21.38 -9.29
C THR D 746 33.58 22.19 -9.37
N GLN D 747 32.57 21.84 -8.57
CA GLN D 747 31.41 22.72 -8.44
C GLN D 747 31.64 23.83 -7.43
N ARG D 748 32.78 23.82 -6.74
CA ARG D 748 33.09 24.83 -5.75
C ARG D 748 34.21 25.75 -6.21
N ASN D 749 35.24 25.20 -6.85
CA ASN D 749 36.34 25.98 -7.40
C ASN D 749 36.32 25.87 -8.92
N CYS D 750 36.06 26.98 -9.59
CA CYS D 750 35.95 26.97 -11.05
C CYS D 750 37.27 27.28 -11.74
N ASN D 751 38.40 27.03 -11.08
CA ASN D 751 39.71 27.22 -11.69
C ASN D 751 40.48 25.92 -11.78
N LEU D 752 39.79 24.80 -11.63
CA LEU D 752 40.39 23.53 -11.26
C LEU D 752 39.41 22.41 -11.60
N THR D 753 39.82 21.56 -12.54
CA THR D 753 38.86 20.67 -13.18
C THR D 753 39.39 19.24 -13.23
N GLN D 754 38.51 18.34 -13.64
CA GLN D 754 38.84 16.94 -13.87
C GLN D 754 39.56 16.80 -15.19
N ILE D 755 40.65 16.04 -15.21
CA ILE D 755 41.41 15.80 -16.42
C ILE D 755 41.25 14.34 -16.81
N GLY D 756 40.68 14.10 -17.99
CA GLY D 756 40.56 12.77 -18.53
C GLY D 756 39.39 12.00 -17.96
N GLY D 757 39.21 10.80 -18.51
CA GLY D 757 38.13 9.91 -18.12
C GLY D 757 38.47 9.13 -16.87
N LEU D 758 37.55 8.26 -16.50
CA LEU D 758 37.71 7.44 -15.30
C LEU D 758 38.69 6.33 -15.58
N ILE D 759 39.67 6.17 -14.68
CA ILE D 759 40.66 5.10 -14.82
C ILE D 759 40.00 3.75 -14.57
N ASP D 760 39.36 3.60 -13.41
CA ASP D 760 38.69 2.35 -13.08
C ASP D 760 37.24 2.68 -12.70
N SER D 761 36.55 1.67 -12.17
CA SER D 761 35.23 1.87 -11.60
C SER D 761 35.17 1.14 -10.27
N LYS D 762 34.70 1.83 -9.25
CA LYS D 762 34.63 1.29 -7.90
C LYS D 762 33.30 1.71 -7.30
N GLY D 763 33.16 1.55 -6.00
CA GLY D 763 31.95 1.92 -5.33
C GLY D 763 32.13 2.06 -3.84
N TYR D 764 31.48 3.08 -3.29
CA TYR D 764 31.37 3.26 -1.85
C TYR D 764 30.35 2.26 -1.32
N GLY D 765 30.79 1.36 -0.45
CA GLY D 765 29.91 0.40 0.18
C GLY D 765 29.98 0.51 1.69
N VAL D 766 28.84 0.32 2.33
CA VAL D 766 28.77 0.31 3.78
C VAL D 766 29.49 -0.93 4.30
N GLY D 767 30.63 -0.72 4.93
CA GLY D 767 31.41 -1.85 5.41
C GLY D 767 30.80 -2.47 6.65
N THR D 768 30.84 -3.80 6.70
CA THR D 768 30.41 -4.60 7.83
C THR D 768 31.55 -5.55 8.17
N PRO D 769 31.61 -6.07 9.40
CA PRO D 769 32.64 -7.07 9.73
C PRO D 769 32.44 -8.38 8.98
N MET D 770 33.42 -9.26 9.12
CA MET D 770 33.47 -10.46 8.29
C MET D 770 32.40 -11.45 8.73
N GLY D 771 31.19 -11.29 8.21
CA GLY D 771 30.07 -12.10 8.61
C GLY D 771 29.18 -11.38 9.59
N SER D 772 28.08 -10.82 9.11
CA SER D 772 27.20 -10.03 9.95
C SER D 772 25.76 -10.19 9.49
N PRO D 773 24.79 -10.06 10.40
CA PRO D 773 23.40 -10.04 9.97
C PRO D 773 22.95 -8.72 9.38
N TYR D 774 23.82 -7.71 9.38
CA TYR D 774 23.48 -6.40 8.87
C TYR D 774 23.97 -6.15 7.46
N ARG D 775 24.68 -7.09 6.84
CA ARG D 775 25.08 -6.86 5.45
C ARG D 775 23.89 -6.97 4.51
N ASP D 776 23.11 -8.05 4.65
CA ASP D 776 21.99 -8.26 3.75
C ASP D 776 20.84 -7.31 4.02
N LYS D 777 20.71 -6.82 5.25
CA LYS D 777 19.64 -5.89 5.57
C LYS D 777 19.90 -4.50 5.00
N ILE D 778 21.17 -4.12 4.88
CA ILE D 778 21.50 -2.85 4.26
C ILE D 778 21.49 -2.96 2.74
N THR D 779 21.85 -4.13 2.21
CA THR D 779 21.79 -4.37 0.77
C THR D 779 20.37 -4.25 0.25
N ILE D 780 19.40 -4.78 1.02
CA ILE D 780 17.99 -4.46 0.78
C ILE D 780 17.75 -2.96 0.91
N ALA D 781 18.27 -2.35 1.97
CA ALA D 781 17.94 -0.97 2.28
C ALA D 781 18.57 0.04 1.33
N ILE D 782 19.71 -0.28 0.72
CA ILE D 782 20.29 0.61 -0.28
C ILE D 782 19.51 0.55 -1.58
N LEU D 783 19.10 -0.66 -1.99
CA LEU D 783 18.33 -0.83 -3.22
C LEU D 783 16.94 -0.21 -3.12
N GLN D 784 16.40 -0.13 -1.90
CA GLN D 784 15.11 0.53 -1.73
C GLN D 784 15.24 2.03 -1.94
N LEU D 785 16.37 2.61 -1.56
CA LEU D 785 16.53 4.06 -1.65
C LEU D 785 16.75 4.52 -3.08
N GLN D 786 17.41 3.72 -3.92
CA GLN D 786 17.71 4.21 -5.25
C GLN D 786 16.54 4.07 -6.21
N GLU D 787 15.62 3.14 -5.97
CA GLU D 787 14.41 3.10 -6.79
C GLU D 787 13.43 4.18 -6.36
N GLU D 788 13.54 4.66 -5.12
CA GLU D 788 12.79 5.83 -4.70
C GLU D 788 13.50 7.12 -5.07
N GLY D 789 14.69 7.01 -5.66
CA GLY D 789 15.46 8.16 -6.06
C GLY D 789 16.13 8.90 -4.93
N LYS D 790 16.07 8.38 -3.71
CA LYS D 790 16.56 9.14 -2.56
C LYS D 790 18.08 9.18 -2.51
N LEU D 791 18.77 8.19 -3.08
CA LEU D 791 20.20 8.30 -3.25
C LEU D 791 20.57 9.36 -4.27
N HIS D 792 19.70 9.64 -5.23
CA HIS D 792 19.92 10.75 -6.13
C HIS D 792 19.51 12.08 -5.52
N MET D 793 18.50 12.09 -4.66
CA MET D 793 18.09 13.33 -4.01
C MET D 793 19.11 13.81 -2.99
N MET D 794 19.79 12.87 -2.33
CA MET D 794 20.81 13.25 -1.35
C MET D 794 22.08 13.72 -2.03
N LYS D 795 22.40 13.16 -3.20
CA LYS D 795 23.61 13.57 -3.91
C LYS D 795 23.46 14.97 -4.48
N GLU D 796 22.28 15.30 -5.00
CA GLU D 796 22.02 16.66 -5.48
C GLU D 796 21.99 17.67 -4.35
N LYS D 797 21.70 17.23 -3.13
CA LYS D 797 21.63 18.14 -2.00
C LYS D 797 23.01 18.64 -1.61
N TRP D 798 24.04 17.80 -1.77
CA TRP D 798 25.37 18.15 -1.30
C TRP D 798 26.33 18.54 -2.42
N TRP D 799 26.39 17.77 -3.51
CA TRP D 799 27.30 18.08 -4.60
C TRP D 799 26.91 19.31 -5.42
N ARG D 800 25.66 19.73 -5.41
CA ARG D 800 25.31 20.98 -6.06
C ARG D 800 25.70 22.17 -5.20
N GLY D 801 26.64 22.96 -5.69
CA GLY D 801 27.21 24.06 -4.94
C GLY D 801 26.87 25.41 -5.55
N ASN D 802 27.89 26.09 -6.04
CA ASN D 802 27.73 27.45 -6.54
C ASN D 802 27.22 27.44 -7.98
N GLY D 803 27.14 26.24 -8.57
CA GLY D 803 26.77 26.12 -9.96
C GLY D 803 27.94 26.13 -10.91
N CYS D 804 29.03 26.82 -10.54
CA CYS D 804 30.32 26.89 -11.23
C CYS D 804 30.18 27.30 -12.68
N PRO D 805 30.03 28.61 -12.94
CA PRO D 805 29.61 29.13 -14.26
C PRO D 805 30.54 28.75 -15.39
N GLU D 806 29.98 28.70 -16.59
CA GLU D 806 30.63 28.07 -17.71
C GLU D 806 31.56 29.05 -18.43
N GLU D 807 32.31 28.52 -19.38
CA GLU D 807 33.20 29.33 -20.20
C GLU D 807 32.43 30.10 -21.27
N GLU D 808 31.17 29.74 -21.49
CA GLU D 808 30.29 30.49 -22.37
C GLU D 808 29.54 31.56 -21.57
N SER D 809 30.33 32.51 -21.07
CA SER D 809 29.85 33.67 -20.33
C SER D 809 30.61 34.91 -20.78
N LYS D 810 30.68 35.08 -22.11
CA LYS D 810 31.53 36.08 -22.76
C LYS D 810 31.16 37.50 -22.39
N GLU D 811 29.96 37.95 -22.80
CA GLU D 811 29.26 39.16 -22.38
C GLU D 811 29.89 40.46 -22.91
N ALA D 812 31.13 40.39 -23.37
CA ALA D 812 31.91 41.51 -23.89
C ALA D 812 33.21 40.95 -24.46
N SER D 813 33.60 41.43 -25.63
CA SER D 813 34.92 41.07 -26.17
C SER D 813 35.39 42.24 -27.04
N ALA D 814 36.16 43.13 -26.44
CA ALA D 814 36.85 44.16 -27.21
C ALA D 814 38.02 43.51 -27.91
N LEU D 815 38.09 43.65 -29.24
CA LEU D 815 39.11 42.96 -30.01
C LEU D 815 40.47 43.59 -29.78
N GLY D 816 41.44 42.75 -29.42
CA GLY D 816 42.75 43.24 -29.07
C GLY D 816 43.85 42.66 -29.93
N VAL D 817 45.09 42.81 -29.47
CA VAL D 817 46.24 42.35 -30.21
C VAL D 817 46.32 40.82 -30.24
N GLN D 818 45.73 40.15 -29.27
CA GLN D 818 45.65 38.69 -29.32
C GLN D 818 44.59 38.23 -30.30
N ASN D 819 43.55 39.02 -30.52
CA ASN D 819 42.42 38.58 -31.31
C ASN D 819 42.71 38.66 -32.82
N ILE D 820 42.95 39.86 -33.33
CA ILE D 820 43.19 39.99 -34.77
C ILE D 820 44.66 39.74 -35.11
N GLY D 821 45.58 40.57 -34.63
CA GLY D 821 46.99 40.23 -34.54
C GLY D 821 47.76 40.04 -35.83
N GLY D 822 47.34 39.07 -36.64
CA GLY D 822 48.08 38.61 -37.80
C GLY D 822 47.95 39.48 -39.02
N ILE D 823 46.93 40.34 -39.08
CA ILE D 823 46.87 41.27 -40.20
C ILE D 823 47.95 42.34 -40.09
N PHE D 824 48.41 42.64 -38.87
CA PHE D 824 49.58 43.50 -38.73
C PHE D 824 50.85 42.76 -39.13
N ILE D 825 50.87 41.44 -39.00
CA ILE D 825 52.02 40.67 -39.45
C ILE D 825 52.10 40.67 -40.97
N VAL D 826 50.97 40.44 -41.64
CA VAL D 826 50.99 40.44 -43.10
C VAL D 826 51.03 41.85 -43.67
N LEU D 827 50.67 42.86 -42.88
CA LEU D 827 50.97 44.23 -43.28
C LEU D 827 52.47 44.47 -43.20
N ALA D 828 53.14 43.88 -42.22
CA ALA D 828 54.59 43.96 -42.20
C ALA D 828 55.22 43.03 -43.23
N ALA D 829 54.51 41.99 -43.66
CA ALA D 829 55.07 41.09 -44.66
C ALA D 829 55.00 41.67 -46.07
N GLY D 830 53.86 42.26 -46.43
CA GLY D 830 53.69 42.73 -47.79
C GLY D 830 54.49 43.97 -48.11
N LEU D 831 54.66 44.86 -47.13
CA LEU D 831 55.42 46.09 -47.36
C LEU D 831 56.91 45.82 -47.47
N VAL D 832 57.44 44.89 -46.66
CA VAL D 832 58.82 44.47 -46.84
C VAL D 832 58.98 43.73 -48.16
N LEU D 833 57.96 42.97 -48.57
CA LEU D 833 57.93 42.40 -49.91
C LEU D 833 57.86 43.50 -50.98
N SER D 834 57.17 44.60 -50.69
CA SER D 834 57.04 45.66 -51.68
C SER D 834 58.33 46.46 -51.85
N VAL D 835 59.12 46.61 -50.79
CA VAL D 835 60.41 47.28 -50.93
C VAL D 835 61.37 46.43 -51.75
N PHE D 836 61.23 45.10 -51.66
CA PHE D 836 62.06 44.19 -52.46
C PHE D 836 61.77 44.33 -53.95
N VAL D 837 60.48 44.35 -54.32
CA VAL D 837 60.13 44.47 -55.72
C VAL D 837 60.32 45.90 -56.22
N ALA D 838 60.38 46.88 -55.31
CA ALA D 838 60.66 48.25 -55.73
C ALA D 838 62.10 48.40 -56.17
N VAL D 839 63.02 47.72 -55.49
CA VAL D 839 64.42 47.74 -55.90
C VAL D 839 64.61 46.96 -57.19
N GLY D 840 63.89 45.83 -57.32
CA GLY D 840 64.01 44.99 -58.51
C GLY D 840 63.51 45.67 -59.76
N GLU D 841 62.51 46.55 -59.65
CA GLU D 841 62.13 47.36 -60.80
C GLU D 841 63.09 48.51 -61.03
N PHE D 842 63.69 49.04 -59.95
CA PHE D 842 64.71 50.06 -60.10
C PHE D 842 65.94 49.50 -60.80
N LEU D 843 66.35 48.27 -60.43
CA LEU D 843 67.45 47.60 -61.10
C LEU D 843 67.07 47.13 -62.49
N TYR D 844 65.77 47.06 -62.81
CA TYR D 844 65.35 46.68 -64.14
C TYR D 844 65.44 47.85 -65.11
N LYS D 845 65.12 49.05 -64.65
CA LYS D 845 65.32 50.25 -65.47
C LYS D 845 66.76 50.75 -65.44
N SER D 846 67.59 50.23 -64.54
CA SER D 846 69.02 50.38 -64.71
C SER D 846 69.55 49.38 -65.74
N LYS D 847 68.79 48.32 -66.01
CA LYS D 847 69.23 47.27 -66.91
C LYS D 847 68.85 47.58 -68.36
N LYS D 848 67.66 48.12 -68.59
CA LYS D 848 67.31 48.49 -69.96
C LYS D 848 68.00 49.78 -70.39
N ASN D 849 68.40 50.61 -69.44
CA ASN D 849 69.26 51.73 -69.76
C ASN D 849 70.74 51.36 -69.72
N ALA D 850 71.05 50.09 -69.42
CA ALA D 850 72.45 49.66 -69.41
C ALA D 850 72.97 49.46 -70.83
N GLN D 851 72.09 49.11 -71.76
CA GLN D 851 72.50 49.06 -73.16
C GLN D 851 72.61 50.45 -73.78
N LEU D 852 72.25 51.50 -73.04
CA LEU D 852 72.46 52.86 -73.51
C LEU D 852 73.87 53.35 -73.18
N GLU D 853 74.20 53.45 -71.88
CA GLU D 853 75.39 54.19 -71.48
C GLU D 853 76.45 53.35 -70.77
N LYS D 854 76.15 52.76 -69.63
CA LYS D 854 77.16 52.10 -68.78
C LYS D 854 76.52 50.84 -68.20
N ARG D 855 77.13 50.26 -67.16
CA ARG D 855 76.54 49.02 -66.65
C ARG D 855 75.48 49.29 -65.57
N SER D 856 75.84 49.98 -64.49
CA SER D 856 74.85 50.35 -63.48
C SER D 856 74.86 51.84 -63.18
N PHE D 857 76.05 52.39 -62.91
CA PHE D 857 76.18 53.67 -62.21
C PHE D 857 75.71 54.87 -63.04
N CYS D 858 75.59 54.71 -64.36
CA CYS D 858 74.94 55.71 -65.18
C CYS D 858 73.46 55.84 -64.82
N SER D 859 72.71 54.76 -65.05
CA SER D 859 71.28 54.77 -64.79
C SER D 859 70.95 54.61 -63.31
N ALA D 860 71.91 54.17 -62.49
CA ALA D 860 71.68 54.19 -61.05
C ALA D 860 71.65 55.62 -60.54
N MET D 861 72.77 56.35 -60.68
CA MET D 861 72.97 57.63 -60.02
C MET D 861 72.02 58.70 -60.56
N VAL D 862 71.79 58.71 -61.89
CA VAL D 862 70.85 59.65 -62.50
C VAL D 862 69.42 59.38 -61.99
N GLU D 863 69.08 58.12 -61.77
CA GLU D 863 67.80 57.80 -61.16
C GLU D 863 67.87 57.71 -59.65
N GLU D 864 69.07 57.62 -59.06
CA GLU D 864 69.20 57.92 -57.63
C GLU D 864 69.09 59.42 -57.36
N LEU D 865 69.37 60.27 -58.35
CA LEU D 865 69.03 61.68 -58.22
C LEU D 865 67.52 61.87 -58.17
N ARG D 866 66.77 61.03 -58.89
CA ARG D 866 65.33 61.21 -59.07
C ARG D 866 64.57 61.12 -57.76
N MET D 867 65.03 60.28 -56.83
CA MET D 867 64.47 60.29 -55.49
C MET D 867 64.86 61.56 -54.75
N SER D 868 66.04 62.10 -55.03
CA SER D 868 66.52 63.29 -54.31
C SER D 868 66.07 64.60 -54.95
N LEU D 869 65.51 64.58 -56.16
CA LEU D 869 64.91 65.78 -56.73
C LEU D 869 63.73 66.29 -55.93
N LYS D 870 62.62 65.53 -55.91
CA LYS D 870 61.38 65.76 -55.15
C LYS D 870 60.59 67.00 -55.56
N CYS D 871 61.14 67.84 -56.43
CA CYS D 871 60.46 69.03 -56.92
C CYS D 871 60.53 69.16 -58.44
N GLN D 872 61.65 68.82 -59.04
CA GLN D 872 61.83 68.91 -60.48
C GLN D 872 61.26 67.65 -61.12
N ARG D 873 60.73 67.80 -62.34
CA ARG D 873 59.99 66.75 -63.00
C ARG D 873 60.89 65.91 -63.89
N ARG D 874 61.53 66.53 -64.88
CA ARG D 874 62.50 65.87 -65.75
C ARG D 874 63.44 66.88 -66.38
N ALA E 1 -32.16 -18.68 -5.90
CA ALA E 1 -32.14 -19.67 -6.98
C ALA E 1 -32.64 -19.07 -8.29
N ASP E 2 -32.25 -19.68 -9.40
CA ASP E 2 -32.57 -19.16 -10.72
C ASP E 2 -33.91 -19.71 -11.21
N THR E 3 -34.77 -18.81 -11.68
CA THR E 3 -36.03 -19.19 -12.28
C THR E 3 -35.76 -19.88 -13.60
N ILE E 4 -36.27 -21.10 -13.77
CA ILE E 4 -35.84 -21.93 -14.88
C ILE E 4 -36.92 -22.93 -15.26
N VAL E 5 -37.04 -23.21 -16.56
CA VAL E 5 -37.97 -24.20 -17.09
C VAL E 5 -37.21 -25.05 -18.10
N ALA E 6 -37.21 -26.36 -17.89
CA ALA E 6 -36.43 -27.24 -18.74
C ALA E 6 -37.36 -28.21 -19.45
N VAL E 7 -36.81 -28.92 -20.43
CA VAL E 7 -37.47 -30.04 -21.09
C VAL E 7 -36.47 -31.19 -21.05
N GLU E 8 -36.81 -32.24 -20.31
CA GLU E 8 -35.83 -33.29 -20.06
C GLU E 8 -35.95 -34.41 -21.09
N LEU E 9 -34.83 -34.70 -21.74
CA LEU E 9 -34.68 -35.94 -22.51
C LEU E 9 -33.90 -36.95 -21.69
N ASP E 10 -34.52 -37.37 -20.59
CA ASP E 10 -33.80 -38.09 -19.54
C ASP E 10 -33.49 -39.51 -19.99
N THR E 11 -32.34 -40.01 -19.54
CA THR E 11 -31.97 -41.40 -19.78
C THR E 11 -31.90 -42.19 -18.48
N TYR E 12 -31.82 -41.53 -17.33
CA TYR E 12 -31.74 -42.27 -16.09
C TYR E 12 -33.08 -42.25 -15.37
N PRO E 13 -33.65 -43.41 -15.06
CA PRO E 13 -34.87 -43.45 -14.24
C PRO E 13 -34.53 -43.10 -12.79
N ASN E 14 -35.00 -41.95 -12.35
CA ASN E 14 -34.79 -41.43 -10.99
C ASN E 14 -36.04 -41.70 -10.18
N THR E 15 -36.15 -42.93 -9.66
CA THR E 15 -37.33 -43.33 -8.91
C THR E 15 -37.47 -42.57 -7.60
N ASP E 16 -36.34 -42.28 -6.95
CA ASP E 16 -36.38 -41.68 -5.62
C ASP E 16 -36.84 -40.23 -5.68
N ILE E 17 -36.25 -39.44 -6.57
CA ILE E 17 -36.67 -38.04 -6.68
C ILE E 17 -37.84 -37.86 -7.63
N GLY E 18 -38.31 -38.92 -8.29
CA GLY E 18 -39.63 -38.88 -8.88
C GLY E 18 -39.81 -39.23 -10.35
N ASP E 19 -38.73 -39.56 -11.05
CA ASP E 19 -38.87 -39.98 -12.44
C ASP E 19 -39.42 -41.40 -12.51
N PRO E 20 -40.17 -41.73 -13.58
CA PRO E 20 -40.67 -43.10 -13.72
C PRO E 20 -39.59 -44.12 -14.07
N SER E 21 -39.99 -45.38 -14.22
CA SER E 21 -39.05 -46.51 -14.16
C SER E 21 -38.21 -46.68 -15.43
N TYR E 22 -38.49 -45.98 -16.43
CA TYR E 22 -37.84 -46.15 -17.73
C TYR E 22 -37.16 -44.86 -18.16
N PRO E 23 -36.22 -44.89 -19.10
CA PRO E 23 -35.70 -43.63 -19.66
C PRO E 23 -36.78 -42.91 -20.46
N HIS E 24 -36.99 -41.65 -20.15
CA HIS E 24 -38.19 -40.92 -20.56
C HIS E 24 -37.89 -39.54 -21.12
N ILE E 25 -38.82 -38.99 -21.89
CA ILE E 25 -38.86 -37.58 -22.18
C ILE E 25 -39.84 -36.94 -21.21
N GLY E 26 -39.55 -35.71 -20.77
CA GLY E 26 -40.41 -35.01 -19.85
C GLY E 26 -40.26 -33.50 -19.96
N ILE E 27 -40.73 -32.83 -18.91
CA ILE E 27 -40.91 -31.39 -18.93
C ILE E 27 -40.94 -30.89 -17.49
N ASP E 28 -40.25 -29.78 -17.25
CA ASP E 28 -39.96 -29.35 -15.88
C ASP E 28 -40.32 -27.89 -15.69
N ILE E 29 -41.00 -27.60 -14.59
CA ILE E 29 -41.32 -26.23 -14.21
C ILE E 29 -40.71 -26.02 -12.83
N LYS E 30 -39.49 -25.46 -12.81
CA LYS E 30 -38.81 -24.98 -11.61
C LYS E 30 -38.46 -26.13 -10.64
N SER E 31 -38.57 -27.38 -11.09
CA SER E 31 -38.31 -28.53 -10.22
C SER E 31 -37.94 -29.72 -11.09
N VAL E 32 -37.11 -30.62 -10.53
CA VAL E 32 -36.81 -31.86 -11.24
C VAL E 32 -38.02 -32.78 -11.23
N ARG E 33 -38.95 -32.57 -10.32
CA ARG E 33 -40.21 -33.31 -10.29
C ARG E 33 -41.05 -32.82 -11.46
N SER E 34 -41.09 -33.62 -12.51
CA SER E 34 -41.63 -33.21 -13.80
C SER E 34 -43.15 -33.09 -13.75
N LYS E 35 -43.71 -32.51 -14.81
CA LYS E 35 -45.16 -32.38 -14.89
C LYS E 35 -45.76 -33.53 -15.70
N LYS E 36 -45.19 -33.83 -16.86
CA LYS E 36 -45.57 -34.99 -17.63
C LYS E 36 -44.32 -35.75 -18.06
N THR E 37 -44.48 -37.06 -18.25
CA THR E 37 -43.45 -37.89 -18.83
C THR E 37 -44.05 -38.66 -19.99
N ALA E 38 -43.20 -39.31 -20.78
CA ALA E 38 -43.65 -40.12 -21.90
C ALA E 38 -42.59 -41.17 -22.21
N LYS E 39 -42.96 -42.16 -23.00
CA LYS E 39 -42.07 -43.26 -23.32
C LYS E 39 -41.03 -42.83 -24.35
N TRP E 40 -39.77 -43.00 -23.99
CA TRP E 40 -38.69 -42.70 -24.93
C TRP E 40 -37.83 -43.94 -25.09
N ASN E 41 -37.32 -44.12 -26.31
CA ASN E 41 -36.70 -45.38 -26.70
C ASN E 41 -35.32 -45.61 -26.08
N MET E 42 -34.45 -44.60 -26.10
CA MET E 42 -33.05 -44.66 -25.65
C MET E 42 -32.30 -45.78 -26.39
N GLN E 43 -32.08 -45.54 -27.67
CA GLN E 43 -31.22 -46.42 -28.45
C GLN E 43 -29.75 -46.09 -28.18
N ASN E 44 -28.87 -46.80 -28.89
CA ASN E 44 -27.42 -46.58 -28.77
C ASN E 44 -27.03 -45.35 -29.59
N GLY E 45 -25.73 -45.24 -29.90
CA GLY E 45 -25.27 -44.15 -30.73
C GLY E 45 -25.91 -44.13 -32.12
N LYS E 46 -26.92 -43.28 -32.22
CA LYS E 46 -27.66 -42.93 -33.43
C LYS E 46 -27.99 -41.45 -33.28
N VAL E 47 -28.87 -40.91 -34.12
CA VAL E 47 -28.92 -39.46 -34.23
C VAL E 47 -30.34 -38.89 -34.14
N GLY E 48 -30.63 -38.24 -33.03
CA GLY E 48 -31.04 -36.84 -33.04
C GLY E 48 -32.33 -36.07 -32.99
N THR E 49 -33.34 -36.42 -33.77
CA THR E 49 -34.36 -35.42 -34.13
C THR E 49 -35.29 -35.14 -32.96
N ALA E 50 -35.10 -33.99 -32.34
CA ALA E 50 -35.98 -33.49 -31.30
C ALA E 50 -36.54 -32.14 -31.74
N HIS E 51 -37.61 -31.71 -31.09
CA HIS E 51 -38.41 -30.61 -31.59
C HIS E 51 -39.31 -30.11 -30.47
N ILE E 52 -39.23 -28.82 -30.13
CA ILE E 52 -39.96 -28.24 -29.00
C ILE E 52 -40.58 -26.94 -29.46
N ILE E 53 -41.91 -26.82 -29.38
CA ILE E 53 -42.57 -25.58 -29.72
C ILE E 53 -43.42 -25.11 -28.54
N TYR E 54 -43.91 -23.87 -28.64
CA TYR E 54 -44.91 -23.35 -27.71
C TYR E 54 -45.67 -22.22 -28.40
N ASN E 55 -46.86 -22.54 -28.90
CA ASN E 55 -47.75 -21.54 -29.48
C ASN E 55 -48.76 -21.10 -28.44
N SER E 56 -48.76 -19.80 -28.11
CA SER E 56 -49.70 -19.29 -27.13
C SER E 56 -51.10 -19.11 -27.69
N VAL E 57 -51.29 -19.33 -28.99
CA VAL E 57 -52.62 -19.57 -29.52
C VAL E 57 -53.16 -20.91 -28.99
N ASP E 58 -52.27 -21.85 -28.66
CA ASP E 58 -52.68 -23.17 -28.19
C ASP E 58 -52.08 -23.56 -26.85
N LYS E 59 -51.20 -22.73 -26.27
CA LYS E 59 -50.52 -22.86 -24.96
C LYS E 59 -49.98 -24.26 -24.65
N ARG E 60 -49.62 -25.02 -25.67
CA ARG E 60 -49.02 -26.33 -25.48
C ARG E 60 -47.52 -26.21 -25.70
N LEU E 61 -46.73 -26.65 -24.73
CA LEU E 61 -45.29 -26.71 -24.84
C LEU E 61 -44.97 -28.12 -25.35
N SER E 62 -45.23 -28.33 -26.63
CA SER E 62 -45.17 -29.65 -27.26
C SER E 62 -43.74 -30.04 -27.52
N ALA E 63 -43.49 -31.35 -27.44
CA ALA E 63 -42.14 -31.85 -27.65
C ALA E 63 -42.21 -33.28 -28.14
N VAL E 64 -41.49 -33.58 -29.22
CA VAL E 64 -41.34 -34.94 -29.74
C VAL E 64 -39.87 -35.22 -29.96
N VAL E 65 -39.51 -36.51 -29.93
CA VAL E 65 -38.16 -36.97 -30.25
C VAL E 65 -38.30 -38.17 -31.16
N SER E 66 -37.50 -38.21 -32.24
CA SER E 66 -37.49 -39.35 -33.14
C SER E 66 -36.05 -39.69 -33.51
N TYR E 67 -35.65 -40.93 -33.28
CA TYR E 67 -34.66 -41.51 -34.15
C TYR E 67 -35.32 -41.76 -35.51
N PRO E 68 -34.55 -41.68 -36.59
CA PRO E 68 -35.01 -42.28 -37.86
C PRO E 68 -35.13 -43.78 -37.65
N ASN E 69 -36.28 -44.33 -38.06
CA ASN E 69 -36.93 -45.62 -37.83
C ASN E 69 -37.44 -45.79 -36.40
N ALA E 70 -37.81 -44.69 -35.75
CA ALA E 70 -38.43 -44.73 -34.44
C ALA E 70 -39.70 -43.88 -34.44
N ASP E 71 -40.30 -43.77 -33.27
CA ASP E 71 -41.59 -43.12 -33.10
C ASP E 71 -41.44 -41.65 -32.72
N SER E 72 -42.53 -41.03 -32.31
CA SER E 72 -42.56 -39.64 -31.89
C SER E 72 -43.22 -39.56 -30.51
N ALA E 73 -42.44 -39.15 -29.51
CA ALA E 73 -42.91 -39.18 -28.13
C ALA E 73 -43.41 -37.81 -27.74
N THR E 74 -44.74 -37.63 -27.80
CA THR E 74 -45.35 -36.35 -27.42
C THR E 74 -45.40 -36.24 -25.91
N VAL E 75 -44.89 -35.14 -25.37
CA VAL E 75 -44.85 -35.00 -23.91
C VAL E 75 -45.42 -33.64 -23.54
N SER E 76 -46.32 -33.14 -24.38
CA SER E 76 -46.85 -31.78 -24.30
C SER E 76 -47.58 -31.54 -22.98
N TYR E 77 -47.19 -30.48 -22.28
CA TYR E 77 -47.79 -30.12 -21.01
C TYR E 77 -48.49 -28.77 -21.13
N ASP E 78 -49.66 -28.67 -20.55
CA ASP E 78 -50.34 -27.39 -20.47
C ASP E 78 -49.62 -26.51 -19.45
N VAL E 79 -48.88 -25.53 -19.94
CA VAL E 79 -48.26 -24.53 -19.07
C VAL E 79 -48.47 -23.16 -19.71
N ASP E 80 -48.87 -22.21 -18.88
CA ASP E 80 -48.98 -20.81 -19.29
C ASP E 80 -47.63 -20.17 -19.07
N LEU E 81 -46.96 -19.79 -20.15
CA LEU E 81 -45.68 -19.10 -20.07
C LEU E 81 -45.79 -17.66 -19.58
N ASP E 82 -47.01 -17.21 -19.29
CA ASP E 82 -47.23 -15.93 -18.62
C ASP E 82 -46.41 -15.82 -17.34
N ASN E 83 -46.67 -16.68 -16.37
CA ASN E 83 -46.22 -16.44 -15.01
C ASN E 83 -45.09 -17.34 -14.52
N VAL E 84 -44.32 -17.95 -15.41
CA VAL E 84 -43.35 -18.97 -15.00
C VAL E 84 -41.95 -18.67 -15.46
N LEU E 85 -41.77 -17.74 -16.37
CA LEU E 85 -40.48 -17.68 -17.04
C LEU E 85 -40.14 -16.26 -17.46
N PRO E 86 -38.92 -15.77 -17.09
CA PRO E 86 -38.66 -14.32 -16.93
C PRO E 86 -38.89 -13.43 -18.16
N GLU E 87 -38.95 -12.11 -17.92
CA GLU E 87 -39.26 -11.15 -18.98
C GLU E 87 -38.19 -11.11 -20.05
N TRP E 88 -36.95 -11.45 -19.71
CA TRP E 88 -35.88 -11.64 -20.66
C TRP E 88 -35.10 -12.85 -20.19
N VAL E 89 -34.62 -13.66 -21.13
CA VAL E 89 -34.21 -15.02 -20.80
C VAL E 89 -32.82 -15.28 -21.34
N ARG E 90 -32.36 -16.53 -21.23
CA ARG E 90 -31.09 -16.91 -21.86
C ARG E 90 -31.16 -18.41 -22.15
N VAL E 91 -31.44 -18.75 -23.40
CA VAL E 91 -31.67 -20.14 -23.75
C VAL E 91 -30.34 -20.87 -23.88
N GLY E 92 -30.43 -22.20 -23.94
CA GLY E 92 -29.24 -23.02 -24.01
C GLY E 92 -29.59 -24.47 -23.76
N LEU E 93 -28.56 -25.31 -23.87
CA LEU E 93 -28.69 -26.74 -23.68
C LEU E 93 -28.04 -27.12 -22.35
N SER E 94 -28.38 -28.32 -21.88
CA SER E 94 -27.78 -28.79 -20.64
C SER E 94 -27.70 -30.31 -20.64
N ALA E 95 -26.50 -30.83 -20.48
CA ALA E 95 -26.30 -32.25 -20.22
C ALA E 95 -25.44 -32.40 -18.99
N SER E 96 -25.57 -33.56 -18.35
CA SER E 96 -24.82 -33.88 -17.15
C SER E 96 -24.81 -35.39 -17.00
N THR E 97 -23.88 -35.88 -16.17
CA THR E 97 -23.93 -37.25 -15.71
C THR E 97 -23.26 -37.30 -14.35
N GLY E 98 -23.45 -38.42 -13.66
CA GLY E 98 -22.77 -38.64 -12.40
C GLY E 98 -22.83 -40.09 -12.01
N LEU E 99 -21.66 -40.68 -11.76
CA LEU E 99 -21.39 -42.06 -11.36
C LEU E 99 -21.72 -43.08 -12.45
N TYR E 100 -22.41 -42.67 -13.51
CA TYR E 100 -22.63 -43.43 -14.72
C TYR E 100 -22.17 -42.56 -15.88
N LYS E 101 -21.81 -43.20 -16.98
CA LYS E 101 -21.34 -42.47 -18.14
C LYS E 101 -22.44 -42.39 -19.19
N GLU E 102 -22.32 -41.39 -20.07
CA GLU E 102 -23.01 -41.33 -21.34
C GLU E 102 -22.30 -40.31 -22.21
N THR E 103 -22.43 -40.48 -23.52
CA THR E 103 -21.94 -39.48 -24.46
C THR E 103 -23.09 -38.55 -24.81
N ASN E 104 -22.80 -37.25 -24.84
CA ASN E 104 -23.86 -36.26 -25.06
C ASN E 104 -23.50 -35.36 -26.23
N THR E 105 -23.12 -35.98 -27.36
CA THR E 105 -22.73 -35.24 -28.55
C THR E 105 -23.92 -34.53 -29.17
N ILE E 106 -23.86 -33.21 -29.20
CA ILE E 106 -24.82 -32.37 -29.92
C ILE E 106 -24.17 -31.96 -31.24
N LEU E 107 -24.88 -32.16 -32.34
CA LEU E 107 -24.30 -31.83 -33.63
C LEU E 107 -25.00 -30.69 -34.36
N SER E 108 -26.25 -30.36 -34.03
CA SER E 108 -26.83 -29.12 -34.53
C SER E 108 -27.92 -28.64 -33.58
N TRP E 109 -28.26 -27.35 -33.71
CA TRP E 109 -29.20 -26.71 -32.81
C TRP E 109 -29.74 -25.44 -33.46
N SER E 110 -30.98 -25.10 -33.10
CA SER E 110 -31.69 -24.00 -33.74
C SER E 110 -32.66 -23.35 -32.76
N PHE E 111 -33.39 -22.36 -33.27
CA PHE E 111 -34.32 -21.54 -32.51
C PHE E 111 -35.11 -20.68 -33.49
N THR E 112 -36.34 -20.28 -33.10
CA THR E 112 -37.07 -19.22 -33.82
C THR E 112 -38.15 -18.67 -32.89
N SER E 113 -37.94 -17.46 -32.36
CA SER E 113 -39.00 -16.74 -31.68
C SER E 113 -39.76 -15.87 -32.67
N LYS E 114 -41.03 -15.59 -32.34
CA LYS E 114 -41.87 -14.68 -33.15
C LYS E 114 -42.82 -13.93 -32.21
N LEU E 115 -42.39 -12.76 -31.76
CA LEU E 115 -43.03 -12.08 -30.61
C LEU E 115 -43.63 -10.73 -31.02
N LYS E 116 -44.86 -10.75 -31.55
CA LYS E 116 -45.96 -9.82 -31.31
C LYS E 116 -45.61 -8.36 -31.04
N SER E 117 -45.15 -7.63 -32.05
CA SER E 117 -45.15 -6.17 -31.91
C SER E 117 -46.58 -5.69 -31.77
N ASN E 118 -47.36 -5.94 -32.82
CA ASN E 118 -48.79 -5.67 -32.85
C ASN E 118 -49.38 -6.76 -33.74
N SER E 119 -50.04 -7.75 -33.14
CA SER E 119 -49.89 -9.18 -33.49
C SER E 119 -49.50 -9.56 -34.92
N THR E 120 -50.09 -8.91 -35.92
CA THR E 120 -49.69 -9.08 -37.30
C THR E 120 -48.37 -8.38 -37.63
N HIS E 121 -48.09 -7.25 -36.95
CA HIS E 121 -47.03 -6.32 -37.37
C HIS E 121 -45.62 -6.87 -37.07
N GLU E 122 -45.25 -7.88 -37.86
CA GLU E 122 -43.87 -8.27 -38.17
C GLU E 122 -43.08 -8.64 -36.90
N THR E 123 -43.46 -9.78 -36.35
CA THR E 123 -42.91 -10.35 -35.11
C THR E 123 -41.38 -10.47 -35.18
N ASN E 124 -40.74 -10.28 -34.03
CA ASN E 124 -39.29 -10.25 -33.93
C ASN E 124 -38.74 -11.68 -33.89
N ALA E 125 -37.58 -11.90 -34.50
CA ALA E 125 -37.00 -13.22 -34.57
C ALA E 125 -35.69 -13.29 -33.81
N LEU E 126 -35.21 -14.52 -33.58
CA LEU E 126 -33.82 -14.77 -33.21
C LEU E 126 -33.38 -16.11 -33.82
N HIS E 127 -33.69 -16.32 -35.08
CA HIS E 127 -33.48 -17.64 -35.67
C HIS E 127 -32.01 -17.91 -35.91
N PHE E 128 -31.53 -19.05 -35.44
CA PHE E 128 -30.21 -19.51 -35.84
C PHE E 128 -30.27 -20.98 -36.21
N MET E 129 -29.20 -21.47 -36.83
CA MET E 129 -29.14 -22.82 -37.39
C MET E 129 -27.76 -23.47 -37.14
N PHE E 130 -27.36 -23.64 -35.87
CA PHE E 130 -25.99 -24.05 -35.59
C PHE E 130 -25.61 -25.47 -36.01
N ASN E 131 -25.45 -25.70 -37.30
CA ASN E 131 -24.92 -26.96 -37.82
C ASN E 131 -23.40 -26.99 -37.75
N GLN E 132 -22.80 -25.89 -37.30
CA GLN E 132 -21.38 -25.64 -37.45
C GLN E 132 -20.85 -25.15 -36.10
N PHE E 133 -21.02 -25.96 -35.06
CA PHE E 133 -20.32 -25.70 -33.81
C PHE E 133 -18.81 -25.73 -34.03
N SER E 134 -18.19 -24.56 -33.95
CA SER E 134 -16.79 -24.44 -34.29
C SER E 134 -15.94 -24.77 -33.06
N LYS E 135 -14.62 -24.63 -33.20
CA LYS E 135 -13.73 -24.82 -32.07
C LYS E 135 -13.83 -23.64 -31.11
N ASP E 136 -14.08 -22.44 -31.64
CA ASP E 136 -14.05 -21.22 -30.86
C ASP E 136 -15.34 -20.44 -31.06
N GLN E 137 -16.47 -21.13 -30.89
CA GLN E 137 -17.78 -20.50 -30.97
C GLN E 137 -17.96 -19.50 -29.84
N LYS E 138 -18.37 -18.27 -30.15
CA LYS E 138 -18.39 -17.22 -29.14
C LYS E 138 -19.73 -16.52 -28.98
N ASP E 139 -20.81 -17.02 -29.57
CA ASP E 139 -22.15 -16.64 -29.12
C ASP E 139 -22.74 -17.72 -28.21
N LEU E 140 -21.86 -18.44 -27.54
CA LEU E 140 -22.21 -19.36 -26.48
C LEU E 140 -21.36 -19.00 -25.28
N ILE E 141 -21.97 -19.01 -24.10
CA ILE E 141 -21.26 -18.70 -22.87
C ILE E 141 -21.25 -20.00 -22.10
N LEU E 142 -20.97 -21.09 -22.83
CA LEU E 142 -20.96 -22.47 -22.36
C LEU E 142 -20.28 -22.62 -21.00
N GLN E 143 -21.04 -23.19 -20.06
CA GLN E 143 -20.67 -23.25 -18.67
C GLN E 143 -20.20 -24.65 -18.33
N GLY E 144 -19.75 -24.84 -17.10
CA GLY E 144 -19.44 -26.16 -16.60
C GLY E 144 -18.18 -26.70 -17.23
N ASP E 145 -18.33 -27.85 -17.89
CA ASP E 145 -17.22 -28.53 -18.53
C ASP E 145 -17.62 -29.00 -19.92
N ALA E 146 -18.47 -28.23 -20.59
CA ALA E 146 -18.81 -28.52 -21.96
C ALA E 146 -17.66 -28.12 -22.89
N THR E 147 -17.50 -28.87 -23.96
CA THR E 147 -16.52 -28.53 -24.98
C THR E 147 -17.23 -28.48 -26.33
N THR E 148 -16.47 -28.08 -27.35
CA THR E 148 -16.97 -27.91 -28.68
C THR E 148 -15.85 -28.10 -29.68
N GLY E 149 -16.20 -28.11 -30.95
CA GLY E 149 -15.20 -28.13 -32.00
C GLY E 149 -14.46 -29.47 -32.13
N THR E 150 -13.32 -29.37 -32.84
CA THR E 150 -12.40 -30.42 -33.32
C THR E 150 -13.02 -31.22 -34.46
N ASP E 151 -14.30 -30.97 -34.72
CA ASP E 151 -15.23 -31.53 -35.68
C ASP E 151 -16.47 -30.68 -35.45
N GLY E 152 -17.56 -30.91 -36.18
CA GLY E 152 -18.72 -30.12 -35.84
C GLY E 152 -19.48 -30.79 -34.72
N ASN E 153 -19.18 -30.40 -33.49
CA ASN E 153 -19.73 -31.08 -32.32
C ASN E 153 -19.82 -30.08 -31.17
N LEU E 154 -20.81 -30.27 -30.30
CA LEU E 154 -20.87 -29.53 -29.04
C LEU E 154 -20.90 -30.56 -27.92
N GLU E 155 -19.72 -30.93 -27.45
CA GLU E 155 -19.59 -32.01 -26.48
C GLU E 155 -19.88 -31.46 -25.09
N LEU E 156 -21.03 -31.81 -24.54
CA LEU E 156 -21.41 -31.35 -23.21
C LEU E 156 -20.88 -32.27 -22.11
N THR E 157 -19.61 -32.65 -22.21
CA THR E 157 -18.93 -33.54 -21.26
C THR E 157 -17.45 -33.22 -21.27
N ARG E 158 -16.71 -33.89 -20.41
CA ARG E 158 -15.26 -33.99 -20.58
C ARG E 158 -14.95 -35.30 -21.29
N VAL E 159 -14.38 -35.22 -22.48
CA VAL E 159 -14.45 -36.31 -23.44
C VAL E 159 -13.05 -36.56 -24.03
N SER E 160 -12.96 -37.44 -25.04
CA SER E 160 -11.82 -37.80 -25.92
C SER E 160 -10.89 -38.83 -25.29
N SER E 161 -11.26 -39.44 -24.16
CA SER E 161 -10.63 -40.68 -23.73
C SER E 161 -11.38 -41.85 -24.34
N ASN E 162 -11.21 -41.96 -25.67
CA ASN E 162 -12.01 -42.80 -26.58
C ASN E 162 -13.50 -42.43 -26.53
N GLY E 163 -13.78 -41.19 -26.14
CA GLY E 163 -15.15 -40.72 -26.04
C GLY E 163 -16.01 -41.46 -25.04
N SER E 164 -15.41 -42.02 -23.99
CA SER E 164 -16.14 -42.61 -22.88
C SER E 164 -16.09 -41.58 -21.77
N PRO E 165 -17.05 -40.69 -21.72
CA PRO E 165 -16.73 -39.30 -21.37
C PRO E 165 -16.67 -38.97 -19.89
N GLN E 166 -15.94 -39.74 -19.08
CA GLN E 166 -15.35 -39.29 -17.82
C GLN E 166 -16.42 -38.79 -16.84
N GLY E 167 -17.16 -39.76 -16.31
CA GLY E 167 -18.31 -39.53 -15.44
C GLY E 167 -18.17 -38.52 -14.32
N SER E 168 -19.32 -37.99 -13.90
CA SER E 168 -19.45 -36.79 -13.06
C SER E 168 -18.76 -35.59 -13.72
N SER E 169 -19.29 -35.22 -14.87
CA SER E 169 -18.97 -33.98 -15.54
C SER E 169 -20.26 -33.32 -16.04
N VAL E 170 -20.28 -31.99 -15.99
CA VAL E 170 -21.47 -31.23 -16.35
C VAL E 170 -21.03 -30.04 -17.19
N GLY E 171 -21.76 -29.77 -18.26
CA GLY E 171 -21.50 -28.61 -19.07
C GLY E 171 -22.78 -28.15 -19.73
N ARG E 172 -23.07 -26.87 -19.66
CA ARG E 172 -24.27 -26.32 -20.27
C ARG E 172 -23.86 -25.45 -21.44
N ALA E 173 -24.84 -25.07 -22.26
CA ALA E 173 -24.55 -24.51 -23.58
C ALA E 173 -25.40 -23.26 -23.82
N LEU E 174 -25.33 -22.32 -22.87
CA LEU E 174 -26.17 -21.13 -22.90
C LEU E 174 -25.87 -20.26 -24.13
N PHE E 175 -26.88 -20.06 -24.96
CA PHE E 175 -26.81 -19.13 -26.08
C PHE E 175 -26.67 -17.70 -25.56
N TYR E 176 -26.08 -16.84 -26.37
CA TYR E 176 -25.68 -15.51 -25.93
C TYR E 176 -26.85 -14.56 -25.71
N ALA E 177 -27.73 -14.40 -26.70
CA ALA E 177 -28.67 -13.28 -26.73
C ALA E 177 -29.98 -13.60 -26.01
N PRO E 178 -30.60 -12.61 -25.38
CA PRO E 178 -31.89 -12.84 -24.71
C PRO E 178 -33.09 -12.75 -25.66
N VAL E 179 -34.25 -13.07 -25.11
CA VAL E 179 -35.55 -12.98 -25.79
C VAL E 179 -36.54 -12.39 -24.79
N HIS E 180 -37.32 -11.39 -25.23
CA HIS E 180 -38.42 -10.90 -24.40
C HIS E 180 -39.57 -11.90 -24.42
N ILE E 181 -40.06 -12.30 -23.24
CA ILE E 181 -41.15 -13.28 -23.22
C ILE E 181 -42.35 -12.89 -22.35
N TRP E 182 -42.14 -12.60 -21.05
CA TRP E 182 -42.99 -13.07 -19.93
C TRP E 182 -44.49 -13.09 -20.19
N GLU E 183 -45.17 -11.94 -20.25
CA GLU E 183 -46.18 -11.80 -21.28
C GLU E 183 -46.02 -10.46 -21.99
N SER E 184 -46.49 -9.39 -21.34
CA SER E 184 -46.23 -7.97 -21.53
C SER E 184 -46.49 -7.38 -22.91
N SER E 185 -46.47 -8.21 -23.95
CA SER E 185 -46.62 -7.82 -25.34
C SER E 185 -47.14 -9.03 -26.11
N ALA E 186 -48.30 -9.55 -25.69
CA ALA E 186 -48.53 -10.97 -25.34
C ALA E 186 -47.88 -12.13 -26.12
N VAL E 187 -47.93 -13.30 -25.48
CA VAL E 187 -46.81 -14.24 -25.32
C VAL E 187 -46.79 -15.29 -26.43
N VAL E 188 -47.22 -14.87 -27.62
CA VAL E 188 -47.37 -15.75 -28.79
C VAL E 188 -46.05 -16.15 -29.44
N ALA E 189 -44.92 -15.87 -28.77
CA ALA E 189 -43.58 -16.13 -29.31
C ALA E 189 -43.37 -17.63 -29.43
N SER E 190 -43.68 -18.14 -30.62
CA SER E 190 -43.72 -19.57 -30.90
C SER E 190 -42.29 -20.09 -31.03
N PHE E 191 -41.63 -20.26 -29.89
CA PHE E 191 -40.21 -20.58 -29.95
C PHE E 191 -40.01 -22.06 -30.25
N GLU E 192 -39.28 -22.32 -31.33
CA GLU E 192 -39.07 -23.65 -31.88
C GLU E 192 -37.65 -24.07 -31.53
N ALA E 193 -37.40 -25.38 -31.58
CA ALA E 193 -36.05 -25.89 -31.42
C ALA E 193 -35.90 -27.16 -32.24
N THR E 194 -34.67 -27.44 -32.63
CA THR E 194 -34.31 -28.70 -33.25
C THR E 194 -32.96 -29.08 -32.68
N PHE E 195 -32.85 -30.30 -32.18
CA PHE E 195 -31.92 -30.65 -31.12
C PHE E 195 -31.21 -31.97 -31.46
N THR E 196 -30.62 -32.02 -32.66
CA THR E 196 -29.96 -33.21 -33.15
C THR E 196 -28.78 -33.63 -32.29
N PHE E 197 -28.95 -34.76 -31.59
CA PHE E 197 -27.99 -35.27 -30.62
C PHE E 197 -27.46 -36.62 -31.05
N LEU E 198 -26.60 -37.19 -30.20
CA LEU E 198 -26.02 -38.51 -30.40
C LEU E 198 -25.58 -39.04 -29.03
N ILE E 199 -26.29 -40.03 -28.51
CA ILE E 199 -25.94 -40.64 -27.23
C ILE E 199 -25.33 -42.00 -27.52
N LYS E 200 -24.00 -42.05 -27.50
CA LYS E 200 -23.28 -43.30 -27.72
C LYS E 200 -23.48 -44.22 -26.53
N SER E 201 -23.75 -45.49 -26.82
CA SER E 201 -23.73 -46.51 -25.79
C SER E 201 -22.30 -46.66 -25.28
N PRO E 202 -22.06 -46.42 -23.98
CA PRO E 202 -20.71 -46.53 -23.44
C PRO E 202 -20.35 -47.92 -22.96
N ASP E 203 -21.23 -48.90 -23.22
CA ASP E 203 -21.23 -50.22 -22.58
C ASP E 203 -21.27 -50.12 -21.06
N SER E 204 -21.97 -49.09 -20.54
CA SER E 204 -21.96 -48.83 -19.11
C SER E 204 -23.31 -48.36 -18.58
N HIS E 205 -24.43 -48.86 -19.17
CA HIS E 205 -25.81 -48.50 -18.84
C HIS E 205 -26.01 -46.99 -18.95
N PRO E 206 -26.16 -46.47 -20.17
CA PRO E 206 -26.07 -45.02 -20.41
C PRO E 206 -27.12 -44.21 -19.67
N ALA E 207 -26.63 -43.29 -18.85
CA ALA E 207 -27.54 -42.57 -17.97
C ALA E 207 -27.04 -41.25 -17.42
N ASP E 208 -27.51 -40.11 -17.97
CA ASP E 208 -28.31 -39.18 -17.16
C ASP E 208 -29.20 -38.24 -18.01
N GLY E 209 -29.18 -38.35 -19.33
CA GLY E 209 -30.04 -37.50 -20.14
C GLY E 209 -29.58 -36.08 -20.43
N ILE E 210 -30.10 -35.51 -21.52
CA ILE E 210 -29.80 -34.14 -21.93
C ILE E 210 -31.09 -33.34 -21.81
N ALA E 211 -30.98 -32.01 -21.72
CA ALA E 211 -32.14 -31.17 -21.45
C ALA E 211 -32.27 -30.09 -22.52
N PHE E 212 -33.21 -29.18 -22.29
CA PHE E 212 -33.36 -27.96 -23.08
C PHE E 212 -34.06 -26.95 -22.18
N PHE E 213 -33.36 -25.91 -21.77
CA PHE E 213 -33.92 -24.97 -20.80
C PHE E 213 -34.11 -23.60 -21.43
N ILE E 214 -34.83 -22.76 -20.69
CA ILE E 214 -34.95 -21.33 -20.96
C ILE E 214 -34.85 -20.67 -19.59
N SER E 215 -33.66 -20.20 -19.22
CA SER E 215 -33.40 -19.75 -17.86
C SER E 215 -33.49 -18.24 -17.75
N ASN E 216 -33.04 -17.71 -16.61
CA ASN E 216 -32.76 -16.31 -16.40
C ASN E 216 -31.56 -15.90 -17.26
N ILE E 217 -31.40 -14.58 -17.46
CA ILE E 217 -30.24 -14.06 -18.19
C ILE E 217 -28.93 -14.29 -17.45
N ASP E 218 -28.98 -14.57 -16.15
CA ASP E 218 -27.84 -15.07 -15.41
C ASP E 218 -28.14 -16.51 -15.01
N SER E 219 -27.07 -17.30 -14.91
CA SER E 219 -27.13 -18.67 -14.41
C SER E 219 -25.73 -19.10 -14.02
N SER E 220 -25.59 -20.39 -13.73
CA SER E 220 -24.34 -21.03 -13.40
C SER E 220 -24.57 -22.53 -13.51
N ILE E 221 -23.60 -23.31 -13.04
CA ILE E 221 -23.85 -24.68 -12.61
C ILE E 221 -24.31 -24.62 -11.15
N PRO E 222 -25.57 -24.97 -10.86
CA PRO E 222 -26.15 -24.63 -9.56
C PRO E 222 -25.75 -25.62 -8.47
N SER E 223 -24.89 -25.16 -7.55
CA SER E 223 -24.55 -25.82 -6.28
C SER E 223 -23.92 -27.20 -6.48
N GLY E 224 -23.37 -27.43 -7.67
CA GLY E 224 -22.88 -28.74 -8.02
C GLY E 224 -24.01 -29.61 -8.52
N SER E 225 -23.89 -30.13 -9.74
CA SER E 225 -24.94 -30.94 -10.34
C SER E 225 -24.34 -32.10 -11.09
N THR E 226 -23.32 -32.75 -10.51
CA THR E 226 -22.69 -33.90 -11.14
C THR E 226 -23.60 -35.11 -10.96
N GLY E 227 -24.68 -35.13 -11.75
CA GLY E 227 -25.64 -36.21 -11.66
C GLY E 227 -27.09 -35.85 -11.83
N ARG E 228 -27.93 -36.30 -10.88
CA ARG E 228 -29.37 -36.41 -11.07
C ARG E 228 -30.06 -35.05 -11.23
N LEU E 229 -29.39 -33.96 -10.87
CA LEU E 229 -29.99 -32.63 -10.92
C LEU E 229 -30.12 -32.10 -12.35
N LEU E 230 -29.59 -32.83 -13.33
CA LEU E 230 -29.79 -32.59 -14.77
C LEU E 230 -29.18 -31.24 -15.17
N GLY E 231 -28.12 -30.88 -14.47
CA GLY E 231 -27.32 -29.73 -14.84
C GLY E 231 -27.83 -28.39 -14.39
N LEU E 232 -29.10 -28.29 -14.01
CA LEU E 232 -29.68 -26.95 -13.90
C LEU E 232 -30.49 -26.68 -12.63
N PHE E 233 -30.91 -27.71 -11.92
CA PHE E 233 -31.62 -27.43 -10.68
C PHE E 233 -30.64 -27.46 -9.50
N PRO E 234 -30.73 -26.51 -8.58
CA PRO E 234 -29.80 -26.46 -7.45
C PRO E 234 -30.10 -27.56 -6.44
N ASP E 235 -31.38 -27.88 -6.33
CA ASP E 235 -31.91 -28.85 -5.40
C ASP E 235 -32.83 -29.80 -6.17
N ALA E 236 -33.11 -30.96 -5.57
CA ALA E 236 -33.94 -31.98 -6.17
C ALA E 236 -35.42 -31.78 -5.85
N ASN E 237 -35.82 -30.54 -5.61
CA ASN E 237 -37.21 -30.22 -5.35
C ASN E 237 -37.63 -29.06 -6.23
N ALA F 1 -6.77 2.07 -34.08
CA ALA F 1 -8.21 2.19 -34.17
C ALA F 1 -8.87 0.82 -34.28
N ASP F 2 -10.20 0.81 -34.41
CA ASP F 2 -10.94 -0.42 -34.58
C ASP F 2 -11.44 -0.54 -36.02
N THR F 3 -11.27 -1.73 -36.58
CA THR F 3 -11.60 -1.96 -37.98
C THR F 3 -13.11 -2.00 -38.16
N ILE F 4 -13.62 -1.23 -39.11
CA ILE F 4 -15.05 -0.98 -39.21
C ILE F 4 -15.44 -0.55 -40.61
N VAL F 5 -16.52 -1.11 -41.13
CA VAL F 5 -17.02 -0.78 -42.47
C VAL F 5 -18.46 -0.34 -42.36
N ALA F 6 -18.75 0.87 -42.85
CA ALA F 6 -20.09 1.43 -42.68
C ALA F 6 -20.65 1.91 -44.00
N VAL F 7 -21.94 2.23 -43.96
CA VAL F 7 -22.66 2.78 -45.09
C VAL F 7 -23.13 4.15 -44.65
N GLU F 8 -22.39 5.20 -45.01
CA GLU F 8 -22.77 6.55 -44.59
C GLU F 8 -23.97 7.03 -45.38
N LEU F 9 -25.06 7.32 -44.67
CA LEU F 9 -26.16 8.05 -45.26
C LEU F 9 -26.04 9.53 -44.89
N ASP F 10 -24.87 10.07 -45.23
CA ASP F 10 -24.40 11.37 -44.79
C ASP F 10 -25.33 12.48 -45.24
N THR F 11 -25.66 13.38 -44.32
CA THR F 11 -26.57 14.48 -44.64
C THR F 11 -25.92 15.85 -44.48
N TYR F 12 -24.63 15.93 -44.15
CA TYR F 12 -23.87 17.16 -44.39
C TYR F 12 -22.80 16.85 -45.42
N PRO F 13 -22.72 17.63 -46.50
CA PRO F 13 -21.62 17.45 -47.45
C PRO F 13 -20.34 17.93 -46.79
N ASN F 14 -19.54 16.99 -46.32
CA ASN F 14 -18.29 17.30 -45.64
C ASN F 14 -17.30 17.71 -46.71
N THR F 15 -17.30 19.01 -47.03
CA THR F 15 -16.67 19.51 -48.25
C THR F 15 -15.15 19.36 -48.23
N ASP F 16 -14.55 19.16 -47.07
CA ASP F 16 -13.11 19.27 -46.98
C ASP F 16 -12.44 17.92 -46.79
N ILE F 17 -13.21 16.86 -46.56
CA ILE F 17 -12.60 15.58 -46.22
C ILE F 17 -13.04 14.40 -47.08
N GLY F 18 -13.62 14.65 -48.25
CA GLY F 18 -13.78 13.54 -49.19
C GLY F 18 -15.17 13.32 -49.73
N ASP F 19 -16.17 13.72 -48.96
CA ASP F 19 -17.53 13.60 -49.39
C ASP F 19 -17.81 14.62 -50.50
N PRO F 20 -18.85 14.39 -51.34
CA PRO F 20 -19.13 15.37 -52.39
C PRO F 20 -19.77 16.64 -51.87
N SER F 21 -20.10 17.56 -52.77
CA SER F 21 -20.75 18.79 -52.37
C SER F 21 -22.25 18.62 -52.15
N TYR F 22 -22.77 17.40 -52.28
CA TYR F 22 -24.18 17.16 -52.06
C TYR F 22 -24.38 16.09 -50.98
N PRO F 23 -25.47 16.18 -50.22
CA PRO F 23 -25.77 15.13 -49.24
C PRO F 23 -26.10 13.84 -49.95
N HIS F 24 -25.34 12.80 -49.65
CA HIS F 24 -25.31 11.63 -50.50
C HIS F 24 -25.63 10.38 -49.72
N ILE F 25 -25.45 9.23 -50.36
CA ILE F 25 -25.23 7.97 -49.66
C ILE F 25 -23.87 7.47 -50.11
N GLY F 26 -23.07 7.00 -49.16
CA GLY F 26 -21.75 6.47 -49.46
C GLY F 26 -21.58 5.09 -48.87
N ILE F 27 -20.31 4.69 -48.80
CA ILE F 27 -19.91 3.42 -48.23
C ILE F 27 -18.45 3.56 -47.82
N ASP F 28 -18.12 3.06 -46.64
CA ASP F 28 -16.85 3.42 -46.03
C ASP F 28 -16.08 2.16 -45.65
N ILE F 29 -14.87 2.04 -46.19
CA ILE F 29 -13.94 0.98 -45.81
C ILE F 29 -12.86 1.69 -45.00
N LYS F 30 -13.07 1.77 -43.67
CA LYS F 30 -12.07 2.24 -42.68
C LYS F 30 -11.75 3.73 -42.83
N SER F 31 -12.31 4.40 -43.85
CA SER F 31 -11.97 5.77 -44.19
C SER F 31 -13.26 6.51 -44.47
N VAL F 32 -13.38 7.73 -43.92
CA VAL F 32 -14.56 8.53 -44.20
C VAL F 32 -14.56 8.99 -45.65
N ARG F 33 -13.38 9.03 -46.29
CA ARG F 33 -13.29 9.12 -47.73
C ARG F 33 -13.89 7.84 -48.30
N SER F 34 -14.97 7.99 -49.06
CA SER F 34 -15.82 6.86 -49.38
C SER F 34 -15.37 6.17 -50.66
N LYS F 35 -16.06 5.09 -51.01
CA LYS F 35 -15.61 4.24 -52.09
C LYS F 35 -16.59 4.27 -53.26
N LYS F 36 -17.86 4.56 -52.96
CA LYS F 36 -18.81 5.06 -53.94
C LYS F 36 -19.62 6.18 -53.32
N THR F 37 -20.31 6.94 -54.16
CA THR F 37 -21.28 7.93 -53.74
C THR F 37 -22.49 7.83 -54.65
N ALA F 38 -23.60 8.42 -54.21
CA ALA F 38 -24.83 8.46 -54.99
C ALA F 38 -25.69 9.61 -54.46
N LYS F 39 -26.37 10.29 -55.37
CA LYS F 39 -27.23 11.43 -55.08
C LYS F 39 -28.40 11.03 -54.21
N TRP F 40 -28.73 11.89 -53.24
CA TRP F 40 -29.89 11.60 -52.41
C TRP F 40 -30.85 12.77 -52.40
N ASN F 41 -32.15 12.45 -52.36
CA ASN F 41 -33.22 13.45 -52.42
C ASN F 41 -33.28 14.32 -51.17
N MET F 42 -33.09 13.74 -50.00
CA MET F 42 -33.25 14.40 -48.70
C MET F 42 -34.67 14.97 -48.55
N GLN F 43 -35.61 14.04 -48.48
CA GLN F 43 -36.95 14.45 -48.11
C GLN F 43 -37.01 14.72 -46.59
N ASN F 44 -38.16 15.24 -46.15
CA ASN F 44 -38.41 15.54 -44.75
C ASN F 44 -38.74 14.25 -43.99
N GLY F 45 -39.39 14.39 -42.82
CA GLY F 45 -39.81 13.22 -42.09
C GLY F 45 -40.78 12.34 -42.86
N LYS F 46 -40.18 11.31 -43.44
CA LYS F 46 -40.79 10.24 -44.20
C LYS F 46 -39.92 9.01 -43.95
N VAL F 47 -40.43 7.83 -44.26
CA VAL F 47 -39.89 6.62 -43.64
C VAL F 47 -39.04 5.78 -44.62
N GLY F 48 -37.74 5.87 -44.49
CA GLY F 48 -36.93 4.70 -44.27
C GLY F 48 -36.20 3.70 -45.15
N THR F 49 -36.80 3.23 -46.23
CA THR F 49 -36.45 1.90 -46.77
C THR F 49 -35.04 1.88 -47.34
N ALA F 50 -34.12 1.26 -46.59
CA ALA F 50 -32.76 1.04 -47.02
C ALA F 50 -32.40 -0.41 -46.77
N HIS F 51 -31.48 -0.93 -47.57
CA HIS F 51 -31.36 -2.38 -47.73
C HIS F 51 -29.98 -2.71 -48.26
N ILE F 52 -29.22 -3.52 -47.53
CA ILE F 52 -27.78 -3.70 -47.74
C ILE F 52 -27.49 -5.18 -47.79
N ILE F 53 -26.88 -5.66 -48.88
CA ILE F 53 -26.54 -7.08 -48.99
C ILE F 53 -25.06 -7.23 -49.36
N TYR F 54 -24.54 -8.44 -49.14
CA TYR F 54 -23.21 -8.83 -49.65
C TYR F 54 -23.13 -10.35 -49.73
N ASN F 55 -23.24 -10.87 -50.94
CA ASN F 55 -22.87 -12.25 -51.23
C ASN F 55 -21.38 -12.28 -51.51
N SER F 56 -20.80 -13.46 -51.65
CA SER F 56 -19.42 -13.55 -52.12
C SER F 56 -19.29 -14.37 -53.40
N VAL F 57 -20.42 -14.77 -53.99
CA VAL F 57 -20.40 -15.30 -55.34
C VAL F 57 -20.33 -14.16 -56.35
N ASP F 58 -20.73 -12.95 -55.96
CA ASP F 58 -20.70 -11.78 -56.83
C ASP F 58 -19.94 -10.61 -56.22
N LYS F 59 -19.56 -10.71 -54.94
CA LYS F 59 -18.55 -9.88 -54.23
C LYS F 59 -18.77 -8.36 -54.34
N ARG F 60 -19.94 -7.92 -54.78
CA ARG F 60 -20.34 -6.52 -54.73
C ARG F 60 -21.03 -6.26 -53.40
N LEU F 61 -20.78 -5.11 -52.80
CA LEU F 61 -21.36 -4.75 -51.51
C LEU F 61 -22.34 -3.61 -51.74
N SER F 62 -23.64 -3.92 -51.66
CA SER F 62 -24.68 -3.07 -52.23
C SER F 62 -25.50 -2.37 -51.15
N ALA F 63 -26.28 -1.37 -51.61
CA ALA F 63 -27.19 -0.60 -50.77
C ALA F 63 -28.12 0.22 -51.66
N VAL F 64 -29.37 0.37 -51.24
CA VAL F 64 -30.33 1.25 -51.90
C VAL F 64 -31.02 2.06 -50.83
N VAL F 65 -31.61 3.20 -51.21
CA VAL F 65 -32.46 4.01 -50.35
C VAL F 65 -33.62 4.54 -51.17
N SER F 66 -34.83 4.22 -50.78
CA SER F 66 -36.00 4.79 -51.43
C SER F 66 -37.06 5.08 -50.38
N TYR F 67 -37.46 6.33 -50.28
CA TYR F 67 -38.73 6.63 -49.65
C TYR F 67 -39.86 6.04 -50.50
N PRO F 68 -40.97 5.64 -49.88
CA PRO F 68 -42.15 5.27 -50.66
C PRO F 68 -42.69 6.51 -51.38
N ASN F 69 -42.80 6.37 -52.71
CA ASN F 69 -42.99 7.31 -53.84
C ASN F 69 -41.70 8.05 -54.23
N ALA F 70 -40.54 7.45 -53.91
CA ALA F 70 -39.27 8.04 -54.30
C ALA F 70 -38.38 6.95 -54.90
N ASP F 71 -37.28 7.39 -55.52
CA ASP F 71 -36.40 6.52 -56.29
C ASP F 71 -35.31 5.94 -55.40
N SER F 72 -34.51 5.05 -55.97
CA SER F 72 -33.53 4.28 -55.21
C SER F 72 -32.13 4.71 -55.62
N ALA F 73 -31.18 4.59 -54.69
CA ALA F 73 -29.78 4.95 -54.95
C ALA F 73 -28.92 3.71 -54.78
N THR F 74 -28.63 3.04 -55.88
CA THR F 74 -27.78 1.85 -55.86
C THR F 74 -26.32 2.27 -55.75
N VAL F 75 -25.76 2.16 -54.56
CA VAL F 75 -24.45 2.75 -54.27
C VAL F 75 -23.49 1.60 -54.01
N SER F 76 -23.72 0.50 -54.74
CA SER F 76 -22.96 -0.73 -54.61
C SER F 76 -21.48 -0.50 -54.90
N TYR F 77 -20.60 -1.17 -54.14
CA TYR F 77 -19.16 -1.08 -54.33
C TYR F 77 -18.55 -2.48 -54.26
N ASP F 78 -17.63 -2.75 -55.18
CA ASP F 78 -16.88 -3.99 -55.17
C ASP F 78 -15.68 -3.81 -54.26
N VAL F 79 -15.64 -4.58 -53.19
CA VAL F 79 -14.49 -4.62 -52.30
C VAL F 79 -14.35 -6.05 -51.80
N ASP F 80 -13.13 -6.43 -51.46
CA ASP F 80 -12.85 -7.80 -51.05
C ASP F 80 -13.02 -7.89 -49.53
N LEU F 81 -14.17 -8.40 -49.09
CA LEU F 81 -14.45 -8.63 -47.68
C LEU F 81 -13.62 -9.73 -47.06
N ASP F 82 -12.83 -10.45 -47.87
CA ASP F 82 -11.83 -11.38 -47.36
C ASP F 82 -10.91 -10.70 -46.34
N ASN F 83 -10.19 -9.68 -46.77
CA ASN F 83 -9.04 -9.19 -46.02
C ASN F 83 -9.24 -7.85 -45.37
N VAL F 84 -10.48 -7.39 -45.17
CA VAL F 84 -10.70 -6.04 -44.70
C VAL F 84 -11.48 -5.97 -43.41
N LEU F 85 -12.02 -7.08 -42.93
CA LEU F 85 -12.93 -6.97 -41.79
C LEU F 85 -12.92 -8.26 -40.97
N PRO F 86 -12.70 -8.16 -39.63
CA PRO F 86 -12.31 -9.31 -38.81
C PRO F 86 -13.29 -10.48 -38.77
N GLU F 87 -12.84 -11.62 -38.22
CA GLU F 87 -13.62 -12.85 -38.25
C GLU F 87 -14.94 -12.71 -37.52
N TRP F 88 -14.91 -12.23 -36.28
CA TRP F 88 -16.11 -12.14 -35.47
C TRP F 88 -16.44 -10.67 -35.23
N VAL F 89 -17.68 -10.31 -35.49
CA VAL F 89 -18.07 -8.92 -35.65
C VAL F 89 -19.12 -8.52 -34.62
N ARG F 90 -19.60 -7.28 -34.72
CA ARG F 90 -20.65 -6.80 -33.84
C ARG F 90 -21.41 -5.73 -34.63
N VAL F 91 -22.49 -6.13 -35.29
CA VAL F 91 -23.16 -5.24 -36.22
C VAL F 91 -23.99 -4.20 -35.47
N GLY F 92 -24.43 -3.17 -36.18
CA GLY F 92 -25.32 -2.21 -35.56
C GLY F 92 -25.27 -0.87 -36.26
N LEU F 93 -25.89 0.09 -35.62
CA LEU F 93 -26.19 1.40 -36.18
C LEU F 93 -25.32 2.45 -35.50
N SER F 94 -25.03 3.52 -36.24
CA SER F 94 -24.32 4.66 -35.68
C SER F 94 -24.83 5.93 -36.34
N ALA F 95 -25.20 6.91 -35.54
CA ALA F 95 -25.51 8.24 -36.05
C ALA F 95 -24.78 9.25 -35.19
N SER F 96 -24.63 10.45 -35.73
CA SER F 96 -24.07 11.55 -34.97
C SER F 96 -24.62 12.83 -35.55
N THR F 97 -24.27 13.95 -34.93
CA THR F 97 -24.50 15.28 -35.46
C THR F 97 -23.54 16.21 -34.77
N GLY F 98 -23.37 17.41 -35.33
CA GLY F 98 -22.63 18.45 -34.64
C GLY F 98 -22.85 19.82 -35.25
N LEU F 99 -23.27 20.77 -34.42
CA LEU F 99 -23.64 22.17 -34.71
C LEU F 99 -24.89 22.29 -35.61
N TYR F 100 -25.37 21.17 -36.16
CA TYR F 100 -26.59 21.07 -36.94
C TYR F 100 -27.41 19.94 -36.34
N LYS F 101 -28.72 20.09 -36.36
CA LYS F 101 -29.59 19.10 -35.75
C LYS F 101 -30.40 18.40 -36.82
N GLU F 102 -30.73 17.13 -36.54
CA GLU F 102 -31.66 16.35 -37.34
C GLU F 102 -32.15 15.18 -36.53
N THR F 103 -33.20 14.55 -37.02
CA THR F 103 -33.76 13.40 -36.36
C THR F 103 -33.11 12.13 -36.89
N ASN F 104 -32.70 11.25 -35.97
CA ASN F 104 -32.11 9.98 -36.37
C ASN F 104 -32.92 8.82 -35.82
N THR F 105 -34.24 8.91 -35.94
CA THR F 105 -35.11 7.86 -35.43
C THR F 105 -35.04 6.63 -36.31
N ILE F 106 -34.66 5.50 -35.72
CA ILE F 106 -34.78 4.20 -36.35
C ILE F 106 -35.99 3.50 -35.75
N LEU F 107 -36.86 2.96 -36.59
CA LEU F 107 -38.02 2.24 -36.08
C LEU F 107 -37.94 0.74 -36.31
N SER F 108 -37.17 0.26 -37.28
CA SER F 108 -37.08 -1.17 -37.49
C SER F 108 -35.71 -1.54 -38.03
N TRP F 109 -35.32 -2.79 -37.81
CA TRP F 109 -34.03 -3.31 -38.23
C TRP F 109 -34.06 -4.82 -38.26
N SER F 110 -33.42 -5.39 -39.28
CA SER F 110 -33.35 -6.82 -39.48
C SER F 110 -31.97 -7.18 -39.98
N PHE F 111 -31.75 -8.48 -40.15
CA PHE F 111 -30.45 -9.06 -40.46
C PHE F 111 -30.69 -10.50 -40.87
N THR F 112 -29.74 -11.06 -41.65
CA THR F 112 -29.70 -12.50 -41.90
C THR F 112 -28.29 -12.86 -42.37
N SER F 113 -27.53 -13.56 -41.54
CA SER F 113 -26.28 -14.15 -41.98
C SER F 113 -26.52 -15.56 -42.47
N LYS F 114 -25.72 -15.99 -43.45
CA LYS F 114 -25.78 -17.37 -43.98
C LYS F 114 -24.36 -17.79 -44.40
N LEU F 115 -23.62 -18.38 -43.46
CA LEU F 115 -22.18 -18.59 -43.64
C LEU F 115 -21.87 -20.09 -43.73
N LYS F 116 -22.00 -20.64 -44.95
CA LYS F 116 -21.15 -21.67 -45.58
C LYS F 116 -20.48 -22.66 -44.62
N SER F 117 -21.25 -23.50 -43.96
CA SER F 117 -20.65 -24.57 -43.18
C SER F 117 -19.89 -25.48 -44.15
N ASN F 118 -20.61 -26.10 -45.07
CA ASN F 118 -20.04 -26.72 -46.26
C ASN F 118 -21.09 -26.50 -47.34
N SER F 119 -20.84 -25.55 -48.24
CA SER F 119 -21.82 -24.55 -48.70
C SER F 119 -23.32 -24.90 -48.64
N THR F 120 -23.69 -26.12 -49.01
CA THR F 120 -25.07 -26.58 -48.93
C THR F 120 -25.42 -27.11 -47.53
N HIS F 121 -24.41 -27.44 -46.71
CA HIS F 121 -24.63 -28.10 -45.42
C HIS F 121 -25.11 -27.10 -44.35
N GLU F 122 -26.25 -26.49 -44.64
CA GLU F 122 -27.16 -25.88 -43.66
C GLU F 122 -26.50 -24.79 -42.82
N THR F 123 -26.22 -23.67 -43.50
CA THR F 123 -25.46 -22.56 -42.96
C THR F 123 -26.19 -21.91 -41.77
N ASN F 124 -25.48 -21.03 -41.06
CA ASN F 124 -25.92 -20.56 -39.76
C ASN F 124 -26.49 -19.15 -39.88
N ALA F 125 -27.54 -18.86 -39.09
CA ALA F 125 -28.28 -17.61 -39.19
C ALA F 125 -28.19 -16.79 -37.90
N LEU F 126 -28.57 -15.52 -37.99
CA LEU F 126 -28.84 -14.70 -36.81
C LEU F 126 -29.97 -13.72 -37.11
N HIS F 127 -31.03 -14.22 -37.73
CA HIS F 127 -32.05 -13.33 -38.27
C HIS F 127 -32.90 -12.71 -37.18
N PHE F 128 -33.22 -11.43 -37.31
CA PHE F 128 -34.17 -10.81 -36.41
C PHE F 128 -35.01 -9.79 -37.15
N MET F 129 -35.96 -9.17 -36.44
CA MET F 129 -36.89 -8.23 -37.05
C MET F 129 -37.28 -7.08 -36.11
N PHE F 130 -36.32 -6.28 -35.63
CA PHE F 130 -36.61 -5.33 -34.55
C PHE F 130 -37.55 -4.17 -34.90
N ASN F 131 -38.83 -4.44 -35.13
CA ASN F 131 -39.79 -3.38 -35.43
C ASN F 131 -40.21 -2.61 -34.19
N GLN F 132 -39.83 -3.10 -33.02
CA GLN F 132 -40.42 -2.71 -31.76
C GLN F 132 -39.31 -2.43 -30.76
N PHE F 133 -38.46 -1.44 -31.08
CA PHE F 133 -37.48 -0.98 -30.09
C PHE F 133 -38.18 -0.47 -28.85
N SER F 134 -38.08 -1.25 -27.78
CA SER F 134 -38.84 -1.01 -26.57
C SER F 134 -38.01 -0.17 -25.61
N LYS F 135 -38.51 0.01 -24.40
CA LYS F 135 -37.79 0.80 -23.41
C LYS F 135 -36.62 0.02 -22.83
N ASP F 136 -36.79 -1.29 -22.67
CA ASP F 136 -35.81 -2.09 -21.96
C ASP F 136 -35.35 -3.26 -22.83
N GLN F 137 -35.04 -2.94 -24.08
CA GLN F 137 -34.43 -3.91 -25.00
C GLN F 137 -33.01 -4.18 -24.54
N LYS F 138 -32.65 -5.44 -24.30
CA LYS F 138 -31.36 -5.73 -23.68
C LYS F 138 -30.48 -6.69 -24.50
N ASP F 139 -30.71 -6.81 -25.80
CA ASP F 139 -29.67 -7.33 -26.69
C ASP F 139 -29.07 -6.20 -27.51
N LEU F 140 -29.06 -4.99 -26.96
CA LEU F 140 -28.44 -3.83 -27.58
C LEU F 140 -27.51 -3.21 -26.56
N ILE F 141 -26.32 -2.87 -27.02
CA ILE F 141 -25.25 -2.41 -26.13
C ILE F 141 -25.02 -0.96 -26.51
N LEU F 142 -26.13 -0.24 -26.73
CA LEU F 142 -26.16 1.11 -27.26
C LEU F 142 -25.26 2.07 -26.51
N GLN F 143 -24.26 2.60 -27.21
CA GLN F 143 -23.22 3.43 -26.66
C GLN F 143 -23.58 4.89 -26.81
N GLY F 144 -22.71 5.76 -26.32
CA GLY F 144 -22.85 7.19 -26.56
C GLY F 144 -24.03 7.77 -25.82
N ASP F 145 -24.85 8.52 -26.55
CA ASP F 145 -26.02 9.15 -25.98
C ASP F 145 -27.28 8.64 -26.66
N ALA F 146 -27.28 7.36 -27.02
CA ALA F 146 -28.44 6.75 -27.64
C ALA F 146 -29.54 6.52 -26.62
N THR F 147 -30.78 6.65 -27.07
CA THR F 147 -31.94 6.28 -26.26
C THR F 147 -32.84 5.39 -27.08
N THR F 148 -33.85 4.84 -26.42
CA THR F 148 -34.83 3.98 -27.06
C THR F 148 -36.14 4.08 -26.29
N GLY F 149 -37.14 3.37 -26.79
CA GLY F 149 -38.39 3.30 -26.07
C GLY F 149 -39.27 4.53 -26.21
N THR F 150 -40.20 4.63 -25.24
CA THR F 150 -41.26 5.63 -25.02
C THR F 150 -42.40 5.49 -26.04
N ASP F 151 -42.16 4.64 -27.04
CA ASP F 151 -42.89 4.40 -28.27
C ASP F 151 -42.07 3.32 -28.94
N GLY F 152 -42.49 2.81 -30.09
CA GLY F 152 -41.58 1.91 -30.75
C GLY F 152 -40.62 2.72 -31.60
N ASN F 153 -39.47 3.07 -31.02
CA ASN F 153 -38.50 3.94 -31.69
C ASN F 153 -37.12 3.64 -31.13
N LEU F 154 -36.10 3.77 -31.98
CA LEU F 154 -34.71 3.80 -31.55
C LEU F 154 -34.17 5.19 -31.88
N GLU F 155 -33.92 5.96 -30.83
CA GLU F 155 -33.56 7.37 -30.96
C GLU F 155 -32.05 7.51 -30.76
N LEU F 156 -31.31 7.68 -31.84
CA LEU F 156 -29.86 7.81 -31.74
C LEU F 156 -29.43 9.28 -31.62
N THR F 157 -30.11 10.04 -30.76
CA THR F 157 -29.74 11.41 -30.43
C THR F 157 -30.09 11.63 -28.96
N ARG F 158 -30.05 12.89 -28.54
CA ARG F 158 -30.69 13.28 -27.29
C ARG F 158 -31.95 14.05 -27.62
N VAL F 159 -33.11 13.47 -27.33
CA VAL F 159 -34.33 13.83 -28.03
C VAL F 159 -35.36 14.38 -27.03
N SER F 160 -36.58 14.64 -27.50
CA SER F 160 -37.81 15.03 -26.79
C SER F 160 -37.85 16.51 -26.41
N SER F 161 -37.07 17.36 -27.08
CA SER F 161 -37.32 18.79 -27.04
C SER F 161 -38.14 19.19 -28.27
N ASN F 162 -39.38 18.67 -28.28
CA ASN F 162 -40.31 18.73 -29.42
C ASN F 162 -39.69 18.12 -30.68
N GLY F 163 -38.87 17.09 -30.48
CA GLY F 163 -38.18 16.46 -31.60
C GLY F 163 -37.14 17.34 -32.25
N SER F 164 -36.60 18.34 -31.53
CA SER F 164 -35.47 19.13 -31.97
C SER F 164 -34.25 18.57 -31.25
N PRO F 165 -33.55 17.62 -31.85
CA PRO F 165 -32.84 16.63 -31.03
C PRO F 165 -31.45 17.01 -30.57
N GLN F 166 -31.24 18.25 -30.09
CA GLN F 166 -30.13 18.63 -29.19
C GLN F 166 -28.77 18.28 -29.79
N GLY F 167 -28.38 19.08 -30.79
CA GLY F 167 -27.16 18.88 -31.56
C GLY F 167 -25.87 18.64 -30.81
N SER F 168 -24.86 18.14 -31.53
CA SER F 168 -23.71 17.42 -30.99
C SER F 168 -24.16 16.22 -30.15
N SER F 169 -25.12 15.49 -30.72
CA SER F 169 -25.57 14.21 -30.19
C SER F 169 -25.02 13.09 -31.05
N VAL F 170 -24.45 12.08 -30.39
CA VAL F 170 -23.94 10.89 -31.05
C VAL F 170 -24.52 9.67 -30.34
N GLY F 171 -24.93 8.67 -31.12
CA GLY F 171 -25.51 7.49 -30.54
C GLY F 171 -25.25 6.27 -31.40
N ARG F 172 -24.87 5.16 -30.78
CA ARG F 172 -24.58 3.94 -31.49
C ARG F 172 -25.52 2.85 -30.99
N ALA F 173 -25.70 1.81 -31.81
CA ALA F 173 -26.69 0.78 -31.54
C ALA F 173 -26.11 -0.60 -31.79
N LEU F 174 -24.97 -0.90 -31.16
CA LEU F 174 -24.29 -2.17 -31.32
C LEU F 174 -25.18 -3.33 -30.87
N PHE F 175 -25.49 -4.23 -31.81
CA PHE F 175 -26.18 -5.48 -31.53
C PHE F 175 -25.32 -6.37 -30.65
N TYR F 176 -25.95 -7.32 -29.98
CA TYR F 176 -25.28 -8.09 -28.95
C TYR F 176 -24.32 -9.15 -29.49
N ALA F 177 -24.77 -10.02 -30.40
CA ALA F 177 -24.09 -11.27 -30.72
C ALA F 177 -23.08 -11.15 -31.85
N PRO F 178 -22.07 -12.04 -31.90
CA PRO F 178 -21.10 -12.01 -33.00
C PRO F 178 -21.46 -12.96 -34.15
N VAL F 179 -20.81 -12.72 -35.30
CA VAL F 179 -21.02 -13.47 -36.53
C VAL F 179 -19.65 -13.76 -37.15
N HIS F 180 -19.43 -14.99 -37.63
CA HIS F 180 -18.18 -15.32 -38.30
C HIS F 180 -18.16 -14.76 -39.72
N ILE F 181 -17.04 -14.13 -40.10
CA ILE F 181 -16.91 -13.64 -41.47
C ILE F 181 -15.62 -14.03 -42.21
N TRP F 182 -14.42 -13.68 -41.68
CA TRP F 182 -13.32 -13.07 -42.46
C TRP F 182 -13.10 -13.58 -43.88
N GLU F 183 -12.57 -14.79 -44.08
CA GLU F 183 -13.17 -15.67 -45.06
C GLU F 183 -13.27 -17.08 -44.50
N SER F 184 -12.14 -17.77 -44.51
CA SER F 184 -11.75 -19.00 -43.80
C SER F 184 -12.62 -20.24 -44.01
N SER F 185 -13.86 -20.05 -44.43
CA SER F 185 -14.86 -21.10 -44.55
C SER F 185 -15.89 -20.66 -45.60
N ALA F 186 -15.46 -20.30 -46.79
CA ALA F 186 -15.64 -18.96 -47.39
C ALA F 186 -16.92 -18.12 -47.21
N VAL F 187 -16.77 -16.86 -47.63
CA VAL F 187 -17.30 -15.66 -46.99
C VAL F 187 -18.63 -15.24 -47.63
N VAL F 188 -19.43 -16.23 -48.02
CA VAL F 188 -20.70 -15.98 -48.70
C VAL F 188 -21.82 -15.61 -47.72
N ALA F 189 -21.46 -15.17 -46.51
CA ALA F 189 -22.40 -14.85 -45.44
C ALA F 189 -23.21 -13.63 -45.85
N SER F 190 -24.30 -13.91 -46.55
CA SER F 190 -25.08 -12.91 -47.29
C SER F 190 -25.86 -12.05 -46.32
N PHE F 191 -25.15 -11.16 -45.64
CA PHE F 191 -25.78 -10.40 -44.57
C PHE F 191 -26.68 -9.31 -45.16
N GLU F 192 -27.92 -9.29 -44.68
CA GLU F 192 -28.92 -8.34 -45.11
C GLU F 192 -29.14 -7.35 -43.97
N ALA F 193 -29.71 -6.19 -44.29
CA ALA F 193 -30.17 -5.27 -43.27
C ALA F 193 -31.34 -4.49 -43.81
N THR F 194 -32.26 -4.14 -42.92
CA THR F 194 -33.33 -3.22 -43.25
C THR F 194 -33.17 -2.05 -42.30
N PHE F 195 -33.26 -0.83 -42.83
CA PHE F 195 -32.70 0.33 -42.17
C PHE F 195 -33.74 1.45 -42.19
N THR F 196 -34.96 1.11 -41.78
CA THR F 196 -36.06 2.07 -41.87
C THR F 196 -35.89 3.19 -40.86
N PHE F 197 -35.41 4.32 -41.36
CA PHE F 197 -35.09 5.48 -40.56
C PHE F 197 -36.24 6.48 -40.60
N LEU F 198 -36.09 7.53 -39.81
CA LEU F 198 -36.91 8.74 -39.92
C LEU F 198 -35.96 9.91 -39.70
N ILE F 199 -35.88 10.80 -40.68
CA ILE F 199 -35.17 12.07 -40.53
C ILE F 199 -36.18 13.17 -40.73
N LYS F 200 -36.76 13.62 -39.61
CA LYS F 200 -37.68 14.74 -39.60
C LYS F 200 -36.92 16.00 -39.98
N SER F 201 -37.58 16.88 -40.71
CA SER F 201 -37.09 18.24 -40.91
C SER F 201 -37.20 19.00 -39.60
N PRO F 202 -36.09 19.44 -39.01
CA PRO F 202 -36.16 20.29 -37.82
C PRO F 202 -36.24 21.77 -38.15
N ASP F 203 -36.45 22.08 -39.44
CA ASP F 203 -36.38 23.44 -40.00
C ASP F 203 -35.04 24.11 -39.72
N SER F 204 -33.96 23.32 -39.76
CA SER F 204 -32.66 23.83 -39.31
C SER F 204 -31.49 23.36 -40.16
N HIS F 205 -31.70 23.14 -41.48
CA HIS F 205 -30.71 22.62 -42.44
C HIS F 205 -30.15 21.30 -41.93
N PRO F 206 -30.94 20.22 -42.00
CA PRO F 206 -30.62 19.01 -41.24
C PRO F 206 -29.43 18.26 -41.80
N ALA F 207 -28.45 18.00 -40.93
CA ALA F 207 -27.19 17.49 -41.43
C ALA F 207 -26.27 16.77 -40.43
N ASP F 208 -26.32 15.42 -40.31
CA ASP F 208 -25.08 14.61 -40.38
C ASP F 208 -25.29 13.13 -40.77
N GLY F 209 -26.53 12.67 -40.91
CA GLY F 209 -26.76 11.29 -41.31
C GLY F 209 -26.52 10.16 -40.32
N ILE F 210 -27.18 9.03 -40.60
CA ILE F 210 -26.99 7.78 -39.86
C ILE F 210 -26.11 6.86 -40.70
N ALA F 211 -25.31 6.03 -40.03
CA ALA F 211 -24.51 5.02 -40.72
C ALA F 211 -25.13 3.64 -40.45
N PHE F 212 -24.51 2.62 -41.04
CA PHE F 212 -24.78 1.23 -40.65
C PHE F 212 -23.46 0.50 -40.74
N PHE F 213 -22.86 0.23 -39.60
CA PHE F 213 -21.50 -0.29 -39.59
C PHE F 213 -21.51 -1.79 -39.33
N ILE F 214 -20.33 -2.36 -39.47
CA ILE F 214 -20.01 -3.70 -39.00
C ILE F 214 -18.61 -3.57 -38.41
N SER F 215 -18.50 -3.74 -37.10
CA SER F 215 -17.24 -3.44 -36.42
C SER F 215 -16.61 -4.70 -35.84
N ASN F 216 -15.54 -4.51 -35.08
CA ASN F 216 -14.96 -5.53 -34.24
C ASN F 216 -15.84 -5.73 -33.02
N ILE F 217 -15.61 -6.82 -32.27
CA ILE F 217 -16.41 -7.11 -31.08
C ILE F 217 -16.16 -6.15 -29.93
N ASP F 218 -15.10 -5.35 -30.00
CA ASP F 218 -14.84 -4.32 -29.01
C ASP F 218 -14.99 -2.95 -29.67
N SER F 219 -15.47 -1.98 -28.90
CA SER F 219 -15.73 -0.65 -29.44
C SER F 219 -15.89 0.37 -28.34
N SER F 220 -16.03 1.61 -28.76
CA SER F 220 -16.44 2.78 -27.98
C SER F 220 -16.82 3.84 -29.01
N ILE F 221 -17.16 5.04 -28.54
CA ILE F 221 -17.25 6.20 -29.40
C ILE F 221 -15.83 6.77 -29.54
N PRO F 222 -15.26 6.77 -30.74
CA PRO F 222 -13.81 6.96 -30.88
C PRO F 222 -13.41 8.43 -30.83
N SER F 223 -12.78 8.83 -29.72
CA SER F 223 -12.05 10.10 -29.56
C SER F 223 -12.95 11.33 -29.76
N GLY F 224 -14.23 11.16 -29.53
CA GLY F 224 -15.19 12.20 -29.81
C GLY F 224 -15.57 12.23 -31.28
N SER F 225 -16.86 12.22 -31.56
CA SER F 225 -17.36 12.29 -32.93
C SER F 225 -18.58 13.21 -33.00
N THR F 226 -18.57 14.28 -32.20
CA THR F 226 -19.71 15.19 -32.13
C THR F 226 -19.72 16.07 -33.38
N GLY F 227 -20.15 15.47 -34.48
CA GLY F 227 -20.07 16.10 -35.77
C GLY F 227 -19.58 15.15 -36.84
N ARG F 228 -18.77 15.66 -37.78
CA ARG F 228 -18.57 15.03 -39.09
C ARG F 228 -17.90 13.66 -39.02
N LEU F 229 -17.34 13.29 -37.86
CA LEU F 229 -16.66 12.01 -37.73
C LEU F 229 -17.60 10.82 -37.73
N LEU F 230 -18.91 11.07 -37.65
CA LEU F 230 -19.97 10.12 -38.04
C LEU F 230 -19.99 8.91 -37.10
N GLY F 231 -19.63 9.16 -35.84
CA GLY F 231 -19.91 8.20 -34.79
C GLY F 231 -18.96 7.03 -34.65
N LEU F 232 -18.16 6.76 -35.67
CA LEU F 232 -17.38 5.54 -35.65
C LEU F 232 -15.93 5.74 -36.08
N PHE F 233 -15.66 6.81 -36.78
CA PHE F 233 -14.28 7.11 -37.16
C PHE F 233 -13.59 7.87 -36.04
N PRO F 234 -12.38 7.48 -35.66
CA PRO F 234 -11.59 8.32 -34.75
C PRO F 234 -11.08 9.54 -35.48
N ASP F 235 -10.72 9.32 -36.74
CA ASP F 235 -9.99 10.26 -37.57
C ASP F 235 -10.78 10.51 -38.86
N ALA F 236 -10.51 11.66 -39.48
CA ALA F 236 -11.19 12.07 -40.71
C ALA F 236 -10.46 11.58 -41.95
N ASN F 237 -9.72 10.48 -41.83
CA ASN F 237 -9.13 9.83 -42.99
C ASN F 237 -9.49 8.35 -42.97
C1 NAG G . 14.91 11.68 -40.92
C2 NAG G . 14.04 12.81 -41.59
C3 NAG G . 12.55 12.49 -41.48
C4 NAG G . 12.23 11.19 -42.21
C5 NAG G . 13.15 10.04 -41.79
C6 NAG G . 13.95 9.46 -42.93
C7 NAG G . 14.40 14.92 -40.07
C8 NAG G . 13.94 14.27 -38.78
N2 NAG G . 14.38 14.20 -41.23
O3 NAG G . 11.80 13.54 -42.08
O4 NAG G . 10.90 10.81 -41.86
O5 NAG G . 14.06 10.42 -40.75
O6 NAG G . 13.64 10.06 -44.18
O7 NAG G . 14.75 16.10 -40.06
C1 NAG G . 10.05 10.75 -43.01
C2 NAG G . 9.38 9.37 -43.01
C3 NAG G . 7.85 9.50 -43.03
C4 NAG G . 7.38 10.46 -44.12
C5 NAG G . 8.19 11.75 -44.12
C6 NAG G . 7.34 12.99 -44.04
C7 NAG G . 10.15 7.28 -44.04
C8 NAG G . 10.60 6.60 -45.30
N2 NAG G . 9.83 8.57 -44.13
O3 NAG G . 7.39 9.95 -41.75
O4 NAG G . 7.48 9.85 -45.40
O5 NAG G . 9.06 11.77 -42.98
O6 NAG G . 8.00 14.06 -43.36
O7 NAG G . 10.07 6.67 -42.96
C1 NAG H . 21.48 4.99 -41.75
C2 NAG H . 21.31 3.49 -41.67
C3 NAG H . 19.98 3.03 -42.35
C4 NAG H . 19.31 4.10 -43.22
C5 NAG H . 19.33 5.51 -42.61
C6 NAG H . 17.99 5.95 -42.09
C7 NAG H . 23.29 2.01 -41.53
C8 NAG H . 23.01 1.91 -40.05
N2 NAG H . 22.44 2.78 -42.24
O3 NAG H . 19.07 2.61 -41.33
O4 NAG H . 19.84 4.19 -44.55
O5 NAG H . 20.26 5.62 -41.52
O6 NAG H . 17.39 4.95 -41.28
O7 NAG H . 24.23 1.43 -42.04
C1 NAG H . 20.37 3.02 -45.19
C2 NAG H . 19.98 2.98 -46.67
C3 NAG H . 20.65 1.79 -47.36
C4 NAG H . 22.16 1.80 -47.12
C5 NAG H . 22.46 1.89 -45.62
C6 NAG H . 23.92 2.06 -45.31
C7 NAG H . 17.86 3.79 -47.58
C8 NAG H . 16.38 3.59 -47.64
N2 NAG H . 18.54 2.92 -46.83
O3 NAG H . 20.36 1.84 -48.75
O4 NAG H . 22.75 0.60 -47.62
O5 NAG H . 21.79 3.04 -45.07
O6 NAG H . 24.14 3.12 -44.39
O7 NAG H . 18.41 4.69 -48.20
C1 BMA H . 23.51 0.87 -48.82
C2 BMA H . 24.82 0.06 -48.76
C3 BMA H . 24.49 -1.41 -48.71
C4 BMA H . 23.66 -1.87 -49.94
C5 BMA H . 22.47 -0.90 -50.29
C6 BMA H . 21.12 -1.31 -49.70
O2 BMA H . 25.55 0.35 -47.58
O3 BMA H . 23.81 -1.77 -47.50
O4 BMA H . 24.51 -2.03 -51.06
O5 BMA H . 22.75 0.53 -49.99
O6 BMA H . 20.16 -0.32 -50.03
C1 NAG I . 1.94 -63.47 23.54
C2 NAG I . 0.92 -62.57 24.27
C3 NAG I . 1.63 -61.76 25.35
C4 NAG I . 2.83 -61.05 24.77
C5 NAG I . 3.80 -62.07 24.18
C6 NAG I . 5.09 -62.18 24.95
C7 NAG I . -1.00 -61.30 23.28
C8 NAG I . -1.88 -61.85 24.36
N2 NAG I . 0.30 -61.67 23.30
O3 NAG I . 2.04 -62.64 26.38
O4 NAG I . 2.37 -60.24 23.68
O5 NAG I . 3.21 -63.39 24.21
O6 NAG I . 5.51 -63.52 25.10
O7 NAG I . -1.43 -60.55 22.42
C1 NAG I . 2.39 -58.86 24.00
C2 NAG I . 3.42 -58.25 23.02
C3 NAG I . 2.78 -57.50 21.83
C4 NAG I . 1.59 -56.60 22.20
C5 NAG I . 1.13 -56.81 23.63
C6 NAG I . -0.27 -56.32 23.87
C7 NAG I . 5.55 -57.91 24.20
C8 NAG I . 6.44 -56.93 24.89
N2 NAG I . 4.40 -57.42 23.71
O3 NAG I . 2.37 -58.46 20.86
O4 NAG I . 1.82 -55.24 21.88
O5 NAG I . 1.12 -58.22 23.84
O6 NAG I . -0.31 -55.37 24.93
O7 NAG I . 5.85 -59.10 24.08
C1 BMA I . 2.86 -54.59 22.64
C2 BMA I . 3.85 -53.96 21.64
C3 BMA I . 4.93 -53.08 22.34
C4 BMA I . 4.72 -52.85 23.87
C5 BMA I . 3.22 -52.72 24.24
C6 BMA I . 2.74 -51.29 24.05
O2 BMA I . 3.16 -53.11 20.74
O3 BMA I . 5.03 -51.81 21.73
O4 BMA I . 5.36 -53.85 24.65
O5 BMA I . 2.31 -53.60 23.48
O6 BMA I . 3.52 -50.45 24.90
C1 MAN I . 2.71 -49.35 25.41
C2 MAN I . 1.50 -49.94 26.21
C3 MAN I . 0.20 -49.19 25.87
C4 MAN I . 0.42 -47.66 25.79
C5 MAN I . 1.51 -47.33 24.73
C6 MAN I . 2.51 -46.28 25.21
O2 MAN I . 1.66 -49.86 27.64
O3 MAN I . -0.84 -49.49 26.81
O4 MAN I . -0.79 -47.02 25.42
O5 MAN I . 2.27 -48.53 24.34
O6 MAN I . 3.51 -46.14 24.20
C1 NAG I . 2.21 -51.04 28.30
C2 NAG I . 1.48 -52.34 27.87
C3 NAG I . 2.08 -53.57 28.54
C4 NAG I . 3.62 -53.54 28.66
C5 NAG I . 4.23 -52.14 28.82
C6 NAG I . 5.70 -52.10 28.45
C7 NAG I . -0.60 -52.13 29.28
C8 NAG I . -2.10 -52.10 29.20
N2 NAG I . 0.03 -52.27 28.10
O3 NAG I . 1.70 -54.74 27.83
O4 NAG I . 4.04 -54.31 29.79
O5 NAG I . 3.59 -51.17 27.99
O6 NAG I . 5.91 -51.43 27.22
O7 NAG I . 0.00 -52.03 30.36
C1 GAL I . 3.24 -54.17 31.02
C2 GAL I . 3.39 -55.41 31.94
C3 GAL I . 2.37 -55.30 33.10
C4 GAL I . 2.46 -53.92 33.84
C5 GAL I . 2.56 -52.75 32.83
C6 GAL I . 2.93 -51.40 33.44
O2 GAL I . 3.14 -56.62 31.26
O3 GAL I . 2.58 -56.31 34.08
O4 GAL I . 3.56 -53.90 34.73
O5 GAL I . 3.57 -53.02 31.83
O6 GAL I . 4.34 -51.23 33.50
C1 MAN I . 6.15 -51.66 20.84
C2 MAN I . 7.46 -51.59 21.63
C3 MAN I . 7.44 -50.37 22.55
C4 MAN I . 7.15 -49.08 21.73
C5 MAN I . 5.86 -49.26 20.90
C6 MAN I . 5.60 -48.11 19.96
O2 MAN I . 8.53 -51.32 20.75
O3 MAN I . 8.66 -50.23 23.28
O4 MAN I . 7.01 -47.98 22.62
O5 MAN I . 5.96 -50.47 20.10
O6 MAN I . 5.55 -48.63 18.63
C1 NAG I . 9.21 -52.52 20.37
C2 NAG I . 9.94 -52.24 19.04
C3 NAG I . 10.84 -53.42 18.64
C4 NAG I . 11.75 -53.80 19.79
C5 NAG I . 10.91 -54.11 21.03
C6 NAG I . 11.74 -54.46 22.24
C7 NAG I . 8.05 -52.62 17.42
C8 NAG I . 7.27 -51.97 16.32
N2 NAG I . 9.03 -51.87 17.95
O3 NAG I . 11.60 -53.07 17.50
O4 NAG I . 12.54 -54.93 19.44
O5 NAG I . 10.14 -52.95 21.37
O6 NAG I . 10.95 -55.11 23.22
O7 NAG I . 7.79 -53.76 17.80
C1 NAG J . 10.76 -88.96 7.30
C2 NAG J . 12.18 -89.29 6.80
C3 NAG J . 13.18 -88.29 7.36
C4 NAG J . 12.62 -86.88 7.33
C5 NAG J . 11.51 -86.78 8.37
C6 NAG J . 10.43 -85.76 8.07
C7 NAG J . 12.05 -91.75 6.60
C8 NAG J . 12.54 -93.06 7.16
N2 NAG J . 12.54 -90.64 7.18
O3 NAG J . 14.38 -88.36 6.59
O4 NAG J . 13.66 -85.96 7.61
O5 NAG J . 10.83 -88.05 8.48
O6 NAG J . 10.35 -85.49 6.68
O7 NAG J . 11.27 -91.71 5.67
C1 NAG J . 13.59 -84.77 6.77
C2 NAG J . 15.03 -84.24 6.44
C3 NAG J . 15.25 -84.04 4.94
C4 NAG J . 14.78 -85.27 4.19
C5 NAG J . 13.26 -85.20 4.15
C6 NAG J . 12.62 -86.48 3.66
C7 NAG J . 14.73 -81.85 7.16
C8 NAG J . 15.29 -80.80 8.06
N2 NAG J . 15.36 -83.04 7.20
O3 NAG J . 16.64 -83.83 4.71
O4 NAG J . 15.29 -85.25 2.85
O5 NAG J . 12.73 -84.91 5.45
O6 NAG J . 11.32 -86.66 4.23
O7 NAG J . 13.76 -81.64 6.43
C1 NAG K . 19.95 -58.32 10.01
C2 NAG K . 20.08 -59.34 11.14
C3 NAG K . 21.54 -59.74 11.34
C4 NAG K . 22.16 -60.21 10.03
C5 NAG K . 21.97 -59.13 8.96
C6 NAG K . 22.48 -59.52 7.59
C7 NAG K . 18.84 -59.55 13.25
C8 NAG K . 18.33 -58.83 14.46
N2 NAG K . 19.52 -58.80 12.37
O3 NAG K . 21.62 -60.78 12.31
O4 NAG K . 23.55 -60.49 10.24
O5 NAG K . 20.57 -58.84 8.82
O6 NAG K . 21.50 -60.27 6.87
O7 NAG K . 18.66 -60.75 13.07
C1 NAG K . 23.85 -61.89 9.96
C2 NAG K . 25.19 -61.92 9.27
C3 NAG K . 26.30 -61.60 10.25
C4 NAG K . 26.36 -62.64 11.35
C5 NAG K . 25.01 -62.90 12.03
C6 NAG K . 24.74 -62.01 13.22
C7 NAG K . 25.79 -63.36 7.34
C8 NAG K . 25.93 -62.10 6.53
N2 NAG K . 25.43 -63.21 8.62
O3 NAG K . 26.09 -60.30 10.79
O4 NAG K . 26.85 -63.87 10.82
O5 NAG K . 23.87 -62.80 11.15
O6 NAG K . 24.22 -62.75 14.32
O7 NAG K . 25.98 -64.47 6.85
C1 NAG L . 10.80 -46.69 -6.80
C2 NAG L . 11.91 -46.39 -5.75
C3 NAG L . 13.28 -47.01 -6.13
C4 NAG L . 13.10 -48.24 -7.01
C5 NAG L . 12.54 -47.79 -8.36
C6 NAG L . 12.05 -48.92 -9.24
C7 NAG L . 11.89 -44.33 -4.37
C8 NAG L . 11.51 -45.20 -3.19
N2 NAG L . 12.06 -44.96 -5.54
O3 NAG L . 13.96 -47.38 -4.95
O4 NAG L . 14.32 -48.98 -7.10
O5 NAG L . 11.41 -46.91 -8.18
O6 NAG L . 12.70 -48.88 -10.51
O7 NAG L . 12.02 -43.13 -4.26
C1 NAG L . 15.42 -48.53 -7.94
C2 NAG L . 16.80 -48.67 -7.25
C3 NAG L . 17.93 -48.38 -8.24
C4 NAG L . 17.78 -49.21 -9.50
C5 NAG L . 16.41 -48.94 -10.11
C6 NAG L . 16.15 -49.78 -11.36
C7 NAG L . 17.69 -48.03 -5.05
C8 NAG L . 17.67 -47.02 -3.95
N2 NAG L . 16.89 -47.79 -6.09
O3 NAG L . 19.19 -48.67 -7.65
O4 NAG L . 18.80 -48.87 -10.44
O5 NAG L . 15.40 -49.28 -9.17
O6 NAG L . 17.12 -49.53 -12.36
O7 NAG L . 18.41 -49.03 -5.00
C1 NAG M . 5.22 -99.20 16.96
C2 NAG M . 4.58 -99.73 18.25
C3 NAG M . 5.19 -101.09 18.62
C4 NAG M . 6.63 -101.24 18.14
C5 NAG M . 6.72 -100.99 16.62
C6 NAG M . 6.85 -102.27 15.82
C7 NAG M . 3.83 -98.42 20.23
C8 NAG M . 2.48 -99.07 20.09
N2 NAG M . 4.77 -98.78 19.34
O3 NAG M . 4.38 -102.13 18.07
O4 NAG M . 7.47 -100.39 18.92
O5 NAG M . 5.56 -100.29 16.13
O6 NAG M . 8.03 -102.98 16.14
O7 NAG M . 4.08 -97.60 21.12
C1 NAG M . 8.76 -99.98 18.37
C2 NAG M . 9.00 -98.48 18.62
C3 NAG M . 10.38 -98.08 18.09
C4 NAG M . 11.46 -98.96 18.70
C5 NAG M . 11.15 -100.43 18.45
C6 NAG M . 12.12 -101.37 19.13
C7 NAG M . 7.27 -96.71 18.64
C8 NAG M . 7.59 -96.50 20.09
N2 NAG M . 7.97 -97.66 18.00
O3 NAG M . 10.63 -96.71 18.40
O4 NAG M . 12.72 -98.64 18.14
O5 NAG M . 9.84 -100.75 18.95
O6 NAG M . 12.04 -102.68 18.59
O7 NAG M . 6.41 -96.05 18.06
C1 NAG N . -6.57 31.73 -38.04
C2 NAG N . -7.68 32.66 -38.39
C3 NAG N . -9.01 32.03 -38.02
C4 NAG N . -9.13 30.56 -38.44
C5 NAG N . -7.79 29.78 -38.54
C6 NAG N . -7.81 28.73 -39.63
C7 NAG N . -7.41 35.10 -38.39
C8 NAG N . -7.24 36.33 -37.55
N2 NAG N . -7.52 33.94 -37.72
O3 NAG N . -10.03 32.78 -38.66
O4 NAG N . -9.89 29.92 -37.41
O5 NAG N . -6.65 30.62 -38.82
O6 NAG N . -6.82 29.00 -40.61
O7 NAG N . -7.47 35.15 -39.61
C1 NAG N . -11.10 29.18 -37.75
C2 NAG N . -12.07 30.03 -38.60
C3 NAG N . -13.14 29.18 -39.32
C4 NAG N . -12.99 27.65 -39.26
C5 NAG N . -11.84 27.13 -38.40
C6 NAG N . -11.30 25.80 -38.89
C7 NAG N . -12.97 32.28 -38.20
C8 NAG N . -13.64 33.19 -37.20
N2 NAG N . -12.70 31.05 -37.77
O3 NAG N . -13.20 29.59 -40.68
O4 NAG N . -14.18 27.11 -38.70
O5 NAG N . -10.74 28.05 -38.45
O6 NAG N . -12.10 24.73 -38.41
O7 NAG N . -12.67 32.67 -39.32
C1 BMA N . -14.91 26.33 -39.66
C2 BMA N . -15.94 25.55 -38.88
C3 BMA N . -16.75 24.65 -39.82
C4 BMA N . -17.26 25.39 -41.09
C5 BMA N . -16.26 26.48 -41.64
C6 BMA N . -16.96 27.57 -42.47
O2 BMA N . -16.89 26.44 -38.31
O3 BMA N . -17.85 24.15 -39.11
O4 BMA N . -17.50 24.45 -42.12
O5 BMA N . -15.54 27.16 -40.58
O6 BMA N . -18.06 28.10 -41.71
C1 MAN N . -17.80 29.43 -41.18
C2 MAN N . -18.96 30.36 -41.70
C3 MAN N . -18.64 31.88 -41.50
C4 MAN N . -17.14 32.26 -41.71
C5 MAN N . -16.17 31.24 -41.07
C6 MAN N . -16.13 31.28 -39.53
O2 MAN N . -20.08 30.11 -40.89
O3 MAN N . -19.11 32.41 -40.25
O4 MAN N . -16.86 32.39 -43.10
O5 MAN N . -16.50 29.91 -41.53
O6 MAN N . -16.35 32.62 -39.11
C1 NAG N . -21.34 30.37 -41.46
C2 NAG N . -22.24 29.14 -41.23
C3 NAG N . -23.72 29.45 -41.46
C4 NAG N . -24.11 30.66 -40.62
C5 NAG N . -23.30 31.82 -41.15
C6 NAG N . -23.63 33.14 -40.50
C7 NAG N . -21.74 27.86 -43.35
C8 NAG N . -21.26 26.55 -43.86
N2 NAG N . -21.80 27.97 -42.00
O3 NAG N . -24.49 28.30 -41.15
O4 NAG N . -25.51 30.90 -40.57
O5 NAG N . -21.92 31.55 -40.86
O6 NAG N . -22.75 33.43 -39.43
O7 NAG N . -22.06 28.78 -44.11
C1 GAL N . -25.89 30.48 -39.23
C2 GAL N . -26.26 31.68 -38.30
C3 GAL N . -27.19 31.26 -37.11
C4 GAL N . -27.14 29.72 -36.75
C5 GAL N . -27.11 28.83 -38.03
C6 GAL N . -28.32 27.94 -38.21
O2 GAL N . -25.12 32.29 -37.72
O3 GAL N . -28.54 31.61 -37.35
O4 GAL N . -28.25 29.37 -35.95
O5 GAL N . -27.00 29.59 -39.24
O6 GAL N . -28.38 27.44 -39.54
C1 MAN N . -18.03 22.75 -39.38
C2 MAN N . -19.51 22.62 -39.75
C3 MAN N . -19.79 21.16 -39.98
C4 MAN N . -19.38 20.22 -38.80
C5 MAN N . -18.59 20.95 -37.68
C6 MAN N . -17.81 19.99 -36.83
O2 MAN N . -19.77 23.26 -40.98
O3 MAN N . -19.11 20.75 -41.15
O4 MAN N . -20.52 19.62 -38.23
O5 MAN N . -17.65 21.93 -38.26
O6 MAN N . -18.48 18.75 -36.85
C1 NAG O . -5.22 26.57 -34.23
C2 NAG O . -6.33 25.94 -35.06
C3 NAG O . -5.92 25.80 -36.54
C4 NAG O . -4.41 25.76 -36.76
C5 NAG O . -3.65 26.84 -35.97
C6 NAG O . -3.03 27.90 -36.86
C7 NAG O . -6.17 23.56 -34.28
C8 NAG O . -6.97 22.44 -33.70
N2 NAG O . -6.85 24.69 -34.50
O3 NAG O . -6.48 26.86 -37.29
O4 NAG O . -3.91 24.48 -36.35
O5 NAG O . -4.51 27.51 -35.03
O6 NAG O . -1.66 28.09 -36.54
O7 NAG O . -4.98 23.43 -34.54
C1 NAG O . -3.00 23.82 -37.28
C2 NAG O . -3.64 23.70 -38.66
C3 NAG O . -2.60 23.91 -39.77
C4 NAG O . -1.26 23.28 -39.42
C5 NAG O . -0.74 23.79 -38.07
C6 NAG O . 0.46 24.70 -38.21
C7 NAG O . -5.58 22.26 -39.22
C8 NAG O . -6.35 23.53 -39.54
N2 NAG O . -4.31 22.41 -38.82
O3 NAG O . -2.44 25.30 -40.02
O4 NAG O . -1.35 21.85 -39.35
O5 NAG O . -1.75 24.55 -37.39
O6 NAG O . 0.12 26.05 -37.91
O7 NAG O . -6.10 21.15 -39.34
C1 BMA O . -1.61 21.32 -40.66
C2 BMA O . -0.25 21.14 -41.38
C3 BMA O . -0.58 20.66 -42.78
C4 BMA O . -1.35 19.33 -42.76
C5 BMA O . -2.66 19.52 -41.91
C6 BMA O . -3.45 18.23 -41.71
O2 BMA O . 0.52 20.13 -40.76
O3 BMA O . 0.58 20.58 -43.62
O4 BMA O . -1.66 18.96 -44.08
O5 BMA O . -2.30 20.06 -40.61
O6 BMA O . -3.11 17.34 -42.78
C1 MAN O . -4.24 16.98 -43.61
C2 MAN O . -3.59 16.38 -44.94
C3 MAN O . -3.73 17.28 -46.21
C4 MAN O . -5.00 18.13 -46.21
C5 MAN O . -4.99 18.97 -44.94
C6 MAN O . -6.09 20.01 -44.91
O2 MAN O . -4.07 15.06 -45.26
O3 MAN O . -3.64 16.53 -47.42
O4 MAN O . -5.00 19.00 -47.34
O5 MAN O . -5.18 18.08 -43.81
O6 MAN O . -5.80 21.00 -45.89
C1 NAG O . -2.91 14.18 -45.17
C2 NAG O . -2.92 13.44 -43.83
C3 NAG O . -2.53 11.98 -44.04
C4 NAG O . -3.56 11.31 -44.94
C5 NAG O . -3.57 11.98 -46.30
C6 NAG O . -4.97 12.33 -46.79
C7 NAG O . -2.38 14.41 -41.61
C8 NAG O . -3.80 14.09 -41.20
N2 NAG O . -2.03 14.07 -42.87
O3 NAG O . -2.46 11.33 -42.77
O4 NAG O . -3.24 9.93 -45.10
O5 NAG O . -2.80 13.20 -46.32
O6 NAG O . -4.93 13.34 -47.80
O7 NAG O . -1.59 14.94 -40.85
C1 GAL O . -4.24 9.13 -44.46
C2 GAL O . -4.87 8.16 -45.51
C3 GAL O . -4.58 6.69 -45.19
C4 GAL O . -4.97 6.32 -43.72
C5 GAL O . -4.54 7.42 -42.74
C6 GAL O . -3.77 6.92 -41.53
O2 GAL O . -6.28 8.31 -45.58
O3 GAL O . -3.19 6.39 -45.34
O4 GAL O . -4.35 5.10 -43.36
O5 GAL O . -3.67 8.39 -43.37
O6 GAL O . -4.28 5.68 -41.08
C1 MAN O . 0.44 21.46 -44.77
C2 MAN O . 1.59 22.51 -44.70
C3 MAN O . 1.13 23.88 -45.25
C4 MAN O . 0.16 23.76 -46.44
C5 MAN O . -1.12 23.00 -45.97
C6 MAN O . -1.80 22.19 -47.07
O2 MAN O . 2.71 22.12 -45.52
O3 MAN O . 2.24 24.70 -45.61
O4 MAN O . -0.20 25.04 -46.92
O5 MAN O . -0.85 22.11 -44.84
O6 MAN O . -2.86 21.45 -46.46
C1 MAN P . -27.74 -46.02 -5.03
C2 MAN P . -26.60 -45.01 -5.40
C3 MAN P . -25.75 -44.57 -4.16
C4 MAN P . -25.96 -45.32 -2.79
C5 MAN P . -27.32 -46.06 -2.69
C6 MAN P . -28.06 -45.90 -1.29
O2 MAN P . -27.16 -43.77 -5.86
O3 MAN P . -25.86 -43.15 -3.96
O4 MAN P . -24.91 -46.24 -2.59
O5 MAN P . -28.22 -45.69 -3.75
O6 MAN P . -28.30 -47.21 -0.60
C1 NAG P . -28.78 -48.21 -1.58
C2 NAG P . -27.94 -49.47 -1.44
C3 NAG P . -28.23 -50.37 -2.62
C4 NAG P . -29.73 -50.57 -2.86
C5 NAG P . -30.65 -49.38 -2.46
C6 NAG P . -32.04 -49.82 -2.08
C7 NAG P . -25.72 -49.55 -0.37
C8 NAG P . -24.29 -49.13 -0.45
N2 NAG P . -26.52 -49.14 -1.36
O3 NAG P . -27.62 -51.64 -2.40
O4 NAG P . -30.03 -50.90 -4.22
O5 NAG P . -30.16 -48.57 -1.38
O6 NAG P . -32.13 -51.24 -2.00
O7 NAG P . -26.15 -50.24 0.56
C1 BMA P . -29.39 -50.51 -5.53
C2 BMA P . -29.35 -48.86 -5.97
C3 BMA P . -27.87 -48.23 -6.15
C4 BMA P . -26.79 -49.30 -6.70
C5 BMA P . -27.42 -50.71 -6.92
C6 BMA P . -26.49 -51.84 -7.36
O2 BMA P . -30.26 -47.99 -5.29
O3 BMA P . -27.30 -47.42 -5.04
O4 BMA P . -26.20 -48.83 -7.91
O5 BMA P . -28.03 -51.09 -5.70
O6 BMA P . -27.20 -52.68 -8.29
C1 MAN P . -27.78 -53.85 -7.65
C2 MAN P . -27.93 -55.00 -8.72
C3 MAN P . -29.18 -55.79 -8.36
C4 MAN P . -30.45 -54.93 -8.49
C5 MAN P . -30.25 -53.55 -7.84
C6 MAN P . -31.44 -53.15 -7.00
O2 MAN P . -26.87 -55.95 -8.76
O3 MAN P . -29.10 -56.35 -7.05
O4 MAN P . -30.77 -54.76 -9.87
O5 MAN P . -29.03 -53.56 -6.99
O6 MAN P . -31.83 -51.84 -7.38
C1 NAG P . -26.30 -55.96 -10.09
C2 NAG P . -25.15 -57.03 -10.19
C3 NAG P . -25.55 -58.30 -10.96
C4 NAG P . -27.04 -58.55 -10.85
C5 NAG P . -27.73 -57.48 -11.67
C6 NAG P . -29.24 -57.53 -11.59
C7 NAG P . -23.71 -55.93 -11.94
C8 NAG P . -22.33 -55.42 -12.22
N2 NAG P . -23.91 -56.46 -10.72
O3 NAG P . -24.83 -59.41 -10.44
O4 NAG P . -27.35 -59.83 -11.39
O5 NAG P . -27.33 -56.17 -11.23
O6 NAG P . -29.68 -58.36 -10.51
O7 NAG P . -24.61 -55.86 -12.79
C1 NAG P . -27.00 -43.54 -7.27
C2 NAG P . -28.40 -43.34 -7.84
C3 NAG P . -28.37 -42.46 -9.10
C4 NAG P . -27.05 -42.51 -9.85
C5 NAG P . -25.86 -42.21 -8.94
C6 NAG P . -25.35 -40.80 -9.07
C7 NAG P . -30.15 -45.04 -7.45
C8 NAG P . -30.71 -44.13 -6.40
N2 NAG P . -29.06 -44.61 -8.11
O3 NAG P . -28.65 -41.11 -8.75
O4 NAG P . -26.86 -43.75 -10.51
O5 NAG P . -26.21 -42.39 -7.55
O6 NAG P . -26.25 -39.98 -9.82
O7 NAG P . -30.67 -46.12 -7.71
C1 NAG Q . -55.40 -52.20 25.89
C2 NAG Q . -55.77 -51.00 26.78
C3 NAG Q . -56.36 -49.86 25.93
C4 NAG Q . -55.49 -49.52 24.72
C5 NAG Q . -55.11 -50.80 23.96
C6 NAG Q . -54.08 -50.57 22.86
C7 NAG Q . -56.91 -50.76 28.97
C8 NAG Q . -57.94 -51.34 29.88
N2 NAG Q . -56.73 -51.41 27.81
O3 NAG Q . -56.54 -48.69 26.72
O4 NAG Q . -56.24 -48.64 23.88
O5 NAG Q . -54.52 -51.76 24.85
O6 NAG Q . -54.47 -51.19 21.64
O7 NAG Q . -56.28 -49.75 29.25
C1 NAG Q . -55.61 -47.37 23.52
C2 NAG Q . -56.33 -46.17 24.18
C3 NAG Q . -55.63 -44.87 23.78
C4 NAG Q . -54.14 -44.92 24.09
C5 NAG Q . -53.51 -46.15 23.44
C6 NAG Q . -52.05 -46.32 23.78
C7 NAG Q . -58.75 -45.95 24.65
C8 NAG Q . -58.39 -45.79 26.11
N2 NAG Q . -57.73 -46.14 23.80
O3 NAG Q . -56.24 -43.78 24.48
O4 NAG Q . -53.50 -43.75 23.60
O5 NAG Q . -54.19 -47.34 23.88
O6 NAG Q . -51.23 -45.50 22.98
O7 NAG Q . -59.92 -45.92 24.27
C1 NAG R . -38.53 -29.19 12.35
C2 NAG R . -39.33 -29.04 11.05
C3 NAG R . -40.55 -28.16 11.30
C4 NAG R . -41.53 -28.83 12.24
C5 NAG R . -40.82 -29.41 13.48
C6 NAG R . -40.93 -30.92 13.63
C7 NAG R . -38.01 -29.21 8.97
C8 NAG R . -38.34 -30.67 8.94
N2 NAG R . -38.51 -28.50 9.99
O3 NAG R . -41.18 -27.87 10.06
O4 NAG R . -42.54 -27.87 12.58
O5 NAG R . -39.43 -29.05 13.54
O6 NAG R . -42.26 -31.29 13.98
O7 NAG R . -37.31 -28.69 8.10
C1 NAG R . -43.06 -27.80 13.95
C2 NAG R . -42.65 -26.48 14.63
C3 NAG R . -43.43 -25.30 14.04
C4 NAG R . -44.93 -25.51 14.16
C5 NAG R . -45.41 -26.88 13.69
C6 NAG R . -45.75 -26.97 12.20
C7 NAG R . -41.80 -26.67 16.93
C8 NAG R . -40.41 -26.73 16.35
N2 NAG R . -42.81 -26.55 16.07
O3 NAG R . -43.06 -25.10 12.68
O4 NAG R . -45.33 -25.34 15.53
O5 NAG R . -44.53 -27.98 14.01
O6 NAG R . -44.67 -26.60 11.35
O7 NAG R . -41.98 -26.73 18.14
C1 NAG S . -22.08 -24.80 25.87
C2 NAG S . -22.50 -23.97 27.02
C3 NAG S . -24.00 -24.03 27.06
C4 NAG S . -24.50 -23.34 25.79
C5 NAG S . -23.89 -24.02 24.55
C6 NAG S . -24.14 -23.28 23.26
C7 NAG S . -21.44 -23.35 29.14
C8 NAG S . -21.51 -21.92 28.68
N2 NAG S . -21.90 -24.29 28.31
O3 NAG S . -24.46 -23.56 28.33
O4 NAG S . -25.91 -23.20 25.70
O5 NAG S . -22.45 -24.16 24.67
O6 NAG S . -24.07 -24.15 22.14
O7 NAG S . -20.97 -23.64 30.22
C1 NAG S . -25.90 -21.84 26.21
C2 NAG S . -26.41 -20.78 25.20
C3 NAG S . -27.20 -19.63 25.89
C4 NAG S . -26.96 -19.46 27.40
C5 NAG S . -26.39 -20.68 28.11
C6 NAG S . -26.96 -20.89 29.49
C7 NAG S . -24.22 -19.60 24.77
C8 NAG S . -23.28 -19.19 23.68
N2 NAG S . -25.33 -20.25 24.36
O3 NAG S . -28.59 -19.84 25.66
O4 NAG S . -26.20 -18.29 27.68
O5 NAG S . -26.72 -21.84 27.35
O6 NAG S . -26.90 -22.26 29.87
O7 NAG S . -23.99 -19.34 25.95
C1 BMA S . -27.04 -17.26 28.27
C2 BMA S . -27.14 -16.07 27.23
C3 BMA S . -28.57 -15.63 26.90
C4 BMA S . -29.56 -16.78 26.94
C5 BMA S . -29.65 -17.29 28.36
C6 BMA S . -30.58 -18.48 28.42
O2 BMA S . -26.50 -16.40 26.00
O3 BMA S . -28.62 -15.00 25.62
O4 BMA S . -30.83 -16.35 26.50
O5 BMA S . -28.35 -17.82 28.76
O6 BMA S . -31.34 -18.44 29.60
C1 MAN S . -32.70 -18.70 29.18
C2 MAN S . -33.35 -17.30 28.92
C3 MAN S . -34.78 -17.29 29.46
C4 MAN S . -34.89 -17.71 30.98
C5 MAN S . -33.82 -18.78 31.35
C6 MAN S . -34.36 -19.81 32.34
O2 MAN S . -33.46 -17.03 27.53
O3 MAN S . -35.66 -18.09 28.67
O4 MAN S . -34.74 -16.58 31.81
O5 MAN S . -33.41 -19.47 30.16
O6 MAN S . -33.82 -19.51 33.62
C1 NAG T . -61.69 -66.10 20.78
C2 NAG T . -62.83 -65.27 21.43
C3 NAG T . -63.57 -64.36 20.41
C4 NAG T . -63.39 -64.80 18.96
C5 NAG T . -63.37 -66.32 18.88
C6 NAG T . -63.34 -66.86 17.47
C7 NAG T . -63.60 -66.42 23.45
C8 NAG T . -64.66 -67.31 24.04
N2 NAG T . -63.77 -66.11 22.16
O3 NAG T . -63.12 -63.02 20.56
O4 NAG T . -64.44 -64.27 18.15
O5 NAG T . -62.18 -66.81 19.53
O6 NAG T . -64.62 -66.73 16.86
O7 NAG T . -62.66 -66.02 24.10
C1 NAG T . -63.98 -63.24 17.25
C2 NAG T . -64.90 -61.99 17.37
C3 NAG T . -64.38 -60.85 16.49
C4 NAG T . -62.92 -60.56 16.77
C5 NAG T . -62.09 -61.83 16.61
C6 NAG T . -60.63 -61.65 16.96
C7 NAG T . -66.83 -62.75 15.94
C8 NAG T . -68.32 -62.96 15.96
N2 NAG T . -66.30 -62.30 17.10
O3 NAG T . -65.16 -59.68 16.73
O4 NAG T . -62.43 -59.58 15.86
O5 NAG T . -62.60 -62.85 17.50
O6 NAG T . -60.37 -62.01 18.30
O7 NAG T . -66.16 -62.97 14.94
C1 NAG U . 24.54 49.69 -8.50
C2 NAG U . 25.98 49.67 -9.04
C3 NAG U . 26.93 49.13 -7.98
C4 NAG U . 26.94 50.03 -6.75
C5 NAG U . 25.52 50.24 -6.21
C6 NAG U . 25.08 51.69 -6.19
C7 NAG U . 25.85 47.66 -10.56
C8 NAG U . 26.08 47.22 -11.98
N2 NAG U . 26.12 48.95 -10.31
O3 NAG U . 28.25 49.06 -8.53
O4 NAG U . 27.71 49.35 -5.77
O5 NAG U . 24.54 49.52 -6.99
O6 NAG U . 26.04 52.56 -6.77
O7 NAG U . 25.44 46.87 -9.70
C1 NAG U . 28.06 50.18 -4.64
C2 NAG U . 29.24 49.53 -3.90
C3 NAG U . 29.66 50.40 -2.71
C4 NAG U . 29.93 51.82 -3.15
C5 NAG U . 28.74 52.39 -3.91
C6 NAG U . 28.97 53.78 -4.46
C7 NAG U . 29.16 47.09 -4.19
C8 NAG U . 28.75 45.79 -3.58
N2 NAG U . 28.91 48.19 -3.46
O3 NAG U . 30.82 49.82 -2.11
O4 NAG U . 30.20 52.64 -2.02
O5 NAG U . 28.41 51.54 -5.02
O6 NAG U . 27.84 54.25 -5.17
O7 NAG U . 29.71 47.15 -5.28
C1 NAG V . 16.98 55.49 -6.26
C2 NAG V . 16.34 56.40 -5.27
C3 NAG V . 17.21 57.62 -5.04
C4 NAG V . 18.67 57.27 -4.76
C5 NAG V . 19.19 56.05 -5.57
C6 NAG V . 20.37 55.39 -4.92
C7 NAG V . 13.94 56.75 -4.86
C8 NAG V . 12.63 57.18 -5.46
N2 NAG V . 15.00 56.78 -5.69
O3 NAG V . 16.65 58.34 -3.94
O4 NAG V . 19.51 58.34 -5.18
O5 NAG V . 18.19 55.03 -5.75
O6 NAG V . 19.96 54.26 -4.15
O7 NAG V . 14.04 56.38 -3.70
C1 NAG V . 19.64 59.49 -4.32
C2 NAG V . 21.06 60.05 -4.46
C3 NAG V . 21.21 61.34 -3.65
C4 NAG V . 20.13 62.34 -4.05
C5 NAG V . 18.75 61.71 -3.90
C6 NAG V . 17.63 62.61 -4.38
C7 NAG V . 23.23 58.90 -4.66
C8 NAG V . 24.12 57.84 -4.09
N2 NAG V . 22.05 59.06 -4.04
O3 NAG V . 22.50 61.90 -3.88
O4 NAG V . 20.21 63.49 -3.21
O5 NAG V . 18.69 60.51 -4.69
O6 NAG V . 18.04 63.39 -5.49
O7 NAG V . 23.55 59.57 -5.64
C1 NAG W . -33.06 -4.16 58.54
C2 NAG W . -32.29 -5.47 58.21
C3 NAG W . -32.78 -6.05 56.88
C4 NAG W . -32.76 -5.01 55.77
C5 NAG W . -33.41 -3.71 56.24
C6 NAG W . -34.48 -3.20 55.30
C7 NAG W . -29.86 -5.97 58.54
C8 NAG W . -30.23 -7.31 59.11
N2 NAG W . -30.86 -5.18 58.13
O3 NAG W . -34.11 -6.53 57.07
O4 NAG W . -31.41 -4.76 55.38
O5 NAG W . -34.03 -3.90 57.52
O6 NAG W . -33.94 -2.88 54.03
O7 NAG W . -28.69 -5.62 58.43
C1 NAG W . -31.19 -5.13 54.00
C2 NAG W . -30.64 -3.89 53.22
C3 NAG W . -29.12 -4.01 52.89
C4 NAG W . -28.70 -5.37 52.35
C5 NAG W . -29.74 -6.45 52.58
C6 NAG W . -29.18 -7.85 52.56
C7 NAG W . -31.60 -2.38 51.54
C8 NAG W . -32.44 -2.28 50.30
N2 NAG W . -31.42 -3.61 52.03
O3 NAG W . -28.36 -3.69 54.03
O4 NAG W . -28.22 -5.33 51.01
O5 NAG W . -30.27 -6.23 53.89
O6 NAG W . -27.83 -7.88 52.99
O7 NAG W . -31.09 -1.40 52.07
C1 BMA W . -29.14 -5.01 49.94
C2 BMA W . -28.54 -3.81 49.18
C3 BMA W . -29.25 -3.50 47.82
C4 BMA W . -30.25 -4.58 47.34
C5 BMA W . -29.83 -6.02 47.72
C6 BMA W . -28.77 -6.61 46.78
O2 BMA W . -27.17 -4.06 48.85
O3 BMA W . -28.28 -3.31 46.80
O4 BMA W . -31.57 -4.30 47.81
O5 BMA W . -29.35 -6.16 49.12
O6 BMA W . -29.31 -7.75 46.12
C1 MAN W . -29.22 -8.88 47.01
C2 MAN W . -28.40 -10.13 46.41
C3 MAN W . -28.67 -11.45 47.21
C4 MAN W . -29.89 -11.38 48.19
C5 MAN W . -31.01 -10.58 47.52
C6 MAN W . -32.30 -10.57 48.31
O2 MAN W . -26.94 -9.98 46.40
O3 MAN W . -27.51 -11.89 47.90
O4 MAN W . -30.34 -12.68 48.52
O5 MAN W . -30.59 -9.19 47.40
O6 MAN W . -32.99 -9.36 47.99
C1 NAG W . -26.53 -9.14 45.28
C2 NAG W . -25.03 -9.17 45.08
C3 NAG W . -24.64 -8.24 43.93
C4 NAG W . -25.50 -8.43 42.68
C5 NAG W . -27.00 -8.66 43.00
C6 NAG W . -27.77 -9.24 41.84
C7 NAG W . -23.45 -9.60 46.94
C8 NAG W . -23.19 -10.95 46.33
N2 NAG W . -24.32 -8.81 46.30
O3 NAG W . -23.26 -8.43 43.60
O4 NAG W . -25.42 -7.23 41.93
O5 NAG W . -27.18 -9.57 44.09
O6 NAG W . -27.99 -10.64 42.01
O7 NAG W . -22.89 -9.23 47.97
C1 GAL W . -24.98 -7.33 40.55
C2 GAL W . -23.78 -6.37 40.35
C3 GAL W . -23.31 -6.38 38.89
C4 GAL W . -23.04 -7.84 38.40
C5 GAL W . -24.23 -8.75 38.76
C6 GAL W . -24.00 -10.23 38.48
O2 GAL W . -24.10 -5.03 40.68
O3 GAL W . -22.11 -5.64 38.73
O4 GAL W . -21.85 -8.34 38.99
O5 GAL W . -24.57 -8.65 40.16
O6 GAL W . -25.22 -10.95 38.56
C1 MAN W . -28.38 -1.99 46.26
C2 MAN W . -28.89 -2.10 44.80
C3 MAN W . -27.81 -2.78 43.92
C4 MAN W . -26.40 -2.14 44.12
C5 MAN W . -26.06 -2.10 45.62
C6 MAN W . -24.74 -1.41 45.93
O2 MAN W . -29.10 -0.83 44.16
O3 MAN W . -28.16 -2.76 42.55
O4 MAN W . -25.41 -2.87 43.44
O5 MAN W . -27.11 -1.39 46.32
O6 MAN W . -24.58 -0.33 45.01
C1 NAG W . -30.01 0.05 44.85
C2 NAG W . -29.48 1.48 44.60
C3 NAG W . -30.48 2.56 45.08
C4 NAG W . -31.90 2.25 44.67
C5 NAG W . -32.26 0.84 45.09
C6 NAG W . -33.67 0.43 44.72
C7 NAG W . -27.84 1.61 46.48
C8 NAG W . -26.39 1.81 46.80
N2 NAG W . -28.16 1.67 45.17
O3 NAG W . -30.08 3.82 44.54
O4 NAG W . -32.80 3.17 45.28
O5 NAG W . -31.37 -0.07 44.42
O6 NAG W . -34.29 -0.25 45.80
O7 NAG W . -28.66 1.40 47.38
C1 NAG X . -42.80 19.73 76.27
C2 NAG X . -43.24 21.19 76.33
C3 NAG X . -43.95 21.56 75.04
C4 NAG X . -42.95 21.65 73.90
C5 NAG X . -42.13 20.35 73.77
C6 NAG X . -40.65 20.60 73.59
C7 NAG X . -44.02 22.51 78.25
C8 NAG X . -44.99 22.58 79.38
N2 NAG X . -44.11 21.42 77.47
O3 NAG X . -44.61 22.81 75.20
O4 NAG X . -43.65 21.91 72.70
O5 NAG X . -42.28 19.40 74.86
O6 NAG X . -40.31 21.96 73.82
O7 NAG X . -43.19 23.40 78.04
C1 NAG X . -42.90 22.60 71.65
C2 NAG X . -43.12 21.86 70.33
C3 NAG X . -42.37 22.55 69.20
C4 NAG X . -42.74 24.03 69.12
C5 NAG X . -42.50 24.69 70.48
C6 NAG X . -42.93 26.14 70.53
C7 NAG X . -43.56 19.42 70.51
C8 NAG X . -45.03 19.74 70.47
N2 NAG X . -42.71 20.46 70.44
O3 NAG X . -42.68 21.92 67.96
O4 NAG X . -41.93 24.68 68.14
O5 NAG X . -43.26 24.00 71.50
O6 NAG X . -44.29 26.26 70.94
O7 NAG X . -43.15 18.27 70.59
C1 NAG Y . -35.56 15.20 45.82
C2 NAG Y . -36.95 14.65 45.51
C3 NAG Y . -37.68 15.61 44.55
C4 NAG Y . -37.60 17.06 45.04
C5 NAG Y . -36.15 17.43 45.37
C6 NAG Y . -35.99 18.82 45.95
C7 NAG Y . -37.23 12.19 45.54
C8 NAG Y . -37.78 12.33 46.93
N2 NAG Y . -36.87 13.32 44.93
O3 NAG Y . -39.04 15.20 44.42
O4 NAG Y . -38.11 17.94 44.04
O5 NAG Y . -35.66 16.51 46.35
O6 NAG Y . -34.64 19.05 46.32
O7 NAG Y . -37.13 11.09 44.99
C1 NAG Y . -39.33 18.48 44.61
C2 NAG Y . -39.69 19.81 43.95
C3 NAG Y . -41.23 19.96 43.85
C4 NAG Y . -41.98 19.33 45.01
C5 NAG Y . -41.54 17.87 45.24
C6 NAG Y . -42.61 16.86 44.94
C7 NAG Y . -38.18 21.75 44.20
C8 NAG Y . -37.72 21.50 42.79
N2 NAG Y . -39.11 20.92 44.69
O3 NAG Y . -41.67 19.42 42.62
O4 NAG Y . -41.74 20.03 46.23
O5 NAG Y . -40.41 17.55 44.42
O6 NAG Y . -42.21 15.56 45.35
O7 NAG Y . -37.73 22.68 44.87
C1 BMA Y . -42.25 21.39 46.21
C2 BMA Y . -43.49 21.45 47.13
C3 BMA Y . -43.22 22.38 48.34
C4 BMA Y . -42.59 23.75 47.96
C5 BMA Y . -41.63 23.64 46.75
C6 BMA Y . -40.38 24.49 46.92
O2 BMA Y . -43.81 20.17 47.66
O3 BMA Y . -42.43 21.72 49.33
O4 BMA Y . -43.61 24.70 47.68
O5 BMA Y . -41.22 22.28 46.62
O6 BMA Y . -39.57 24.34 45.76
C1 NAG Z . -49.82 10.60 87.53
C2 NAG Z . -50.23 12.07 87.41
C3 NAG Z . -50.67 12.40 85.99
C4 NAG Z . -51.76 11.48 85.47
C5 NAG Z . -51.68 10.00 85.94
C6 NAG Z . -51.12 9.07 84.88
C7 NAG Z . -51.25 13.53 89.14
C8 NAG Z . -50.05 14.44 88.98
N2 NAG Z . -51.26 12.43 88.37
O3 NAG Z . -49.58 12.43 85.06
O4 NAG Z . -53.05 12.02 85.72
O5 NAG Z . -50.93 9.76 87.16
O6 NAG Z . -50.77 9.77 83.69
O7 NAG Z . -52.15 13.78 89.92
C1 NAG Z . -53.27 13.26 85.00
C2 NAG Z . -53.91 12.98 83.62
C3 NAG Z . -55.34 13.54 83.56
C4 NAG Z . -55.38 15.03 83.89
C5 NAG Z . -54.42 15.38 85.02
C6 NAG Z . -54.98 16.36 86.02
C7 NAG Z . -52.73 12.88 81.45
C8 NAG Z . -51.89 13.62 80.48
N2 NAG Z . -53.10 13.55 82.55
O3 NAG Z . -56.17 12.83 84.48
O4 NAG Z . -55.06 15.81 82.75
O5 NAG Z . -54.10 14.17 85.74
O6 NAG Z . -55.51 15.71 87.18
O7 NAG Z . -53.06 11.70 81.27
C1 NAG AA . 46.62 30.55 -14.31
C2 NAG AA . 47.15 31.49 -13.22
C3 NAG AA . 48.66 31.59 -13.30
C4 NAG AA . 49.26 30.20 -13.15
C5 NAG AA . 48.78 29.35 -14.33
C6 NAG AA . 49.32 27.94 -14.32
C7 NAG AA . 45.78 33.33 -12.37
C8 NAG AA . 45.23 34.70 -12.65
N2 NAG AA . 46.55 32.81 -13.33
O3 NAG AA . 49.13 32.45 -12.28
O4 NAG AA . 50.67 30.21 -12.97
O5 NAG AA . 47.35 29.27 -14.27
O6 NAG AA . 50.75 27.91 -14.43
O7 NAG AA . 45.54 32.73 -11.33
C1 NAG AA . 50.97 29.80 -11.60
C2 NAG AA . 52.26 30.48 -11.13
C3 NAG AA . 52.19 30.94 -9.65
C4 NAG AA . 51.30 30.06 -8.75
C5 NAG AA . 50.06 29.53 -9.44
C6 NAG AA . 48.79 29.83 -8.69
C7 NAG AA . 53.80 28.50 -10.98
C8 NAG AA . 55.13 27.98 -11.45
N2 NAG AA . 53.47 29.73 -11.42
O3 NAG AA . 51.74 32.29 -9.61
O4 NAG AA . 52.06 28.97 -8.25
O5 NAG AA . 49.91 30.13 -10.73
O6 NAG AA . 47.89 30.62 -9.47
O7 NAG AA . 53.08 27.83 -10.23
C1 BMA AA . 51.96 28.88 -6.81
C2 BMA AA . 53.41 29.10 -6.27
C3 BMA AA . 53.41 29.19 -4.73
C4 BMA AA . 52.30 30.12 -4.17
C5 BMA AA . 50.94 29.76 -4.80
C6 BMA AA . 49.83 30.70 -4.38
O2 BMA AA . 53.96 30.32 -6.75
O3 BMA AA . 54.69 29.60 -4.25
O4 BMA AA . 52.23 29.99 -2.77
O5 BMA AA . 51.06 29.85 -6.23
O6 BMA AA . 48.81 30.66 -5.37
C1 BMA AA . 55.57 28.46 -4.23
C2 BMA AA . 56.87 28.80 -5.01
C3 BMA AA . 57.88 27.64 -4.89
C4 BMA AA . 58.09 27.22 -3.42
C5 BMA AA . 56.72 26.92 -2.76
C6 BMA AA . 56.85 26.58 -1.29
O2 BMA AA . 57.51 29.96 -4.48
O3 BMA AA . 59.12 27.97 -5.49
O4 BMA AA . 58.90 26.06 -3.37
O5 BMA AA . 55.88 28.09 -2.88
O6 BMA AA . 55.56 26.70 -0.70
C1 NAG BA . 41.56 30.31 -9.04
C2 NAG BA . 41.97 31.16 -7.81
C3 NAG BA . 41.64 32.64 -8.07
C4 NAG BA . 42.11 33.11 -9.45
C5 NAG BA . 41.75 32.10 -10.54
C6 NAG BA . 42.31 32.46 -11.89
C7 NAG BA . 40.09 30.60 -6.25
C8 NAG BA . 39.80 30.06 -4.88
N2 NAG BA . 41.40 30.68 -6.57
O3 NAG BA . 42.24 33.42 -7.04
O4 NAG BA . 41.46 34.33 -9.76
O5 NAG BA . 42.25 30.78 -10.19
O6 NAG BA . 41.36 33.17 -12.67
O7 NAG BA . 39.18 30.92 -7.01
C1 NAG BA . 42.33 35.49 -9.66
C2 NAG BA . 41.68 36.45 -8.62
C3 NAG BA . 42.73 36.94 -7.62
C4 NAG BA . 44.03 37.38 -8.30
C5 NAG BA . 44.53 36.32 -9.28
C6 NAG BA . 45.92 35.82 -8.96
C7 NAG BA . 39.73 37.58 -9.57
C8 NAG BA . 39.22 38.82 -10.26
N2 NAG BA . 41.03 37.56 -9.29
O3 NAG BA . 43.00 35.92 -6.67
O4 NAG BA . 43.83 38.60 -9.00
O5 NAG BA . 43.66 35.18 -9.25
O6 NAG BA . 46.01 35.42 -7.59
O7 NAG BA . 38.99 36.65 -9.29
C1 NAG CA . 8.91 -7.71 68.27
C2 NAG CA . 8.44 -7.12 66.90
C3 NAG CA . 8.16 -5.60 67.00
C4 NAG CA . 9.26 -4.79 67.70
C5 NAG CA . 10.16 -5.68 68.55
C6 NAG CA . 10.88 -4.97 69.68
C7 NAG CA . 9.15 -7.41 64.56
C8 NAG CA . 10.29 -7.73 63.65
N2 NAG CA . 9.42 -7.40 65.86
O3 NAG CA . 6.90 -5.40 67.63
O4 NAG CA . 10.01 -4.03 66.76
O5 NAG CA . 9.31 -6.66 69.16
O6 NAG CA . 12.24 -4.69 69.33
O7 NAG CA . 8.02 -7.18 64.12
C1 NAG CA . 9.92 -2.57 66.95
C2 NAG CA . 8.60 -2.02 66.38
C3 NAG CA . 8.02 -0.93 67.30
C4 NAG CA . 9.10 0.00 67.84
C5 NAG CA . 10.21 -0.80 68.55
C6 NAG CA . 10.21 -0.60 70.05
C7 NAG CA . 8.52 -2.23 63.94
C8 NAG CA . 8.74 -1.55 62.63
N2 NAG CA . 8.78 -1.50 65.03
O3 NAG CA . 7.34 -1.56 68.39
O4 NAG CA . 9.64 0.76 66.76
O5 NAG CA . 10.04 -2.20 68.33
O6 NAG CA . 11.20 -1.39 70.67
O7 NAG CA . 8.13 -3.39 64.01
C1 BMA CA . 10.62 1.72 67.21
C2 BMA CA . 11.22 2.46 66.02
C3 BMA CA . 12.51 3.21 66.54
C4 BMA CA . 12.43 3.73 68.03
C5 BMA CA . 11.01 3.64 68.72
C6 BMA CA . 10.33 4.99 68.83
O2 BMA CA . 10.30 3.43 65.52
O3 BMA CA . 12.99 4.26 65.66
O4 BMA CA . 13.37 3.02 68.83
O5 BMA CA . 10.06 2.71 68.07
O6 BMA CA . 10.32 5.39 70.19
C1 MAN CA . 13.33 3.70 64.36
C2 MAN CA . 14.85 3.86 64.00
C3 MAN CA . 15.05 3.70 62.41
C4 MAN CA . 13.86 3.00 61.69
C5 MAN CA . 12.53 3.76 62.00
C6 MAN CA . 11.29 2.90 61.85
O2 MAN CA . 15.64 2.87 64.72
O3 MAN CA . 16.26 3.08 62.00
O4 MAN CA . 14.08 2.96 60.29
O5 MAN CA . 12.51 4.33 63.35
O6 MAN CA . 10.30 3.40 62.75
C1 NAG CA . 16.95 3.31 65.13
C2 NAG CA . 17.09 3.51 66.66
C3 NAG CA . 18.56 3.66 67.08
C4 NAG CA . 19.45 2.60 66.44
C5 NAG CA . 19.25 2.62 64.94
C6 NAG CA . 20.08 1.59 64.21
C7 NAG CA . 15.88 4.86 68.32
C8 NAG CA . 15.15 6.16 68.56
N2 NAG CA . 16.34 4.68 67.07
O3 NAG CA . 18.66 3.55 68.49
O4 NAG CA . 20.82 2.87 66.74
O5 NAG CA . 17.88 2.32 64.67
O6 NAG CA . 19.72 0.27 64.57
O7 NAG CA . 16.03 4.03 69.20
C1 MAN CA . 9.09 4.95 70.81
C2 MAN CA . 8.54 6.10 71.70
C3 MAN CA . 7.88 5.49 72.96
C4 MAN CA . 8.84 4.56 73.76
C5 MAN CA . 9.90 3.88 72.85
C6 MAN CA . 10.33 2.51 73.33
O2 MAN CA . 7.57 6.92 71.04
O3 MAN CA . 6.67 4.82 72.64
O4 MAN CA . 9.50 5.29 74.79
O5 MAN CA . 9.31 3.73 71.53
O6 MAN CA . 11.62 2.26 72.79
C1 NAG CA . 7.38 8.15 71.78
C2 NAG CA . 8.58 9.08 71.55
C3 NAG CA . 8.13 10.44 71.00
C4 NAG CA . 7.01 11.05 71.81
C5 NAG CA . 5.92 10.02 72.12
C6 NAG CA . 4.54 10.49 71.76
C7 NAG CA . 10.64 9.06 72.94
C8 NAG CA . 11.39 8.61 71.70
N2 NAG CA . 9.33 9.26 72.80
O3 NAG CA . 7.72 10.28 69.65
O4 NAG CA . 7.52 11.56 73.04
O5 NAG CA . 6.17 8.82 71.37
O6 NAG CA . 4.23 10.21 70.40
O7 NAG CA . 11.22 9.22 74.01
C1 NAG DA . 10.70 -36.95 79.12
C2 NAG DA . 10.89 -38.28 78.39
C3 NAG DA . 12.32 -38.38 77.84
C4 NAG DA . 12.78 -37.11 77.13
C5 NAG DA . 12.36 -35.84 77.90
C6 NAG DA . 12.55 -34.56 77.13
C7 NAG DA . 10.11 -40.56 78.89
C8 NAG DA . 9.90 -41.58 79.95
N2 NAG DA . 10.61 -39.39 79.29
O3 NAG DA . 12.39 -39.49 76.94
O4 NAG DA . 14.20 -37.15 77.12
O5 NAG DA . 10.98 -35.91 78.25
O6 NAG DA . 11.96 -33.46 77.81
O7 NAG DA . 9.83 -40.78 77.71
C1 NAG DA . 14.90 -37.09 75.82
C2 NAG DA . 14.95 -38.48 75.20
C3 NAG DA . 15.71 -38.46 73.87
C4 NAG DA . 15.79 -37.09 73.18
C5 NAG DA . 14.96 -35.92 73.77
C6 NAG DA . 13.95 -35.36 72.79
C7 NAG DA . 16.67 -39.57 76.67
C8 NAG DA . 16.92 -40.74 77.56
N2 NAG DA . 15.45 -39.50 76.11
O3 NAG DA . 15.13 -39.41 72.98
O4 NAG DA . 17.16 -36.68 73.19
O5 NAG DA . 14.23 -36.23 74.97
O6 NAG DA . 13.21 -34.28 73.36
O7 NAG DA . 17.55 -38.72 76.47
C1 BMA DA . 17.62 -35.99 72.00
C2 BMA DA . 18.80 -36.80 71.43
C3 BMA DA . 18.82 -36.76 69.87
C4 BMA DA . 18.30 -35.42 69.25
C5 BMA DA . 17.03 -34.89 69.97
C6 BMA DA . 15.86 -34.64 69.03
O2 BMA DA . 18.69 -38.17 71.79
O3 BMA DA . 18.12 -37.87 69.31
O4 BMA DA . 19.32 -34.43 69.30
O5 BMA DA . 16.63 -35.84 70.98
O6 BMA DA . 14.98 -33.70 69.65
C1 NAG EA . 17.81 -22.09 52.27
C2 NAG EA . 19.02 -21.24 52.68
C3 NAG EA . 20.32 -22.03 52.44
C4 NAG EA . 20.28 -23.35 53.19
C5 NAG EA . 19.05 -24.14 52.73
C6 NAG EA . 18.88 -25.45 53.47
C7 NAG EA . 18.82 -18.78 52.54
C8 NAG EA . 18.51 -18.79 54.02
N2 NAG EA . 19.05 -19.97 51.97
O3 NAG EA . 21.42 -21.21 52.84
O4 NAG EA . 21.43 -24.15 52.96
O5 NAG EA . 17.86 -23.37 52.96
O6 NAG EA . 19.28 -25.34 54.82
O7 NAG EA . 18.85 -17.74 51.89
C1 NAG EA . 22.37 -24.04 54.08
C2 NAG EA . 22.64 -25.39 54.77
C3 NAG EA . 24.14 -25.68 54.83
C4 NAG EA . 24.73 -25.61 53.43
C5 NAG EA . 24.64 -24.18 52.91
C6 NAG EA . 24.28 -24.09 51.44
C7 NAG EA . 21.65 -26.53 56.72
C8 NAG EA . 21.09 -26.35 58.10
N2 NAG EA . 22.07 -25.41 56.11
O3 NAG EA . 24.38 -26.97 55.38
O4 NAG EA . 26.09 -26.03 53.45
O5 NAG EA . 23.67 -23.41 53.65
O6 NAG EA . 23.55 -22.90 51.15
O7 NAG EA . 21.74 -27.63 56.19
C1 NAG FA . 1.36 -26.53 39.89
C2 NAG FA . 1.14 -27.93 39.26
C3 NAG FA . 2.35 -28.81 39.53
C4 NAG FA . 3.53 -28.21 38.77
C5 NAG FA . 3.88 -26.93 39.53
C6 NAG FA . 5.05 -26.18 38.94
C7 NAG FA . -0.91 -29.28 38.91
C8 NAG FA . -0.54 -29.33 37.44
N2 NAG FA . -0.09 -28.58 39.72
O3 NAG FA . 2.07 -30.18 39.23
O4 NAG FA . 4.62 -29.09 38.57
O5 NAG FA . 2.76 -26.03 39.56
O6 NAG FA . 5.48 -25.14 39.80
O7 NAG FA . -1.91 -29.84 39.34
C1 NAG FA . 4.48 -29.71 37.23
C2 NAG FA . 5.76 -29.67 36.36
C3 NAG FA . 6.21 -31.08 35.99
C4 NAG FA . 6.29 -31.96 37.23
C5 NAG FA . 4.88 -32.17 37.76
C6 NAG FA . 4.81 -32.25 39.27
C7 NAG FA . 5.77 -27.59 35.05
C8 NAG FA . 5.45 -26.96 33.73
N2 NAG FA . 5.52 -28.89 35.15
O3 NAG FA . 7.48 -31.01 35.35
O4 NAG FA . 6.84 -33.22 36.89
O5 NAG FA . 3.98 -31.13 37.34
O6 NAG FA . 6.10 -32.23 39.86
O7 NAG FA . 6.24 -26.94 35.98
C1 BMA FA . 8.11 -33.46 37.55
C2 BMA FA . 8.13 -34.95 37.99
C3 BMA FA . 9.56 -35.37 38.40
C4 BMA FA . 10.60 -34.98 37.34
C5 BMA FA . 10.52 -33.46 37.08
C6 BMA FA . 11.49 -32.98 36.00
O2 BMA FA . 7.75 -35.79 36.92
O3 BMA FA . 9.63 -36.77 38.66
O4 BMA FA . 11.90 -35.31 37.80
O5 BMA FA . 9.16 -33.12 36.66
O6 BMA FA . 11.56 -33.94 34.93
C1 MAN FA . 10.70 -33.52 33.84
C2 MAN FA . 10.50 -34.71 32.84
C3 MAN FA . 10.26 -34.20 31.40
C4 MAN FA . 9.53 -32.83 31.36
C5 MAN FA . 10.39 -31.77 32.10
C6 MAN FA . 9.57 -30.65 32.73
O2 MAN FA . 9.35 -35.48 33.19
O3 MAN FA . 9.54 -35.16 30.62
O4 MAN FA . 9.33 -32.43 30.01
O5 MAN FA . 11.24 -32.37 33.16
O6 MAN FA . 10.19 -29.41 32.42
C1 NAG GA . 11.51 -31.17 93.32
C2 NAG GA . 12.50 -31.47 94.46
C3 NAG GA . 13.63 -32.39 94.01
C4 NAG GA . 14.37 -31.82 92.81
C5 NAG GA . 13.42 -31.46 91.66
C6 NAG GA . 13.01 -32.60 90.74
C7 NAG GA . 12.81 -29.96 96.40
C8 NAG GA . 12.04 -30.98 97.21
N2 NAG GA . 13.01 -30.26 95.10
O3 NAG GA . 13.15 -33.71 93.76
O4 NAG GA . 15.04 -30.64 93.23
O5 NAG GA . 12.24 -30.78 92.09
O6 NAG GA . 12.29 -33.65 91.38
O7 NAG GA . 13.23 -28.93 96.90
C1 NAG GA . 16.36 -30.41 92.67
C2 NAG GA . 17.26 -31.63 92.90
C3 NAG GA . 18.62 -31.42 92.23
C4 NAG GA . 18.44 -31.11 90.75
C5 NAG GA . 17.54 -29.89 90.59
C6 NAG GA . 17.21 -29.60 89.14
C7 NAG GA . 17.29 -33.07 94.93
C8 NAG GA . 16.93 -34.23 94.05
N2 NAG GA . 17.44 -31.87 94.34
O3 NAG GA . 19.40 -32.60 92.39
O4 NAG GA . 19.70 -30.85 90.15
O5 NAG GA . 16.29 -30.11 91.25
O6 NAG GA . 15.89 -30.02 88.82
O7 NAG GA . 17.46 -33.20 96.14
CAG 2J9 HA . 32.91 -1.91 -13.17
CAH 2J9 HA . 32.78 -3.28 -13.38
CAN 2J9 HA . 32.66 -2.75 -12.10
NAO 2J9 HA . 32.47 -2.96 -10.67
CAI 2J9 HA . 33.36 -3.99 -9.96
NAJ 2J9 HA . 32.79 -4.48 -8.71
SAP 2J9 HA . 32.54 -3.23 -7.72
OAA 2J9 HA . 34.02 -2.63 -7.26
OAB 2J9 HA . 31.70 -3.72 -6.38
CAM 2J9 HA . 31.66 -1.99 -8.51
CAL 2J9 HA . 31.66 -1.93 -9.86
CAE 2J9 HA . 30.93 -0.90 -10.52
CAD 2J9 HA . 30.22 0.02 -9.78
CAK 2J9 HA . 30.22 -0.04 -8.40
FAC 2J9 HA . 29.51 0.87 -7.66
CAF 2J9 HA . 30.93 -1.05 -7.75
N GLU IA . 17.88 -5.86 -18.42
CA GLU IA . 16.67 -5.75 -17.60
C GLU IA . 16.74 -6.72 -16.43
O GLU IA . 15.73 -7.02 -15.80
CB GLU IA . 15.44 -6.03 -18.44
CG GLU IA . 15.17 -5.01 -19.52
CD GLU IA . 14.67 -3.72 -18.93
OE1 GLU IA . 13.99 -3.78 -17.89
OE2 GLU IA . 14.94 -2.65 -19.53
OXT GLU IA . 17.80 -7.26 -16.11
N POV JA . 17.80 21.89 -50.37
P POV JA . 14.06 25.02 -51.75
C1 POV JA . 14.27 26.86 -53.62
C2 POV JA . 15.52 27.32 -54.38
C3 POV JA . 16.66 26.30 -54.27
C210 POV JA . 18.48 37.05 -59.42
C310 POV JA . 22.82 33.78 -59.88
C11 POV JA . 16.01 23.24 -51.54
O11 POV JA . 14.40 25.48 -53.31
C211 POV JA . 18.87 38.36 -60.12
C311 POV JA . 22.02 35.10 -59.95
C12 POV JA . 16.38 22.36 -50.30
O12 POV JA . 15.45 24.46 -51.05
C212 POV JA . 19.14 39.51 -59.12
C312 POV JA . 22.64 36.13 -60.93
C13 POV JA . 18.09 21.24 -49.07
O13 POV JA . 13.56 26.22 -50.97
C213 POV JA . 20.34 39.22 -58.19
C313 POV JA . 24.14 36.35 -60.66
C14 POV JA . 18.89 22.89 -50.59
O14 POV JA . 13.01 23.94 -51.75
C214 POV JA . 21.37 40.38 -58.19
C314 POV JA . 24.71 37.56 -61.44
C15 POV JA . 17.89 20.91 -51.47
C215 POV JA . 22.05 40.56 -56.81
C315 POV JA . 24.00 38.88 -61.10
C216 POV JA . 21.18 41.43 -55.88
C316 POV JA . 24.41 40.02 -62.05
C217 POV JA . 21.96 41.89 -54.61
C218 POV JA . 21.84 40.88 -53.46
C21 POV JA . 15.60 29.64 -54.66
O21 POV JA . 15.97 28.54 -53.85
C22 POV JA . 16.69 30.50 -55.35
O22 POV JA . 14.46 29.92 -54.81
C23 POV JA . 16.33 30.72 -56.84
C24 POV JA . 15.63 32.08 -57.06
C25 POV JA . 16.62 33.26 -56.87
C26 POV JA . 17.93 33.07 -57.69
C27 POV JA . 18.31 34.36 -58.47
C28 POV JA . 17.08 34.98 -59.21
C29 POV JA . 17.47 36.30 -59.91
C31 POV JA . 17.98 25.57 -56.08
O31 POV JA . 17.64 26.64 -55.24
C32 POV JA . 18.05 25.78 -57.61
O32 POV JA . 18.22 24.49 -55.62
C33 POV JA . 17.61 27.21 -58.02
C34 POV JA . 18.79 28.22 -58.00
C35 POV JA . 19.53 28.28 -59.36
C36 POV JA . 20.77 29.19 -59.31
C37 POV JA . 20.42 30.68 -59.53
C38 POV JA . 21.62 31.50 -60.09
C39 POV JA . 22.03 32.65 -59.15
N POV KA . 26.54 17.61 -53.99
P POV KA . 23.25 19.03 -56.36
C1 POV KA . 22.42 21.02 -57.89
C2 POV KA . 23.03 21.25 -59.27
C3 POV KA . 21.92 21.20 -60.32
C210 POV KA . 29.42 25.31 -65.37
C310 POV KA . 22.81 32.32 -64.16
C11 POV KA . 25.73 18.10 -56.32
O11 POV KA . 22.41 19.62 -57.67
C211 POV KA . 30.67 24.57 -65.90
C311 POV KA . 23.81 32.44 -65.34
C12 POV KA . 26.65 18.56 -55.15
O12 POV KA . 24.88 19.19 -56.67
C212 POV KA . 31.63 24.17 -64.74
C312 POV KA . 25.10 33.17 -64.91
C13 POV KA . 27.30 18.21 -52.87
O13 POV KA . 22.92 17.57 -56.16
C213 POV KA . 33.04 23.77 -65.24
C313 POV KA . 25.65 34.08 -66.03
C14 POV KA . 25.20 17.28 -53.47
O14 POV KA . 22.89 19.82 -55.13
C214 POV KA . 33.64 24.83 -66.21
C314 POV KA . 24.81 35.37 -66.19
C15 POV KA . 27.15 16.34 -54.42
C215 POV KA . 35.18 24.74 -66.32
C315 POV KA . 25.02 36.34 -65.01
C216 POV KA . 35.86 26.12 -66.17
C316 POV KA . 25.02 37.82 -65.48
C217 POV KA . 35.33 27.15 -67.18
C218 POV KA . 36.02 28.52 -67.05
C21 POV KA . 25.29 20.71 -59.71
O21 POV KA . 23.96 20.24 -59.55
C22 POV KA . 25.58 21.97 -60.57
O22 POV KA . 26.19 20.13 -59.19
C23 POV KA . 25.57 21.65 -62.08
C24 POV KA . 26.70 20.67 -62.46
C25 POV KA . 28.07 21.38 -62.55
C26 POV KA . 28.00 22.60 -63.52
C27 POV KA . 27.98 22.16 -65.00
C28 POV KA . 27.98 23.33 -66.03
C29 POV KA . 28.19 24.74 -65.42
C31 POV KA . 21.64 23.45 -61.02
O31 POV KA . 22.19 22.18 -61.30
C32 POV KA . 22.10 24.66 -61.84
O32 POV KA . 20.83 23.60 -60.17
C33 POV KA . 21.14 25.86 -61.70
C34 POV KA . 21.69 27.15 -62.35
C35 POV KA . 23.07 27.57 -61.78
C36 POV KA . 24.18 27.60 -62.86
C37 POV KA . 23.93 28.70 -63.92
C38 POV KA . 23.73 30.10 -63.28
C39 POV KA . 22.50 30.82 -63.86
N POV LA . 13.55 24.62 -62.25
P POV LA . 12.89 26.32 -57.43
C1 POV LA . 12.59 28.95 -57.41
C2 POV LA . 12.29 29.23 -58.88
C3 POV LA . 13.29 30.24 -59.44
C210 POV LA . 8.02 38.56 -65.01
C310 POV LA . 21.28 36.73 -64.35
C11 POV LA . 13.24 25.05 -59.75
O11 POV LA . 12.01 27.69 -57.08
C211 POV LA . 9.00 39.26 -66.00
C311 POV LA . 20.57 38.09 -64.53
C12 POV LA . 12.74 25.33 -61.21
O12 POV LA . 12.31 25.67 -58.85
C212 POV LA . 8.24 39.92 -67.19
C312 POV LA . 21.51 39.13 -65.21
C13 POV LA . 13.43 23.17 -62.00
O13 POV LA . 12.75 25.32 -56.31
C213 POV LA . 8.84 41.31 -67.57
C313 POV LA . 21.16 40.60 -64.85
C14 POV LA . 13.19 24.83 -63.67
O14 POV LA . 14.35 26.69 -57.60
C214 POV LA . 8.07 42.47 -66.89
C314 POV LA . 21.63 41.59 -65.93
C15 POV LA . 14.96 25.08 -62.11
C215 POV LA . 8.75 43.85 -67.12
C315 POV LA . 21.29 43.05 -65.59
C216 POV LA . 9.78 44.18 -66.00
C316 POV LA . 21.71 44.04 -66.71
C217 POV LA . 9.63 45.63 -65.47
C218 POV LA . 10.30 46.66 -66.39
C21 POV LA . 10.25 30.54 -58.28
O21 POV LA . 10.94 29.63 -59.14
C22 POV LA . 10.24 32.07 -58.59
O22 POV LA . 9.62 30.15 -57.35
C23 POV LA . 10.35 32.36 -60.10
C24 POV LA . 9.18 33.19 -60.67
C25 POV LA . 9.47 33.71 -62.10
C26 POV LA . 8.28 34.49 -62.72
C27 POV LA . 8.22 35.96 -62.22
C28 POV LA . 7.49 36.90 -63.22
C29 POV LA . 8.47 37.59 -64.20
C31 POV LA . 15.24 29.76 -60.70
O31 POV LA . 14.58 29.65 -59.46
C32 POV LA . 15.53 31.15 -61.30
O32 POV LA . 15.58 28.78 -61.28
C33 POV LA . 16.18 31.05 -62.70
C34 POV LA . 17.72 31.08 -62.63
C35 POV LA . 18.25 32.42 -62.04
C36 POV LA . 19.02 33.25 -63.10
C37 POV LA . 18.16 34.40 -63.68
C38 POV LA . 18.96 35.73 -63.80
C39 POV LA . 20.31 35.52 -64.52
C1 CLR MA . 30.15 49.24 -77.89
C2 CLR MA . 30.55 50.69 -77.59
C3 CLR MA . 30.32 51.57 -78.80
C4 CLR MA . 28.85 51.51 -79.20
C5 CLR MA . 28.38 50.10 -79.41
C6 CLR MA . 27.72 49.76 -80.50
C7 CLR MA . 27.12 48.42 -80.78
C8 CLR MA . 27.09 47.51 -79.54
C9 CLR MA . 28.42 47.66 -78.77
C10 CLR MA . 28.67 49.11 -78.28
C11 CLR MA . 28.54 46.62 -77.65
C12 CLR MA . 28.28 45.18 -78.11
C13 CLR MA . 26.92 45.04 -78.80
C14 CLR MA . 26.89 46.05 -79.96
C15 CLR MA . 25.64 45.65 -80.76
C16 CLR MA . 25.55 44.11 -80.58
C17 CLR MA . 26.68 43.74 -79.61
C18 CLR MA . 25.78 45.29 -77.80
C19 CLR MA . 27.78 49.47 -77.08
C20 CLR MA . 26.44 42.40 -78.87
C21 CLR MA . 27.42 41.31 -79.31
C22 CLR MA . 25.00 41.89 -78.97
C23 CLR MA . 24.53 41.04 -77.79
C24 CLR MA . 23.81 39.77 -78.20
C25 CLR MA . 24.67 38.71 -78.89
C26 CLR MA . 24.70 37.42 -78.10
C27 CLR MA . 24.22 38.45 -80.31
O1 CLR MA . 30.69 52.92 -78.51
C1 CLR NA . 31.24 19.11 -56.43
C2 CLR NA . 30.36 18.25 -55.51
C3 CLR NA . 31.19 17.60 -54.43
C4 CLR NA . 31.92 18.66 -53.62
C5 CLR NA . 32.73 19.58 -54.50
C6 CLR NA . 34.01 19.80 -54.25
C7 CLR NA . 34.90 20.70 -55.04
C8 CLR NA . 34.12 21.66 -55.94
C9 CLR NA . 32.99 20.89 -56.65
C10 CLR NA . 31.99 20.22 -55.67
C11 CLR NA . 32.30 21.76 -57.71
C12 CLR NA . 33.27 22.45 -58.67
C13 CLR NA . 34.35 23.28 -57.94
C14 CLR NA . 35.05 22.30 -56.97
C15 CLR NA . 36.28 23.08 -56.51
C16 CLR NA . 36.72 23.86 -57.76
C17 CLR NA . 35.56 23.75 -58.78
C18 CLR NA . 33.71 24.46 -57.20
C19 CLR NA . 30.97 21.23 -55.11
C20 CLR NA . 35.43 25.01 -59.67
C21 CLR NA . 34.77 24.75 -61.02
C22 CLR NA . 36.79 25.71 -59.88
C23 CLR NA . 36.83 27.16 -59.43
C24 CLR NA . 37.48 28.10 -60.46
C25 CLR NA . 36.71 28.27 -61.75
C26 CLR NA . 35.31 28.78 -61.49
C27 CLR NA . 37.44 29.19 -62.71
O1 CLR NA . 30.36 16.82 -53.56
C1 CLR OA . 26.14 73.19 -64.45
C2 CLR OA . 27.57 73.60 -64.80
C3 CLR OA . 27.59 74.54 -65.98
C4 CLR OA . 26.76 75.78 -65.67
C5 CLR OA . 25.37 75.42 -65.23
C6 CLR OA . 24.31 75.98 -65.81
C7 CLR OA . 22.89 75.82 -65.35
C8 CLR OA . 22.77 75.08 -64.02
C9 CLR OA . 23.77 73.91 -63.99
C10 CLR OA . 25.25 74.41 -64.11
C11 CLR OA . 23.56 73.00 -62.77
C12 CLR OA . 22.10 72.56 -62.61
C13 CLR OA . 21.12 73.74 -62.53
C14 CLR OA . 21.35 74.56 -63.81
C15 CLR OA . 20.19 75.55 -63.81
C16 CLR OA . 19.01 74.70 -63.34
C17 CLR OA . 19.60 73.43 -62.66
C18 CLR OA . 21.40 74.57 -61.27
C19 CLR OA . 25.74 75.06 -62.81
C20 CLR OA . 18.78 73.03 -61.42
C21 CLR OA . 19.15 71.66 -60.85
C22 CLR OA . 17.28 73.07 -61.73
C23 CLR OA . 16.44 73.93 -60.81
C24 CLR OA . 14.94 73.80 -61.07
C25 CLR OA . 14.33 72.48 -60.67
C26 CLR OA . 12.87 72.38 -61.07
C27 CLR OA . 14.49 72.26 -59.18
O1 CLR OA . 28.94 74.93 -66.29
C1 CLR PA . 2.17 46.51 -51.84
C2 CLR PA . 1.51 46.22 -50.48
C3 CLR PA . 0.89 44.84 -50.46
C4 CLR PA . 1.94 43.79 -50.77
C5 CLR PA . 2.68 44.08 -52.06
C6 CLR PA . 2.78 43.16 -53.00
C7 CLR PA . 3.47 43.34 -54.31
C8 CLR PA . 4.42 44.54 -54.30
C9 CLR PA . 3.74 45.76 -53.65
C10 CLR PA . 3.27 45.49 -52.18
C11 CLR PA . 4.59 47.02 -53.78
C12 CLR PA . 5.05 47.31 -55.20
C13 CLR PA . 5.78 46.12 -55.84
C14 CLR PA . 4.83 44.90 -55.74
C15 CLR PA . 5.49 43.85 -56.64
C16 CLR PA . 6.21 44.66 -57.74
C17 CLR PA . 6.01 46.15 -57.37
C18 CLR PA . 7.11 45.84 -55.11
C19 CLR PA . 4.43 45.63 -51.18
C20 CLR PA . 7.09 47.07 -57.97
C21 CLR PA . 6.58 48.49 -58.24
C22 CLR PA . 7.71 46.47 -59.25
C23 CLR PA . 9.23 46.33 -59.24
C24 CLR PA . 10.00 47.65 -59.26
C25 CLR PA . 9.69 48.58 -60.43
C26 CLR PA . 10.39 49.92 -60.28
C27 CLR PA . 10.04 47.95 -61.77
O1 CLR PA . 0.31 44.57 -49.19
N POV QA . 57.79 43.50 -77.36
P POV QA . 60.72 43.78 -74.15
C1 POV QA . 59.92 45.96 -72.86
C2 POV QA . 58.50 46.16 -72.34
C3 POV QA . 57.97 47.53 -72.78
C210 POV QA . 53.77 38.34 -67.49
C310 POV QA . 51.18 39.17 -72.46
C11 POV QA . 59.78 42.42 -76.23
O11 POV QA . 59.84 45.19 -74.05
C211 POV QA . 54.13 37.46 -66.27
C311 POV QA . 51.85 38.25 -71.41
C12 POV QA . 59.21 43.69 -76.91
O12 POV QA . 59.75 42.61 -74.83
C212 POV QA . 53.43 36.06 -66.31
C312 POV QA . 51.81 36.75 -71.82
C13 POV QA . 57.26 44.86 -77.58
O13 POV QA . 61.15 43.35 -72.76
C213 POV QA . 52.17 36.01 -65.42
C313 POV QA . 50.42 36.31 -72.32
C14 POV QA . 56.83 42.80 -76.48
O14 POV QA . 61.94 44.00 -75.02
C214 POV QA . 52.46 36.44 -63.97
C314 POV QA . 50.49 35.47 -73.61
C15 POV QA . 57.86 42.73 -78.62
C215 POV QA . 53.23 35.36 -63.17
C315 POV QA . 51.15 36.24 -74.79
C216 POV QA . 52.41 34.79 -62.00
C316 POV QA . 50.16 37.21 -75.49
C217 POV QA . 52.52 35.65 -60.72
C218 POV QA . 51.40 35.36 -59.70
C21 POV QA . 57.76 44.96 -70.47
O21 POV QA . 58.50 46.06 -70.95
C22 POV QA . 56.25 44.87 -70.77
O22 POV QA . 58.30 44.10 -69.84
C23 POV QA . 55.60 43.56 -70.25
C24 POV QA . 54.07 43.55 -70.48
C25 POV QA . 53.26 43.57 -69.16
C26 POV QA . 53.56 42.32 -68.26
C27 POV QA . 53.13 40.99 -68.92
C28 POV QA . 54.33 40.06 -69.22
C29 POV QA . 54.68 39.17 -68.00
C31 POV QA . 55.86 46.94 -73.67
O31 POV QA . 57.18 47.34 -73.94
C32 POV QA . 55.16 45.91 -74.58
O32 POV QA . 55.27 47.40 -72.74
C33 POV QA . 53.73 45.56 -74.10
C34 POV QA . 53.27 44.17 -74.60
C35 POV QA . 51.75 43.95 -74.42
C36 POV QA . 51.34 44.04 -72.92
C37 POV QA . 50.30 42.97 -72.50
C38 POV QA . 50.60 41.57 -73.13
C39 POV QA . 51.48 40.68 -72.23
N POV RA . 17.59 53.25 -84.94
P POV RA . 21.29 54.27 -83.22
C1 POV RA . 23.23 55.41 -81.80
C2 POV RA . 23.44 54.55 -80.56
C3 POV RA . 23.37 55.41 -79.29
C210 POV RA . 22.40 45.95 -76.07
C310 POV RA . 14.59 51.15 -74.56
C11 POV RA . 20.07 52.94 -85.14
O11 POV RA . 22.89 54.57 -82.90
C211 POV RA . 22.92 46.09 -74.62
C311 POV RA . 13.19 51.37 -73.93
C12 POV RA . 18.82 53.69 -85.67
O12 POV RA . 21.08 53.90 -84.83
C212 POV RA . 22.09 45.23 -73.63
C312 POV RA . 12.82 52.87 -73.83
C13 POV RA . 16.51 54.17 -85.34
O13 POV RA . 20.44 55.48 -82.87
C213 POV RA . 22.78 45.06 -72.25
C313 POV RA . 11.32 53.08 -73.47
C14 POV RA . 17.60 53.21 -83.46
O14 POV RA . 20.80 53.10 -82.39
C214 POV RA . 21.85 44.42 -71.20
C314 POV RA . 11.08 53.01 -71.95
C15 POV RA . 17.30 51.87 -85.39
C215 POV RA . 22.54 43.27 -70.44
C315 POV RA . 9.89 52.09 -71.59
C216 POV RA . 22.81 42.04 -71.36
C316 POV RA . 10.30 50.59 -71.58
C217 POV RA . 23.30 40.81 -70.56
C218 POV RA . 22.31 40.40 -69.46
C21 POV RA . 24.56 52.50 -80.44
O21 POV RA . 24.68 53.89 -80.63
C22 POV RA . 23.59 51.69 -81.35
O22 POV RA . 25.18 51.94 -79.58
C23 POV RA . 24.20 50.37 -81.89
C24 POV RA . 23.26 49.15 -81.66
C25 POV RA . 22.59 49.15 -80.26
C26 POV RA . 23.56 48.64 -79.15
C27 POV RA . 23.28 49.26 -77.75
C28 POV RA . 23.39 48.20 -76.63
C29 POV RA . 22.61 46.91 -76.99
C31 POV RA . 21.79 54.20 -78.01
O31 POV RA . 22.04 55.33 -78.79
C32 POV RA . 20.37 53.61 -77.91
O32 POV RA . 22.67 53.68 -77.40
C33 POV RA . 19.95 52.86 -79.21
C34 POV RA . 19.81 51.32 -78.99
C35 POV RA . 18.45 50.90 -78.39
C36 POV RA . 17.26 51.72 -78.94
C37 POV RA . 16.45 52.38 -77.80
C38 POV RA . 15.90 51.34 -76.78
C39 POV RA . 14.76 51.91 -75.91
CAG 2J9 SA . -2.89 27.55 -2.33
CAH 2J9 SA . -4.12 27.89 -2.86
CAN 2J9 SA . -3.83 28.18 -1.54
NAO 2J9 SA . -4.23 28.72 -0.26
CAI 2J9 SA . -4.33 27.78 0.95
NAJ 2J9 SA . -5.36 28.15 1.92
SAP 2J9 SA . -5.18 29.68 2.37
OAA 2J9 SA . -3.68 29.85 3.09
OAB 2J9 SA . -6.35 30.16 3.43
CAM 2J9 SA . -5.22 30.69 0.98
CAL 2J9 SA . -4.77 30.18 -0.19
CAE 2J9 SA . -4.79 30.99 -1.35
CAD 2J9 SA . -5.26 32.28 -1.29
CAK 2J9 SA . -5.72 32.79 -0.07
FAC 2J9 SA . -6.19 34.07 -0.02
CAF 2J9 SA . -5.70 32.00 1.07
N GLU TA . -16.29 27.57 -12.24
CA GLU TA . -17.42 28.50 -12.16
C GLU TA . -18.18 28.28 -10.86
O GLU TA . -17.65 27.68 -9.92
CB GLU TA . -18.36 28.32 -13.35
CG GLU TA . -17.76 28.65 -14.70
CD GLU TA . -17.57 30.13 -14.86
OE1 GLU TA . -18.36 30.86 -14.26
OE2 GLU TA . -16.64 30.54 -15.58
OXT GLU TA . -19.34 28.66 -10.72
N POV UA . 7.11 55.63 -34.93
P POV UA . 4.54 51.88 -37.18
C1 POV UA . 4.67 52.00 -39.81
C2 POV UA . 5.21 53.41 -40.07
C3 POV UA . 4.60 53.95 -41.38
C210 POV UA . 14.53 58.74 -42.45
C310 POV UA . 13.12 58.15 -48.40
C11 POV UA . 5.62 53.67 -35.53
O11 POV UA . 3.83 52.10 -38.66
C211 POV UA . 14.64 59.56 -43.75
C311 POV UA . 14.42 58.81 -48.91
C12 POV UA . 5.92 55.19 -35.74
O12 POV UA . 4.51 53.33 -36.36
C212 POV UA . 15.68 58.97 -44.74
C312 POV UA . 15.61 57.82 -48.88
C13 POV UA . 7.55 56.91 -35.50
O13 POV UA . 5.98 51.44 -37.36
C213 POV UA . 17.07 58.71 -44.09
C313 POV UA . 16.97 58.51 -48.61
C14 POV UA . 8.30 54.75 -34.87
O14 POV UA . 3.79 50.83 -36.38
C214 POV UA . 18.09 58.07 -45.07
C314 POV UA . 17.11 59.89 -49.30
C15 POV UA . 6.63 55.80 -33.55
C215 POV UA . 19.55 58.18 -44.57
C315 POV UA . 18.49 60.05 -49.96
C216 POV UA . 20.34 56.87 -44.81
C316 POV UA . 18.60 59.22 -51.25
C217 POV UA . 21.47 56.68 -43.77
C218 POV UA . 21.57 55.22 -43.29
C21 POV UA . 7.27 54.30 -39.33
O21 POV UA . 6.60 53.38 -40.18
C22 POV UA . 8.71 54.02 -38.86
O22 POV UA . 6.72 55.30 -38.98
C23 POV UA . 9.45 55.32 -38.42
C24 POV UA . 9.95 56.15 -39.63
C25 POV UA . 9.91 57.68 -39.38
C26 POV UA . 11.14 58.41 -39.97
C27 POV UA . 10.87 59.01 -41.37
C28 POV UA . 12.16 59.57 -42.07
C29 POV UA . 13.42 58.75 -41.69
C31 POV UA . 5.77 55.94 -41.93
O31 POV UA . 5.63 54.55 -42.13
C32 POV UA . 7.04 56.66 -42.44
O32 POV UA . 4.94 56.55 -41.35
C33 POV UA . 6.74 57.45 -43.73
C34 POV UA . 8.06 57.87 -44.45
C35 POV UA . 8.87 56.63 -44.88
C36 POV UA . 9.98 57.00 -45.88
C37 POV UA . 11.19 57.68 -45.19
C38 POV UA . 12.49 57.49 -46.01
C39 POV UA . 12.71 58.66 -47.01
N POV VA . -2.08 50.60 -41.97
P POV VA . 1.46 53.09 -44.69
C1 POV VA . 3.04 55.19 -45.13
C2 POV VA . 3.38 55.86 -46.47
C3 POV VA . 3.99 57.24 -46.25
C210 POV VA . 3.44 55.01 -55.75
C310 POV VA . 15.17 62.51 -51.71
C11 POV VA . -0.49 51.67 -43.60
O11 POV VA . 1.72 54.66 -45.20
C211 POV VA . 3.12 56.19 -54.79
C311 POV VA . 16.15 62.12 -52.85
C12 POV VA . -1.74 51.87 -42.69
O12 POV VA . -0.11 52.92 -44.14
C212 POV VA . 3.67 57.54 -55.30
C312 POV VA . 17.61 62.58 -52.55
C13 POV VA . -3.39 50.82 -41.31
O13 POV VA . 2.42 52.76 -43.57
C213 POV VA . 2.65 58.69 -55.12
C313 POV VA . 18.52 62.54 -53.80
C14 POV VA . -2.19 49.34 -42.74
O14 POV VA . 1.68 52.15 -45.86
C214 POV VA . 3.27 59.94 -54.44
C314 POV VA . 20.02 62.66 -53.43
C15 POV VA . -1.02 50.38 -40.96
C215 POV VA . 4.61 60.37 -55.10
C315 POV VA . 20.83 63.44 -54.49
C216 POV VA . 4.95 61.85 -54.80
C316 POV VA . 20.86 64.96 -54.22
C217 POV VA . 6.37 62.23 -55.29
C218 POV VA . 7.47 61.72 -54.32
C21 POV VA . 2.19 55.14 -48.36
O21 POV VA . 2.21 56.00 -47.24
C22 POV VA . 1.98 55.73 -49.78
O22 POV VA . 2.33 53.97 -48.22
C23 POV VA . 0.52 55.60 -50.26
C24 POV VA . 0.37 54.67 -51.49
C25 POV VA . 1.09 53.30 -51.27
C26 POV VA . 0.98 52.35 -52.50
C27 POV VA . 1.35 53.05 -53.83
C28 POV VA . 2.87 53.37 -53.92
C29 POV VA . 3.32 53.73 -55.36
C31 POV VA . 5.83 58.29 -47.32
O31 POV VA . 4.60 57.63 -47.47
C32 POV VA . 7.06 57.78 -48.10
O32 POV VA . 5.91 59.25 -46.63
C33 POV VA . 7.48 58.75 -49.24
C34 POV VA . 9.01 58.76 -49.45
C35 POV VA . 9.51 60.07 -50.10
C36 POV VA . 10.87 59.89 -50.83
C37 POV VA . 11.56 61.23 -51.15
C38 POV VA . 13.04 61.06 -51.55
C39 POV VA . 13.68 62.35 -52.11
C1 NAG WA . -33.36 -50.23 3.85
C2 NAG WA . -32.17 -50.80 3.03
C3 NAG WA . -32.15 -50.21 1.62
C4 NAG WA . -32.21 -48.69 1.65
C5 NAG WA . -33.29 -48.20 2.61
C6 NAG WA . -34.22 -47.19 1.99
C7 NAG WA . -29.84 -51.29 3.63
C8 NAG WA . -28.63 -50.84 4.40
N2 NAG WA . -30.92 -50.52 3.71
O3 NAG WA . -33.26 -50.73 0.89
O4 NAG WA . -30.95 -48.17 2.07
O5 NAG WA . -34.09 -49.30 3.05
O6 NAG WA . -35.01 -46.54 2.98
O7 NAG WA . -29.82 -52.33 2.97
C1 CLR XA . 48.33 71.92 -52.38
C2 CLR XA . 48.50 71.29 -53.76
C3 CLR XA . 49.69 71.90 -54.49
C4 CLR XA . 50.95 71.70 -53.67
C5 CLR XA . 50.80 72.22 -52.26
C6 CLR XA . 51.72 73.03 -51.75
C7 CLR XA . 51.73 73.52 -50.33
C8 CLR XA . 50.72 72.80 -49.44
C9 CLR XA . 49.40 72.61 -50.20
C10 CLR XA . 49.58 71.75 -51.49
C11 CLR XA . 48.28 72.08 -49.30
C12 CLR XA . 48.10 72.91 -48.01
C13 CLR XA . 49.41 73.01 -47.22
C14 CLR XA . 50.46 73.61 -48.16
C15 CLR XA . 51.63 73.95 -47.22
C16 CLR XA . 50.96 74.33 -45.89
C17 CLR XA . 49.45 74.07 -46.10
C18 CLR XA . 49.83 71.62 -46.69
C19 CLR XA . 49.76 70.26 -51.15
C20 CLR XA . 48.69 73.83 -44.77
C21 CLR XA . 47.70 74.95 -44.44
C22 CLR XA . 49.61 73.56 -43.57
C23 CLR XA . 48.98 72.74 -42.44
C24 CLR XA . 49.24 73.32 -41.06
C25 CLR XA . 48.56 74.65 -40.76
C26 CLR XA . 47.55 74.53 -39.64
C27 CLR XA . 49.57 75.74 -40.46
O1 CLR XA . 49.84 71.29 -55.78
N POV YA . 24.82 84.68 -62.22
P POV YA . 21.08 83.10 -63.71
C1 POV YA . 21.95 80.95 -65.01
C2 POV YA . 22.83 79.92 -64.30
C3 POV YA . 24.06 79.59 -65.17
C210 POV YA . 20.61 76.84 -54.60
C310 POV YA . 25.38 79.90 -54.67
C11 POV YA . 22.28 84.93 -62.17
O11 POV YA . 22.28 82.22 -64.46
C211 POV YA . 19.34 76.36 -53.85
C311 POV YA . 24.03 79.56 -54.00
C12 POV YA . 23.58 84.90 -63.04
O12 POV YA . 21.69 83.64 -62.25
C212 POV YA . 19.48 76.48 -52.31
C312 POV YA . 23.78 80.38 -52.70
C13 POV YA . 25.76 83.98 -63.11
O13 POV YA . 19.88 82.22 -63.46
C213 POV YA . 19.89 75.14 -51.66
C313 POV YA . 24.99 80.30 -51.73
C14 POV YA . 24.77 83.89 -60.96
O14 POV YA . 20.68 84.28 -64.57
C214 POV YA . 18.87 74.01 -51.93
C314 POV YA . 25.36 81.69 -51.14
C15 POV YA . 25.33 86.02 -61.85
C215 POV YA . 17.53 74.22 -51.19
C315 POV YA . 25.70 82.73 -52.22
C216 POV YA . 17.22 73.06 -50.20
C316 POV YA . 27.15 82.60 -52.73
C217 POV YA . 16.91 71.74 -50.94
C218 POV YA . 17.00 70.51 -50.01
C21 POV YA . 21.92 78.45 -62.71
O21 POV YA . 22.08 78.75 -64.08
C22 POV YA . 23.17 78.11 -61.85
O22 POV YA . 20.84 78.47 -62.21
C23 POV YA . 22.83 77.90 -60.36
C24 POV YA . 24.06 77.43 -59.55
C25 POV YA . 23.86 76.04 -58.90
C26 POV YA . 22.60 76.00 -58.00
C27 POV YA . 22.79 76.83 -56.69
C28 POV YA . 21.73 77.95 -56.55
C29 POV YA . 20.48 77.46 -55.79
C31 POV YA . 25.93 79.58 -63.70
O31 POV YA . 25.15 80.31 -64.63
C32 POV YA . 26.80 80.33 -62.67
O32 POV YA . 25.92 78.39 -63.70
C33 POV YA . 27.39 79.39 -61.60
C34 POV YA . 27.26 80.00 -60.17
C35 POV YA . 28.20 79.30 -59.14
C36 POV YA . 27.61 77.96 -58.65
C37 POV YA . 27.57 77.84 -57.11
C38 POV YA . 27.11 79.15 -56.41
C39 POV YA . 25.62 79.13 -55.99
CAG 2J9 ZA . -9.14 38.98 -2.96
CAH 2J9 ZA . -9.94 39.65 -2.05
CAN 2J9 ZA . -10.11 38.29 -2.26
NAO 2J9 ZA . -10.84 37.07 -1.94
CAI 2J9 ZA . -12.29 37.20 -1.46
NAJ 2J9 ZA . -12.71 36.10 -0.60
SAP 2J9 ZA . -12.56 34.72 -1.42
OAA 2J9 ZA . -13.61 34.75 -2.70
OAB 2J9 ZA . -12.90 33.42 -0.46
CAM 2J9 ZA . -10.95 34.56 -2.02
CAL 2J9 ZA . -10.22 35.67 -2.23
CAE 2J9 ZA . -8.89 35.55 -2.73
CAD 2J9 ZA . -8.36 34.30 -2.99
CAK 2J9 ZA . -9.12 33.16 -2.76
FAC 2J9 ZA . -8.59 31.93 -3.02
CAF 2J9 ZA . -10.42 33.27 -2.28
N GLU AB . 3.15 38.86 7.32
CA GLU AB . 3.60 37.68 8.03
C GLU AB . 2.50 37.15 8.93
O GLU AB . 2.74 36.32 9.80
CB GLU AB . 4.85 37.97 8.86
CG GLU AB . 6.06 38.36 8.06
CD GLU AB . 6.62 37.18 7.33
OE1 GLU AB . 6.51 36.06 7.86
OE2 GLU AB . 7.18 37.37 6.23
OXT GLU AB . 1.34 37.56 8.83
N POV BB . 30.20 56.16 -18.59
P POV BB . 32.69 55.65 -22.59
C1 POV BB . 34.91 55.90 -23.99
C2 POV BB . 36.12 55.98 -23.05
C3 POV BB . 36.32 57.42 -22.59
C210 POV BB . 41.71 56.46 -31.35
C310 POV BB . 38.91 60.08 -34.17
C11 POV BB . 32.20 55.39 -19.98
O11 POV BB . 33.97 55.00 -23.41
C211 POV BB . 42.49 56.72 -32.66
C311 POV BB . 38.91 59.41 -35.56
C12 POV BB . 30.76 55.99 -19.98
O12 POV BB . 32.40 54.73 -21.23
C212 POV BB . 41.84 56.03 -33.89
C312 POV BB . 38.18 60.29 -36.62
C13 POV BB . 30.09 54.81 -18.00
O13 POV BB . 31.46 55.65 -23.47
C213 POV BB . 42.16 56.78 -35.21
C313 POV BB . 39.12 60.70 -37.78
C14 POV BB . 28.86 56.78 -18.45
O14 POV BB . 33.02 57.07 -22.19
C214 POV BB . 42.28 55.82 -36.42
C314 POV BB . 39.51 59.48 -38.64
C15 POV BB . 31.13 57.01 -17.81
C215 POV BB . 40.96 55.72 -37.23
C315 POV BB . 40.31 59.86 -39.90
C216 POV BB . 40.35 54.29 -37.16
C316 POV BB . 39.63 60.96 -40.74
C217 POV BB . 39.17 54.13 -38.13
C218 POV BB . 38.81 52.64 -38.38
C21 POV BB . 37.64 54.21 -23.36
O21 POV BB . 37.26 55.53 -23.71
C22 POV BB . 37.85 53.15 -24.48
O22 POV BB . 37.80 53.91 -22.23
C23 POV BB . 37.95 53.82 -25.88
C24 POV BB . 39.42 54.12 -26.26
C25 POV BB . 39.65 55.62 -26.61
C26 POV BB . 39.14 55.95 -28.03
C27 POV BB . 40.23 56.66 -28.88
C28 POV BB . 41.56 55.88 -28.92
C29 POV BB . 42.36 56.14 -30.22
C31 POV BB . 37.08 58.76 -24.38
O31 POV BB . 35.97 58.27 -23.67
C32 POV BB . 37.26 58.38 -25.87
O32 POV BB . 37.88 59.44 -23.85
C33 POV BB . 38.31 59.27 -26.56
C34 POV BB . 37.70 60.61 -27.05
C35 POV BB . 38.18 60.99 -28.47
C36 POV BB . 37.48 60.16 -29.57
C37 POV BB . 38.03 60.52 -30.98
C38 POV BB . 37.44 59.65 -32.11
C39 POV BB . 38.55 59.09 -33.03
N POV CB . 25.21 62.67 -20.96
P POV CB . 29.62 63.57 -21.31
C1 POV CB . 31.05 63.86 -23.51
C2 POV CB . 31.73 65.24 -23.53
C3 POV CB . 32.96 65.21 -22.63
C210 POV CB . 30.96 71.28 -28.30
C310 POV CB . 39.48 63.96 -32.36
C11 POV CB . 27.09 64.06 -21.88
O11 POV CB . 31.04 63.41 -22.16
C211 POV CB . 30.11 70.54 -29.36
C311 POV CB . 39.48 65.22 -33.25
C12 POV CB . 25.96 63.02 -22.20
O12 POV CB . 28.33 63.55 -22.36
C212 POV CB . 28.93 71.42 -29.89
C312 POV CB . 38.59 65.07 -34.49
C13 POV CB . 24.26 61.59 -21.34
O13 POV CB . 29.62 64.90 -20.56
C213 POV CB . 29.30 72.15 -31.22
C313 POV CB . 38.93 66.10 -35.59
C14 POV CB . 25.95 62.17 -19.78
O14 POV CB . 29.49 62.44 -20.31
C214 POV CB . 28.09 72.25 -32.18
C314 POV CB . 40.10 65.63 -36.48
C15 POV CB . 24.48 63.87 -20.51
C215 POV CB . 28.13 73.54 -33.03
C315 POV CB . 39.75 64.36 -37.29
C216 POV CB . 29.26 73.54 -34.09
C316 POV CB . 40.77 64.10 -38.42
C217 POV CB . 28.77 73.12 -35.49
C218 POV CB . 29.84 73.30 -36.58
C21 POV CB . 30.03 66.82 -24.07
O21 POV CB . 30.83 66.22 -23.07
C22 POV CB . 30.41 68.22 -24.63
O22 POV CB . 29.05 66.28 -24.48
C23 POV CB . 31.30 68.14 -25.88
C24 POV CB . 32.81 68.32 -25.53
C25 POV CB . 33.76 67.97 -26.70
C26 POV CB . 34.64 69.19 -27.12
C27 POV CB . 34.42 69.61 -28.60
C28 POV CB . 32.92 69.84 -28.95
C29 POV CB . 32.25 70.95 -28.10
C31 POV CB . 34.57 64.39 -24.18
O31 POV CB . 34.11 65.50 -23.43
C32 POV CB . 35.12 64.61 -25.60
O32 POV CB . 34.55 63.30 -23.71
C33 POV CB . 36.52 64.01 -25.82
C34 POV CB . 37.10 64.37 -27.21
C35 POV CB . 36.10 64.07 -28.35
C36 POV CB . 35.76 65.32 -29.19
C37 POV CB . 36.90 65.68 -30.19
C38 POV CB . 37.36 64.45 -31.00
C39 POV CB . 38.90 64.27 -30.95
N POV DB . 42.14 61.86 -20.98
P POV DB . 40.72 56.95 -21.56
C1 POV DB . 41.91 55.72 -23.58
C2 POV DB . 43.05 56.72 -23.89
C3 POV DB . 42.99 57.12 -25.37
C210 POV DB . 53.32 56.53 -30.01
C310 POV DB . 42.30 61.73 -35.59
C11 POV DB . 41.22 59.47 -20.90
O11 POV DB . 41.70 55.74 -22.17
C211 POV DB . 53.42 57.43 -31.26
C311 POV DB . 43.58 61.25 -36.33
C12 POV DB . 42.47 60.39 -21.03
O12 POV DB . 41.68 58.12 -20.89
C212 POV DB . 54.89 57.90 -31.52
C312 POV DB . 43.65 61.80 -37.77
C13 POV DB . 41.52 62.12 -19.66
O13 POV DB . 39.81 56.36 -20.50
C213 POV DB . 55.23 57.93 -33.04
C313 POV DB . 44.35 60.82 -38.76
C14 POV DB . 43.25 62.84 -21.11
O14 POV DB . 39.89 57.54 -22.68
C214 POV DB . 55.91 56.62 -33.51
C314 POV DB . 45.00 61.58 -39.95
C15 POV DB . 41.21 62.15 -22.09
C215 POV DB . 56.11 56.58 -35.05
C315 POV DB . 45.60 60.61 -41.00
C216 POV DB . 54.86 56.03 -35.79
C316 POV DB . 46.42 61.35 -42.08
C217 POV DB . 55.19 54.92 -36.81
C218 POV DB . 55.64 55.49 -38.17
C21 POV DB . 44.80 54.96 -23.74
O21 POV DB . 44.34 56.29 -23.50
C22 POV DB . 45.64 54.63 -25.00
O22 POV DB . 44.60 54.08 -22.96
C23 POV DB . 46.47 55.85 -25.49
C24 POV DB . 47.98 55.54 -25.63
C25 POV DB . 48.73 56.69 -26.34
C26 POV DB . 50.26 56.45 -26.46
C27 POV DB . 50.59 55.39 -27.57
C28 POV DB . 52.06 55.53 -28.09
C29 POV DB . 52.15 56.43 -29.34
C31 POV DB . 42.16 59.20 -26.11
O31 POV DB . 41.85 57.93 -25.59
C32 POV DB . 42.83 59.31 -27.49
O32 POV DB . 41.90 60.18 -25.50
C33 POV DB . 43.10 60.79 -27.89
C34 POV DB . 41.93 61.37 -28.72
C35 POV DB . 41.64 60.54 -29.99
C36 POV DB . 41.94 61.32 -31.30
C37 POV DB . 43.37 61.06 -31.83
C38 POV DB . 43.42 60.95 -33.38
C39 POV DB . 42.56 62.03 -34.08
C1 CLR EB . 23.76 66.01 -25.37
C2 CLR EB . 23.56 65.18 -24.09
C3 CLR EB . 22.10 64.87 -23.87
C4 CLR EB . 21.54 64.11 -25.07
C5 CLR EB . 21.79 64.85 -26.37
C6 CLR EB . 20.80 65.11 -27.20
C7 CLR EB . 20.94 65.80 -28.52
C8 CLR EB . 22.38 65.86 -29.00
C9 CLR EB . 23.30 66.28 -27.83
C10 CLR EB . 23.24 65.29 -26.63
C11 CLR EB . 24.74 66.55 -28.30
C12 CLR EB . 24.82 67.49 -29.50
C13 CLR EB . 23.96 67.02 -30.69
C14 CLR EB . 22.52 66.88 -30.14
C15 CLR EB . 21.67 66.70 -31.40
C16 CLR EB . 22.33 67.66 -32.40
C17 CLR EB . 23.72 68.06 -31.82
C18 CLR EB . 24.50 65.70 -31.25
C19 CLR EB . 24.08 64.02 -26.88
C20 CLR EB . 24.79 68.24 -32.93
C21 CLR EB . 25.95 69.12 -32.51
C22 CLR EB . 24.18 68.75 -34.24
C23 CLR EB . 24.42 67.86 -35.46
C24 CLR EB . 24.87 68.61 -36.69
C25 CLR EB . 26.26 69.24 -36.60
C26 CLR EB . 27.31 68.21 -36.28
C27 CLR EB . 26.62 69.99 -37.87
O1 CLR EB . 21.94 64.08 -22.69
C1 NAG FB . -14.89 22.25 42.96
C2 NAG FB . -13.67 23.18 42.53
C3 NAG FB . -13.55 23.35 41.00
C4 NAG FB . -13.66 22.01 40.28
C5 NAG FB . -15.05 21.48 40.55
C6 NAG FB . -15.34 20.20 39.80
C7 NAG FB . -12.81 25.40 43.27
C8 NAG FB . -13.19 26.66 43.97
N2 NAG FB . -13.79 24.48 43.18
O3 NAG FB . -12.30 23.93 40.66
O4 NAG FB . -13.44 22.17 38.88
O5 NAG FB . -15.11 21.18 41.94
O6 NAG FB . -15.54 19.13 40.70
O7 NAG FB . -11.69 25.21 42.81
C1 CLR GB . 53.43 50.02 -68.51
C2 CLR GB . 52.74 50.74 -69.66
C3 CLR GB . 53.74 51.43 -70.57
C4 CLR GB . 54.71 50.39 -71.12
C5 CLR GB . 55.36 49.57 -70.02
C6 CLR GB . 56.68 49.43 -69.97
C7 CLR GB . 57.40 48.52 -69.04
C8 CLR GB . 56.47 47.61 -68.24
C9 CLR GB . 55.23 48.40 -67.80
C10 CLR GB . 54.41 48.95 -69.01
C11 CLR GB . 54.37 47.63 -66.80
C12 CLR GB . 55.17 47.07 -65.62
C13 CLR GB . 56.34 46.18 -66.07
C14 CLR GB . 57.20 47.06 -67.01
C15 CLR GB . 58.46 46.21 -67.21
C16 CLR GB . 58.72 45.64 -65.82
C17 CLR GB . 57.40 45.79 -65.01
C18 CLR GB . 55.81 44.92 -66.80
C19 CLR GB . 53.64 47.81 -69.71
C20 CLR GB . 57.17 44.57 -64.08
C21 CLR GB . 56.04 44.76 -63.07
C22 CLR GB . 58.47 44.20 -63.35
C23 CLR GB . 58.93 42.76 -63.51
C24 CLR GB . 60.16 42.44 -62.68
C25 CLR GB . 59.96 42.45 -61.18
C26 CLR GB . 61.25 42.28 -60.44
C27 CLR GB . 58.96 41.39 -60.78
O1 CLR GB . 53.08 52.09 -71.65
C1 CLR HB . 53.69 40.43 -31.93
C2 CLR HB . 53.30 39.14 -31.18
C3 CLR HB . 53.14 39.43 -29.70
C4 CLR HB . 52.10 40.50 -29.46
C5 CLR HB . 52.40 41.75 -30.26
C6 CLR HB . 52.43 42.93 -29.67
C7 CLR HB . 52.74 44.23 -30.35
C8 CLR HB . 52.56 44.14 -31.87
C9 CLR HB . 53.22 42.86 -32.40
C10 CLR HB . 52.66 41.55 -31.76
C11 CLR HB . 53.21 42.81 -33.93
C12 CLR HB . 53.78 44.07 -34.58
C13 CLR HB . 53.08 45.35 -34.09
C14 CLR HB . 53.20 45.36 -32.55
C15 CLR HB . 52.77 46.78 -32.15
C16 CLR HB . 53.19 47.66 -33.35
C17 CLR HB . 53.76 46.70 -34.41
C18 CLR HB . 51.61 45.38 -34.53
C19 CLR HB . 51.33 41.12 -32.43
C20 CLR HB . 53.70 47.27 -35.85
C21 CLR HB . 54.85 46.77 -36.73
C22 CLR HB . 53.65 48.81 -35.87
C23 CLR HB . 52.45 49.41 -36.61
C24 CLR HB . 52.48 49.19 -38.12
C25 CLR HB . 53.70 49.71 -38.85
C26 CLR HB . 53.68 49.32 -40.32
C27 CLR HB . 53.86 51.21 -38.71
O1 CLR HB . 52.76 38.22 -29.01
N POV IB . 62.89 71.45 -49.83
P POV IB . 59.69 70.96 -52.50
C1 POV IB . 57.96 70.01 -54.28
C2 POV IB . 56.75 69.44 -53.52
C3 POV IB . 56.39 68.06 -54.08
C210 POV IB . 51.71 68.63 -45.40
C310 POV IB . 58.97 62.45 -44.95
C11 POV IB . 60.95 72.63 -50.91
O11 POV IB . 58.45 71.16 -53.60
C211 POV IB . 50.65 67.52 -45.63
C311 POV IB . 59.35 60.95 -45.13
C12 POV IB . 62.49 72.35 -50.95
O12 POV IB . 60.42 72.42 -52.21
C212 POV IB . 50.38 66.71 -44.34
C312 POV IB . 60.89 60.74 -45.22
C13 POV IB . 64.29 71.04 -50.09
O13 POV IB . 60.71 69.98 -53.03
C213 POV IB . 49.05 65.92 -44.39
C313 POV IB . 61.27 59.29 -45.57
C14 POV IB . 62.12 70.20 -49.59
O14 POV IB . 59.14 70.43 -51.20
C214 POV IB . 48.90 64.95 -43.19
C314 POV IB . 60.57 58.25 -44.66
C15 POV IB . 62.80 72.24 -48.58
C215 POV IB . 47.52 65.06 -42.52
C315 POV IB . 61.12 58.24 -43.23
C216 POV IB . 47.34 66.37 -41.71
C316 POV IB . 60.06 58.66 -42.19
C217 POV IB . 46.05 66.39 -40.87
C218 POV IB . 46.00 65.22 -39.86
C21 POV IB . 55.13 70.68 -52.38
O21 POV IB . 55.66 70.30 -53.63
C22 POV IB . 56.02 71.48 -51.38
O22 POV IB . 54.02 70.38 -52.08
C23 POV IB . 55.28 72.62 -50.66
C24 POV IB . 55.36 72.51 -49.12
C25 POV IB . 55.15 71.05 -48.61
C26 POV IB . 53.65 70.65 -48.59
C27 POV IB . 53.42 69.12 -48.78
C28 POV IB . 52.29 68.60 -47.85
C29 POV IB . 52.45 69.11 -46.41
C31 POV IB . 56.35 66.78 -52.09
O31 POV IB . 57.04 67.09 -53.27
C32 POV IB . 57.11 66.37 -50.82
O32 POV IB . 55.16 66.83 -52.06
C33 POV IB . 57.81 67.58 -50.14
C34 POV IB . 57.19 67.93 -48.76
C35 POV IB . 57.72 67.04 -47.61
C36 POV IB . 59.24 66.78 -47.69
C37 POV IB . 59.58 65.27 -47.62
C38 POV IB . 58.95 64.60 -46.36
C39 POV IB . 59.78 63.41 -45.85
CAG 2J9 JB . 22.94 4.29 -7.10
CAH 2J9 JB . 24.28 4.20 -6.76
CAN 2J9 JB . 23.53 3.05 -6.96
NAO 2J9 JB . 23.43 1.60 -7.00
CAI 2J9 JB . 22.44 0.91 -6.05
NAJ 2J9 JB . 22.83 -0.45 -5.70
SAP 2J9 JB . 23.04 -1.31 -7.04
OAA 2J9 JB . 21.64 -1.26 -7.92
OAB 2J9 JB . 23.45 -2.87 -6.71
CAM 2J9 JB . 24.28 -0.57 -7.97
CAL 2J9 JB . 24.40 0.78 -7.90
CAE 2J9 JB . 25.40 1.42 -8.65
CAD 2J9 JB . 26.26 0.67 -9.45
CAK 2J9 JB . 26.12 -0.71 -9.51
FAC 2J9 JB . 26.95 -1.46 -10.29
CAF 2J9 JB . 25.13 -1.35 -8.77
N GLU KB . 38.35 7.20 -1.15
CA GLU KB . 39.51 6.33 -1.26
C GLU KB . 39.26 5.04 -0.49
O GLU KB . 38.12 4.72 -0.17
CB GLU KB . 40.77 7.03 -0.72
CG GLU KB . 41.18 8.27 -1.47
CD GLU KB . 41.74 7.93 -2.82
OE1 GLU KB . 42.31 6.83 -2.94
OE2 GLU KB . 41.62 8.75 -3.76
OXT GLU KB . 40.18 4.30 -0.16
N POV LB . 44.69 24.65 -40.02
P POV LB . 46.30 27.08 -35.86
C1 POV LB . 47.75 29.23 -36.35
C2 POV LB . 48.05 29.02 -37.84
C3 POV LB . 49.45 29.55 -38.16
C210 POV LB . 44.31 32.58 -47.56
C310 POV LB . 48.42 37.33 -47.04
C11 POV LB . 45.36 25.41 -37.71
O11 POV LB . 47.72 27.94 -35.75
C211 POV LB . 45.28 33.50 -48.35
C311 POV LB . 47.99 38.02 -48.36
C12 POV LB . 45.84 25.00 -39.13
O12 POV LB . 46.49 25.86 -36.98
C212 POV LB . 44.73 34.95 -48.49
C312 POV LB . 46.60 38.70 -48.23
C13 POV LB . 45.16 24.80 -41.41
O13 POV LB . 45.19 28.00 -36.29
C213 POV LB . 43.28 35.01 -49.02
C313 POV LB . 45.78 38.66 -49.55
C14 POV LB . 43.42 25.41 -39.92
O14 POV LB . 45.97 26.48 -34.51
C214 POV LB . 42.78 36.47 -49.24
C314 POV LB . 46.64 38.85 -50.81
C15 POV LB . 44.35 23.24 -39.74
C215 POV LB . 41.41 36.54 -49.94
C315 POV LB . 45.99 39.89 -51.77
C216 POV LB . 40.48 37.60 -49.31
C316 POV LB . 46.24 41.33 -51.29
C217 POV LB . 38.99 37.29 -49.57
C218 POV LB . 38.14 37.41 -48.29
C21 POV LB . 46.47 28.87 -39.60
O21 POV LB . 47.09 29.69 -38.61
C22 POV LB . 45.03 29.17 -40.06
O22 POV LB . 47.07 27.96 -40.07
C23 POV LB . 44.73 28.61 -41.47
C24 POV LB . 45.43 29.40 -42.60
C25 POV LB . 45.73 28.52 -43.86
C26 POV LB . 45.46 29.28 -45.18
C27 POV LB . 46.58 30.29 -45.54
C28 POV LB . 46.25 31.13 -46.81
C29 POV LB . 44.76 31.51 -46.88
C31 POV LB . 49.65 29.71 -40.53
O31 POV LB . 49.35 30.36 -39.31
C32 POV LB . 49.22 30.35 -41.86
O32 POV LB . 50.25 28.68 -40.52
C33 POV LB . 50.36 31.14 -42.52
C34 POV LB . 49.84 32.08 -43.64
C35 POV LB . 49.04 33.26 -43.06
C36 POV LB . 48.89 34.41 -44.08
C37 POV LB . 47.83 34.11 -45.16
C38 POV LB . 47.27 35.40 -45.79
C39 POV LB . 48.08 35.81 -47.06
N POV MB . 53.16 28.81 -31.75
P POV MB . 53.11 31.51 -36.05
C1 POV MB . 53.06 31.66 -38.71
C2 POV MB . 53.73 32.72 -39.58
C3 POV MB . 53.59 32.37 -41.06
C210 POV MB . 58.41 40.78 -40.10
C310 POV MB . 50.23 39.17 -52.14
C11 POV MB . 53.40 30.42 -33.66
O11 POV MB . 53.85 31.47 -37.54
C211 POV MB . 58.59 39.39 -40.75
C311 POV MB . 49.97 40.66 -52.48
C12 POV MB . 53.85 29.05 -33.05
O12 POV MB . 53.92 30.54 -34.98
C212 POV MB . 58.97 39.48 -42.26
C312 POV MB . 49.04 40.82 -53.71
C13 POV MB . 53.81 27.62 -31.14
O13 POV MB . 51.68 31.02 -36.18
C213 POV MB . 60.05 38.46 -42.66
C313 POV MB . 48.99 42.26 -54.28
C14 POV MB . 53.16 29.87 -30.71
O14 POV MB . 53.10 32.93 -35.53
C214 POV MB . 59.67 37.66 -43.95
C314 POV MB . 47.82 42.48 -55.25
C15 POV MB . 51.75 28.52 -32.06
C215 POV MB . 59.18 38.58 -45.09
C315 POV MB . 48.21 43.30 -56.50
C216 POV MB . 59.52 38.01 -46.49
C316 POV MB . 48.60 42.41 -57.69
C217 POV MB . 58.76 38.75 -47.62
C218 POV MB . 57.27 38.33 -47.68
C21 POV MB . 55.41 34.05 -38.61
O21 POV MB . 55.09 32.83 -39.27
C22 POV MB . 56.58 34.92 -39.12
O22 POV MB . 54.78 34.39 -37.66
C23 POV MB . 57.84 34.82 -38.23
C24 POV MB . 58.19 36.18 -37.56
C25 POV MB . 56.97 36.80 -36.83
C26 POV MB . 57.31 38.15 -36.13
C27 POV MB . 58.06 39.13 -37.08
C28 POV MB . 57.14 39.69 -38.21
C29 POV MB . 57.75 40.92 -38.94
C31 POV MB . 53.19 33.67 -43.01
O31 POV MB . 53.91 33.54 -41.81
C32 POV MB . 52.52 35.01 -43.35
O32 POV MB . 53.11 32.76 -43.76
C33 POV MB . 53.15 35.70 -44.59
C34 POV MB . 52.08 36.08 -45.65
C35 POV MB . 52.71 36.41 -47.03
C36 POV MB . 52.11 37.70 -47.63
C37 POV MB . 52.27 37.76 -49.17
C38 POV MB . 51.32 38.81 -49.82
C39 POV MB . 51.56 38.95 -51.35
ZN ZN NB . -36.25 -37.42 -15.76
CA CA OB . -31.36 -37.24 -13.01
ZN ZN PB . -20.06 11.40 -46.16
CA CA QB . -21.47 15.40 -42.80
#